data_7XXF
#
_entry.id   7XXF
#
_cell.length_a   1.00
_cell.length_b   1.00
_cell.length_c   1.00
_cell.angle_alpha   90.00
_cell.angle_beta   90.00
_cell.angle_gamma   90.00
#
_symmetry.space_group_name_H-M   'P 1'
#
loop_
_entity.id
_entity.type
_entity.pdbx_description
1 polymer 'Photosynthetic reaction center cytochrome c subunit'
2 polymer 'Reaction center protein L chain'
3 polymer 'Reaction center protein M chain'
4 polymer 'Photosynthetic reaction center H subunit'
5 polymer 'Light-harvesting protein'
6 polymer 'Light-harvesting protein'
7 polymer 'Light-harvesting protein LH1 Gamma-like'
8 non-polymer 'HEME C'
9 non-polymer '(1R)-2-{[{[(2S)-2,3-DIHYDROXYPROPYL]OXY}(HYDROXY)PHOSPHORYL]OXY}-1-[(PALMITOYLOXY)METHYL]ETHYL (11E)-OCTADEC-11-ENOATE'
10 non-polymer 'BACTERIOCHLOROPHYLL A'
11 non-polymer 'BACTERIOPHEOPHYTIN A'
12 non-polymer UBIQUINONE-10
13 non-polymer DODECYL-BETA-D-MALTOSIDE
14 non-polymer 'FE (III) ION'
15 non-polymer MENAQUINONE-9
16 non-polymer (6~{E},8~{E},10~{E},12~{E},14~{E},16~{E},18~{E},20~{E},22~{E},24~{E},26~{E},28~{E})-2,31-dimethoxy-2,6,10,14,19,23,27,31-octamethyl-dotriaconta-6,8,10,12,14,16,18,20,22,24,26,28-dodecaen-5-one
17 non-polymer CARDIOLIPIN
18 non-polymer 1,2-dioleoyl-sn-glycero-3-phosphoethanolamine
19 water water
#
loop_
_entity_poly.entity_id
_entity_poly.type
_entity_poly.pdbx_seq_one_letter_code
_entity_poly.pdbx_strand_id
1 'polypeptide(L)'
;MNTGVQAALAAAAVAAVAVAGVVFGTFERPPIETVQRGARGLAMSELYNPRFLAETRAENVVPASLPRLPDVGLKAGEVY
HNVQVLKDVSVGNFTRLMASMTTWVAPQQGCGYCHNTNNMASDAKYTKVVARRMIQMVQHINQDWKVHVMANAPTGVVCY
TCHRGNPVPKNIWFNNPGPLQAGGYAEAEIGKNHPAPFANNSSLPLDPFTPFLEHAENIRVQATQALPGTDNSSIKQTYW
TYALMASFTQALGVNCTYCHDSRLWESWDMAPPQRVTAWYGIRMVRDLNNNFLDPLKTTFPDYRRGPLGDSPKVWCATCH
NGVYKPLFGKSMVTTFPELTKVSQ
;
C
2 'polypeptide(L)'
;MAMLSFEPKYRTRGGTLIGGDLFDFWVGPLWVGFFGVTAAFFAILGTLLIVWAAALGPTWNIWRINIAPPDISYGLAFAP
LREGGLWQLITVCACGAFVSWALRQVEIARKLGMGLHIPFAFSFAILAYFTLVVFRPLLMGAWGYGFPYGILSHLDWVSN
TGYQYLHFHYNPAHMIAISFFFTNALALALHGSLILSAANPPKGEVVKGAEQENGYFRDVIGYSIGTLGIHRLGVFLAVS
AAFWSAVCIIISGPFWTRGWPEWWSWWLNLPMWSH
;
L
3 'polypeptide(L)'
;MPEFQNVFTRVQVKGPVHMGVPLPRGSWARTGKPFHLYLLGLIGDAQIGPIYLGFSGVASIIFGFIAIEIIGFNMLASVD
WSVPEFFRQFFWLALEPPAPKYGLGLAPLAEGGWWGMAGFFLTASILLWWVRMYRRARALGLGTHTAWAFASAIFLYLSL
GFIRPILMGCWCEAPPFGIFPHLDWTAAFSLRYGNLFYNPFHMLSIAFLYGSAVLFAMHGGTVLATTRFGGEREVEQITD
RGTAGERAMLFWRWTMGFNATFESIHRWGWWFAVLVTLTGGIGILLTGTVVDNWFLWGVKHGIAAPWPNVFPHVVDPALL
ATGVGK
;
M
4 'polypeptide(L)'
;MEIGAITQQIDAAQLVLYTFWLFFAGLIIYLRMEDKREGYPLVTEIPGKFLEGFPPMPAPKTFILTHNQGTVTVPRAVPR
AEIEYKAEPCAAWPGAPHEPVGPNKMLSGAGPSGYALRFDTPEPTFDTGVPRMAPMRVATDHVFDEDGPNPIGYDLVGFD
GIVAGKITDAWVDREESLVRYLEAKLTNDKSILVPMPLSRVKDSTGQVLLASLKGEQVLEAPTLANPDQVTLREEDRIAA
YFASGHLYATQARQESIL
;
H
5 'polypeptide(L)' (FME)WRMWLLFDPRRILVALGVFLFVLALLIHFILLSTDRFNWLDGPHRGAVAAQMAPLPAPVK A,D,F,I,K,O,Q,S,U,W,Y,1,3,5,7,9
6 'polypeptide(L)' MTPGGPSITGLTEAEAKEFHGIFITSFIVFTVIAIVAHLLAWQWRPWLPAVTGYGTAMNDAVSFIHATISQLA B,E,G,J,N,P,R,T,V,X,Z,2,4,6,8,0
7 'polypeptide(L)' (FME)AMVWMWILIAPAIGIVLLSRQ a,b,c,d,e,f,g,h,i,j,k
#
loop_
_chem_comp.id
_chem_comp.type
_chem_comp.name
_chem_comp.formula
BCL non-polymer 'BACTERIOCHLOROPHYLL A' 'C55 H74 Mg N4 O6'
BPH non-polymer 'BACTERIOPHEOPHYTIN A' 'C55 H76 N4 O6'
CDL non-polymer CARDIOLIPIN 'C81 H156 O17 P2 -2'
FE non-polymer 'FE (III) ION' 'Fe 3'
HEC non-polymer 'HEME C' 'C34 H34 Fe N4 O4'
I7D non-polymer (6~{E},8~{E},10~{E},12~{E},14~{E},16~{E},18~{E},20~{E},22~{E},24~{E},26~{E},28~{E})-2,31-dimethoxy-2,6,10,14,19,23,27,31-octamethyl-dotriaconta-6,8,10,12,14,16,18,20,22,24,26,28-dodecaen-5-one 'C42 H60 O3'
LMT D-saccharide DODECYL-BETA-D-MALTOSIDE 'C24 H46 O11'
MQ9 non-polymer MENAQUINONE-9 'C56 H80 O2'
PEE non-polymer 1,2-dioleoyl-sn-glycero-3-phosphoethanolamine 'C41 H78 N O8 P'
PGV non-polymer '(1R)-2-{[{[(2S)-2,3-DIHYDROXYPROPYL]OXY}(HYDROXY)PHOSPHORYL]OXY}-1-[(PALMITOYLOXY)METHYL]ETHYL (11E)-OCTADEC-11-ENOATE' 'C40 H77 O10 P'
U10 non-polymer UBIQUINONE-10 'C59 H90 O4'
#
# COMPACT_ATOMS: atom_id res chain seq x y z
N MET A 1 18.92 -4.59 -31.35
CA MET A 1 18.46 -4.41 -29.98
C MET A 1 18.93 -5.57 -29.10
N ASN A 2 19.23 -5.26 -27.85
CA ASN A 2 19.73 -6.28 -26.93
C ASN A 2 18.69 -7.36 -26.71
N THR A 3 19.15 -8.61 -26.62
CA THR A 3 18.23 -9.74 -26.47
C THR A 3 17.43 -9.64 -25.17
N GLY A 4 18.09 -9.24 -24.07
CA GLY A 4 17.38 -9.06 -22.83
C GLY A 4 16.31 -8.00 -22.93
N VAL A 5 16.57 -6.93 -23.67
CA VAL A 5 15.56 -5.90 -23.89
C VAL A 5 14.42 -6.45 -24.75
N GLN A 6 14.75 -7.23 -25.78
CA GLN A 6 13.71 -7.82 -26.63
C GLN A 6 12.81 -8.74 -25.82
N ALA A 7 13.41 -9.57 -24.95
CA ALA A 7 12.61 -10.45 -24.10
C ALA A 7 11.73 -9.64 -23.16
N ALA A 8 12.26 -8.55 -22.59
CA ALA A 8 11.48 -7.72 -21.68
C ALA A 8 10.32 -7.05 -22.43
N LEU A 9 10.59 -6.53 -23.62
CA LEU A 9 9.52 -5.90 -24.40
C LEU A 9 8.48 -6.92 -24.84
N ALA A 10 8.93 -8.12 -25.25
CA ALA A 10 8.00 -9.17 -25.64
C ALA A 10 7.13 -9.59 -24.45
N ALA A 11 7.75 -9.76 -23.28
CA ALA A 11 6.97 -10.11 -22.09
C ALA A 11 6.00 -9.00 -21.72
N ALA A 12 6.42 -7.75 -21.85
CA ALA A 12 5.52 -6.63 -21.59
C ALA A 12 4.39 -6.58 -22.61
N ALA A 13 4.71 -6.86 -23.88
CA ALA A 13 3.68 -6.87 -24.91
C ALA A 13 2.66 -7.98 -24.67
N VAL A 14 3.13 -9.16 -24.27
CA VAL A 14 2.21 -10.26 -23.98
C VAL A 14 1.33 -9.92 -22.79
N ALA A 15 1.91 -9.35 -21.73
CA ALA A 15 1.13 -8.99 -20.56
C ALA A 15 0.07 -7.94 -20.90
N ALA A 16 0.44 -6.94 -21.71
CA ALA A 16 -0.53 -5.91 -22.08
C ALA A 16 -1.70 -6.49 -22.85
N VAL A 17 -1.42 -7.39 -23.80
CA VAL A 17 -2.50 -8.04 -24.55
C VAL A 17 -3.33 -8.92 -23.62
N ALA A 18 -2.67 -9.65 -22.73
CA ALA A 18 -3.39 -10.48 -21.77
C ALA A 18 -4.26 -9.63 -20.86
N VAL A 19 -3.73 -8.51 -20.38
CA VAL A 19 -4.52 -7.60 -19.56
C VAL A 19 -5.71 -7.06 -20.35
N ALA A 20 -5.46 -6.69 -21.62
CA ALA A 20 -6.55 -6.20 -22.46
C ALA A 20 -7.63 -7.24 -22.64
N GLY A 21 -7.24 -8.51 -22.81
CA GLY A 21 -8.21 -9.57 -22.93
C GLY A 21 -9.07 -9.72 -21.69
N VAL A 22 -8.44 -9.68 -20.51
CA VAL A 22 -9.18 -9.82 -19.26
C VAL A 22 -10.07 -8.61 -19.04
N VAL A 23 -9.54 -7.41 -19.27
CA VAL A 23 -10.28 -6.19 -18.97
C VAL A 23 -11.51 -6.08 -19.87
N PHE A 24 -11.33 -6.23 -21.17
CA PHE A 24 -12.44 -6.09 -22.10
C PHE A 24 -13.38 -7.29 -22.08
N GLY A 25 -12.95 -8.41 -21.51
CA GLY A 25 -13.78 -9.60 -21.48
C GLY A 25 -14.58 -9.76 -20.20
N THR A 26 -14.28 -8.95 -19.19
CA THR A 26 -14.92 -9.10 -17.88
C THR A 26 -15.59 -7.85 -17.38
N PHE A 27 -15.03 -6.67 -17.62
CA PHE A 27 -15.51 -5.46 -17.00
C PHE A 27 -16.89 -5.06 -17.52
N GLU A 28 -17.63 -4.35 -16.67
CA GLU A 28 -18.87 -3.70 -17.05
C GLU A 28 -18.55 -2.27 -17.50
N ARG A 29 -19.57 -1.43 -17.65
CA ARG A 29 -19.36 -0.08 -18.12
C ARG A 29 -20.50 0.80 -17.63
N PRO A 30 -20.31 2.11 -17.60
CA PRO A 30 -21.44 3.00 -17.36
C PRO A 30 -22.40 2.97 -18.54
N PRO A 31 -23.66 3.37 -18.35
CA PRO A 31 -24.27 3.92 -17.13
C PRO A 31 -24.58 2.86 -16.09
N ILE A 32 -24.60 3.24 -14.81
CA ILE A 32 -24.95 2.36 -13.71
C ILE A 32 -26.04 3.06 -12.90
N GLU A 33 -27.05 2.30 -12.51
CA GLU A 33 -28.14 2.84 -11.70
C GLU A 33 -27.81 2.69 -10.22
N THR A 34 -27.92 3.79 -9.48
CA THR A 34 -27.63 3.82 -8.05
C THR A 34 -28.92 4.08 -7.28
N VAL A 35 -29.15 3.29 -6.24
CA VAL A 35 -30.28 3.48 -5.34
C VAL A 35 -29.71 3.83 -3.97
N GLN A 36 -29.73 5.11 -3.62
CA GLN A 36 -29.26 5.53 -2.31
C GLN A 36 -30.23 5.06 -1.23
N ARG A 37 -29.68 4.48 -0.16
CA ARG A 37 -30.52 4.02 0.94
C ARG A 37 -30.10 4.54 2.30
N GLY A 38 -28.88 5.04 2.48
CA GLY A 38 -28.46 5.62 3.72
C GLY A 38 -28.31 7.13 3.66
N ALA A 39 -27.57 7.67 4.61
CA ALA A 39 -27.32 9.10 4.67
C ALA A 39 -26.31 9.53 3.61
N ARG A 40 -26.34 10.82 3.27
CA ARG A 40 -25.38 11.37 2.31
C ARG A 40 -23.96 11.12 2.77
N GLY A 41 -23.14 10.57 1.87
CA GLY A 41 -21.73 10.40 2.14
C GLY A 41 -21.37 9.19 2.97
N LEU A 42 -22.35 8.42 3.43
CA LEU A 42 -22.08 7.21 4.18
C LEU A 42 -21.87 6.00 3.27
N ALA A 43 -22.01 6.17 1.95
CA ALA A 43 -21.76 5.12 0.97
C ALA A 43 -22.62 3.88 1.25
N MET A 44 -23.87 4.10 1.63
CA MET A 44 -24.84 3.03 1.81
C MET A 44 -25.85 3.13 0.68
N SER A 45 -25.65 2.31 -0.35
CA SER A 45 -26.48 2.37 -1.55
C SER A 45 -26.32 1.07 -2.33
N GLU A 46 -27.21 0.86 -3.29
CA GLU A 46 -27.23 -0.34 -4.10
C GLU A 46 -26.89 0.01 -5.55
N LEU A 47 -26.05 -0.81 -6.17
CA LEU A 47 -25.67 -0.68 -7.56
C LEU A 47 -26.47 -1.64 -8.42
N TYR A 48 -26.84 -1.21 -9.61
CA TYR A 48 -27.54 -2.08 -10.56
C TYR A 48 -27.02 -1.79 -11.95
N ASN A 49 -26.50 -2.84 -12.60
CA ASN A 49 -26.15 -2.74 -14.00
C ASN A 49 -27.42 -2.78 -14.84
N PRO A 50 -27.72 -1.74 -15.63
CA PRO A 50 -28.98 -1.74 -16.38
C PRO A 50 -29.12 -2.90 -17.35
N ARG A 51 -28.02 -3.32 -17.97
CA ARG A 51 -28.09 -4.46 -18.88
C ARG A 51 -28.37 -5.75 -18.12
N PHE A 52 -27.69 -5.95 -16.98
CA PHE A 52 -27.97 -7.11 -16.15
C PHE A 52 -29.38 -7.04 -15.57
N LEU A 53 -29.81 -5.86 -15.15
CA LEU A 53 -31.13 -5.70 -14.56
C LEU A 53 -32.23 -5.97 -15.58
N ALA A 54 -32.03 -5.56 -16.83
CA ALA A 54 -33.01 -5.84 -17.87
C ALA A 54 -33.17 -7.34 -18.09
N GLU A 55 -32.05 -8.08 -18.07
CA GLU A 55 -32.12 -9.53 -18.19
C GLU A 55 -32.81 -10.14 -16.97
N THR A 56 -32.49 -9.64 -15.77
CA THR A 56 -33.10 -10.17 -14.56
C THR A 56 -34.60 -9.94 -14.53
N ARG A 57 -35.04 -8.76 -14.96
CA ARG A 57 -36.48 -8.48 -14.97
C ARG A 57 -37.22 -9.39 -15.94
N ALA A 58 -36.55 -9.77 -17.04
CA ALA A 58 -37.20 -10.63 -18.03
C ALA A 58 -37.50 -12.01 -17.45
N GLU A 59 -36.58 -12.58 -16.68
CA GLU A 59 -36.76 -13.92 -16.15
C GLU A 59 -37.57 -13.94 -14.86
N ASN A 60 -37.99 -12.79 -14.35
CA ASN A 60 -38.84 -12.71 -13.16
C ASN A 60 -40.24 -12.24 -13.51
N VAL A 61 -40.65 -12.39 -14.76
CA VAL A 61 -42.01 -12.04 -15.18
C VAL A 61 -42.97 -13.09 -14.65
N VAL A 62 -43.96 -12.64 -13.88
CA VAL A 62 -44.94 -13.53 -13.28
C VAL A 62 -45.88 -14.05 -14.38
N PRO A 63 -46.02 -15.36 -14.54
CA PRO A 63 -47.00 -15.87 -15.50
C PRO A 63 -48.42 -15.55 -15.07
N ALA A 64 -49.27 -15.29 -16.05
CA ALA A 64 -50.67 -15.01 -15.76
C ALA A 64 -51.35 -16.26 -15.21
N SER A 65 -52.24 -16.07 -14.25
CA SER A 65 -52.88 -17.16 -13.55
C SER A 65 -54.34 -17.27 -13.99
N LEU A 66 -54.84 -18.50 -14.01
CA LEU A 66 -56.22 -18.75 -14.41
C LEU A 66 -57.18 -18.06 -13.43
N PRO A 67 -58.31 -17.54 -13.90
CA PRO A 67 -59.27 -16.91 -12.99
C PRO A 67 -59.83 -17.92 -12.00
N ARG A 68 -60.12 -17.44 -10.79
CA ARG A 68 -60.57 -18.31 -9.72
C ARG A 68 -62.06 -18.61 -9.87
N LEU A 69 -62.41 -19.89 -9.76
CA LEU A 69 -63.79 -20.33 -9.85
C LEU A 69 -64.51 -20.15 -8.52
N PRO A 70 -65.85 -20.07 -8.53
CA PRO A 70 -66.58 -19.93 -7.27
C PRO A 70 -66.40 -21.14 -6.37
N ASP A 71 -66.44 -20.89 -5.06
CA ASP A 71 -66.18 -21.91 -4.06
C ASP A 71 -67.45 -22.57 -3.54
N VAL A 72 -68.55 -22.49 -4.29
CA VAL A 72 -69.82 -23.09 -3.89
C VAL A 72 -69.99 -24.41 -4.62
N GLY A 73 -70.37 -25.45 -3.89
CA GLY A 73 -70.62 -26.74 -4.49
C GLY A 73 -69.86 -27.88 -3.85
N LEU A 74 -69.57 -28.91 -4.63
CA LEU A 74 -68.87 -30.08 -4.13
C LEU A 74 -67.45 -29.73 -3.70
N LYS A 75 -66.99 -30.41 -2.66
CA LYS A 75 -65.64 -30.25 -2.15
C LYS A 75 -64.78 -31.43 -2.58
N ALA A 76 -63.51 -31.14 -2.90
CA ALA A 76 -62.60 -32.17 -3.37
C ALA A 76 -62.37 -33.25 -2.31
N GLY A 77 -62.55 -32.93 -1.03
CA GLY A 77 -62.42 -33.94 0.00
C GLY A 77 -63.46 -35.04 -0.14
N GLU A 78 -64.71 -34.66 -0.41
CA GLU A 78 -65.78 -35.65 -0.59
C GLU A 78 -65.70 -36.31 -1.97
N VAL A 79 -65.38 -35.54 -3.01
CA VAL A 79 -65.47 -36.06 -4.37
C VAL A 79 -64.37 -37.09 -4.63
N TYR A 80 -63.15 -36.80 -4.22
CA TYR A 80 -62.01 -37.62 -4.58
C TYR A 80 -61.58 -38.52 -3.44
N HIS A 81 -60.80 -39.55 -3.80
CA HIS A 81 -60.51 -40.63 -2.86
C HIS A 81 -59.36 -40.28 -1.92
N ASN A 82 -58.17 -40.02 -2.46
CA ASN A 82 -56.98 -39.78 -1.67
C ASN A 82 -56.60 -38.31 -1.78
N VAL A 83 -57.27 -37.48 -0.98
CA VAL A 83 -56.99 -36.05 -0.91
C VAL A 83 -56.89 -35.68 0.56
N GLN A 84 -55.67 -35.35 1.01
CA GLN A 84 -55.38 -35.22 2.42
C GLN A 84 -55.18 -33.79 2.89
N VAL A 85 -54.78 -32.87 2.01
CA VAL A 85 -54.50 -31.50 2.40
C VAL A 85 -55.43 -30.51 1.71
N LEU A 86 -55.87 -30.81 0.49
CA LEU A 86 -56.81 -29.94 -0.23
C LEU A 86 -58.24 -30.43 -0.08
N LYS A 87 -58.66 -30.67 1.16
CA LYS A 87 -59.99 -31.22 1.38
C LYS A 87 -61.08 -30.17 1.23
N ASP A 88 -60.85 -28.97 1.73
CA ASP A 88 -61.87 -27.93 1.74
C ASP A 88 -62.03 -27.22 0.41
N VAL A 89 -61.17 -27.49 -0.56
CA VAL A 89 -61.21 -26.81 -1.85
C VAL A 89 -62.37 -27.36 -2.67
N SER A 90 -63.09 -26.47 -3.35
CA SER A 90 -64.12 -26.91 -4.27
C SER A 90 -63.47 -27.59 -5.48
N VAL A 91 -64.30 -28.35 -6.21
CA VAL A 91 -63.79 -29.13 -7.33
C VAL A 91 -63.21 -28.22 -8.41
N GLY A 92 -63.90 -27.12 -8.70
CA GLY A 92 -63.43 -26.23 -9.75
C GLY A 92 -62.09 -25.60 -9.41
N ASN A 93 -61.93 -25.16 -8.16
CA ASN A 93 -60.66 -24.58 -7.75
C ASN A 93 -59.58 -25.66 -7.56
N PHE A 94 -59.97 -26.87 -7.18
CA PHE A 94 -59.01 -27.96 -7.06
C PHE A 94 -58.39 -28.26 -8.42
N THR A 95 -59.21 -28.34 -9.46
CA THR A 95 -58.69 -28.56 -10.81
C THR A 95 -57.85 -27.37 -11.27
N ARG A 96 -58.27 -26.15 -10.93
CA ARG A 96 -57.48 -24.98 -11.26
C ARG A 96 -56.10 -25.03 -10.61
N LEU A 97 -56.05 -25.45 -9.34
CA LEU A 97 -54.77 -25.55 -8.65
C LEU A 97 -53.87 -26.60 -9.28
N MET A 98 -54.44 -27.75 -9.67
CA MET A 98 -53.64 -28.79 -10.31
C MET A 98 -53.06 -28.31 -11.62
N ALA A 99 -53.84 -27.56 -12.40
CA ALA A 99 -53.32 -26.96 -13.63
C ALA A 99 -52.24 -25.93 -13.31
N SER A 100 -52.45 -25.14 -12.26
CA SER A 100 -51.44 -24.15 -11.88
C SER A 100 -50.16 -24.83 -11.41
N MET A 101 -50.29 -25.89 -10.59
CA MET A 101 -49.12 -26.61 -10.12
C MET A 101 -48.35 -27.24 -11.28
N THR A 102 -49.08 -27.70 -12.30
CA THR A 102 -48.42 -28.28 -13.46
C THR A 102 -47.54 -27.26 -14.18
N THR A 103 -48.06 -26.05 -14.40
CA THR A 103 -47.27 -25.03 -15.08
C THR A 103 -46.14 -24.53 -14.20
N TRP A 104 -46.35 -24.48 -12.89
CA TRP A 104 -45.34 -23.95 -11.99
C TRP A 104 -44.18 -24.91 -11.77
N VAL A 105 -44.43 -26.21 -11.83
CA VAL A 105 -43.45 -27.22 -11.43
C VAL A 105 -42.93 -28.01 -12.62
N ALA A 106 -43.82 -28.67 -13.37
CA ALA A 106 -43.43 -29.52 -14.50
C ALA A 106 -44.30 -29.21 -15.71
N PRO A 107 -44.14 -28.02 -16.31
CA PRO A 107 -44.92 -27.71 -17.52
C PRO A 107 -44.61 -28.63 -18.68
N GLN A 108 -43.37 -29.13 -18.78
CA GLN A 108 -43.02 -30.00 -19.89
C GLN A 108 -43.61 -31.40 -19.71
N GLN A 109 -43.56 -31.94 -18.50
CA GLN A 109 -44.01 -33.31 -18.27
C GLN A 109 -45.51 -33.43 -18.08
N GLY A 110 -46.21 -32.32 -17.84
CA GLY A 110 -47.65 -32.39 -17.72
C GLY A 110 -48.11 -33.06 -16.43
N CYS A 111 -49.35 -33.55 -16.47
CA CYS A 111 -49.95 -34.19 -15.31
C CYS A 111 -49.28 -35.50 -14.96
N GLY A 112 -48.55 -36.11 -15.90
CA GLY A 112 -47.91 -37.38 -15.67
C GLY A 112 -46.64 -37.33 -14.87
N TYR A 113 -46.14 -36.14 -14.53
CA TYR A 113 -44.95 -36.05 -13.71
C TYR A 113 -45.20 -36.52 -12.28
N CYS A 114 -46.40 -36.27 -11.76
CA CYS A 114 -46.76 -36.69 -10.42
C CYS A 114 -47.78 -37.82 -10.38
N HIS A 115 -48.61 -37.96 -11.41
CA HIS A 115 -49.76 -38.84 -11.37
C HIS A 115 -49.58 -40.03 -12.31
N ASN A 116 -50.15 -41.16 -11.89
CA ASN A 116 -50.45 -42.25 -12.82
C ASN A 116 -51.67 -41.83 -13.63
N THR A 117 -51.49 -41.72 -14.95
CA THR A 117 -52.51 -41.07 -15.77
C THR A 117 -53.84 -41.80 -15.77
N ASN A 118 -53.86 -43.09 -15.45
CA ASN A 118 -55.10 -43.85 -15.39
C ASN A 118 -55.67 -43.97 -13.98
N ASN A 119 -54.88 -43.68 -12.95
CA ASN A 119 -55.34 -43.72 -11.56
C ASN A 119 -54.78 -42.49 -10.85
N MET A 120 -55.57 -41.42 -10.80
CA MET A 120 -55.08 -40.17 -10.24
C MET A 120 -54.87 -40.26 -8.74
N ALA A 121 -55.65 -41.10 -8.05
CA ALA A 121 -55.53 -41.23 -6.60
C ALA A 121 -54.28 -41.99 -6.18
N SER A 122 -53.57 -42.62 -7.10
CA SER A 122 -52.40 -43.42 -6.75
C SER A 122 -51.23 -42.53 -6.35
N ASP A 123 -50.49 -42.97 -5.34
CA ASP A 123 -49.28 -42.29 -4.88
C ASP A 123 -48.02 -43.08 -5.23
N ALA A 124 -48.03 -43.80 -6.36
CA ALA A 124 -46.91 -44.65 -6.71
C ALA A 124 -45.64 -43.83 -6.98
N LYS A 125 -45.79 -42.68 -7.62
CA LYS A 125 -44.64 -41.86 -7.96
C LYS A 125 -44.20 -41.03 -6.76
N TYR A 126 -42.89 -41.00 -6.52
CA TYR A 126 -42.36 -40.23 -5.39
C TYR A 126 -42.66 -38.74 -5.54
N THR A 127 -42.79 -38.27 -6.79
CA THR A 127 -43.02 -36.84 -7.01
C THR A 127 -44.34 -36.39 -6.40
N LYS A 128 -45.38 -37.21 -6.50
CA LYS A 128 -46.65 -36.85 -5.87
C LYS A 128 -46.53 -36.81 -4.36
N VAL A 129 -45.77 -37.74 -3.78
CA VAL A 129 -45.56 -37.74 -2.33
C VAL A 129 -44.84 -36.48 -1.90
N VAL A 130 -43.81 -36.07 -2.66
CA VAL A 130 -43.13 -34.82 -2.37
C VAL A 130 -44.07 -33.64 -2.58
N ALA A 131 -44.88 -33.69 -3.64
CA ALA A 131 -45.78 -32.58 -3.93
C ALA A 131 -46.77 -32.34 -2.80
N ARG A 132 -47.30 -33.42 -2.21
CA ARG A 132 -48.21 -33.27 -1.08
C ARG A 132 -47.52 -32.60 0.10
N ARG A 133 -46.26 -33.00 0.36
CA ARG A 133 -45.49 -32.34 1.42
C ARG A 133 -45.16 -30.90 1.05
N MET A 134 -44.91 -30.64 -0.23
CA MET A 134 -44.64 -29.27 -0.67
C MET A 134 -45.84 -28.37 -0.47
N ILE A 135 -47.05 -28.89 -0.72
CA ILE A 135 -48.26 -28.10 -0.48
C ILE A 135 -48.37 -27.73 0.98
N GLN A 136 -48.10 -28.68 1.88
CA GLN A 136 -48.11 -28.38 3.30
C GLN A 136 -47.04 -27.35 3.65
N MET A 137 -45.88 -27.42 2.99
CA MET A 137 -44.83 -26.45 3.23
C MET A 137 -45.26 -25.05 2.79
N VAL A 138 -45.90 -24.94 1.63
CA VAL A 138 -46.36 -23.65 1.15
C VAL A 138 -47.43 -23.09 2.08
N GLN A 139 -48.37 -23.93 2.50
CA GLN A 139 -49.40 -23.48 3.44
C GLN A 139 -48.78 -23.07 4.77
N HIS A 140 -47.77 -23.80 5.23
CA HIS A 140 -47.08 -23.44 6.46
C HIS A 140 -46.38 -22.10 6.33
N ILE A 141 -45.71 -21.86 5.20
CA ILE A 141 -44.98 -20.60 5.00
C ILE A 141 -45.93 -19.42 5.00
N ASN A 142 -46.98 -19.50 4.18
CA ASN A 142 -47.89 -18.37 4.01
C ASN A 142 -48.68 -18.04 5.27
N GLN A 143 -48.87 -19.01 6.15
CA GLN A 143 -49.68 -18.78 7.35
C GLN A 143 -48.82 -18.41 8.56
N ASP A 144 -47.75 -19.15 8.80
CA ASP A 144 -46.97 -18.99 10.03
C ASP A 144 -45.72 -18.15 9.87
N TRP A 145 -45.28 -17.88 8.65
CA TRP A 145 -44.07 -17.09 8.41
C TRP A 145 -44.35 -15.84 7.60
N LYS A 146 -45.50 -15.21 7.83
CA LYS A 146 -45.75 -13.94 7.16
C LYS A 146 -44.96 -12.80 7.77
N VAL A 147 -44.26 -13.04 8.89
CA VAL A 147 -43.31 -12.06 9.39
C VAL A 147 -42.19 -11.83 8.39
N HIS A 148 -41.91 -12.83 7.55
CA HIS A 148 -40.91 -12.69 6.49
C HIS A 148 -41.55 -12.56 5.12
N VAL A 149 -42.36 -13.53 4.69
CA VAL A 149 -42.88 -13.52 3.32
C VAL A 149 -43.98 -12.50 3.11
N MET A 150 -44.50 -11.90 4.17
CA MET A 150 -45.45 -10.80 4.05
C MET A 150 -45.01 -9.65 4.95
N ALA A 151 -43.69 -9.40 5.01
CA ALA A 151 -43.15 -8.41 5.92
C ALA A 151 -43.66 -7.00 5.61
N ASN A 152 -43.67 -6.63 4.33
CA ASN A 152 -44.11 -5.31 3.91
C ASN A 152 -45.39 -5.34 3.07
N ALA A 153 -45.55 -6.36 2.24
CA ALA A 153 -46.71 -6.52 1.38
C ALA A 153 -47.19 -7.96 1.44
N PRO A 154 -48.47 -8.22 1.18
CA PRO A 154 -48.96 -9.60 1.22
C PRO A 154 -48.46 -10.43 0.05
N THR A 155 -47.14 -10.60 -0.05
CA THR A 155 -46.55 -11.30 -1.19
C THR A 155 -46.81 -12.79 -1.11
N GLY A 156 -46.34 -13.44 -0.06
CA GLY A 156 -46.49 -14.87 0.07
C GLY A 156 -45.64 -15.62 -0.95
N VAL A 157 -45.85 -16.93 -0.99
CA VAL A 157 -45.15 -17.80 -1.94
C VAL A 157 -46.12 -18.80 -2.54
N VAL A 158 -45.77 -19.27 -3.72
CA VAL A 158 -46.41 -20.40 -4.38
C VAL A 158 -45.32 -21.33 -4.89
N CYS A 159 -45.73 -22.37 -5.59
CA CYS A 159 -44.76 -23.33 -6.14
C CYS A 159 -43.82 -22.64 -7.11
N TYR A 160 -44.33 -21.68 -7.89
CA TYR A 160 -43.51 -21.00 -8.89
C TYR A 160 -42.41 -20.16 -8.25
N THR A 161 -42.56 -19.76 -6.98
CA THR A 161 -41.56 -18.92 -6.35
C THR A 161 -40.19 -19.59 -6.35
N CYS A 162 -40.15 -20.89 -6.04
CA CYS A 162 -38.91 -21.65 -6.02
C CYS A 162 -38.65 -22.41 -7.30
N HIS A 163 -39.66 -23.08 -7.85
CA HIS A 163 -39.45 -23.99 -8.96
C HIS A 163 -39.24 -23.25 -10.28
N ARG A 164 -39.96 -22.16 -10.50
CA ARG A 164 -39.82 -21.35 -11.72
C ARG A 164 -40.03 -22.19 -12.99
N GLY A 165 -41.01 -23.08 -12.94
CA GLY A 165 -41.27 -23.95 -14.08
C GLY A 165 -40.32 -25.10 -14.24
N ASN A 166 -39.57 -25.46 -13.19
CA ASN A 166 -38.65 -26.57 -13.23
C ASN A 166 -38.92 -27.51 -12.07
N PRO A 167 -38.88 -28.83 -12.29
CA PRO A 167 -39.05 -29.77 -11.18
C PRO A 167 -38.00 -29.59 -10.09
N VAL A 168 -36.78 -29.28 -10.46
CA VAL A 168 -35.70 -29.04 -9.51
C VAL A 168 -35.41 -27.54 -9.50
N PRO A 169 -35.60 -26.85 -8.38
CA PRO A 169 -35.28 -25.42 -8.34
C PRO A 169 -33.81 -25.17 -8.64
N LYS A 170 -33.54 -24.00 -9.24
CA LYS A 170 -32.19 -23.67 -9.65
C LYS A 170 -31.24 -23.58 -8.47
N ASN A 171 -31.71 -23.05 -7.34
CA ASN A 171 -30.87 -22.79 -6.17
C ASN A 171 -31.25 -23.74 -5.04
N ILE A 172 -30.45 -24.79 -4.86
CA ILE A 172 -30.55 -25.70 -3.74
C ILE A 172 -29.16 -25.91 -3.18
N TRP A 173 -29.08 -26.63 -2.05
CA TRP A 173 -27.78 -26.92 -1.48
C TRP A 173 -27.82 -28.24 -0.72
N PHE A 174 -26.65 -28.85 -0.58
CA PHE A 174 -26.45 -30.08 0.17
C PHE A 174 -25.37 -29.86 1.20
N ASN A 175 -25.26 -30.80 2.14
CA ASN A 175 -24.12 -30.82 3.05
C ASN A 175 -22.85 -31.06 2.24
N ASN A 176 -21.94 -30.10 2.27
CA ASN A 176 -20.72 -30.15 1.47
C ASN A 176 -19.49 -30.01 2.37
N PRO A 177 -18.76 -31.08 2.63
CA PRO A 177 -17.52 -30.96 3.42
C PRO A 177 -16.37 -30.32 2.64
N GLY A 178 -16.49 -30.21 1.32
CA GLY A 178 -15.41 -29.70 0.50
C GLY A 178 -14.85 -30.79 -0.39
N PRO A 179 -14.09 -30.40 -1.41
CA PRO A 179 -13.56 -31.40 -2.35
C PRO A 179 -12.59 -32.35 -1.69
N LEU A 180 -12.49 -33.55 -2.25
CA LEU A 180 -11.61 -34.57 -1.71
C LEU A 180 -10.16 -34.10 -1.72
N GLN A 181 -9.48 -34.31 -0.61
CA GLN A 181 -8.06 -33.98 -0.45
C GLN A 181 -7.28 -35.27 -0.20
N ALA A 182 -5.98 -35.11 0.01
CA ALA A 182 -5.16 -36.25 0.40
C ALA A 182 -5.44 -36.61 1.85
N GLY A 183 -5.35 -37.90 2.15
CA GLY A 183 -5.62 -38.38 3.50
C GLY A 183 -4.40 -38.34 4.39
N GLY A 184 -4.30 -39.30 5.31
CA GLY A 184 -3.13 -39.40 6.15
C GLY A 184 -2.95 -38.17 7.04
N TYR A 185 -1.73 -37.64 7.03
CA TYR A 185 -1.36 -36.50 7.85
C TYR A 185 -1.49 -35.16 7.15
N ALA A 186 -1.89 -35.14 5.89
CA ALA A 186 -2.04 -33.88 5.18
C ALA A 186 -3.15 -33.05 5.83
N GLU A 187 -3.04 -31.73 5.72
CA GLU A 187 -4.03 -30.86 6.32
C GLU A 187 -5.42 -31.22 5.82
N ALA A 188 -6.36 -31.37 6.76
CA ALA A 188 -7.66 -31.93 6.46
C ALA A 188 -8.50 -30.96 5.65
N GLU A 189 -9.42 -31.51 4.87
CA GLU A 189 -10.43 -30.69 4.19
C GLU A 189 -11.36 -30.11 5.25
N ILE A 190 -11.23 -28.81 5.50
CA ILE A 190 -12.03 -28.14 6.51
C ILE A 190 -13.17 -27.32 5.91
N GLY A 191 -13.44 -27.51 4.62
CA GLY A 191 -14.45 -26.69 3.95
C GLY A 191 -14.03 -25.25 3.79
N LYS A 192 -12.76 -25.00 3.49
CA LYS A 192 -12.25 -23.65 3.33
C LYS A 192 -11.00 -23.73 2.46
N ASN A 193 -10.53 -22.56 2.03
CA ASN A 193 -9.32 -22.45 1.20
C ASN A 193 -9.49 -23.18 -0.12
N HIS A 194 -10.69 -23.11 -0.67
CA HIS A 194 -11.01 -23.52 -2.03
C HIS A 194 -11.99 -22.51 -2.59
N PRO A 195 -12.07 -22.38 -3.91
CA PRO A 195 -13.09 -21.50 -4.50
C PRO A 195 -14.48 -21.91 -4.05
N ALA A 196 -15.18 -20.96 -3.43
CA ALA A 196 -16.49 -21.24 -2.83
C ALA A 196 -17.58 -20.53 -3.63
N PRO A 197 -18.33 -21.24 -4.48
CA PRO A 197 -19.38 -20.56 -5.27
C PRO A 197 -20.42 -19.85 -4.42
N PHE A 198 -20.81 -20.43 -3.28
CA PHE A 198 -21.77 -19.76 -2.41
C PHE A 198 -21.21 -18.52 -1.75
N ALA A 199 -19.88 -18.39 -1.68
CA ALA A 199 -19.22 -17.24 -1.07
C ALA A 199 -18.52 -16.39 -2.12
N ASN A 200 -19.18 -16.19 -3.26
CA ASN A 200 -18.72 -15.29 -4.32
C ASN A 200 -17.41 -15.77 -4.95
N ASN A 201 -17.16 -17.08 -4.90
CA ASN A 201 -15.94 -17.69 -5.44
C ASN A 201 -14.68 -17.18 -4.73
N SER A 202 -14.81 -16.80 -3.46
CA SER A 202 -13.66 -16.47 -2.65
C SER A 202 -13.14 -17.74 -1.98
N SER A 203 -12.13 -17.59 -1.14
CA SER A 203 -11.62 -18.70 -0.35
C SER A 203 -12.27 -18.79 1.02
N LEU A 204 -13.39 -18.10 1.23
CA LEU A 204 -14.16 -18.22 2.44
C LEU A 204 -14.81 -19.60 2.50
N PRO A 205 -15.29 -20.03 3.68
CA PRO A 205 -15.87 -21.36 3.81
C PRO A 205 -16.96 -21.62 2.77
N LEU A 206 -16.91 -22.80 2.17
CA LEU A 206 -17.77 -23.13 1.04
C LEU A 206 -19.14 -23.65 1.45
N ASP A 207 -19.33 -24.02 2.71
CA ASP A 207 -20.63 -24.50 3.20
C ASP A 207 -21.00 -23.74 4.46
N PRO A 208 -21.46 -22.49 4.33
CA PRO A 208 -22.01 -21.78 5.49
C PRO A 208 -23.43 -22.16 5.84
N PHE A 209 -24.10 -22.92 4.97
CA PHE A 209 -25.52 -23.22 5.18
C PHE A 209 -25.72 -24.29 6.24
N THR A 210 -24.84 -25.28 6.29
CA THR A 210 -25.01 -26.37 7.27
C THR A 210 -25.02 -25.88 8.70
N PRO A 211 -24.07 -25.06 9.17
CA PRO A 211 -24.12 -24.64 10.58
C PRO A 211 -25.19 -23.60 10.88
N PHE A 212 -25.69 -22.88 9.88
CA PHE A 212 -26.55 -21.72 10.11
C PHE A 212 -27.95 -21.88 9.57
N LEU A 213 -28.12 -22.50 8.41
CA LEU A 213 -29.44 -22.65 7.81
C LEU A 213 -30.04 -24.03 8.03
N GLU A 214 -29.29 -24.96 8.60
CA GLU A 214 -29.82 -26.24 9.05
C GLU A 214 -29.66 -26.42 10.55
N HIS A 215 -28.45 -26.30 11.06
CA HIS A 215 -28.21 -26.18 12.49
C HIS A 215 -28.40 -24.72 12.91
N ALA A 216 -28.29 -24.47 14.21
CA ALA A 216 -28.56 -23.14 14.77
C ALA A 216 -27.33 -22.58 15.47
N GLU A 217 -26.16 -22.70 14.84
CA GLU A 217 -24.95 -22.10 15.39
C GLU A 217 -25.07 -20.58 15.41
N ASN A 218 -24.46 -19.97 16.42
CA ASN A 218 -24.54 -18.53 16.58
C ASN A 218 -23.79 -17.82 15.46
N ILE A 219 -24.47 -16.87 14.81
CA ILE A 219 -23.86 -16.14 13.70
C ILE A 219 -23.04 -14.96 14.21
N ARG A 220 -23.43 -14.37 15.35
CA ARG A 220 -22.78 -13.17 15.85
C ARG A 220 -21.40 -13.48 16.40
N VAL A 221 -20.45 -12.59 16.10
CA VAL A 221 -19.06 -12.78 16.51
C VAL A 221 -18.52 -11.54 17.22
N GLN A 222 -19.19 -10.40 17.03
CA GLN A 222 -18.67 -9.14 17.55
C GLN A 222 -19.02 -8.95 19.01
N ALA A 223 -18.10 -8.33 19.74
CA ALA A 223 -18.35 -7.97 21.13
C ALA A 223 -19.28 -6.77 21.22
N THR A 224 -20.11 -6.75 22.25
CA THR A 224 -21.07 -5.68 22.45
C THR A 224 -20.56 -4.58 23.38
N GLN A 225 -19.29 -4.61 23.75
CA GLN A 225 -18.69 -3.56 24.57
C GLN A 225 -17.29 -3.29 24.07
N ALA A 226 -16.75 -2.15 24.48
CA ALA A 226 -15.44 -1.71 24.00
C ALA A 226 -14.32 -2.65 24.46
N LEU A 227 -14.34 -3.06 25.71
CA LEU A 227 -13.22 -3.77 26.30
C LEU A 227 -13.48 -5.27 26.36
N PRO A 228 -12.43 -6.09 26.40
CA PRO A 228 -12.62 -7.54 26.39
C PRO A 228 -13.24 -8.03 27.70
N GLY A 229 -13.69 -9.28 27.66
CA GLY A 229 -14.21 -9.94 28.83
C GLY A 229 -15.54 -10.63 28.63
N THR A 230 -16.23 -10.29 27.53
CA THR A 230 -17.56 -10.80 27.28
C THR A 230 -17.68 -11.62 26.00
N ASP A 231 -16.63 -11.73 25.20
CA ASP A 231 -16.72 -12.30 23.87
C ASP A 231 -15.51 -13.19 23.64
N ASN A 232 -15.76 -14.47 23.34
CA ASN A 232 -14.68 -15.41 23.06
C ASN A 232 -14.77 -15.98 21.64
N SER A 233 -15.53 -15.34 20.77
CA SER A 233 -15.61 -15.76 19.38
C SER A 233 -14.24 -15.64 18.71
N SER A 234 -13.94 -16.61 17.85
CA SER A 234 -12.65 -16.69 17.18
C SER A 234 -12.75 -16.12 15.77
N ILE A 235 -11.57 -15.83 15.21
CA ILE A 235 -11.50 -15.46 13.80
C ILE A 235 -11.95 -16.62 12.93
N LYS A 236 -11.71 -17.85 13.39
CA LYS A 236 -12.20 -19.03 12.67
C LYS A 236 -13.71 -18.98 12.49
N GLN A 237 -14.44 -18.62 13.54
CA GLN A 237 -15.89 -18.51 13.43
C GLN A 237 -16.30 -17.37 12.50
N THR A 238 -15.52 -16.29 12.48
CA THR A 238 -15.86 -15.15 11.63
C THR A 238 -15.81 -15.53 10.15
N TYR A 239 -14.98 -16.51 9.80
CA TYR A 239 -14.95 -16.99 8.42
C TYR A 239 -16.33 -17.46 7.97
N TRP A 240 -16.96 -18.33 8.77
CA TRP A 240 -18.25 -18.88 8.39
C TRP A 240 -19.35 -17.82 8.41
N THR A 241 -19.29 -16.89 9.36
CA THR A 241 -20.22 -15.77 9.34
C THR A 241 -20.02 -14.91 8.10
N TYR A 242 -18.77 -14.64 7.74
CA TYR A 242 -18.49 -13.90 6.52
C TYR A 242 -19.00 -14.64 5.29
N ALA A 243 -18.82 -15.97 5.27
CA ALA A 243 -19.27 -16.76 4.13
C ALA A 243 -20.78 -16.75 3.99
N LEU A 244 -21.50 -16.88 5.11
CA LEU A 244 -22.97 -16.82 5.05
C LEU A 244 -23.46 -15.46 4.58
N MET A 245 -22.82 -14.39 5.07
CA MET A 245 -23.22 -13.05 4.66
C MET A 245 -22.90 -12.79 3.19
N ALA A 246 -21.87 -13.45 2.67
CA ALA A 246 -21.59 -13.37 1.24
C ALA A 246 -22.70 -14.05 0.44
N SER A 247 -23.25 -15.14 0.97
CA SER A 247 -24.34 -15.82 0.26
C SER A 247 -25.61 -14.97 0.24
N PHE A 248 -25.80 -14.13 1.26
CA PHE A 248 -26.97 -13.25 1.29
C PHE A 248 -26.93 -12.26 0.13
N THR A 249 -25.75 -11.71 -0.15
CA THR A 249 -25.63 -10.74 -1.24
C THR A 249 -25.96 -11.37 -2.58
N GLN A 250 -25.45 -12.58 -2.84
CA GLN A 250 -25.75 -13.29 -4.08
C GLN A 250 -27.23 -13.63 -4.17
N ALA A 251 -27.83 -14.04 -3.06
CA ALA A 251 -29.21 -14.50 -3.08
C ALA A 251 -30.18 -13.36 -3.36
N LEU A 252 -29.90 -12.17 -2.86
CA LEU A 252 -30.79 -11.03 -3.00
C LEU A 252 -30.32 -10.02 -4.02
N GLY A 253 -29.15 -10.21 -4.62
CA GLY A 253 -28.64 -9.23 -5.55
C GLY A 253 -28.40 -7.86 -4.94
N VAL A 254 -27.99 -7.81 -3.68
CA VAL A 254 -27.68 -6.58 -2.98
C VAL A 254 -26.26 -6.67 -2.44
N ASN A 255 -25.82 -5.64 -1.73
CA ASN A 255 -24.53 -5.67 -1.07
C ASN A 255 -24.73 -5.58 0.44
N CYS A 256 -23.61 -5.50 1.18
CA CYS A 256 -23.66 -5.55 2.63
C CYS A 256 -24.50 -4.41 3.20
N THR A 257 -24.40 -3.22 2.60
CA THR A 257 -25.06 -2.04 3.16
C THR A 257 -26.58 -2.11 3.07
N TYR A 258 -27.14 -3.07 2.33
CA TYR A 258 -28.58 -3.22 2.28
C TYR A 258 -29.15 -3.58 3.64
N CYS A 259 -28.39 -4.29 4.47
CA CYS A 259 -28.82 -4.68 5.80
C CYS A 259 -27.94 -4.18 6.92
N HIS A 260 -26.80 -3.55 6.62
CA HIS A 260 -25.82 -3.19 7.64
C HIS A 260 -25.29 -1.79 7.41
N ASP A 261 -24.80 -1.19 8.48
CA ASP A 261 -23.81 -0.12 8.41
C ASP A 261 -22.47 -0.74 8.81
N SER A 262 -21.49 -0.67 7.91
CA SER A 262 -20.27 -1.46 8.08
C SER A 262 -19.44 -1.00 9.28
N ARG A 263 -19.66 0.21 9.78
CA ARG A 263 -18.85 0.65 10.92
C ARG A 263 -19.18 -0.10 12.19
N LEU A 264 -20.35 -0.74 12.27
CA LEU A 264 -20.66 -1.62 13.39
C LEU A 264 -21.65 -2.68 12.89
N TRP A 265 -21.14 -3.87 12.56
CA TRP A 265 -21.96 -4.91 11.96
C TRP A 265 -23.04 -5.38 12.92
N GLU A 266 -22.73 -5.46 14.21
CA GLU A 266 -23.68 -5.98 15.20
C GLU A 266 -24.78 -4.99 15.53
N SER A 267 -24.66 -3.73 15.15
CA SER A 267 -25.59 -2.71 15.61
C SER A 267 -26.95 -2.86 14.95
N TRP A 268 -28.01 -2.90 15.76
CA TRP A 268 -29.37 -2.83 15.26
C TRP A 268 -29.92 -1.42 15.28
N ASP A 269 -29.32 -0.50 16.04
CA ASP A 269 -29.73 0.89 16.02
C ASP A 269 -29.36 1.59 14.71
N MET A 270 -28.34 1.10 14.01
CA MET A 270 -27.87 1.68 12.76
C MET A 270 -28.32 0.90 11.54
N ALA A 271 -29.19 -0.09 11.71
CA ALA A 271 -29.46 -1.03 10.64
C ALA A 271 -30.80 -0.74 9.96
N PRO A 272 -30.89 -0.98 8.65
CA PRO A 272 -32.18 -0.85 7.97
C PRO A 272 -33.15 -1.91 8.43
N PRO A 273 -34.46 -1.70 8.24
CA PRO A 273 -35.43 -2.72 8.65
C PRO A 273 -35.32 -4.02 7.86
N GLN A 274 -34.61 -4.02 6.73
CA GLN A 274 -34.40 -5.26 5.98
C GLN A 274 -33.60 -6.27 6.80
N ARG A 275 -32.78 -5.82 7.73
CA ARG A 275 -32.04 -6.74 8.57
C ARG A 275 -32.97 -7.55 9.48
N VAL A 276 -34.05 -6.92 9.96
CA VAL A 276 -35.03 -7.66 10.75
C VAL A 276 -35.69 -8.74 9.91
N THR A 277 -36.08 -8.42 8.68
CA THR A 277 -36.71 -9.40 7.81
C THR A 277 -35.74 -10.54 7.51
N ALA A 278 -34.47 -10.23 7.25
CA ALA A 278 -33.48 -11.26 7.01
C ALA A 278 -33.30 -12.14 8.24
N TRP A 279 -33.41 -11.56 9.44
CA TRP A 279 -33.29 -12.35 10.66
C TRP A 279 -34.35 -13.42 10.74
N TYR A 280 -35.60 -13.09 10.40
CA TYR A 280 -36.64 -14.10 10.37
C TYR A 280 -36.46 -15.06 9.20
N GLY A 281 -35.82 -14.60 8.12
CA GLY A 281 -35.54 -15.48 7.01
C GLY A 281 -34.65 -16.65 7.40
N ILE A 282 -33.70 -16.42 8.31
CA ILE A 282 -32.87 -17.50 8.83
C ILE A 282 -33.73 -18.56 9.50
N ARG A 283 -34.61 -18.12 10.41
CA ARG A 283 -35.39 -19.06 11.19
C ARG A 283 -36.41 -19.79 10.32
N MET A 284 -36.95 -19.11 9.31
CA MET A 284 -37.86 -19.77 8.38
C MET A 284 -37.14 -20.85 7.58
N VAL A 285 -35.92 -20.57 7.12
CA VAL A 285 -35.17 -21.54 6.34
C VAL A 285 -34.85 -22.76 7.18
N ARG A 286 -34.43 -22.55 8.44
CA ARG A 286 -34.18 -23.68 9.33
C ARG A 286 -35.43 -24.53 9.52
N ASP A 287 -36.59 -23.88 9.66
CA ASP A 287 -37.84 -24.60 9.77
C ASP A 287 -38.11 -25.44 8.53
N LEU A 288 -37.89 -24.84 7.35
CA LEU A 288 -38.15 -25.57 6.10
C LEU A 288 -37.22 -26.76 5.94
N ASN A 289 -35.93 -26.57 6.23
CA ASN A 289 -34.96 -27.64 6.03
C ASN A 289 -35.11 -28.74 7.08
N ASN A 290 -35.31 -28.36 8.34
CA ASN A 290 -35.36 -29.36 9.40
C ASN A 290 -36.67 -30.14 9.39
N ASN A 291 -37.79 -29.47 9.13
CA ASN A 291 -39.10 -30.09 9.30
C ASN A 291 -39.71 -30.59 7.98
N PHE A 292 -39.32 -30.06 6.84
CA PHE A 292 -39.91 -30.46 5.57
C PHE A 292 -38.92 -31.16 4.65
N LEU A 293 -37.79 -30.53 4.32
CA LEU A 293 -36.90 -31.11 3.32
C LEU A 293 -36.14 -32.31 3.87
N ASP A 294 -35.57 -32.18 5.07
CA ASP A 294 -34.79 -33.29 5.63
C ASP A 294 -35.63 -34.55 5.87
N PRO A 295 -36.83 -34.49 6.44
CA PRO A 295 -37.61 -35.73 6.62
C PRO A 295 -37.99 -36.41 5.32
N LEU A 296 -37.95 -35.72 4.19
CA LEU A 296 -38.20 -36.32 2.88
C LEU A 296 -36.99 -37.02 2.31
N LYS A 297 -35.98 -37.30 3.15
CA LYS A 297 -34.73 -37.87 2.65
C LYS A 297 -34.95 -39.22 1.97
N THR A 298 -35.76 -40.09 2.60
CA THR A 298 -35.98 -41.40 2.03
C THR A 298 -36.88 -41.35 0.81
N THR A 299 -37.76 -40.35 0.72
CA THR A 299 -38.66 -40.24 -0.43
C THR A 299 -37.90 -39.85 -1.69
N PHE A 300 -36.93 -38.95 -1.57
CA PHE A 300 -36.14 -38.56 -2.72
C PHE A 300 -35.30 -39.74 -3.21
N PRO A 301 -35.22 -39.96 -4.52
CA PRO A 301 -34.29 -40.96 -5.04
C PRO A 301 -32.85 -40.52 -4.83
N ASP A 302 -31.94 -41.49 -4.88
CA ASP A 302 -30.55 -41.25 -4.50
C ASP A 302 -29.88 -40.23 -5.41
N TYR A 303 -30.30 -40.15 -6.69
CA TYR A 303 -29.71 -39.15 -7.58
C TYR A 303 -30.25 -37.75 -7.33
N ARG A 304 -31.29 -37.60 -6.52
CA ARG A 304 -31.77 -36.30 -6.08
C ARG A 304 -31.14 -35.84 -4.78
N ARG A 305 -30.31 -36.66 -4.16
CA ARG A 305 -29.66 -36.33 -2.90
C ARG A 305 -28.20 -35.94 -3.14
N GLY A 306 -27.56 -35.47 -2.06
CA GLY A 306 -26.20 -35.01 -2.16
C GLY A 306 -25.20 -36.14 -2.13
N PRO A 307 -23.92 -35.78 -2.28
CA PRO A 307 -22.86 -36.79 -2.20
C PRO A 307 -22.82 -37.50 -0.86
N LEU A 308 -23.26 -36.84 0.21
CA LEU A 308 -23.36 -37.44 1.53
C LEU A 308 -24.70 -38.12 1.77
N GLY A 309 -25.59 -38.11 0.79
CA GLY A 309 -26.89 -38.75 0.93
C GLY A 309 -27.97 -37.93 1.59
N ASP A 310 -27.73 -36.64 1.83
CA ASP A 310 -28.73 -35.79 2.45
C ASP A 310 -29.70 -35.23 1.41
N SER A 311 -30.88 -34.85 1.87
CA SER A 311 -31.89 -34.32 0.96
C SER A 311 -31.52 -32.90 0.54
N PRO A 312 -31.89 -32.50 -0.68
CA PRO A 312 -31.66 -31.11 -1.10
C PRO A 312 -32.41 -30.15 -0.19
N LYS A 313 -31.80 -29.00 0.07
CA LYS A 313 -32.31 -28.07 1.06
C LYS A 313 -32.47 -26.68 0.46
N VAL A 314 -33.30 -25.88 1.14
CA VAL A 314 -33.65 -24.53 0.73
C VAL A 314 -32.71 -23.54 1.40
N TRP A 315 -32.31 -22.50 0.67
CA TRP A 315 -31.69 -21.33 1.27
C TRP A 315 -32.31 -20.09 0.64
N CYS A 316 -31.69 -18.93 0.90
CA CYS A 316 -32.31 -17.66 0.52
C CYS A 316 -32.55 -17.57 -0.98
N ALA A 317 -31.59 -18.01 -1.78
CA ALA A 317 -31.69 -17.87 -3.23
C ALA A 317 -32.71 -18.81 -3.85
N THR A 318 -33.18 -19.82 -3.12
CA THR A 318 -34.20 -20.70 -3.66
C THR A 318 -35.47 -19.94 -3.99
N CYS A 319 -35.86 -19.00 -3.12
CA CYS A 319 -37.00 -18.13 -3.39
C CYS A 319 -36.57 -16.85 -4.10
N HIS A 320 -35.53 -16.18 -3.60
CA HIS A 320 -35.19 -14.86 -4.09
C HIS A 320 -34.58 -14.89 -5.48
N ASN A 321 -33.72 -15.87 -5.75
CA ASN A 321 -33.13 -16.06 -7.08
C ASN A 321 -32.45 -14.78 -7.59
N GLY A 322 -31.70 -14.13 -6.72
CA GLY A 322 -30.93 -12.96 -7.11
C GLY A 322 -31.65 -11.63 -7.04
N VAL A 323 -32.85 -11.58 -6.47
CA VAL A 323 -33.62 -10.35 -6.38
C VAL A 323 -33.95 -10.06 -4.93
N TYR A 324 -33.96 -8.78 -4.58
CA TYR A 324 -34.19 -8.38 -3.19
C TYR A 324 -35.52 -8.89 -2.67
N LYS A 325 -36.50 -9.06 -3.53
CA LYS A 325 -37.73 -9.77 -3.25
C LYS A 325 -38.00 -10.77 -4.36
N PRO A 326 -38.56 -11.93 -4.05
CA PRO A 326 -38.87 -12.90 -5.11
C PRO A 326 -39.83 -12.30 -6.12
N LEU A 327 -39.46 -12.37 -7.40
CA LEU A 327 -40.26 -11.82 -8.50
C LEU A 327 -40.52 -10.34 -8.30
N PHE A 328 -39.56 -9.62 -7.71
CA PHE A 328 -39.66 -8.19 -7.46
C PHE A 328 -40.89 -7.82 -6.63
N GLY A 329 -41.28 -8.71 -5.72
CA GLY A 329 -42.39 -8.47 -4.83
C GLY A 329 -43.76 -8.78 -5.39
N LYS A 330 -43.85 -9.18 -6.65
CA LYS A 330 -45.15 -9.49 -7.24
C LYS A 330 -45.72 -10.75 -6.61
N SER A 331 -46.97 -10.67 -6.16
CA SER A 331 -47.61 -11.75 -5.42
C SER A 331 -48.42 -12.62 -6.36
N MET A 332 -48.29 -13.94 -6.20
CA MET A 332 -49.05 -14.90 -6.97
C MET A 332 -50.02 -15.71 -6.13
N VAL A 333 -50.02 -15.55 -4.80
CA VAL A 333 -50.83 -16.37 -3.92
C VAL A 333 -52.16 -15.73 -3.58
N THR A 334 -52.39 -14.49 -4.01
CA THR A 334 -53.62 -13.80 -3.62
C THR A 334 -54.87 -14.49 -4.17
N THR A 335 -54.77 -15.11 -5.34
CA THR A 335 -55.89 -15.81 -5.94
C THR A 335 -55.89 -17.30 -5.61
N PHE A 336 -55.03 -17.74 -4.71
CA PHE A 336 -54.96 -19.13 -4.26
C PHE A 336 -55.07 -19.16 -2.74
N PRO A 337 -56.27 -18.92 -2.21
CA PRO A 337 -56.44 -18.94 -0.75
C PRO A 337 -56.12 -20.28 -0.11
N GLU A 338 -56.30 -21.38 -0.85
CA GLU A 338 -56.03 -22.71 -0.31
C GLU A 338 -54.55 -22.92 0.02
N LEU A 339 -53.66 -22.12 -0.56
CA LEU A 339 -52.23 -22.21 -0.25
C LEU A 339 -51.82 -21.31 0.90
N THR A 340 -52.75 -20.60 1.53
CA THR A 340 -52.44 -19.69 2.61
C THR A 340 -52.92 -20.16 3.97
N LYS A 341 -53.57 -21.32 4.05
CA LYS A 341 -54.09 -21.85 5.29
C LYS A 341 -53.63 -23.28 5.48
N VAL A 342 -53.22 -23.60 6.71
CA VAL A 342 -52.80 -24.94 7.06
C VAL A 342 -54.05 -25.79 7.33
N SER A 343 -54.12 -26.95 6.69
CA SER A 343 -55.23 -27.87 6.90
C SER A 343 -55.18 -28.48 8.29
N ALA B 2 14.20 35.47 6.76
CA ALA B 2 15.51 34.89 7.03
C ALA B 2 15.88 33.88 5.96
N MET B 3 17.18 33.72 5.72
CA MET B 3 17.67 32.86 4.64
C MET B 3 18.77 31.96 5.16
N LEU B 4 18.88 30.78 4.54
CA LEU B 4 20.00 29.90 4.82
C LEU B 4 21.31 30.59 4.45
N SER B 5 22.41 30.05 5.00
CA SER B 5 23.71 30.69 4.83
C SER B 5 24.08 30.83 3.36
N PHE B 6 23.80 29.82 2.56
CA PHE B 6 24.09 29.82 1.13
C PHE B 6 22.96 30.36 0.27
N GLU B 7 21.80 30.64 0.87
CA GLU B 7 20.62 30.99 0.09
C GLU B 7 20.72 32.27 -0.74
N PRO B 8 21.29 33.39 -0.24
CA PRO B 8 21.08 34.68 -0.93
C PRO B 8 21.44 34.70 -2.41
N LYS B 9 22.47 33.96 -2.84
CA LYS B 9 22.85 34.00 -4.25
C LYS B 9 21.81 33.35 -5.15
N TYR B 10 20.95 32.48 -4.62
CA TYR B 10 20.00 31.75 -5.43
C TYR B 10 18.69 32.49 -5.68
N ARG B 11 18.43 33.59 -4.97
CA ARG B 11 17.13 34.26 -5.05
C ARG B 11 17.11 35.20 -6.26
N THR B 12 17.03 34.58 -7.43
CA THR B 12 16.96 35.32 -8.69
C THR B 12 15.51 35.57 -9.08
N ARG B 13 15.33 36.58 -9.93
CA ARG B 13 14.06 36.83 -10.57
C ARG B 13 13.87 35.89 -11.75
N GLY B 14 12.64 35.43 -11.95
CA GLY B 14 12.28 34.66 -13.11
C GLY B 14 11.82 33.26 -12.76
N GLY B 15 11.50 32.51 -13.81
CA GLY B 15 10.99 31.16 -13.68
C GLY B 15 9.48 31.06 -13.59
N THR B 16 8.77 32.19 -13.52
CA THR B 16 7.32 32.15 -13.40
C THR B 16 6.68 31.74 -14.73
N LEU B 17 5.47 31.20 -14.62
CA LEU B 17 4.65 30.89 -15.79
C LEU B 17 3.60 31.97 -16.08
N ILE B 18 3.00 32.53 -15.03
CA ILE B 18 1.99 33.57 -15.15
C ILE B 18 2.36 34.71 -14.23
N GLY B 19 2.06 35.95 -14.67
CA GLY B 19 2.25 37.10 -13.82
C GLY B 19 3.57 37.82 -13.99
N GLY B 20 4.67 37.11 -13.79
CA GLY B 20 5.99 37.72 -13.91
C GLY B 20 6.43 38.33 -12.60
N ASP B 21 6.98 39.54 -12.68
CA ASP B 21 7.60 40.17 -11.53
C ASP B 21 6.61 40.63 -10.46
N LEU B 22 5.32 40.68 -10.80
CA LEU B 22 4.34 41.22 -9.85
C LEU B 22 4.26 40.39 -8.58
N PHE B 23 4.22 39.06 -8.70
CA PHE B 23 4.13 38.18 -7.56
C PHE B 23 5.43 37.45 -7.26
N ASP B 24 6.51 37.79 -7.96
CA ASP B 24 7.78 37.09 -7.82
C ASP B 24 8.55 37.69 -6.64
N PHE B 25 8.22 37.21 -5.45
CA PHE B 25 8.89 37.64 -4.23
C PHE B 25 8.69 36.58 -3.17
N TRP B 26 9.45 36.71 -2.08
CA TRP B 26 9.41 35.78 -0.97
C TRP B 26 8.76 36.43 0.24
N VAL B 27 8.02 35.63 1.00
CA VAL B 27 7.55 36.01 2.32
C VAL B 27 8.18 35.03 3.31
N GLY B 28 9.11 35.52 4.11
CA GLY B 28 9.92 34.65 4.93
C GLY B 28 10.68 33.67 4.07
N PRO B 29 10.56 32.37 4.37
CA PRO B 29 11.20 31.35 3.54
C PRO B 29 10.41 30.96 2.30
N LEU B 30 9.14 31.36 2.20
CA LEU B 30 8.26 30.89 1.13
C LEU B 30 8.29 31.83 -0.06
N TRP B 31 8.42 31.26 -1.26
CA TRP B 31 8.23 32.02 -2.49
C TRP B 31 6.75 32.02 -2.86
N VAL B 32 6.27 33.12 -3.40
CA VAL B 32 4.83 33.25 -3.63
C VAL B 32 4.47 32.95 -5.07
N GLY B 33 4.87 33.82 -6.00
CA GLY B 33 4.41 33.68 -7.37
C GLY B 33 2.91 33.79 -7.54
N PHE B 34 2.44 33.73 -8.79
CA PHE B 34 1.01 33.84 -9.05
C PHE B 34 0.25 32.66 -8.45
N PHE B 35 0.78 31.45 -8.59
CA PHE B 35 0.06 30.27 -8.10
C PHE B 35 0.16 30.16 -6.59
N GLY B 36 1.15 30.77 -5.97
CA GLY B 36 1.16 30.89 -4.52
C GLY B 36 0.03 31.75 -4.01
N VAL B 37 -0.27 32.85 -4.73
CA VAL B 37 -1.46 33.64 -4.41
C VAL B 37 -2.71 32.81 -4.60
N THR B 38 -2.80 32.09 -5.72
CA THR B 38 -3.96 31.27 -6.00
C THR B 38 -4.07 30.11 -5.02
N ALA B 39 -2.95 29.45 -4.72
CA ALA B 39 -2.98 28.37 -3.74
C ALA B 39 -3.38 28.89 -2.35
N ALA B 40 -2.84 30.04 -1.96
CA ALA B 40 -3.22 30.62 -0.68
C ALA B 40 -4.70 30.97 -0.64
N PHE B 41 -5.22 31.54 -1.73
CA PHE B 41 -6.62 31.90 -1.78
C PHE B 41 -7.51 30.67 -1.65
N PHE B 42 -7.25 29.64 -2.45
CA PHE B 42 -8.07 28.43 -2.40
C PHE B 42 -7.93 27.72 -1.06
N ALA B 43 -6.72 27.65 -0.53
CA ALA B 43 -6.52 26.97 0.74
C ALA B 43 -7.24 27.68 1.88
N ILE B 44 -7.15 29.00 1.93
CA ILE B 44 -7.78 29.76 3.01
C ILE B 44 -9.30 29.72 2.88
N LEU B 45 -9.81 29.95 1.68
CA LEU B 45 -11.26 29.90 1.47
C LEU B 45 -11.80 28.51 1.73
N GLY B 46 -11.11 27.48 1.24
CA GLY B 46 -11.57 26.13 1.47
C GLY B 46 -11.58 25.76 2.94
N THR B 47 -10.53 26.15 3.67
CA THR B 47 -10.48 25.88 5.10
C THR B 47 -11.57 26.65 5.84
N LEU B 48 -11.81 27.90 5.46
CA LEU B 48 -12.84 28.71 6.11
C LEU B 48 -14.22 28.12 5.87
N LEU B 49 -14.48 27.63 4.65
CA LEU B 49 -15.76 26.99 4.36
C LEU B 49 -15.92 25.70 5.16
N ILE B 50 -14.83 24.96 5.38
CA ILE B 50 -14.89 23.76 6.20
C ILE B 50 -15.32 24.12 7.62
N VAL B 51 -14.73 25.19 8.18
CA VAL B 51 -15.11 25.62 9.53
C VAL B 51 -16.56 26.08 9.56
N TRP B 52 -17.00 26.80 8.52
CA TRP B 52 -18.40 27.22 8.46
C TRP B 52 -19.32 26.02 8.34
N ALA B 53 -18.96 25.02 7.53
CA ALA B 53 -19.75 23.80 7.46
C ALA B 53 -19.76 23.08 8.81
N ALA B 54 -18.63 23.12 9.53
CA ALA B 54 -18.60 22.56 10.87
C ALA B 54 -19.50 23.35 11.81
N ALA B 55 -19.53 24.67 11.67
CA ALA B 55 -20.40 25.50 12.51
C ALA B 55 -21.87 25.14 12.30
N LEU B 56 -22.24 24.80 11.06
CA LEU B 56 -23.60 24.35 10.80
C LEU B 56 -23.86 22.95 11.35
N GLY B 57 -22.82 22.18 11.63
CA GLY B 57 -22.98 20.84 12.13
C GLY B 57 -23.26 20.80 13.61
N PRO B 58 -23.37 19.59 14.15
CA PRO B 58 -23.76 19.41 15.56
C PRO B 58 -22.61 19.36 16.56
N THR B 59 -21.34 19.42 16.12
CA THR B 59 -20.24 19.27 17.06
C THR B 59 -19.04 20.10 16.60
N TRP B 60 -18.22 20.47 17.57
CA TRP B 60 -16.92 21.08 17.30
C TRP B 60 -15.77 20.12 17.54
N ASN B 61 -16.06 18.88 17.93
CA ASN B 61 -15.01 17.87 18.09
C ASN B 61 -14.30 17.67 16.75
N ILE B 62 -12.99 17.84 16.76
CA ILE B 62 -12.20 17.81 15.53
C ILE B 62 -12.34 16.46 14.85
N TRP B 63 -12.41 15.38 15.63
CA TRP B 63 -12.52 14.04 15.04
C TRP B 63 -13.90 13.77 14.48
N ARG B 64 -14.93 14.47 14.96
CA ARG B 64 -16.31 14.14 14.63
C ARG B 64 -16.93 15.10 13.62
N ILE B 65 -16.20 16.12 13.17
CA ILE B 65 -16.70 17.01 12.15
C ILE B 65 -16.90 16.23 10.86
N ASN B 66 -18.07 16.37 10.25
CA ASN B 66 -18.44 15.58 9.07
C ASN B 66 -19.16 16.49 8.08
N ILE B 67 -18.53 16.75 6.94
CA ILE B 67 -19.10 17.53 5.86
C ILE B 67 -19.39 16.57 4.72
N ALA B 68 -20.66 16.40 4.40
CA ALA B 68 -21.04 15.33 3.50
C ALA B 68 -21.39 15.86 2.12
N PRO B 69 -21.21 15.03 1.09
CA PRO B 69 -21.60 15.43 -0.27
C PRO B 69 -23.11 15.45 -0.42
N PRO B 70 -23.63 15.92 -1.55
CA PRO B 70 -25.09 15.95 -1.74
C PRO B 70 -25.68 14.55 -1.81
N ASP B 71 -27.01 14.51 -1.82
CA ASP B 71 -27.74 13.27 -2.08
C ASP B 71 -27.48 12.81 -3.51
N ILE B 72 -27.61 11.50 -3.72
CA ILE B 72 -27.47 10.95 -5.07
C ILE B 72 -28.53 11.52 -5.99
N SER B 73 -29.71 11.82 -5.45
CA SER B 73 -30.83 12.31 -6.27
C SER B 73 -30.51 13.64 -6.95
N TYR B 74 -29.61 14.44 -6.37
CA TYR B 74 -29.23 15.69 -7.00
C TYR B 74 -28.42 15.50 -8.28
N GLY B 75 -27.93 14.29 -8.53
CA GLY B 75 -27.17 14.05 -9.75
C GLY B 75 -25.93 14.90 -9.81
N LEU B 76 -25.71 15.53 -10.97
CA LEU B 76 -24.54 16.37 -11.20
C LEU B 76 -24.82 17.84 -10.95
N ALA B 77 -25.99 18.17 -10.42
CA ALA B 77 -26.33 19.56 -10.13
C ALA B 77 -25.60 20.07 -8.89
N PHE B 78 -25.56 21.39 -8.76
CA PHE B 78 -25.00 22.03 -7.57
C PHE B 78 -26.07 22.10 -6.51
N ALA B 79 -25.88 21.37 -5.41
CA ALA B 79 -26.87 21.26 -4.36
C ALA B 79 -26.93 22.55 -3.54
N PRO B 80 -28.01 22.74 -2.77
CA PRO B 80 -28.03 23.84 -1.80
C PRO B 80 -26.92 23.67 -0.77
N LEU B 81 -26.45 24.80 -0.26
CA LEU B 81 -25.21 24.81 0.52
C LEU B 81 -25.33 23.95 1.78
N ARG B 82 -26.48 23.97 2.43
CA ARG B 82 -26.66 23.17 3.64
C ARG B 82 -26.94 21.70 3.36
N GLU B 83 -27.08 21.30 2.09
CA GLU B 83 -27.37 19.91 1.74
C GLU B 83 -26.36 19.38 0.74
N GLY B 84 -25.08 19.64 0.99
CA GLY B 84 -24.01 19.16 0.14
C GLY B 84 -23.43 20.20 -0.79
N GLY B 85 -24.03 21.38 -0.89
CA GLY B 85 -23.44 22.43 -1.71
C GLY B 85 -22.12 22.93 -1.15
N LEU B 86 -22.00 22.98 0.18
CA LEU B 86 -20.74 23.39 0.79
C LEU B 86 -19.64 22.39 0.49
N TRP B 87 -19.97 21.09 0.50
CA TRP B 87 -18.99 20.07 0.13
C TRP B 87 -18.48 20.30 -1.27
N GLN B 88 -19.38 20.64 -2.20
CA GLN B 88 -18.97 20.87 -3.59
C GLN B 88 -18.06 22.07 -3.71
N LEU B 89 -18.34 23.15 -2.97
CA LEU B 89 -17.47 24.32 -3.00
C LEU B 89 -16.09 24.00 -2.43
N ILE B 90 -16.06 23.26 -1.33
CA ILE B 90 -14.78 22.87 -0.73
C ILE B 90 -14.00 21.98 -1.69
N THR B 91 -14.70 21.11 -2.41
CA THR B 91 -14.05 20.26 -3.40
C THR B 91 -13.41 21.08 -4.50
N VAL B 92 -14.13 22.09 -5.00
CA VAL B 92 -13.57 22.95 -6.04
C VAL B 92 -12.37 23.71 -5.53
N CYS B 93 -12.45 24.21 -4.29
CA CYS B 93 -11.30 24.87 -3.68
C CYS B 93 -10.12 23.92 -3.55
N ALA B 94 -10.39 22.68 -3.13
CA ALA B 94 -9.30 21.71 -2.99
C ALA B 94 -8.66 21.41 -4.33
N CYS B 95 -9.46 21.23 -5.39
CA CYS B 95 -8.92 21.00 -6.71
C CYS B 95 -8.06 22.17 -7.16
N GLY B 96 -8.55 23.39 -6.95
CA GLY B 96 -7.76 24.57 -7.29
C GLY B 96 -6.50 24.68 -6.47
N ALA B 97 -6.58 24.38 -5.18
CA ALA B 97 -5.40 24.46 -4.32
C ALA B 97 -4.34 23.44 -4.72
N PHE B 98 -4.76 22.22 -5.05
CA PHE B 98 -3.80 21.17 -5.40
C PHE B 98 -3.10 21.47 -6.71
N VAL B 99 -3.85 21.91 -7.72
CA VAL B 99 -3.26 22.22 -9.02
C VAL B 99 -2.34 23.42 -8.91
N SER B 100 -2.74 24.44 -8.15
CA SER B 100 -1.90 25.61 -7.96
C SER B 100 -0.61 25.25 -7.23
N TRP B 101 -0.68 24.35 -6.26
CA TRP B 101 0.51 23.90 -5.55
C TRP B 101 1.47 23.20 -6.51
N ALA B 102 0.94 22.34 -7.38
CA ALA B 102 1.78 21.66 -8.35
C ALA B 102 2.40 22.65 -9.34
N LEU B 103 1.61 23.61 -9.81
CA LEU B 103 2.12 24.60 -10.75
C LEU B 103 3.12 25.54 -10.09
N ARG B 104 2.92 25.84 -8.80
CA ARG B 104 3.89 26.63 -8.08
C ARG B 104 5.23 25.91 -7.97
N GLN B 105 5.18 24.59 -7.75
CA GLN B 105 6.42 23.80 -7.68
C GLN B 105 7.18 23.84 -9.00
N VAL B 106 6.45 23.86 -10.12
CA VAL B 106 7.10 23.94 -11.43
C VAL B 106 7.91 25.22 -11.54
N GLU B 107 7.32 26.34 -11.12
CA GLU B 107 8.03 27.61 -11.18
C GLU B 107 9.24 27.62 -10.25
N ILE B 108 9.11 27.04 -9.05
CA ILE B 108 10.23 27.00 -8.12
C ILE B 108 11.37 26.16 -8.68
N ALA B 109 11.03 25.00 -9.26
CA ALA B 109 12.07 24.16 -9.86
C ALA B 109 12.75 24.87 -11.03
N ARG B 110 11.99 25.63 -11.81
CA ARG B 110 12.58 26.38 -12.91
C ARG B 110 13.50 27.49 -12.41
N LYS B 111 13.13 28.13 -11.29
CA LYS B 111 13.97 29.18 -10.72
C LYS B 111 15.30 28.62 -10.24
N LEU B 112 15.33 27.37 -9.80
CA LEU B 112 16.55 26.71 -9.35
C LEU B 112 17.23 25.89 -10.43
N GLY B 113 16.70 25.87 -11.65
CA GLY B 113 17.30 25.13 -12.72
C GLY B 113 17.24 23.62 -12.55
N MET B 114 16.25 23.13 -11.82
CA MET B 114 16.08 21.70 -11.56
C MET B 114 15.13 21.08 -12.58
N GLY B 115 15.13 19.76 -12.62
CA GLY B 115 14.11 19.06 -13.37
C GLY B 115 12.76 19.19 -12.71
N LEU B 116 11.72 18.79 -13.46
CA LEU B 116 10.35 18.87 -12.99
C LEU B 116 9.83 17.56 -12.43
N HIS B 117 10.72 16.71 -11.91
CA HIS B 117 10.32 15.39 -11.43
C HIS B 117 9.38 15.50 -10.23
N ILE B 118 9.63 16.44 -9.33
CA ILE B 118 8.80 16.56 -8.13
C ILE B 118 7.34 16.90 -8.45
N PRO B 119 7.04 17.97 -9.20
CA PRO B 119 5.63 18.19 -9.55
C PRO B 119 5.03 17.07 -10.38
N PHE B 120 5.84 16.40 -11.20
CA PHE B 120 5.35 15.24 -11.95
C PHE B 120 4.88 14.14 -10.99
N ALA B 121 5.68 13.85 -9.96
CA ALA B 121 5.29 12.83 -8.99
C ALA B 121 4.05 13.24 -8.23
N PHE B 122 3.95 14.52 -7.85
CA PHE B 122 2.79 15.00 -7.11
C PHE B 122 1.53 14.96 -7.95
N SER B 123 1.65 15.08 -9.26
CA SER B 123 0.47 15.08 -10.13
C SER B 123 -0.30 13.76 -10.04
N PHE B 124 0.39 12.67 -9.73
CA PHE B 124 -0.30 11.39 -9.56
C PHE B 124 -1.13 11.36 -8.29
N ALA B 125 -0.67 12.03 -7.24
CA ALA B 125 -1.50 12.19 -6.05
C ALA B 125 -2.75 13.00 -6.37
N ILE B 126 -2.61 14.05 -7.18
CA ILE B 126 -3.76 14.86 -7.58
C ILE B 126 -4.71 14.03 -8.43
N LEU B 127 -4.18 13.18 -9.30
CA LEU B 127 -5.01 12.33 -10.14
C LEU B 127 -5.87 11.40 -9.29
N ALA B 128 -5.31 10.83 -8.23
CA ALA B 128 -6.07 9.97 -7.35
C ALA B 128 -7.20 10.74 -6.67
N TYR B 129 -6.91 11.96 -6.21
CA TYR B 129 -7.96 12.78 -5.60
C TYR B 129 -9.03 13.14 -6.62
N PHE B 130 -8.61 13.53 -7.82
CA PHE B 130 -9.58 13.84 -8.87
C PHE B 130 -10.42 12.61 -9.23
N THR B 131 -9.82 11.43 -9.18
CA THR B 131 -10.59 10.21 -9.42
C THR B 131 -11.66 10.04 -8.36
N LEU B 132 -11.31 10.32 -7.10
CA LEU B 132 -12.25 10.10 -6.00
C LEU B 132 -13.44 11.06 -6.04
N VAL B 133 -13.19 12.34 -6.37
CA VAL B 133 -14.23 13.34 -6.12
C VAL B 133 -14.91 13.84 -7.39
N VAL B 134 -14.29 13.69 -8.55
CA VAL B 134 -14.89 14.13 -9.81
C VAL B 134 -15.01 12.99 -10.82
N PHE B 135 -13.92 12.28 -11.10
CA PHE B 135 -13.95 11.29 -12.17
C PHE B 135 -14.91 10.14 -11.87
N ARG B 136 -14.75 9.51 -10.71
CA ARG B 136 -15.68 8.44 -10.32
C ARG B 136 -17.11 8.95 -10.13
N PRO B 137 -17.36 10.07 -9.43
CA PRO B 137 -18.73 10.58 -9.38
C PRO B 137 -19.29 10.93 -10.75
N LEU B 138 -18.46 11.42 -11.67
CA LEU B 138 -18.96 11.74 -13.01
C LEU B 138 -19.42 10.50 -13.75
N LEU B 139 -18.64 9.41 -13.67
CA LEU B 139 -19.05 8.18 -14.34
C LEU B 139 -20.30 7.58 -13.70
N MET B 140 -20.48 7.76 -12.40
CA MET B 140 -21.70 7.33 -11.73
C MET B 140 -22.84 8.32 -11.89
N GLY B 141 -22.55 9.53 -12.37
CA GLY B 141 -23.59 10.51 -12.63
C GLY B 141 -24.11 11.25 -11.42
N ALA B 142 -23.34 11.34 -10.34
CA ALA B 142 -23.80 12.04 -9.16
C ALA B 142 -22.61 12.44 -8.30
N TRP B 143 -22.56 13.70 -7.87
CA TRP B 143 -21.52 14.15 -6.96
C TRP B 143 -21.63 13.51 -5.59
N GLY B 144 -22.75 12.86 -5.28
CA GLY B 144 -22.93 12.21 -4.00
C GLY B 144 -22.01 11.03 -3.76
N TYR B 145 -21.31 10.57 -4.79
CA TYR B 145 -20.36 9.47 -4.64
C TYR B 145 -19.02 9.89 -4.04
N GLY B 146 -18.76 11.19 -3.91
CA GLY B 146 -17.52 11.62 -3.29
C GLY B 146 -17.49 11.32 -1.81
N PHE B 147 -16.27 11.21 -1.28
CA PHE B 147 -16.17 10.90 0.14
C PHE B 147 -16.40 12.15 0.99
N PRO B 148 -17.04 12.01 2.15
CA PRO B 148 -17.26 13.18 3.01
C PRO B 148 -15.98 13.70 3.60
N TYR B 149 -15.96 15.00 3.89
CA TYR B 149 -14.78 15.65 4.45
C TYR B 149 -14.89 15.61 5.96
N GLY B 150 -14.14 14.70 6.58
CA GLY B 150 -14.13 14.53 8.01
C GLY B 150 -13.06 13.53 8.40
N ILE B 151 -12.36 13.79 9.51
CA ILE B 151 -11.17 13.01 9.84
C ILE B 151 -11.54 11.54 10.07
N LEU B 152 -12.58 11.29 10.84
CA LEU B 152 -13.04 9.92 11.05
C LEU B 152 -14.23 9.54 10.18
N SER B 153 -14.97 10.52 9.66
CA SER B 153 -16.16 10.20 8.89
C SER B 153 -15.79 9.68 7.50
N HIS B 154 -14.66 10.13 6.94
CA HIS B 154 -14.27 9.63 5.62
C HIS B 154 -13.71 8.22 5.69
N LEU B 155 -13.34 7.74 6.88
CA LEU B 155 -13.04 6.31 7.03
C LEU B 155 -14.31 5.47 6.94
N ASP B 156 -15.43 6.03 7.40
CA ASP B 156 -16.71 5.34 7.27
C ASP B 156 -17.11 5.19 5.81
N TRP B 157 -16.83 6.21 4.99
CA TRP B 157 -17.09 6.10 3.56
C TRP B 157 -16.24 5.01 2.93
N VAL B 158 -14.95 4.95 3.29
CA VAL B 158 -14.08 3.92 2.76
C VAL B 158 -14.58 2.54 3.14
N SER B 159 -14.99 2.38 4.41
CA SER B 159 -15.45 1.07 4.87
C SER B 159 -16.71 0.65 4.15
N ASN B 160 -17.72 1.52 4.10
CA ASN B 160 -18.97 1.17 3.43
C ASN B 160 -18.77 0.98 1.94
N THR B 161 -17.93 1.80 1.31
CA THR B 161 -17.63 1.62 -0.11
C THR B 161 -16.98 0.26 -0.36
N GLY B 162 -16.05 -0.13 0.51
CA GLY B 162 -15.38 -1.42 0.34
C GLY B 162 -16.34 -2.59 0.42
N TYR B 163 -17.31 -2.52 1.33
CA TYR B 163 -18.25 -3.61 1.50
C TYR B 163 -19.41 -3.56 0.53
N GLN B 164 -19.52 -2.51 -0.29
CA GLN B 164 -20.45 -2.57 -1.40
C GLN B 164 -20.04 -3.60 -2.43
N TYR B 165 -18.80 -4.08 -2.36
CA TYR B 165 -18.30 -5.16 -3.19
C TYR B 165 -17.92 -6.38 -2.36
N LEU B 166 -18.21 -6.33 -1.06
CA LEU B 166 -18.33 -7.44 -0.11
C LEU B 166 -17.01 -8.10 0.23
N HIS B 167 -15.98 -7.87 -0.58
CA HIS B 167 -14.62 -8.26 -0.23
C HIS B 167 -13.71 -7.45 -1.14
N PHE B 168 -13.25 -6.30 -0.65
CA PHE B 168 -12.52 -5.39 -1.51
C PHE B 168 -11.07 -5.81 -1.71
N HIS B 169 -10.58 -6.74 -0.90
CA HIS B 169 -9.23 -7.26 -1.08
C HIS B 169 -9.08 -7.98 -2.42
N TYR B 170 -10.16 -8.53 -2.95
CA TYR B 170 -10.10 -9.28 -4.20
C TYR B 170 -10.11 -8.38 -5.43
N ASN B 171 -10.26 -7.09 -5.26
CA ASN B 171 -10.12 -6.14 -6.37
C ASN B 171 -8.71 -6.27 -6.94
N PRO B 172 -8.56 -6.59 -8.23
CA PRO B 172 -7.21 -6.89 -8.74
C PRO B 172 -6.30 -5.67 -8.79
N ALA B 173 -6.82 -4.50 -9.16
CA ALA B 173 -6.01 -3.29 -9.12
C ALA B 173 -5.69 -2.88 -7.68
N HIS B 174 -6.56 -3.23 -6.74
CA HIS B 174 -6.27 -3.01 -5.33
C HIS B 174 -5.07 -3.82 -4.88
N MET B 175 -4.99 -5.08 -5.31
CA MET B 175 -3.83 -5.90 -4.98
C MET B 175 -2.54 -5.31 -5.52
N ILE B 176 -2.57 -4.84 -6.78
CA ILE B 176 -1.38 -4.26 -7.39
C ILE B 176 -0.97 -2.98 -6.65
N ALA B 177 -1.93 -2.13 -6.32
CA ALA B 177 -1.63 -0.87 -5.64
C ALA B 177 -1.04 -1.13 -4.26
N ILE B 178 -1.61 -2.08 -3.52
CA ILE B 178 -1.05 -2.42 -2.20
C ILE B 178 0.37 -2.97 -2.35
N SER B 179 0.58 -3.84 -3.34
CA SER B 179 1.92 -4.36 -3.58
C SER B 179 2.92 -3.23 -3.83
N PHE B 180 2.48 -2.15 -4.48
CA PHE B 180 3.36 -1.02 -4.69
C PHE B 180 3.58 -0.23 -3.41
N PHE B 181 2.52 -0.03 -2.62
CA PHE B 181 2.67 0.69 -1.35
C PHE B 181 3.59 -0.06 -0.41
N PHE B 182 3.37 -1.38 -0.27
CA PHE B 182 4.19 -2.17 0.64
C PHE B 182 5.64 -2.23 0.17
N THR B 183 5.87 -2.40 -1.13
CA THR B 183 7.23 -2.44 -1.67
C THR B 183 7.91 -1.08 -1.53
N ASN B 184 7.16 0.00 -1.72
CA ASN B 184 7.74 1.34 -1.56
C ASN B 184 8.23 1.56 -0.14
N ALA B 185 7.45 1.13 0.86
CA ALA B 185 7.88 1.24 2.25
C ALA B 185 9.10 0.37 2.52
N LEU B 186 9.12 -0.85 1.97
CA LEU B 186 10.31 -1.68 2.08
C LEU B 186 11.50 -1.02 1.39
N ALA B 187 11.29 -0.45 0.20
CA ALA B 187 12.38 0.23 -0.49
C ALA B 187 12.84 1.46 0.26
N LEU B 188 11.90 2.22 0.84
CA LEU B 188 12.28 3.41 1.59
C LEU B 188 13.10 3.05 2.82
N ALA B 189 12.69 2.01 3.55
CA ALA B 189 13.44 1.58 4.72
C ALA B 189 14.85 1.14 4.34
N LEU B 190 14.98 0.38 3.24
CA LEU B 190 16.29 -0.06 2.80
C LEU B 190 17.16 1.11 2.38
N HIS B 191 16.60 2.05 1.61
CA HIS B 191 17.39 3.16 1.10
C HIS B 191 17.83 4.08 2.23
N GLY B 192 16.91 4.44 3.13
CA GLY B 192 17.27 5.27 4.26
C GLY B 192 18.31 4.61 5.13
N SER B 193 18.18 3.31 5.36
CA SER B 193 19.17 2.59 6.16
C SER B 193 20.55 2.62 5.51
N LEU B 194 20.62 2.34 4.21
CA LEU B 194 21.92 2.21 3.55
C LEU B 194 22.68 3.52 3.55
N ILE B 195 22.00 4.63 3.29
CA ILE B 195 22.66 5.94 3.29
C ILE B 195 23.14 6.28 4.70
N LEU B 196 22.28 6.07 5.70
CA LEU B 196 22.67 6.37 7.08
C LEU B 196 23.79 5.46 7.55
N SER B 197 23.75 4.18 7.17
CA SER B 197 24.82 3.26 7.54
C SER B 197 26.15 3.68 6.94
N ALA B 198 26.13 4.18 5.69
CA ALA B 198 27.37 4.63 5.06
C ALA B 198 27.84 5.96 5.64
N ALA B 199 26.92 6.89 5.86
CA ALA B 199 27.28 8.19 6.42
C ALA B 199 27.55 8.15 7.91
N ASN B 200 27.02 7.15 8.62
CA ASN B 200 27.19 7.03 10.06
C ASN B 200 27.70 5.64 10.41
N PRO B 201 28.96 5.35 10.11
CA PRO B 201 29.55 4.08 10.53
C PRO B 201 29.82 4.10 12.02
N PRO B 202 30.33 3.00 12.59
CA PRO B 202 30.72 3.02 14.00
C PRO B 202 31.71 4.13 14.29
N LYS B 203 31.65 4.67 15.51
CA LYS B 203 32.41 5.85 15.86
C LYS B 203 33.91 5.63 15.67
N GLY B 204 34.57 6.62 15.06
CA GLY B 204 35.97 6.55 14.75
C GLY B 204 36.29 5.93 13.41
N GLU B 205 35.30 5.38 12.71
CA GLU B 205 35.52 4.75 11.43
C GLU B 205 35.20 5.73 10.30
N VAL B 206 35.88 5.54 9.16
CA VAL B 206 35.75 6.46 8.05
C VAL B 206 34.38 6.30 7.38
N VAL B 207 33.89 7.37 6.78
CA VAL B 207 32.61 7.29 6.07
C VAL B 207 32.78 6.44 4.82
N LYS B 208 31.73 5.72 4.46
CA LYS B 208 31.76 4.76 3.37
C LYS B 208 31.00 5.30 2.16
N GLY B 209 31.42 4.87 0.98
CA GLY B 209 30.86 5.39 -0.25
C GLY B 209 30.17 4.35 -1.12
N ALA B 210 30.24 4.55 -2.44
CA ALA B 210 29.52 3.68 -3.36
C ALA B 210 30.04 2.25 -3.34
N GLU B 211 31.32 2.07 -3.02
CA GLU B 211 31.88 0.71 -2.99
C GLU B 211 31.21 -0.13 -1.92
N GLN B 212 31.00 0.43 -0.74
CA GLN B 212 30.31 -0.29 0.32
C GLN B 212 28.81 -0.32 0.09
N GLU B 213 28.23 0.76 -0.46
CA GLU B 213 26.80 0.80 -0.69
C GLU B 213 26.38 -0.26 -1.70
N ASN B 214 27.05 -0.31 -2.85
CA ASN B 214 26.77 -1.35 -3.82
C ASN B 214 27.23 -2.72 -3.32
N GLY B 215 28.34 -2.74 -2.59
CA GLY B 215 28.84 -3.99 -2.06
C GLY B 215 27.92 -4.62 -1.02
N TYR B 216 27.20 -3.80 -0.26
CA TYR B 216 26.35 -4.32 0.79
C TYR B 216 25.23 -5.19 0.24
N PHE B 217 24.51 -4.69 -0.75
CA PHE B 217 23.37 -5.44 -1.28
C PHE B 217 23.79 -6.54 -2.24
N ARG B 218 24.97 -6.44 -2.86
CA ARG B 218 25.48 -7.58 -3.59
C ARG B 218 25.83 -8.73 -2.65
N ASP B 219 26.35 -8.41 -1.47
CA ASP B 219 26.66 -9.44 -0.50
C ASP B 219 25.39 -10.09 0.07
N VAL B 220 24.38 -9.29 0.38
CA VAL B 220 23.21 -9.85 1.05
C VAL B 220 22.22 -10.45 0.05
N ILE B 221 22.07 -9.85 -1.13
CA ILE B 221 21.03 -10.29 -2.06
C ILE B 221 21.56 -10.59 -3.45
N GLY B 222 22.83 -10.33 -3.76
CA GLY B 222 23.38 -10.66 -5.05
C GLY B 222 23.23 -9.60 -6.12
N TYR B 223 22.59 -8.48 -5.81
CA TYR B 223 22.42 -7.41 -6.79
C TYR B 223 22.26 -6.09 -6.07
N SER B 224 22.79 -5.03 -6.66
CA SER B 224 22.59 -3.67 -6.18
C SER B 224 22.04 -2.85 -7.33
N ILE B 225 20.97 -2.10 -7.07
CA ILE B 225 20.37 -1.29 -8.14
C ILE B 225 21.16 -0.01 -8.38
N GLY B 226 21.96 0.44 -7.42
CA GLY B 226 22.72 1.66 -7.57
C GLY B 226 21.96 2.88 -7.08
N THR B 227 22.71 3.97 -6.89
CA THR B 227 22.13 5.19 -6.33
C THR B 227 21.11 5.82 -7.28
N LEU B 228 21.39 5.83 -8.57
CA LEU B 228 20.42 6.38 -9.52
C LEU B 228 19.20 5.48 -9.61
N GLY B 229 19.39 4.17 -9.59
CA GLY B 229 18.27 3.25 -9.72
C GLY B 229 17.32 3.30 -8.55
N ILE B 230 17.84 3.44 -7.34
CA ILE B 230 16.98 3.42 -6.16
C ILE B 230 16.07 4.65 -6.12
N HIS B 231 16.59 5.80 -6.56
CA HIS B 231 15.75 7.00 -6.59
C HIS B 231 14.76 6.95 -7.74
N ARG B 232 15.14 6.33 -8.85
CA ARG B 232 14.16 6.01 -9.89
C ARG B 232 13.10 5.06 -9.36
N LEU B 233 13.53 4.04 -8.62
CA LEU B 233 12.59 3.06 -8.08
C LEU B 233 11.65 3.70 -7.08
N GLY B 234 12.17 4.60 -6.24
CA GLY B 234 11.34 5.26 -5.26
C GLY B 234 10.21 6.06 -5.88
N VAL B 235 10.52 6.79 -6.96
CA VAL B 235 9.47 7.51 -7.68
C VAL B 235 8.51 6.52 -8.33
N PHE B 236 9.05 5.52 -9.02
CA PHE B 236 8.22 4.59 -9.77
C PHE B 236 7.26 3.83 -8.86
N LEU B 237 7.75 3.37 -7.71
CA LEU B 237 6.87 2.63 -6.80
C LEU B 237 5.80 3.53 -6.22
N ALA B 238 6.18 4.72 -5.75
CA ALA B 238 5.22 5.62 -5.15
C ALA B 238 4.21 6.14 -6.17
N VAL B 239 4.67 6.47 -7.36
CA VAL B 239 3.77 6.96 -8.41
C VAL B 239 2.81 5.85 -8.83
N SER B 240 3.31 4.64 -9.02
CA SER B 240 2.45 3.54 -9.46
C SER B 240 1.47 3.12 -8.36
N ALA B 241 1.85 3.29 -7.09
CA ALA B 241 0.91 3.03 -6.01
C ALA B 241 -0.29 3.95 -6.10
N ALA B 242 -0.04 5.24 -6.39
CA ALA B 242 -1.14 6.18 -6.56
C ALA B 242 -1.92 5.93 -7.84
N PHE B 243 -1.22 5.59 -8.93
CA PHE B 243 -1.90 5.34 -10.19
C PHE B 243 -2.83 4.14 -10.07
N TRP B 244 -2.33 3.03 -9.51
CA TRP B 244 -3.16 1.84 -9.40
C TRP B 244 -4.22 2.00 -8.32
N SER B 245 -3.99 2.86 -7.34
CA SER B 245 -5.06 3.23 -6.41
C SER B 245 -6.20 3.91 -7.16
N ALA B 246 -5.86 4.84 -8.05
CA ALA B 246 -6.88 5.51 -8.86
C ALA B 246 -7.62 4.51 -9.74
N VAL B 247 -6.89 3.54 -10.31
CA VAL B 247 -7.52 2.51 -11.13
C VAL B 247 -8.46 1.66 -10.27
N CYS B 248 -8.01 1.26 -9.08
CA CYS B 248 -8.79 0.34 -8.27
C CYS B 248 -10.13 0.92 -7.84
N ILE B 249 -10.19 2.25 -7.68
CA ILE B 249 -11.47 2.84 -7.26
C ILE B 249 -12.30 3.26 -8.47
N ILE B 250 -11.67 3.63 -9.59
CA ILE B 250 -12.44 4.03 -10.76
C ILE B 250 -13.19 2.85 -11.35
N ILE B 251 -12.65 1.64 -11.21
CA ILE B 251 -13.35 0.46 -11.73
C ILE B 251 -14.37 -0.08 -10.75
N SER B 252 -14.37 0.40 -9.50
CA SER B 252 -15.30 -0.06 -8.48
C SER B 252 -16.58 0.75 -8.59
N GLY B 253 -17.52 0.25 -9.39
CA GLY B 253 -18.83 0.85 -9.52
C GLY B 253 -19.16 1.32 -10.92
N PRO B 254 -18.25 2.07 -11.55
CA PRO B 254 -18.46 2.39 -12.97
C PRO B 254 -18.23 1.21 -13.89
N PHE B 255 -17.29 0.32 -13.56
CA PHE B 255 -16.96 -0.81 -14.41
C PHE B 255 -17.10 -2.15 -13.71
N TRP B 256 -17.63 -2.18 -12.49
CA TRP B 256 -17.86 -3.42 -11.77
C TRP B 256 -18.89 -3.16 -10.68
N THR B 257 -20.01 -3.88 -10.73
CA THR B 257 -21.11 -3.65 -9.79
C THR B 257 -21.36 -4.84 -8.87
N ARG B 258 -20.52 -5.87 -8.94
CA ARG B 258 -20.71 -7.09 -8.17
C ARG B 258 -19.59 -7.25 -7.15
N GLY B 259 -19.65 -8.35 -6.41
CA GLY B 259 -18.57 -8.65 -5.49
C GLY B 259 -17.26 -8.88 -6.23
N TRP B 260 -16.19 -8.32 -5.69
CA TRP B 260 -14.88 -8.47 -6.32
C TRP B 260 -14.39 -9.92 -6.40
N PRO B 261 -14.58 -10.79 -5.41
CA PRO B 261 -14.14 -12.18 -5.60
C PRO B 261 -14.76 -12.85 -6.81
N GLU B 262 -16.00 -12.50 -7.15
CA GLU B 262 -16.66 -13.07 -8.33
C GLU B 262 -15.90 -12.76 -9.61
N TRP B 263 -15.16 -11.65 -9.64
CA TRP B 263 -14.40 -11.29 -10.84
C TRP B 263 -13.38 -12.35 -11.21
N TRP B 264 -12.86 -13.08 -10.23
CA TRP B 264 -11.83 -14.07 -10.47
C TRP B 264 -12.37 -15.35 -11.09
N SER B 265 -13.66 -15.40 -11.42
CA SER B 265 -14.21 -16.57 -12.10
C SER B 265 -13.64 -16.74 -13.50
N TRP B 266 -13.11 -15.67 -14.10
CA TRP B 266 -12.47 -15.82 -15.41
C TRP B 266 -11.26 -16.74 -15.31
N TRP B 267 -10.49 -16.63 -14.23
CA TRP B 267 -9.36 -17.53 -14.03
C TRP B 267 -9.83 -18.94 -13.70
N LEU B 268 -10.84 -19.07 -12.84
CA LEU B 268 -11.34 -20.38 -12.47
C LEU B 268 -11.95 -21.12 -13.65
N ASN B 269 -12.45 -20.40 -14.65
CA ASN B 269 -13.16 -21.00 -15.76
C ASN B 269 -12.32 -21.07 -17.04
N LEU B 270 -11.01 -20.90 -16.93
CA LEU B 270 -10.16 -21.06 -18.10
C LEU B 270 -10.27 -22.49 -18.61
N PRO B 271 -10.37 -22.68 -19.93
CA PRO B 271 -10.66 -24.03 -20.46
C PRO B 271 -9.59 -25.07 -20.13
N MET B 272 -8.38 -24.65 -19.77
CA MET B 272 -7.35 -25.61 -19.39
C MET B 272 -7.72 -26.39 -18.13
N TRP B 273 -8.52 -25.78 -17.25
CA TRP B 273 -8.90 -26.46 -16.01
C TRP B 273 -10.35 -26.20 -15.60
N SER B 274 -11.18 -25.66 -16.49
CA SER B 274 -12.54 -25.28 -16.12
C SER B 274 -13.37 -26.50 -15.74
N HIS B 275 -14.20 -26.34 -14.72
CA HIS B 275 -15.12 -27.39 -14.30
C HIS B 275 -16.40 -27.36 -15.14
N PRO C 2 12.48 18.39 -25.08
CA PRO C 2 12.70 18.72 -23.67
C PRO C 2 14.05 18.23 -23.16
N GLU C 3 14.33 18.48 -21.89
CA GLU C 3 15.59 18.04 -21.31
C GLU C 3 15.56 16.53 -21.06
N PHE C 4 16.75 15.94 -21.01
CA PHE C 4 16.91 14.55 -20.62
C PHE C 4 16.32 14.33 -19.23
N GLN C 5 15.34 13.43 -19.14
CA GLN C 5 14.62 13.21 -17.90
C GLN C 5 15.26 12.15 -17.00
N ASN C 6 16.31 11.48 -17.48
CA ASN C 6 17.03 10.46 -16.71
C ASN C 6 16.11 9.32 -16.28
N VAL C 7 15.17 8.96 -17.16
CA VAL C 7 14.28 7.83 -16.88
C VAL C 7 15.05 6.52 -16.97
N PHE C 8 15.85 6.35 -18.02
CA PHE C 8 16.69 5.16 -18.12
C PHE C 8 17.92 5.48 -18.96
N THR C 9 18.93 4.63 -18.82
CA THR C 9 20.28 4.89 -19.31
C THR C 9 20.57 3.98 -20.50
N ARG C 10 20.64 4.56 -21.70
CA ARG C 10 20.98 3.78 -22.88
C ARG C 10 22.47 3.77 -23.17
N VAL C 11 23.20 4.82 -22.81
CA VAL C 11 24.64 4.88 -22.98
C VAL C 11 25.28 4.21 -21.76
N GLN C 12 25.92 3.06 -21.97
CA GLN C 12 26.50 2.29 -20.88
C GLN C 12 27.92 1.89 -21.22
N VAL C 13 28.75 1.77 -20.19
CA VAL C 13 30.15 1.39 -20.33
C VAL C 13 30.39 0.10 -19.54
N LYS C 14 31.19 -0.79 -20.10
CA LYS C 14 31.59 -2.03 -19.44
C LYS C 14 32.95 -1.84 -18.80
N GLY C 15 33.00 -1.87 -17.48
CA GLY C 15 34.25 -1.83 -16.76
C GLY C 15 34.56 -3.18 -16.15
N PRO C 16 35.70 -3.30 -15.48
CA PRO C 16 35.99 -4.54 -14.75
C PRO C 16 34.98 -4.77 -13.65
N VAL C 17 34.65 -6.04 -13.42
CA VAL C 17 33.69 -6.37 -12.38
C VAL C 17 34.21 -5.91 -11.03
N HIS C 18 33.32 -5.40 -10.19
CA HIS C 18 33.66 -4.96 -8.85
C HIS C 18 33.27 -6.07 -7.87
N MET C 19 34.29 -6.70 -7.28
CA MET C 19 34.05 -7.77 -6.32
C MET C 19 33.77 -7.27 -4.93
N GLY C 20 34.03 -6.00 -4.64
CA GLY C 20 33.83 -5.44 -3.32
C GLY C 20 35.14 -5.33 -2.54
N VAL C 21 35.05 -4.65 -1.40
CA VAL C 21 36.21 -4.41 -0.56
C VAL C 21 36.70 -5.73 0.00
N PRO C 22 37.99 -5.88 0.32
CA PRO C 22 38.45 -7.10 0.96
C PRO C 22 37.71 -7.36 2.26
N LEU C 23 37.36 -8.61 2.48
CA LEU C 23 36.61 -9.00 3.67
C LEU C 23 37.55 -9.22 4.84
N PRO C 24 37.04 -9.10 6.07
CA PRO C 24 37.88 -9.34 7.25
C PRO C 24 38.37 -10.78 7.29
N ARG C 25 39.52 -10.97 7.93
CA ARG C 25 40.14 -12.29 8.01
C ARG C 25 39.18 -13.30 8.64
N GLY C 26 39.13 -14.49 8.05
CA GLY C 26 38.24 -15.55 8.48
C GLY C 26 36.94 -15.64 7.72
N SER C 27 36.61 -14.62 6.93
CA SER C 27 35.39 -14.65 6.13
C SER C 27 35.56 -15.60 4.95
N TRP C 28 34.42 -16.00 4.40
CA TRP C 28 34.42 -16.86 3.22
C TRP C 28 34.82 -16.04 1.99
N ALA C 29 34.95 -16.74 0.86
CA ALA C 29 35.09 -16.08 -0.42
C ALA C 29 33.72 -15.83 -1.02
N ARG C 30 33.59 -14.75 -1.77
CA ARG C 30 32.32 -14.41 -2.38
C ARG C 30 31.98 -15.42 -3.47
N THR C 31 30.69 -15.70 -3.60
CA THR C 31 30.20 -16.77 -4.47
C THR C 31 29.74 -16.18 -5.81
N GLY C 32 30.17 -16.82 -6.89
CA GLY C 32 29.68 -16.46 -8.21
C GLY C 32 30.63 -15.58 -8.97
N LYS C 33 30.54 -15.63 -10.29
CA LYS C 33 31.33 -14.76 -11.15
C LYS C 33 30.42 -13.69 -11.70
N PRO C 34 30.57 -12.43 -11.28
CA PRO C 34 29.63 -11.40 -11.71
C PRO C 34 29.73 -11.11 -13.20
N PHE C 35 28.59 -10.71 -13.78
CA PHE C 35 28.52 -10.43 -15.20
C PHE C 35 27.68 -9.18 -15.44
N HIS C 36 27.92 -8.55 -16.58
CA HIS C 36 27.23 -7.33 -16.97
C HIS C 36 25.95 -7.68 -17.74
N LEU C 37 24.86 -6.99 -17.41
CA LEU C 37 23.58 -7.18 -18.05
C LEU C 37 23.05 -5.83 -18.51
N TYR C 38 22.89 -5.66 -19.82
CA TYR C 38 22.48 -4.37 -20.36
C TYR C 38 21.06 -4.02 -19.96
N LEU C 39 20.19 -5.03 -19.82
CA LEU C 39 18.80 -4.77 -19.46
C LEU C 39 18.69 -4.09 -18.11
N LEU C 40 19.41 -4.60 -17.10
CA LEU C 40 19.36 -3.99 -15.78
C LEU C 40 20.15 -2.68 -15.75
N GLY C 41 21.10 -2.51 -16.67
CA GLY C 41 21.81 -1.25 -16.75
C GLY C 41 20.96 -0.10 -17.22
N LEU C 42 19.83 -0.39 -17.88
CA LEU C 42 18.92 0.67 -18.32
C LEU C 42 18.35 1.43 -17.13
N ILE C 43 17.85 0.72 -16.14
CA ILE C 43 17.16 1.34 -15.01
C ILE C 43 18.04 1.48 -13.77
N GLY C 44 19.10 0.70 -13.67
CA GLY C 44 19.96 0.74 -12.49
C GLY C 44 21.36 0.29 -12.81
N ASP C 45 21.95 -0.47 -11.90
CA ASP C 45 23.29 -1.00 -12.11
C ASP C 45 23.23 -2.29 -12.90
N ALA C 46 24.21 -2.49 -13.78
CA ALA C 46 24.19 -3.60 -14.72
C ALA C 46 24.82 -4.88 -14.19
N GLN C 47 25.58 -4.81 -13.10
CA GLN C 47 26.30 -5.98 -12.62
C GLN C 47 25.41 -6.85 -11.74
N ILE C 48 25.43 -8.15 -12.01
CA ILE C 48 24.73 -9.14 -11.21
C ILE C 48 25.77 -9.98 -10.48
N GLY C 49 25.66 -10.05 -9.15
CA GLY C 49 26.64 -10.74 -8.35
C GLY C 49 27.84 -9.87 -8.06
N PRO C 50 28.79 -10.38 -7.27
CA PRO C 50 28.80 -11.69 -6.59
C PRO C 50 27.95 -11.65 -5.32
N ILE C 51 27.79 -12.78 -4.63
CA ILE C 51 27.02 -12.84 -3.41
C ILE C 51 27.88 -13.48 -2.33
N TYR C 52 27.61 -13.12 -1.08
CA TYR C 52 28.30 -13.69 0.07
C TYR C 52 27.35 -14.63 0.79
N LEU C 53 27.78 -15.87 1.00
CA LEU C 53 26.98 -16.89 1.67
C LEU C 53 27.75 -17.38 2.89
N GLY C 54 27.58 -16.68 4.01
CA GLY C 54 28.15 -17.09 5.27
C GLY C 54 27.27 -18.10 5.98
N PHE C 55 27.55 -18.30 7.27
CA PHE C 55 26.78 -19.25 8.05
C PHE C 55 25.32 -18.84 8.15
N SER C 56 25.06 -17.55 8.42
CA SER C 56 23.68 -17.09 8.57
C SER C 56 22.90 -17.27 7.28
N GLY C 57 23.52 -16.96 6.15
CA GLY C 57 22.81 -17.06 4.88
C GLY C 57 22.42 -18.49 4.54
N VAL C 58 23.36 -19.44 4.69
N VAL C 58 23.35 -19.43 4.69
CA VAL C 58 23.06 -20.83 4.35
CA VAL C 58 23.07 -20.82 4.35
C VAL C 58 22.09 -21.43 5.34
C VAL C 58 22.09 -21.43 5.34
N ALA C 59 22.23 -21.10 6.63
CA ALA C 59 21.29 -21.62 7.63
C ALA C 59 19.89 -21.06 7.40
N SER C 60 19.78 -19.78 7.05
CA SER C 60 18.48 -19.18 6.78
C SER C 60 17.81 -19.84 5.59
N ILE C 61 18.58 -20.11 4.53
CA ILE C 61 18.02 -20.73 3.33
C ILE C 61 17.50 -22.13 3.64
N ILE C 62 18.26 -22.91 4.41
CA ILE C 62 17.85 -24.28 4.72
C ILE C 62 16.58 -24.28 5.58
N PHE C 63 16.54 -23.44 6.61
CA PHE C 63 15.34 -23.32 7.42
C PHE C 63 14.16 -22.85 6.59
N GLY C 64 14.38 -21.80 5.78
CA GLY C 64 13.29 -21.24 5.00
C GLY C 64 12.79 -22.18 3.92
N PHE C 65 13.71 -22.93 3.30
CA PHE C 65 13.31 -23.86 2.26
C PHE C 65 12.41 -24.97 2.81
N ILE C 66 12.72 -25.47 4.00
CA ILE C 66 11.88 -26.50 4.61
C ILE C 66 10.49 -25.95 4.88
N ALA C 67 10.41 -24.71 5.40
CA ALA C 67 9.11 -24.09 5.63
C ALA C 67 8.33 -23.96 4.32
N ILE C 68 9.00 -23.55 3.25
CA ILE C 68 8.33 -23.41 1.95
C ILE C 68 7.86 -24.77 1.45
N GLU C 69 8.65 -25.82 1.68
CA GLU C 69 8.24 -27.16 1.29
C GLU C 69 7.01 -27.62 2.06
N ILE C 70 6.93 -27.30 3.34
CA ILE C 70 5.76 -27.67 4.14
C ILE C 70 4.51 -27.00 3.58
N ILE C 71 4.60 -25.71 3.25
CA ILE C 71 3.47 -25.00 2.67
C ILE C 71 3.08 -25.62 1.34
N GLY C 72 4.07 -25.80 0.45
CA GLY C 72 3.77 -26.25 -0.90
C GLY C 72 3.24 -27.67 -0.96
N PHE C 73 3.81 -28.56 -0.14
CA PHE C 73 3.34 -29.94 -0.13
C PHE C 73 1.90 -30.03 0.37
N ASN C 74 1.56 -29.27 1.41
CA ASN C 74 0.20 -29.30 1.93
C ASN C 74 -0.78 -28.62 0.97
N MET C 75 -0.35 -27.53 0.32
CA MET C 75 -1.18 -26.93 -0.72
C MET C 75 -1.46 -27.92 -1.83
N LEU C 76 -0.44 -28.63 -2.29
CA LEU C 76 -0.61 -29.62 -3.35
C LEU C 76 -1.43 -30.81 -2.88
N ALA C 77 -1.28 -31.21 -1.61
CA ALA C 77 -2.11 -32.28 -1.07
C ALA C 77 -3.55 -31.84 -0.89
N SER C 78 -3.79 -30.54 -0.72
CA SER C 78 -5.15 -30.06 -0.53
C SER C 78 -5.96 -30.08 -1.82
N VAL C 79 -5.31 -30.16 -2.98
CA VAL C 79 -6.01 -30.41 -4.23
C VAL C 79 -5.84 -31.87 -4.67
N ASP C 80 -5.50 -32.76 -3.73
CA ASP C 80 -5.31 -34.19 -3.99
C ASP C 80 -4.27 -34.43 -5.08
N TRP C 81 -3.20 -33.63 -5.06
CA TRP C 81 -2.06 -33.75 -5.97
C TRP C 81 -2.44 -33.49 -7.42
N SER C 82 -3.55 -32.80 -7.67
CA SER C 82 -3.98 -32.49 -9.02
C SER C 82 -3.27 -31.22 -9.47
N VAL C 83 -2.33 -31.35 -10.40
CA VAL C 83 -1.63 -30.18 -10.93
C VAL C 83 -2.57 -29.23 -11.65
N PRO C 84 -3.49 -29.68 -12.52
CA PRO C 84 -4.45 -28.72 -13.09
C PRO C 84 -5.26 -27.99 -12.04
N GLU C 85 -5.66 -28.67 -10.96
CA GLU C 85 -6.38 -28.00 -9.89
C GLU C 85 -5.45 -27.12 -9.07
N PHE C 86 -4.16 -27.47 -8.98
CA PHE C 86 -3.22 -26.63 -8.26
C PHE C 86 -3.06 -25.29 -8.97
N PHE C 87 -2.92 -25.31 -10.29
CA PHE C 87 -2.83 -24.06 -11.05
C PHE C 87 -4.14 -23.29 -10.99
N ARG C 88 -5.27 -23.99 -11.09
CA ARG C 88 -6.56 -23.33 -11.04
C ARG C 88 -6.80 -22.66 -9.69
N GLN C 89 -6.43 -23.32 -8.60
CA GLN C 89 -6.81 -22.88 -7.25
C GLN C 89 -5.66 -22.30 -6.45
N PHE C 90 -4.51 -22.03 -7.08
CA PHE C 90 -3.30 -21.72 -6.33
C PHE C 90 -3.51 -20.54 -5.38
N PHE C 91 -4.16 -19.47 -5.85
CA PHE C 91 -4.38 -18.32 -4.99
C PHE C 91 -5.31 -18.64 -3.82
N TRP C 92 -6.23 -19.59 -4.02
CA TRP C 92 -7.21 -19.94 -2.99
C TRP C 92 -6.64 -20.88 -1.93
N LEU C 93 -5.53 -21.55 -2.21
CA LEU C 93 -5.01 -22.56 -1.30
C LEU C 93 -4.24 -21.94 -0.15
N ALA C 94 -4.14 -22.68 0.95
CA ALA C 94 -3.38 -22.22 2.10
C ALA C 94 -3.05 -23.40 3.01
N LEU C 95 -2.06 -23.20 3.86
CA LEU C 95 -1.81 -24.07 5.01
C LEU C 95 -2.45 -23.41 6.23
N GLU C 96 -3.54 -24.00 6.70
CA GLU C 96 -4.42 -23.40 7.70
C GLU C 96 -3.82 -23.52 9.10
N PRO C 97 -3.98 -22.49 9.94
CA PRO C 97 -3.53 -22.57 11.33
C PRO C 97 -4.36 -23.56 12.14
N PRO C 98 -3.90 -23.94 13.33
CA PRO C 98 -4.56 -25.01 14.07
C PRO C 98 -5.99 -24.67 14.50
N ALA C 99 -6.75 -25.72 14.78
CA ALA C 99 -8.11 -25.55 15.25
C ALA C 99 -8.12 -24.92 16.64
N PRO C 100 -9.19 -24.22 17.01
CA PRO C 100 -9.24 -23.56 18.31
C PRO C 100 -9.18 -24.51 19.50
N LYS C 101 -9.49 -25.80 19.29
CA LYS C 101 -9.54 -26.74 20.40
C LYS C 101 -8.20 -26.85 21.12
N TYR C 102 -7.10 -26.82 20.38
CA TYR C 102 -5.80 -27.18 20.92
C TYR C 102 -5.08 -26.02 21.61
N GLY C 103 -5.64 -24.82 21.59
CA GLY C 103 -5.04 -23.71 22.30
C GLY C 103 -3.63 -23.44 21.83
N LEU C 104 -2.71 -23.30 22.79
CA LEU C 104 -1.30 -23.09 22.49
C LEU C 104 -0.51 -24.39 22.40
N GLY C 105 -1.16 -25.53 22.60
CA GLY C 105 -0.47 -26.79 22.50
C GLY C 105 -0.21 -27.20 21.06
N LEU C 106 0.53 -28.29 20.89
CA LEU C 106 0.86 -28.79 19.57
C LEU C 106 -0.33 -29.54 19.00
N ALA C 107 -0.85 -29.06 17.87
CA ALA C 107 -1.99 -29.67 17.22
C ALA C 107 -1.55 -30.89 16.42
N PRO C 108 -2.49 -31.80 16.13
CA PRO C 108 -2.18 -32.88 15.18
C PRO C 108 -1.82 -32.33 13.82
N LEU C 109 -1.11 -33.15 13.03
CA LEU C 109 -0.59 -32.70 11.75
C LEU C 109 -1.71 -32.25 10.82
N ALA C 110 -2.80 -33.00 10.76
CA ALA C 110 -3.89 -32.66 9.86
C ALA C 110 -4.70 -31.45 10.34
N GLU C 111 -4.55 -31.06 11.60
CA GLU C 111 -5.37 -30.01 12.19
C GLU C 111 -4.52 -28.85 12.70
N GLY C 112 -3.48 -28.47 11.96
CA GLY C 112 -2.63 -27.35 12.32
C GLY C 112 -1.22 -27.71 12.71
N GLY C 113 -0.87 -29.01 12.81
CA GLY C 113 0.50 -29.36 13.14
C GLY C 113 1.49 -28.91 12.10
N TRP C 114 1.14 -29.05 10.81
CA TRP C 114 2.03 -28.60 9.75
C TRP C 114 2.18 -27.08 9.78
N TRP C 115 1.11 -26.36 10.13
CA TRP C 115 1.21 -24.90 10.20
C TRP C 115 2.23 -24.46 11.24
N GLY C 116 2.20 -25.09 12.42
CA GLY C 116 3.11 -24.69 13.48
C GLY C 116 4.57 -24.93 13.14
N MET C 117 4.85 -26.07 12.49
CA MET C 117 6.21 -26.36 12.07
C MET C 117 6.67 -25.39 10.99
N ALA C 118 5.81 -25.08 10.02
CA ALA C 118 6.15 -24.09 9.01
C ALA C 118 6.35 -22.72 9.64
N GLY C 119 5.52 -22.37 10.63
CA GLY C 119 5.70 -21.12 11.33
C GLY C 119 7.02 -21.04 12.08
N PHE C 120 7.43 -22.15 12.68
CA PHE C 120 8.70 -22.17 13.40
C PHE C 120 9.88 -22.05 12.44
N PHE C 121 9.89 -22.86 11.38
CA PHE C 121 11.02 -22.85 10.46
C PHE C 121 11.11 -21.52 9.71
N LEU C 122 9.97 -20.95 9.32
CA LEU C 122 9.99 -19.65 8.65
C LEU C 122 10.49 -18.56 9.58
N THR C 123 10.05 -18.59 10.85
CA THR C 123 10.52 -17.60 11.81
C THR C 123 12.02 -17.72 12.05
N ALA C 124 12.53 -18.95 12.15
CA ALA C 124 13.97 -19.16 12.29
C ALA C 124 14.71 -18.62 11.08
N SER C 125 14.18 -18.84 9.89
CA SER C 125 14.80 -18.33 8.67
C SER C 125 14.84 -16.81 8.67
N ILE C 126 13.74 -16.18 9.07
CA ILE C 126 13.69 -14.72 9.13
C ILE C 126 14.68 -14.18 10.15
N LEU C 127 14.74 -14.80 11.34
CA LEU C 127 15.69 -14.36 12.35
C LEU C 127 17.13 -14.57 11.88
N LEU C 128 17.41 -15.70 11.23
CA LEU C 128 18.75 -15.93 10.71
C LEU C 128 19.10 -14.93 9.62
N TRP C 129 18.11 -14.53 8.82
CA TRP C 129 18.34 -13.49 7.82
C TRP C 129 18.65 -12.16 8.50
N TRP C 130 18.03 -11.89 9.65
CA TRP C 130 18.34 -10.67 10.38
C TRP C 130 19.80 -10.64 10.82
N VAL C 131 20.31 -11.77 11.29
CA VAL C 131 21.73 -11.87 11.63
C VAL C 131 22.58 -11.59 10.41
N ARG C 132 22.17 -12.13 9.25
CA ARG C 132 22.89 -11.89 8.01
C ARG C 132 22.94 -10.41 7.66
N MET C 133 21.81 -9.72 7.77
CA MET C 133 21.79 -8.29 7.49
C MET C 133 22.66 -7.52 8.47
N TYR C 134 22.67 -7.95 9.74
CA TYR C 134 23.50 -7.28 10.73
C TYR C 134 24.98 -7.52 10.47
N ARG C 135 25.35 -8.79 10.26
CA ARG C 135 26.78 -9.13 10.15
C ARG C 135 27.39 -8.65 8.84
N ARG C 136 26.62 -8.64 7.76
CA ARG C 136 27.16 -8.15 6.49
C ARG C 136 27.44 -6.65 6.56
N ALA C 137 26.61 -5.91 7.29
CA ALA C 137 26.87 -4.48 7.48
C ALA C 137 28.14 -4.24 8.27
N ARG C 138 28.35 -5.02 9.35
CA ARG C 138 29.55 -4.86 10.15
C ARG C 138 30.80 -5.21 9.36
N ALA C 139 30.73 -6.25 8.53
CA ALA C 139 31.90 -6.68 7.77
C ALA C 139 32.38 -5.60 6.82
N LEU C 140 31.49 -4.71 6.39
CA LEU C 140 31.85 -3.61 5.49
C LEU C 140 32.13 -2.31 6.21
N GLY C 141 32.08 -2.30 7.55
CA GLY C 141 32.27 -1.06 8.28
C GLY C 141 31.10 -0.12 8.23
N LEU C 142 29.90 -0.63 7.98
CA LEU C 142 28.70 0.18 7.91
C LEU C 142 27.95 0.14 9.24
N GLY C 143 27.06 1.09 9.42
CA GLY C 143 26.14 1.04 10.53
C GLY C 143 25.11 -0.06 10.35
N THR C 144 24.46 -0.42 11.46
CA THR C 144 23.46 -1.48 11.44
C THR C 144 22.05 -0.93 11.32
N HIS C 145 21.87 0.18 10.59
CA HIS C 145 20.55 0.75 10.42
C HIS C 145 19.63 -0.18 9.65
N THR C 146 20.17 -0.93 8.69
CA THR C 146 19.35 -1.85 7.91
C THR C 146 18.78 -2.95 8.77
N ALA C 147 19.60 -3.52 9.66
CA ALA C 147 19.12 -4.62 10.51
C ALA C 147 18.02 -4.16 11.45
N TRP C 148 18.17 -2.96 12.01
CA TRP C 148 17.18 -2.48 12.97
C TRP C 148 15.90 -2.04 12.29
N ALA C 149 15.97 -1.53 11.07
CA ALA C 149 14.77 -1.32 10.29
C ALA C 149 14.10 -2.65 9.97
N PHE C 150 14.90 -3.67 9.65
CA PHE C 150 14.36 -5.01 9.41
C PHE C 150 13.70 -5.56 10.67
N ALA C 151 14.27 -5.27 11.84
CA ALA C 151 13.67 -5.75 13.09
C ALA C 151 12.27 -5.17 13.28
N SER C 152 12.03 -3.96 12.78
CA SER C 152 10.69 -3.39 12.86
C SER C 152 9.70 -4.19 12.03
N ALA C 153 10.09 -4.60 10.83
CA ALA C 153 9.22 -5.43 10.00
C ALA C 153 8.97 -6.79 10.67
N ILE C 154 10.01 -7.36 11.28
CA ILE C 154 9.87 -8.63 11.97
C ILE C 154 8.93 -8.50 13.16
N PHE C 155 8.91 -7.34 13.81
CA PHE C 155 8.02 -7.13 14.96
C PHE C 155 6.55 -7.28 14.55
N LEU C 156 6.16 -6.71 13.42
CA LEU C 156 4.79 -6.89 12.95
C LEU C 156 4.52 -8.34 12.59
N TYR C 157 5.49 -8.99 11.94
CA TYR C 157 5.35 -10.41 11.58
C TYR C 157 5.17 -11.27 12.83
N LEU C 158 6.01 -11.02 13.85
CA LEU C 158 5.90 -11.80 15.08
C LEU C 158 4.62 -11.48 15.85
N SER C 159 4.21 -10.21 15.84
CA SER C 159 2.96 -9.85 16.51
C SER C 159 1.77 -10.55 15.88
N LEU C 160 1.73 -10.62 14.55
CA LEU C 160 0.61 -11.26 13.86
C LEU C 160 0.57 -12.76 14.15
N GLY C 161 1.73 -13.42 14.11
CA GLY C 161 1.73 -14.87 14.13
C GLY C 161 2.19 -15.52 15.41
N PHE C 162 2.98 -14.81 16.22
CA PHE C 162 3.55 -15.41 17.42
C PHE C 162 3.08 -14.74 18.70
N ILE C 163 3.29 -13.43 18.85
CA ILE C 163 3.06 -12.80 20.15
C ILE C 163 1.57 -12.73 20.46
N ARG C 164 0.77 -12.21 19.53
CA ARG C 164 -0.66 -12.12 19.77
C ARG C 164 -1.34 -13.46 19.96
N PRO C 165 -1.08 -14.51 19.15
CA PRO C 165 -1.68 -15.80 19.45
C PRO C 165 -1.34 -16.32 20.84
N ILE C 166 -0.13 -16.05 21.32
CA ILE C 166 0.23 -16.42 22.68
C ILE C 166 -0.57 -15.61 23.69
N LEU C 167 -0.70 -14.30 23.47
CA LEU C 167 -1.47 -13.46 24.37
C LEU C 167 -2.94 -13.85 24.37
N MET C 168 -3.46 -14.32 23.24
CA MET C 168 -4.84 -14.77 23.13
C MET C 168 -5.03 -16.23 23.54
N GLY C 169 -3.95 -16.99 23.68
CA GLY C 169 -4.06 -18.37 24.09
C GLY C 169 -4.42 -19.37 23.01
N CYS C 170 -4.32 -18.99 21.73
CA CYS C 170 -4.66 -19.91 20.65
C CYS C 170 -3.81 -19.60 19.43
N TRP C 171 -3.22 -20.63 18.85
CA TRP C 171 -2.59 -20.49 17.54
C TRP C 171 -3.61 -20.31 16.43
N CYS C 172 -4.89 -20.53 16.72
CA CYS C 172 -5.94 -20.40 15.72
C CYS C 172 -6.15 -18.95 15.28
N GLU C 173 -5.69 -17.99 16.07
CA GLU C 173 -5.83 -16.58 15.75
C GLU C 173 -4.80 -16.10 14.73
N ALA C 174 -3.80 -16.91 14.40
CA ALA C 174 -2.72 -16.52 13.52
C ALA C 174 -3.13 -16.64 12.06
N PRO C 175 -2.46 -15.91 11.16
CA PRO C 175 -2.87 -15.93 9.76
C PRO C 175 -2.49 -17.24 9.10
N PRO C 176 -3.21 -17.65 8.06
CA PRO C 176 -2.82 -18.83 7.29
C PRO C 176 -1.73 -18.51 6.28
N PHE C 177 -1.14 -19.57 5.73
CA PHE C 177 -0.10 -19.45 4.71
C PHE C 177 -0.74 -19.65 3.33
N GLY C 178 -1.31 -18.57 2.80
CA GLY C 178 -1.92 -18.60 1.48
C GLY C 178 -2.17 -17.18 1.02
N ILE C 179 -2.52 -17.05 -0.26
CA ILE C 179 -2.61 -15.72 -0.85
C ILE C 179 -4.00 -15.12 -0.61
N PHE C 180 -5.02 -15.72 -1.21
CA PHE C 180 -6.38 -15.28 -0.90
C PHE C 180 -6.79 -15.56 0.54
N PRO C 181 -6.51 -16.73 1.13
CA PRO C 181 -6.91 -16.94 2.52
C PRO C 181 -6.32 -15.95 3.51
N HIS C 182 -5.09 -15.48 3.30
CA HIS C 182 -4.54 -14.51 4.25
C HIS C 182 -5.15 -13.14 4.03
N LEU C 183 -5.76 -12.89 2.87
CA LEU C 183 -6.63 -11.72 2.73
C LEU C 183 -7.95 -11.92 3.46
N ASP C 184 -8.48 -13.15 3.43
CA ASP C 184 -9.68 -13.45 4.21
C ASP C 184 -9.42 -13.25 5.70
N TRP C 185 -8.27 -13.69 6.18
CA TRP C 185 -7.92 -13.51 7.58
C TRP C 185 -7.86 -12.03 7.96
N THR C 186 -7.26 -11.22 7.09
CA THR C 186 -7.16 -9.78 7.36
C THR C 186 -8.54 -9.16 7.48
N ALA C 187 -9.46 -9.53 6.58
CA ALA C 187 -10.81 -9.01 6.64
C ALA C 187 -11.58 -9.57 7.82
N ALA C 188 -11.45 -10.88 8.06
CA ALA C 188 -12.12 -11.49 9.21
C ALA C 188 -11.63 -10.91 10.53
N PHE C 189 -10.34 -10.54 10.59
CA PHE C 189 -9.81 -9.88 11.77
C PHE C 189 -10.54 -8.56 12.03
N SER C 190 -10.75 -7.77 10.99
CA SER C 190 -11.46 -6.51 11.14
C SER C 190 -12.92 -6.74 11.50
N LEU C 191 -13.56 -7.75 10.90
CA LEU C 191 -14.95 -8.04 11.23
C LEU C 191 -15.11 -8.45 12.68
N ARG C 192 -14.23 -9.34 13.17
CA ARG C 192 -14.34 -9.85 14.52
C ARG C 192 -14.17 -8.74 15.56
N TYR C 193 -13.18 -7.87 15.37
CA TYR C 193 -12.81 -6.90 16.38
C TYR C 193 -13.35 -5.50 16.09
N GLY C 194 -14.40 -5.40 15.29
CA GLY C 194 -15.13 -4.16 15.16
C GLY C 194 -14.41 -3.04 14.46
N ASN C 195 -14.18 -3.18 13.15
CA ASN C 195 -13.77 -2.07 12.29
C ASN C 195 -12.44 -1.48 12.72
N LEU C 196 -11.38 -2.21 12.39
CA LEU C 196 -10.00 -1.83 12.69
C LEU C 196 -9.64 -0.42 12.21
N PHE C 197 -10.49 0.21 11.39
CA PHE C 197 -10.30 1.62 11.07
C PHE C 197 -10.24 2.49 12.31
N TYR C 198 -10.95 2.09 13.36
CA TYR C 198 -11.01 2.84 14.60
C TYR C 198 -9.93 2.43 15.60
N ASN C 199 -9.00 1.60 15.19
CA ASN C 199 -7.80 1.36 15.97
C ASN C 199 -6.84 2.54 15.75
N PRO C 200 -6.53 3.32 16.78
CA PRO C 200 -5.65 4.49 16.57
C PRO C 200 -4.26 4.13 16.07
N PHE C 201 -3.72 2.98 16.46
CA PHE C 201 -2.42 2.58 15.93
C PHE C 201 -2.52 2.08 14.50
N HIS C 202 -3.71 1.62 14.10
CA HIS C 202 -3.95 1.36 12.68
C HIS C 202 -4.02 2.67 11.90
N MET C 203 -4.60 3.71 12.51
CA MET C 203 -4.60 5.03 11.88
C MET C 203 -3.18 5.54 11.70
N LEU C 204 -2.36 5.44 12.75
CA LEU C 204 -0.98 5.92 12.66
C LEU C 204 -0.18 5.11 11.65
N SER C 205 -0.34 3.79 11.64
CA SER C 205 0.38 2.97 10.69
C SER C 205 0.04 3.35 9.26
N ILE C 206 -1.24 3.66 9.00
CA ILE C 206 -1.64 4.13 7.68
C ILE C 206 -1.03 5.49 7.38
N ALA C 207 -1.01 6.38 8.38
CA ALA C 207 -0.42 7.70 8.18
C ALA C 207 1.04 7.58 7.79
N PHE C 208 1.77 6.65 8.41
CA PHE C 208 3.16 6.45 8.04
C PHE C 208 3.30 5.66 6.74
N LEU C 209 2.38 4.75 6.46
CA LEU C 209 2.42 4.05 5.17
C LEU C 209 2.17 5.01 4.02
N TYR C 210 1.15 5.86 4.15
CA TYR C 210 0.97 6.94 3.18
C TYR C 210 2.16 7.88 3.19
N GLY C 211 2.67 8.21 4.37
CA GLY C 211 3.80 9.12 4.47
C GLY C 211 5.06 8.58 3.82
N SER C 212 5.26 7.26 3.87
CA SER C 212 6.41 6.67 3.19
C SER C 212 6.30 6.85 1.68
N ALA C 213 5.11 6.68 1.12
CA ALA C 213 4.90 6.94 -0.29
C ALA C 213 5.11 8.41 -0.62
N VAL C 214 4.65 9.30 0.27
CA VAL C 214 4.84 10.73 0.05
C VAL C 214 6.33 11.07 0.06
N LEU C 215 7.07 10.55 1.05
CA LEU C 215 8.47 10.91 1.20
C LEU C 215 9.32 10.37 0.06
N PHE C 216 9.12 9.11 -0.32
CA PHE C 216 9.97 8.53 -1.36
C PHE C 216 9.68 9.16 -2.71
N ALA C 217 8.43 9.52 -2.98
CA ALA C 217 8.13 10.27 -4.19
C ALA C 217 8.77 11.65 -4.16
N MET C 218 8.70 12.32 -3.01
CA MET C 218 9.36 13.61 -2.86
C MET C 218 10.88 13.46 -2.95
N HIS C 219 11.44 12.50 -2.23
CA HIS C 219 12.90 12.37 -2.19
C HIS C 219 13.45 11.85 -3.51
N GLY C 220 12.82 10.81 -4.06
CA GLY C 220 13.26 10.32 -5.37
C GLY C 220 13.14 11.38 -6.44
N GLY C 221 12.03 12.13 -6.43
CA GLY C 221 11.89 13.22 -7.38
C GLY C 221 12.92 14.32 -7.18
N THR C 222 13.25 14.60 -5.91
CA THR C 222 14.25 15.61 -5.62
C THR C 222 15.61 15.20 -6.17
N VAL C 223 16.01 13.94 -5.97
CA VAL C 223 17.30 13.47 -6.45
C VAL C 223 17.32 13.44 -7.98
N LEU C 224 16.25 12.95 -8.60
CA LEU C 224 16.19 12.91 -10.06
C LEU C 224 16.22 14.31 -10.66
N ALA C 225 15.55 15.27 -10.01
CA ALA C 225 15.55 16.63 -10.52
C ALA C 225 16.92 17.30 -10.36
N THR C 226 17.78 16.76 -9.50
CA THR C 226 19.11 17.32 -9.29
C THR C 226 20.23 16.38 -9.71
N THR C 227 19.93 15.34 -10.49
CA THR C 227 20.99 14.50 -11.03
C THR C 227 21.89 15.29 -11.98
N ARG C 228 21.37 16.36 -12.57
CA ARG C 228 22.21 17.25 -13.37
C ARG C 228 23.31 17.90 -12.54
N PHE C 229 23.17 17.94 -11.21
CA PHE C 229 24.19 18.45 -10.32
C PHE C 229 24.87 17.34 -9.52
N GLY C 230 24.73 16.09 -9.94
CA GLY C 230 25.27 14.98 -9.17
C GLY C 230 24.57 14.78 -7.84
N GLY C 231 23.25 14.95 -7.80
CA GLY C 231 22.52 14.80 -6.56
C GLY C 231 22.42 13.39 -6.05
N GLU C 232 22.54 12.39 -6.93
CA GLU C 232 22.43 11.00 -6.50
C GLU C 232 23.66 10.51 -5.76
N ARG C 233 24.77 11.25 -5.82
CA ARG C 233 25.96 10.93 -5.02
C ARG C 233 25.77 11.51 -3.61
N GLU C 234 24.87 10.87 -2.86
CA GLU C 234 24.30 11.51 -1.69
C GLU C 234 25.29 11.60 -0.53
N VAL C 235 26.08 10.53 -0.31
CA VAL C 235 27.01 10.55 0.83
C VAL C 235 28.07 11.62 0.63
N GLU C 236 28.51 11.82 -0.62
CA GLU C 236 29.45 12.89 -0.90
C GLU C 236 28.81 14.26 -0.70
N GLN C 237 27.50 14.38 -0.99
CA GLN C 237 26.78 15.60 -0.67
C GLN C 237 26.65 15.80 0.84
N ILE C 238 26.59 14.71 1.60
CA ILE C 238 26.45 14.82 3.06
C ILE C 238 27.73 15.39 3.67
N THR C 239 28.88 14.87 3.27
CA THR C 239 30.14 15.26 3.89
C THR C 239 30.73 16.52 3.28
N ASP C 240 30.34 16.87 2.06
CA ASP C 240 30.83 18.10 1.41
C ASP C 240 29.69 18.63 0.55
N ARG C 241 28.89 19.52 1.10
CA ARG C 241 27.67 19.97 0.44
C ARG C 241 27.99 20.67 -0.87
N GLY C 242 27.27 20.28 -1.93
CA GLY C 242 27.39 20.90 -3.22
C GLY C 242 26.15 21.69 -3.60
N THR C 243 26.12 22.12 -4.86
CA THR C 243 24.98 22.86 -5.36
C THR C 243 23.73 21.98 -5.42
N ALA C 244 23.90 20.67 -5.64
CA ALA C 244 22.76 19.77 -5.63
C ALA C 244 22.06 19.78 -4.28
N GLY C 245 22.83 19.72 -3.20
CA GLY C 245 22.23 19.79 -1.87
C GLY C 245 21.57 21.13 -1.61
N GLU C 246 22.23 22.22 -2.01
CA GLU C 246 21.68 23.54 -1.75
C GLU C 246 20.38 23.76 -2.50
N ARG C 247 20.32 23.37 -3.77
CA ARG C 247 19.10 23.54 -4.54
C ARG C 247 17.97 22.66 -4.01
N ALA C 248 18.30 21.43 -3.62
CA ALA C 248 17.30 20.53 -3.05
C ALA C 248 16.72 21.12 -1.77
N MET C 249 17.58 21.66 -0.91
CA MET C 249 17.11 22.29 0.32
C MET C 249 16.28 23.54 0.03
N LEU C 250 16.69 24.32 -0.98
CA LEU C 250 15.98 25.56 -1.27
C LEU C 250 14.65 25.30 -1.97
N PHE C 251 14.58 24.24 -2.76
CA PHE C 251 13.31 23.90 -3.40
C PHE C 251 12.22 23.67 -2.37
N TRP C 252 12.54 22.88 -1.35
CA TRP C 252 11.54 22.55 -0.34
C TRP C 252 11.34 23.69 0.65
N ARG C 253 12.39 24.46 0.94
CA ARG C 253 12.22 25.62 1.80
C ARG C 253 11.32 26.67 1.14
N TRP C 254 11.52 26.93 -0.15
CA TRP C 254 10.67 27.88 -0.86
C TRP C 254 9.28 27.32 -1.11
N THR C 255 9.11 26.00 -1.06
CA THR C 255 7.81 25.41 -1.32
C THR C 255 6.94 25.38 -0.06
N MET C 256 7.47 24.87 1.05
CA MET C 256 6.67 24.65 2.24
C MET C 256 7.25 25.29 3.50
N GLY C 257 8.33 26.06 3.38
CA GLY C 257 8.83 26.84 4.50
C GLY C 257 9.89 26.17 5.35
N PHE C 258 10.17 24.89 5.13
CA PHE C 258 11.20 24.20 5.88
C PHE C 258 11.78 23.10 5.00
N ASN C 259 12.92 22.56 5.42
CA ASN C 259 13.64 21.60 4.60
C ASN C 259 14.49 20.69 5.47
N ALA C 260 14.93 19.59 4.88
CA ALA C 260 15.86 18.67 5.48
C ALA C 260 17.25 18.90 4.90
N THR C 261 18.17 17.99 5.20
CA THR C 261 19.46 17.92 4.53
C THR C 261 19.56 16.59 3.79
N PHE C 262 20.63 16.43 3.01
CA PHE C 262 20.80 15.18 2.28
C PHE C 262 21.00 14.00 3.23
N GLU C 263 21.45 14.25 4.46
CA GLU C 263 21.50 13.18 5.44
C GLU C 263 20.19 13.01 6.19
N SER C 264 19.58 14.12 6.63
CA SER C 264 18.41 14.03 7.49
C SER C 264 17.17 13.55 6.76
N ILE C 265 17.09 13.78 5.44
CA ILE C 265 15.95 13.26 4.67
C ILE C 265 15.91 11.74 4.77
N HIS C 266 17.07 11.10 4.77
CA HIS C 266 17.11 9.65 4.91
C HIS C 266 16.75 9.22 6.34
N ARG C 267 16.88 10.12 7.31
CA ARG C 267 16.36 9.84 8.64
C ARG C 267 14.84 9.95 8.68
N TRP C 268 14.28 10.94 7.98
CA TRP C 268 12.84 11.03 7.84
C TRP C 268 12.27 9.79 7.16
N GLY C 269 12.91 9.36 6.07
CA GLY C 269 12.46 8.17 5.37
C GLY C 269 12.63 6.92 6.20
N TRP C 270 13.74 6.82 6.93
CA TRP C 270 13.99 5.63 7.74
C TRP C 270 12.90 5.47 8.81
N TRP C 271 12.56 6.55 9.50
CA TRP C 271 11.60 6.46 10.58
C TRP C 271 10.17 6.26 10.07
N PHE C 272 9.83 6.90 8.95
CA PHE C 272 8.47 6.78 8.43
C PHE C 272 8.17 5.34 8.02
N ALA C 273 9.13 4.68 7.36
CA ALA C 273 8.94 3.27 7.03
C ALA C 273 8.94 2.40 8.28
N VAL C 274 9.85 2.67 9.22
CA VAL C 274 9.96 1.87 10.42
C VAL C 274 8.70 2.00 11.28
N LEU C 275 8.12 3.20 11.32
CA LEU C 275 6.95 3.41 12.18
C LEU C 275 5.70 2.74 11.61
N VAL C 276 5.73 2.34 10.34
CA VAL C 276 4.59 1.61 9.76
C VAL C 276 4.36 0.31 10.52
N THR C 277 5.43 -0.45 10.72
CA THR C 277 5.29 -1.76 11.34
C THR C 277 5.43 -1.68 12.86
N LEU C 278 6.09 -0.65 13.38
CA LEU C 278 6.17 -0.48 14.82
C LEU C 278 4.82 -0.11 15.41
N THR C 279 4.16 0.90 14.84
CA THR C 279 2.82 1.23 15.28
C THR C 279 1.83 0.16 14.88
N GLY C 280 2.03 -0.46 13.72
CA GLY C 280 1.17 -1.55 13.31
C GLY C 280 1.26 -2.75 14.25
N GLY C 281 2.48 -3.12 14.64
CA GLY C 281 2.63 -4.22 15.56
C GLY C 281 1.96 -3.96 16.90
N ILE C 282 2.10 -2.75 17.42
CA ILE C 282 1.48 -2.39 18.69
C ILE C 282 -0.03 -2.46 18.59
N GLY C 283 -0.58 -1.93 17.50
CA GLY C 283 -2.02 -1.96 17.31
C GLY C 283 -2.58 -3.36 17.26
N ILE C 284 -1.86 -4.28 16.61
CA ILE C 284 -2.29 -5.67 16.54
C ILE C 284 -2.24 -6.32 17.91
N LEU C 285 -1.23 -5.99 18.72
CA LEU C 285 -1.14 -6.59 20.04
C LEU C 285 -2.26 -6.09 20.97
N LEU C 286 -2.80 -4.91 20.71
CA LEU C 286 -3.85 -4.36 21.56
C LEU C 286 -5.22 -5.01 21.30
N THR C 287 -5.51 -5.39 20.07
CA THR C 287 -6.86 -5.81 19.72
C THR C 287 -7.13 -7.24 20.20
N GLY C 288 -8.22 -7.40 20.96
CA GLY C 288 -8.55 -8.66 21.58
C GLY C 288 -7.92 -8.86 22.95
N THR C 289 -6.85 -8.13 23.25
CA THR C 289 -6.19 -8.21 24.55
C THR C 289 -6.62 -7.12 25.51
N VAL C 290 -6.77 -5.88 25.05
CA VAL C 290 -7.20 -4.78 25.91
C VAL C 290 -8.35 -4.02 25.26
N VAL C 291 -8.64 -4.31 24.00
CA VAL C 291 -9.80 -3.77 23.31
C VAL C 291 -10.46 -4.89 22.53
N ASP C 292 -11.78 -5.03 22.68
CA ASP C 292 -12.53 -6.07 21.98
C ASP C 292 -13.35 -5.56 20.81
N ASN C 293 -13.75 -4.29 20.81
CA ASN C 293 -14.50 -3.71 19.70
C ASN C 293 -13.98 -2.28 19.50
N TRP C 294 -13.28 -2.06 18.40
CA TRP C 294 -12.60 -0.78 18.20
C TRP C 294 -13.59 0.35 17.94
N PHE C 295 -14.70 0.07 17.25
CA PHE C 295 -15.68 1.13 17.02
C PHE C 295 -16.32 1.57 18.33
N LEU C 296 -16.66 0.61 19.20
CA LEU C 296 -17.22 0.98 20.50
C LEU C 296 -16.17 1.67 21.36
N TRP C 297 -14.90 1.30 21.23
CA TRP C 297 -13.83 2.06 21.86
C TRP C 297 -13.76 3.47 21.29
N GLY C 298 -13.92 3.60 19.98
CA GLY C 298 -13.95 4.92 19.38
C GLY C 298 -15.11 5.76 19.86
N VAL C 299 -16.29 5.16 19.99
CA VAL C 299 -17.45 5.87 20.53
C VAL C 299 -17.17 6.33 21.95
N LYS C 300 -16.55 5.48 22.76
CA LYS C 300 -16.23 5.84 24.13
C LYS C 300 -15.29 7.03 24.20
N HIS C 301 -14.35 7.12 23.27
CA HIS C 301 -13.34 8.19 23.28
C HIS C 301 -13.66 9.31 22.31
N GLY C 302 -14.92 9.45 21.90
CA GLY C 302 -15.38 10.62 21.17
C GLY C 302 -14.76 10.84 19.81
N ILE C 303 -14.65 9.79 19.00
CA ILE C 303 -14.16 9.93 17.63
C ILE C 303 -15.13 9.37 16.60
N ALA C 304 -16.30 8.91 17.01
CA ALA C 304 -17.30 8.39 16.09
C ALA C 304 -18.16 9.56 15.60
N ALA C 305 -18.07 9.84 14.31
CA ALA C 305 -18.85 10.94 13.74
C ALA C 305 -20.35 10.63 13.87
N PRO C 306 -21.17 11.63 14.20
CA PRO C 306 -22.63 11.40 14.34
C PRO C 306 -23.37 11.40 13.01
N TRP C 307 -23.35 10.25 12.34
CA TRP C 307 -24.09 10.09 11.11
C TRP C 307 -25.59 10.05 11.39
N PRO C 308 -26.40 10.74 10.61
CA PRO C 308 -27.86 10.64 10.78
C PRO C 308 -28.36 9.25 10.42
N ASN C 309 -29.42 8.85 11.09
CA ASN C 309 -30.12 7.60 10.80
C ASN C 309 -31.37 7.92 10.01
N VAL C 310 -31.41 7.47 8.75
CA VAL C 310 -32.50 7.79 7.85
C VAL C 310 -33.58 6.71 7.85
N PHE C 311 -33.43 5.69 8.69
CA PHE C 311 -34.37 4.58 8.73
C PHE C 311 -35.20 4.63 10.01
N PRO C 312 -36.42 4.09 9.99
CA PRO C 312 -37.18 3.97 11.23
C PRO C 312 -36.47 3.05 12.21
N HIS C 313 -36.69 3.32 13.50
CA HIS C 313 -35.98 2.58 14.54
C HIS C 313 -36.35 1.10 14.50
N VAL C 314 -35.35 0.26 14.72
CA VAL C 314 -35.48 -1.19 14.64
C VAL C 314 -34.96 -1.79 15.94
N VAL C 315 -35.65 -2.82 16.42
CA VAL C 315 -35.29 -3.51 17.66
C VAL C 315 -34.74 -4.88 17.31
N ASP C 316 -33.64 -5.25 17.98
CA ASP C 316 -33.03 -6.57 17.84
C ASP C 316 -34.07 -7.65 18.04
N PRO C 317 -34.42 -8.39 16.98
CA PRO C 317 -35.49 -9.40 17.12
C PRO C 317 -35.12 -10.55 18.04
N ALA C 318 -33.83 -10.75 18.34
CA ALA C 318 -33.44 -11.83 19.25
C ALA C 318 -33.84 -11.54 20.69
N LEU C 319 -33.99 -10.26 21.04
CA LEU C 319 -34.36 -9.91 22.42
C LEU C 319 -35.80 -10.29 22.72
N LEU C 320 -36.71 -10.05 21.78
CA LEU C 320 -38.13 -10.28 22.02
C LEU C 320 -38.53 -11.74 21.87
N ALA C 321 -37.68 -12.59 21.29
CA ALA C 321 -38.01 -13.98 21.08
C ALA C 321 -38.06 -14.74 22.40
N MET D 1 -16.93 -7.42 33.62
CA MET D 1 -15.82 -7.81 32.75
C MET D 1 -15.32 -6.63 31.93
N GLU D 2 -14.33 -5.92 32.46
CA GLU D 2 -13.70 -4.78 31.79
C GLU D 2 -12.19 -4.98 31.86
N ILE D 3 -11.66 -5.72 30.89
CA ILE D 3 -10.22 -5.93 30.82
C ILE D 3 -9.58 -4.76 30.09
N GLY D 4 -8.52 -4.21 30.68
CA GLY D 4 -7.83 -3.08 30.12
C GLY D 4 -8.24 -1.72 30.67
N ALA D 5 -9.13 -1.69 31.65
CA ALA D 5 -9.60 -0.43 32.21
C ALA D 5 -8.65 0.03 33.31
N ILE D 6 -8.21 1.28 33.23
CA ILE D 6 -7.42 1.89 34.29
C ILE D 6 -8.30 2.68 35.24
N THR D 7 -9.14 3.55 34.69
CA THR D 7 -10.22 4.19 35.43
C THR D 7 -11.51 3.91 34.68
N GLN D 8 -12.61 4.58 35.07
CA GLN D 8 -13.86 4.38 34.36
C GLN D 8 -13.81 4.88 32.92
N GLN D 9 -12.92 5.81 32.61
CA GLN D 9 -12.82 6.39 31.28
C GLN D 9 -11.49 6.15 30.59
N ILE D 10 -10.41 5.99 31.34
CA ILE D 10 -9.09 5.76 30.77
C ILE D 10 -8.82 4.26 30.71
N ASP D 11 -8.45 3.76 29.53
CA ASP D 11 -8.12 2.36 29.34
C ASP D 11 -6.69 2.22 28.83
N ALA D 12 -6.24 0.97 28.75
CA ALA D 12 -4.83 0.71 28.44
C ALA D 12 -4.47 1.18 27.04
N ALA D 13 -5.33 0.94 26.06
CA ALA D 13 -5.01 1.33 24.68
C ALA D 13 -4.84 2.84 24.57
N GLN D 14 -5.66 3.60 25.30
CA GLN D 14 -5.52 5.04 25.32
C GLN D 14 -4.17 5.47 25.88
N LEU D 15 -3.73 4.83 26.97
CA LEU D 15 -2.44 5.18 27.57
C LEU D 15 -1.29 4.87 26.64
N VAL D 16 -1.34 3.73 25.94
CA VAL D 16 -0.29 3.40 24.99
C VAL D 16 -0.26 4.42 23.86
N LEU D 17 -1.42 4.92 23.46
CA LEU D 17 -1.47 5.92 22.39
C LEU D 17 -0.81 7.22 22.82
N TYR D 18 -1.08 7.68 24.03
CA TYR D 18 -0.45 8.91 24.50
C TYR D 18 1.05 8.72 24.73
N THR D 19 1.47 7.51 25.07
CA THR D 19 2.89 7.21 25.14
C THR D 19 3.55 7.38 23.78
N PHE D 20 2.87 6.95 22.71
CA PHE D 20 3.41 7.15 21.37
C PHE D 20 3.47 8.62 21.00
N TRP D 21 2.45 9.40 21.39
CA TRP D 21 2.45 10.82 21.06
C TRP D 21 3.65 11.53 21.67
N LEU D 22 4.00 11.18 22.91
CA LEU D 22 5.18 11.77 23.53
C LEU D 22 6.44 11.37 22.78
N PHE D 23 6.56 10.10 22.39
CA PHE D 23 7.70 9.67 21.61
C PHE D 23 7.74 10.35 20.25
N PHE D 24 6.58 10.46 19.59
CA PHE D 24 6.55 11.05 18.26
C PHE D 24 6.90 12.54 18.31
N ALA D 25 6.44 13.24 19.35
CA ALA D 25 6.85 14.62 19.53
C ALA D 25 8.35 14.74 19.69
N GLY D 26 8.96 13.83 20.45
CA GLY D 26 10.41 13.84 20.59
C GLY D 26 11.11 13.51 19.29
N LEU D 27 10.54 12.58 18.52
CA LEU D 27 11.14 12.20 17.24
C LEU D 27 11.14 13.36 16.26
N ILE D 28 10.02 14.10 16.18
CA ILE D 28 9.96 15.25 15.28
C ILE D 28 10.96 16.32 15.71
N ILE D 29 11.11 16.52 17.02
CA ILE D 29 12.12 17.44 17.52
C ILE D 29 13.52 16.98 17.09
N TYR D 30 13.81 15.69 17.26
CA TYR D 30 15.10 15.16 16.86
C TYR D 30 15.32 15.33 15.35
N LEU D 31 14.31 15.01 14.55
CA LEU D 31 14.45 15.11 13.11
C LEU D 31 14.65 16.54 12.66
N ARG D 32 13.91 17.48 13.27
CA ARG D 32 14.05 18.88 12.90
C ARG D 32 15.41 19.43 13.29
N MET D 33 15.96 18.97 14.42
CA MET D 33 17.31 19.38 14.79
C MET D 33 18.33 18.85 13.78
N GLU D 34 18.17 17.60 13.33
CA GLU D 34 19.08 17.05 12.33
C GLU D 34 18.96 17.81 11.01
N ASP D 35 17.79 18.36 10.72
CA ASP D 35 17.61 19.15 9.51
C ASP D 35 18.46 20.42 9.53
N LYS D 36 18.87 20.88 10.72
CA LYS D 36 19.57 22.14 10.88
C LYS D 36 21.09 21.98 10.93
N ARG D 37 21.64 20.92 10.35
CA ARG D 37 23.08 20.77 10.30
C ARG D 37 23.71 21.41 9.06
N GLU D 38 22.89 21.98 8.17
CA GLU D 38 23.39 22.71 7.01
C GLU D 38 22.59 23.99 6.85
N GLY D 39 23.29 25.09 6.60
CA GLY D 39 22.64 26.36 6.30
C GLY D 39 22.18 27.15 7.50
N TYR D 40 22.41 26.69 8.71
CA TYR D 40 22.01 27.39 9.92
C TYR D 40 23.24 27.87 10.69
N PRO D 41 23.14 28.98 11.42
CA PRO D 41 21.96 29.83 11.65
C PRO D 41 21.60 30.66 10.43
N LEU D 42 20.33 31.07 10.33
CA LEU D 42 19.87 31.82 9.18
C LEU D 42 20.43 33.23 9.19
N VAL D 43 20.65 33.78 8.00
CA VAL D 43 21.12 35.15 7.83
C VAL D 43 19.93 36.04 7.53
N THR D 44 19.96 37.27 8.01
CA THR D 44 18.90 38.24 7.81
C THR D 44 19.45 39.47 7.08
N GLU D 45 18.61 40.49 6.95
CA GLU D 45 19.05 41.76 6.39
C GLU D 45 19.64 42.66 7.48
N ILE D 46 20.53 42.09 8.26
CA ILE D 46 21.25 42.76 9.35
C ILE D 46 22.66 42.17 9.34
N PRO D 47 23.70 42.98 9.49
CA PRO D 47 25.07 42.43 9.37
C PRO D 47 25.41 41.34 10.37
N GLY D 48 24.84 41.36 11.57
CA GLY D 48 25.22 40.37 12.57
C GLY D 48 24.09 39.74 13.34
N LYS D 49 22.92 39.59 12.72
CA LYS D 49 21.77 38.97 13.35
C LYS D 49 21.54 37.60 12.72
N PHE D 50 21.55 36.56 13.54
CA PHE D 50 21.38 35.20 13.08
C PHE D 50 20.23 34.55 13.85
N LEU D 51 19.44 33.74 13.15
CA LEU D 51 18.32 33.02 13.73
C LEU D 51 18.59 31.52 13.61
N GLU D 52 18.39 30.80 14.72
CA GLU D 52 18.49 29.36 14.69
C GLU D 52 17.14 28.66 14.70
N GLY D 53 16.05 29.39 14.91
CA GLY D 53 14.72 28.82 14.89
C GLY D 53 14.50 27.86 16.05
N PHE D 54 13.34 27.20 16.00
CA PHE D 54 13.02 26.15 16.94
C PHE D 54 12.70 24.87 16.18
N PRO D 55 13.26 23.73 16.59
CA PRO D 55 14.18 23.52 17.72
C PRO D 55 15.57 24.07 17.42
N PRO D 56 16.41 24.25 18.44
CA PRO D 56 17.74 24.84 18.19
C PRO D 56 18.63 23.92 17.38
N MET D 57 19.77 24.46 16.98
CA MET D 57 20.75 23.68 16.24
C MET D 57 21.35 22.60 17.12
N PRO D 58 21.65 21.44 16.55
CA PRO D 58 22.18 20.33 17.35
C PRO D 58 23.66 20.50 17.64
N ALA D 59 24.15 19.63 18.52
CA ALA D 59 25.57 19.58 18.82
C ALA D 59 26.35 19.10 17.59
N PRO D 60 27.60 19.56 17.43
CA PRO D 60 28.36 19.20 16.23
C PRO D 60 28.64 17.71 16.14
N LYS D 61 28.71 17.22 14.91
CA LYS D 61 29.13 15.86 14.60
C LYS D 61 30.26 15.92 13.57
N THR D 62 31.12 14.91 13.59
CA THR D 62 32.31 14.89 12.75
C THR D 62 32.27 13.71 11.80
N PHE D 63 32.55 13.96 10.53
CA PHE D 63 32.74 12.90 9.53
C PHE D 63 34.22 12.74 9.25
N ILE D 64 34.69 11.50 9.25
CA ILE D 64 36.06 11.17 8.86
C ILE D 64 36.05 10.76 7.40
N LEU D 65 36.88 11.41 6.60
CA LEU D 65 36.92 11.17 5.16
C LEU D 65 38.12 10.31 4.79
N THR D 66 38.02 9.68 3.62
CA THR D 66 39.04 8.76 3.14
C THR D 66 40.23 9.50 2.57
N HIS D 67 41.37 8.81 2.55
CA HIS D 67 42.58 9.25 1.83
C HIS D 67 43.05 10.63 2.27
N ASN D 68 42.97 10.90 3.57
CA ASN D 68 43.59 12.07 4.19
C ASN D 68 43.14 13.37 3.53
N GLN D 69 41.84 13.47 3.25
CA GLN D 69 41.26 14.73 2.79
C GLN D 69 40.54 15.46 3.92
N GLY D 70 40.75 15.05 5.16
CA GLY D 70 40.41 15.85 6.31
C GLY D 70 39.18 15.34 7.04
N THR D 71 38.74 16.17 7.99
CA THR D 71 37.59 15.91 8.84
C THR D 71 36.58 17.03 8.63
N VAL D 72 35.30 16.69 8.61
CA VAL D 72 34.23 17.65 8.40
C VAL D 72 33.33 17.64 9.62
N THR D 73 33.11 18.82 10.19
CA THR D 73 32.27 18.97 11.38
C THR D 73 31.03 19.77 11.00
N VAL D 74 29.86 19.18 11.24
CA VAL D 74 28.59 19.86 10.95
C VAL D 74 27.71 19.84 12.20
N PRO D 75 27.05 20.95 12.53
CA PRO D 75 27.05 22.24 11.83
C PRO D 75 28.39 22.96 11.96
N ARG D 76 28.83 23.61 10.90
CA ARG D 76 30.12 24.30 10.91
C ARG D 76 30.05 25.54 11.79
N ALA D 77 31.05 25.71 12.66
CA ALA D 77 31.11 26.91 13.48
C ALA D 77 31.28 28.16 12.61
N VAL D 78 32.16 28.10 11.63
CA VAL D 78 32.32 29.14 10.61
C VAL D 78 31.86 28.56 9.28
N PRO D 79 30.78 29.05 8.70
CA PRO D 79 30.28 28.47 7.46
C PRO D 79 31.25 28.71 6.30
N ARG D 80 31.12 27.85 5.30
CA ARG D 80 31.96 27.97 4.11
C ARG D 80 31.73 29.31 3.43
N ALA D 81 32.80 29.87 2.87
CA ALA D 81 32.69 31.11 2.12
C ALA D 81 31.80 30.90 0.90
N GLU D 82 31.04 31.93 0.56
CA GLU D 82 30.20 31.91 -0.63
C GLU D 82 30.95 32.48 -1.82
N ILE D 83 30.53 32.06 -3.02
CA ILE D 83 31.11 32.62 -4.23
C ILE D 83 30.72 34.09 -4.35
N GLU D 84 31.50 34.82 -5.13
CA GLU D 84 31.27 36.25 -5.34
C GLU D 84 30.30 36.42 -6.50
N TYR D 85 29.02 36.21 -6.20
CA TYR D 85 28.00 36.30 -7.24
C TYR D 85 27.74 37.76 -7.62
N LYS D 86 27.36 37.97 -8.87
CA LYS D 86 27.18 39.30 -9.44
C LYS D 86 25.71 39.46 -9.83
N ALA D 87 24.94 40.15 -8.99
CA ALA D 87 23.53 40.38 -9.25
C ALA D 87 23.12 41.72 -8.66
N GLU D 88 22.09 42.32 -9.24
CA GLU D 88 21.55 43.57 -8.76
C GLU D 88 20.15 43.36 -8.20
N PRO D 89 19.88 43.75 -6.96
CA PRO D 89 18.56 43.54 -6.39
C PRO D 89 17.49 44.27 -7.18
N CYS D 90 16.33 43.64 -7.32
CA CYS D 90 15.20 44.27 -8.00
C CYS D 90 14.45 45.25 -7.10
N ALA D 91 14.68 45.19 -5.80
CA ALA D 91 14.07 46.10 -4.84
C ALA D 91 14.87 46.05 -3.55
N ALA D 92 14.58 47.00 -2.66
CA ALA D 92 15.33 47.11 -1.42
C ALA D 92 14.71 46.34 -0.26
N TRP D 93 13.39 46.13 -0.28
CA TRP D 93 12.75 45.46 0.83
C TRP D 93 13.12 43.98 0.87
N PRO D 94 13.07 43.36 2.05
CA PRO D 94 13.36 41.93 2.14
C PRO D 94 12.35 41.10 1.36
N GLY D 95 12.83 39.99 0.81
CA GLY D 95 12.01 39.11 0.00
C GLY D 95 12.02 39.40 -1.48
N ALA D 96 12.66 40.50 -1.91
CA ALA D 96 12.73 40.82 -3.31
C ALA D 96 13.83 40.00 -4.00
N PRO D 97 13.63 39.66 -5.27
CA PRO D 97 14.66 38.94 -6.02
C PRO D 97 15.71 39.90 -6.56
N HIS D 98 16.74 39.33 -7.17
CA HIS D 98 17.78 40.10 -7.83
C HIS D 98 17.92 39.65 -9.27
N GLU D 99 18.55 40.50 -10.08
CA GLU D 99 18.77 40.22 -11.49
C GLU D 99 20.25 40.01 -11.74
N PRO D 100 20.66 38.86 -12.30
CA PRO D 100 22.08 38.67 -12.60
C PRO D 100 22.57 39.66 -13.65
N VAL D 101 23.84 40.03 -13.53
CA VAL D 101 24.44 41.01 -14.41
C VAL D 101 25.38 40.31 -15.39
N GLY D 102 25.87 41.07 -16.36
CA GLY D 102 26.81 40.56 -17.33
C GLY D 102 26.12 40.07 -18.59
N PRO D 103 26.83 40.16 -19.73
CA PRO D 103 26.25 39.64 -20.98
C PRO D 103 25.97 38.15 -20.94
N ASN D 104 26.78 37.38 -20.23
CA ASN D 104 26.57 35.94 -20.05
C ASN D 104 26.13 35.72 -18.61
N LYS D 105 24.83 35.61 -18.40
CA LYS D 105 24.29 35.40 -17.07
C LYS D 105 24.67 34.06 -16.48
N MET D 106 25.00 33.07 -17.32
CA MET D 106 25.44 31.78 -16.83
C MET D 106 26.77 31.85 -16.09
N LEU D 107 27.52 32.94 -16.27
CA LEU D 107 28.78 33.15 -15.57
C LEU D 107 28.64 34.11 -14.39
N SER D 108 27.44 34.61 -14.11
CA SER D 108 27.29 35.60 -13.05
C SER D 108 27.45 34.99 -11.66
N GLY D 109 27.16 33.70 -11.51
CA GLY D 109 27.13 33.08 -10.21
C GLY D 109 25.85 33.30 -9.44
N ALA D 110 24.86 33.95 -10.04
CA ALA D 110 23.58 34.20 -9.39
C ALA D 110 22.52 33.25 -9.95
N GLY D 111 21.47 33.07 -9.17
CA GLY D 111 20.39 32.18 -9.54
C GLY D 111 20.87 30.76 -9.75
N PRO D 112 20.38 30.11 -10.81
CA PRO D 112 20.81 28.74 -11.11
C PRO D 112 22.27 28.63 -11.56
N SER D 113 22.96 29.75 -11.82
CA SER D 113 24.36 29.69 -12.16
C SER D 113 25.27 29.69 -10.94
N GLY D 114 24.71 29.81 -9.74
CA GLY D 114 25.51 29.70 -8.55
C GLY D 114 25.94 28.27 -8.27
N TYR D 115 27.00 28.15 -7.48
CA TYR D 115 27.55 26.85 -7.14
C TYR D 115 28.26 26.95 -5.80
N ALA D 116 28.54 25.79 -5.22
CA ALA D 116 29.18 25.72 -3.91
C ALA D 116 30.69 25.58 -4.06
N LEU D 117 31.41 26.16 -3.11
CA LEU D 117 32.87 26.05 -3.07
C LEU D 117 33.23 24.73 -2.38
N ARG D 118 33.16 23.66 -3.16
CA ARG D 118 33.45 22.33 -2.65
C ARG D 118 34.97 22.15 -2.57
N PHE D 119 35.41 20.94 -2.28
CA PHE D 119 36.83 20.64 -2.26
C PHE D 119 37.45 20.92 -3.63
N ASP D 120 38.63 21.52 -3.63
CA ASP D 120 39.35 21.81 -4.86
C ASP D 120 40.27 20.67 -5.29
N THR D 121 39.91 19.44 -4.91
CA THR D 121 40.65 18.23 -5.25
C THR D 121 39.68 17.22 -5.84
N PRO D 122 40.18 16.33 -6.70
CA PRO D 122 39.30 15.30 -7.26
C PRO D 122 38.76 14.36 -6.19
N GLU D 123 37.55 13.88 -6.41
CA GLU D 123 37.00 12.85 -5.55
C GLU D 123 37.78 11.56 -5.76
N PRO D 124 38.33 10.96 -4.71
CA PRO D 124 39.10 9.73 -4.88
C PRO D 124 38.23 8.47 -4.73
N THR D 125 38.72 7.40 -5.35
CA THR D 125 38.12 6.10 -5.12
C THR D 125 38.46 5.61 -3.71
N PHE D 126 37.63 4.70 -3.19
CA PHE D 126 37.87 4.20 -1.85
C PHE D 126 39.07 3.28 -1.79
N ASP D 127 39.19 2.36 -2.76
CA ASP D 127 40.29 1.39 -2.73
C ASP D 127 41.64 2.07 -2.90
N THR D 128 41.73 3.03 -3.81
CA THR D 128 42.97 3.76 -4.05
C THR D 128 42.63 5.24 -4.20
N GLY D 129 43.59 6.09 -3.86
CA GLY D 129 43.39 7.52 -3.95
C GLY D 129 43.27 8.04 -5.37
N VAL D 130 43.15 7.13 -6.32
CA VAL D 130 43.03 7.48 -7.74
C VAL D 130 41.77 8.31 -7.94
N PRO D 131 41.79 9.34 -8.80
CA PRO D 131 40.58 10.13 -9.03
C PRO D 131 39.42 9.26 -9.51
N ARG D 132 38.24 9.53 -8.96
CA ARG D 132 37.07 8.71 -9.26
C ARG D 132 36.59 8.90 -10.69
N MET D 133 36.61 10.13 -11.19
CA MET D 133 36.18 10.43 -12.55
C MET D 133 37.40 10.58 -13.45
N ALA D 134 37.43 9.80 -14.53
CA ALA D 134 38.58 9.80 -15.42
C ALA D 134 38.10 9.66 -16.86
N PRO D 135 38.79 10.29 -17.81
CA PRO D 135 38.46 10.07 -19.22
C PRO D 135 38.78 8.64 -19.63
N MET D 136 38.00 8.14 -20.59
CA MET D 136 38.18 6.76 -21.02
C MET D 136 39.53 6.53 -21.70
N ARG D 137 40.19 7.58 -22.17
CA ARG D 137 41.57 7.45 -22.64
C ARG D 137 42.52 7.13 -21.50
N VAL D 138 42.18 7.49 -20.26
CA VAL D 138 42.97 7.11 -19.11
C VAL D 138 42.44 5.83 -18.47
N ALA D 139 41.12 5.74 -18.28
CA ALA D 139 40.47 4.53 -17.76
C ALA D 139 40.21 3.57 -18.92
N THR D 140 41.30 2.98 -19.41
CA THR D 140 41.22 2.08 -20.56
C THR D 140 40.52 0.77 -20.25
N ASP D 141 40.29 0.46 -18.97
CA ASP D 141 39.55 -0.74 -18.62
C ASP D 141 38.05 -0.59 -18.79
N HIS D 142 37.56 0.60 -19.15
CA HIS D 142 36.16 0.83 -19.44
C HIS D 142 35.99 1.02 -20.95
N VAL D 143 35.03 0.30 -21.53
CA VAL D 143 34.69 0.44 -22.94
C VAL D 143 33.18 0.55 -23.06
N PHE D 144 32.72 1.20 -24.13
CA PHE D 144 31.30 1.34 -24.35
C PHE D 144 30.65 -0.01 -24.63
N ASP D 145 29.50 -0.24 -24.01
CA ASP D 145 28.73 -1.45 -24.27
C ASP D 145 28.13 -1.41 -25.67
N GLU D 146 28.10 -2.57 -26.31
CA GLU D 146 27.38 -2.71 -27.57
C GLU D 146 25.88 -2.57 -27.31
N ASP D 147 25.09 -2.66 -28.39
CA ASP D 147 23.64 -2.48 -28.37
C ASP D 147 23.23 -1.23 -27.57
N GLY D 148 24.13 -0.26 -27.51
CA GLY D 148 23.87 1.04 -26.95
C GLY D 148 24.63 2.08 -27.74
N PRO D 149 24.18 3.33 -27.70
CA PRO D 149 24.84 4.38 -28.49
C PRO D 149 26.28 4.61 -28.07
N ASN D 150 27.11 4.95 -29.05
CA ASN D 150 28.49 5.36 -28.81
C ASN D 150 28.63 6.81 -29.23
N PRO D 151 28.65 7.75 -28.29
CA PRO D 151 28.61 9.17 -28.66
C PRO D 151 29.93 9.75 -29.17
N ILE D 152 31.00 8.96 -29.21
CA ILE D 152 32.29 9.48 -29.64
C ILE D 152 32.22 9.83 -31.12
N GLY D 153 32.63 11.05 -31.45
CA GLY D 153 32.57 11.55 -32.81
C GLY D 153 31.29 12.27 -33.17
N TYR D 154 30.31 12.32 -32.27
CA TYR D 154 29.07 13.02 -32.54
C TYR D 154 29.28 14.53 -32.46
N ASP D 155 28.39 15.27 -33.13
CA ASP D 155 28.39 16.71 -33.03
C ASP D 155 27.65 17.17 -31.78
N LEU D 156 28.19 18.19 -31.12
CA LEU D 156 27.52 18.81 -29.98
C LEU D 156 26.70 20.00 -30.49
N VAL D 157 25.39 19.94 -30.28
CA VAL D 157 24.47 20.92 -30.86
C VAL D 157 23.67 21.57 -29.74
N GLY D 158 23.58 22.91 -29.79
CA GLY D 158 22.72 23.64 -28.89
C GLY D 158 21.26 23.54 -29.30
N PHE D 159 20.40 24.10 -28.45
CA PHE D 159 18.97 24.02 -28.75
C PHE D 159 18.56 24.91 -29.91
N ASP D 160 19.45 25.80 -30.37
CA ASP D 160 19.19 26.63 -31.54
C ASP D 160 19.70 26.01 -32.83
N GLY D 161 20.21 24.78 -32.77
CA GLY D 161 20.68 24.09 -33.94
C GLY D 161 22.09 24.40 -34.38
N ILE D 162 22.82 25.21 -33.63
CA ILE D 162 24.18 25.59 -33.98
C ILE D 162 25.15 24.56 -33.40
N VAL D 163 26.00 24.00 -34.25
CA VAL D 163 26.98 23.01 -33.83
C VAL D 163 28.12 23.73 -33.12
N ALA D 164 28.39 23.34 -31.88
CA ALA D 164 29.44 23.95 -31.08
C ALA D 164 30.75 23.18 -31.12
N GLY D 165 30.72 21.89 -31.45
CA GLY D 165 31.93 21.10 -31.45
C GLY D 165 31.61 19.63 -31.64
N LYS D 166 32.64 18.81 -31.46
CA LYS D 166 32.52 17.36 -31.62
C LYS D 166 32.90 16.66 -30.32
N ILE D 167 32.21 15.57 -30.03
CA ILE D 167 32.49 14.77 -28.84
C ILE D 167 33.75 13.94 -29.10
N THR D 168 34.74 14.08 -28.21
CA THR D 168 36.02 13.42 -28.37
C THR D 168 36.23 12.26 -27.41
N ASP D 169 35.75 12.37 -26.17
CA ASP D 169 35.95 11.32 -25.18
C ASP D 169 34.85 11.38 -24.14
N ALA D 170 34.73 10.32 -23.37
CA ALA D 170 33.75 10.22 -22.30
C ALA D 170 34.46 10.01 -20.97
N TRP D 171 33.92 10.62 -19.92
CA TRP D 171 34.45 10.48 -18.58
C TRP D 171 33.57 9.53 -17.79
N VAL D 172 34.19 8.52 -17.18
CA VAL D 172 33.46 7.48 -16.48
C VAL D 172 33.70 7.60 -14.99
N ASP D 173 32.77 7.06 -14.22
CA ASP D 173 32.88 6.94 -12.77
C ASP D 173 33.51 5.59 -12.47
N ARG D 174 34.74 5.60 -11.97
CA ARG D 174 35.46 4.35 -11.71
C ARG D 174 34.84 3.52 -10.59
N GLU D 175 33.95 4.11 -9.79
CA GLU D 175 33.28 3.35 -8.73
C GLU D 175 32.02 2.66 -9.23
N GLU D 176 31.20 3.36 -10.00
CA GLU D 176 29.91 2.83 -10.44
C GLU D 176 29.90 2.40 -11.90
N SER D 177 31.01 2.60 -12.63
CA SER D 177 31.15 2.20 -14.03
C SER D 177 30.00 2.76 -14.88
N LEU D 178 29.92 4.09 -14.91
CA LEU D 178 28.93 4.76 -15.74
C LEU D 178 29.51 6.08 -16.24
N VAL D 179 28.92 6.57 -17.32
CA VAL D 179 29.36 7.82 -17.94
C VAL D 179 28.76 9.00 -17.17
N ARG D 180 29.61 9.95 -16.80
CA ARG D 180 29.16 11.17 -16.14
C ARG D 180 29.39 12.43 -16.95
N TYR D 181 30.40 12.44 -17.82
CA TYR D 181 30.68 13.61 -18.64
C TYR D 181 31.10 13.17 -20.04
N LEU D 182 30.70 13.97 -21.03
CA LEU D 182 31.20 13.86 -22.38
C LEU D 182 32.14 15.03 -22.64
N GLU D 183 33.35 14.73 -23.12
CA GLU D 183 34.30 15.77 -23.43
C GLU D 183 34.17 16.14 -24.90
N ALA D 184 34.03 17.44 -25.17
CA ALA D 184 33.79 17.95 -26.51
C ALA D 184 34.89 18.91 -26.91
N LYS D 185 35.37 18.76 -28.14
CA LYS D 185 36.34 19.68 -28.73
C LYS D 185 35.55 20.78 -29.43
N LEU D 186 35.58 21.99 -28.88
CA LEU D 186 34.81 23.09 -29.43
C LEU D 186 35.54 23.71 -30.62
N THR D 187 34.80 24.52 -31.38
CA THR D 187 35.34 25.14 -32.58
C THR D 187 36.42 26.17 -32.27
N ASN D 188 36.52 26.63 -31.02
CA ASN D 188 37.61 27.48 -30.59
C ASN D 188 38.73 26.71 -29.92
N ASP D 189 38.72 25.38 -30.03
CA ASP D 189 39.75 24.51 -29.45
C ASP D 189 39.84 24.69 -27.94
N LYS D 190 38.74 24.35 -27.27
CA LYS D 190 38.58 24.62 -25.85
C LYS D 190 38.54 23.36 -24.98
N SER D 191 37.94 22.27 -25.46
CA SER D 191 37.89 20.99 -24.76
C SER D 191 37.21 21.12 -23.39
N ILE D 192 35.91 21.34 -23.45
CA ILE D 192 35.09 21.47 -22.25
C ILE D 192 34.43 20.13 -21.93
N LEU D 193 33.89 20.01 -20.73
CA LEU D 193 33.11 18.86 -20.31
C LEU D 193 31.63 19.21 -20.30
N VAL D 194 30.79 18.29 -20.77
CA VAL D 194 29.35 18.50 -20.73
C VAL D 194 28.73 17.44 -19.83
N PRO D 195 27.78 17.80 -18.97
CA PRO D 195 27.18 16.81 -18.08
C PRO D 195 26.32 15.82 -18.86
N MET D 196 26.53 14.54 -18.58
CA MET D 196 25.69 13.51 -19.18
C MET D 196 24.20 13.67 -18.85
N PRO D 197 23.80 14.01 -17.62
CA PRO D 197 22.36 14.20 -17.35
C PRO D 197 21.73 15.32 -18.16
N LEU D 198 22.52 16.22 -18.74
CA LEU D 198 21.98 17.31 -19.55
C LEU D 198 22.24 17.10 -21.04
N SER D 199 22.58 15.88 -21.44
CA SER D 199 22.89 15.56 -22.84
C SER D 199 21.90 14.53 -23.35
N ARG D 200 21.34 14.80 -24.53
CA ARG D 200 20.47 13.84 -25.22
C ARG D 200 21.24 13.27 -26.39
N VAL D 201 21.61 11.99 -26.29
CA VAL D 201 22.38 11.32 -27.33
C VAL D 201 21.39 10.82 -28.38
N LYS D 202 21.36 11.49 -29.52
CA LYS D 202 20.55 11.08 -30.67
C LYS D 202 21.47 10.30 -31.61
N ASP D 203 21.48 8.98 -31.44
CA ASP D 203 22.36 8.15 -32.26
C ASP D 203 21.85 8.02 -33.69
N SER D 204 20.61 8.42 -33.97
CA SER D 204 20.12 8.37 -35.34
C SER D 204 20.80 9.41 -36.22
N THR D 205 20.99 10.63 -35.72
CA THR D 205 21.63 11.69 -36.47
C THR D 205 23.08 11.92 -36.05
N GLY D 206 23.58 11.17 -35.08
CA GLY D 206 24.94 11.37 -34.61
C GLY D 206 25.18 12.71 -33.94
N GLN D 207 24.24 13.14 -33.09
CA GLN D 207 24.32 14.44 -32.44
C GLN D 207 24.07 14.28 -30.95
N VAL D 208 24.71 15.15 -30.17
CA VAL D 208 24.44 15.28 -28.74
C VAL D 208 23.72 16.60 -28.56
N LEU D 209 22.45 16.55 -28.16
CA LEU D 209 21.60 17.73 -28.12
C LEU D 209 21.65 18.36 -26.73
N LEU D 210 21.86 19.67 -26.70
CA LEU D 210 21.82 20.46 -25.47
C LEU D 210 20.56 21.32 -25.51
N ALA D 211 19.62 21.04 -24.62
CA ALA D 211 18.42 21.85 -24.50
C ALA D 211 18.63 23.09 -23.64
N SER D 212 19.78 23.22 -23.00
CA SER D 212 20.02 24.28 -22.04
C SER D 212 20.78 25.47 -22.59
N LEU D 213 21.64 25.27 -23.59
CA LEU D 213 22.48 26.34 -24.11
C LEU D 213 22.37 26.43 -25.62
N LYS D 214 22.52 27.65 -26.12
CA LYS D 214 22.73 27.84 -27.55
C LYS D 214 24.14 27.42 -27.92
N GLY D 215 24.36 27.25 -29.23
CA GLY D 215 25.66 26.81 -29.69
C GLY D 215 26.79 27.75 -29.29
N GLU D 216 26.54 29.06 -29.38
CA GLU D 216 27.58 30.03 -29.05
C GLU D 216 27.84 30.11 -27.55
N GLN D 217 26.84 29.82 -26.72
CA GLN D 217 27.03 29.86 -25.28
C GLN D 217 27.84 28.68 -24.78
N VAL D 218 27.86 27.57 -25.52
CA VAL D 218 28.69 26.43 -25.17
C VAL D 218 30.17 26.81 -25.19
N LEU D 219 30.54 27.73 -26.08
CA LEU D 219 31.94 28.11 -26.26
C LEU D 219 32.54 28.82 -25.04
N GLU D 220 31.71 29.26 -24.09
CA GLU D 220 32.19 29.93 -22.90
C GLU D 220 32.11 29.06 -21.65
N ALA D 221 31.90 27.76 -21.83
CA ALA D 221 31.75 26.85 -20.69
C ALA D 221 33.08 26.68 -19.95
N PRO D 222 33.03 26.35 -18.67
CA PRO D 222 34.27 26.22 -17.90
C PRO D 222 35.18 25.12 -18.44
N THR D 223 36.49 25.34 -18.30
CA THR D 223 37.50 24.38 -18.68
C THR D 223 38.23 23.86 -17.45
N LEU D 224 38.74 22.63 -17.56
CA LEU D 224 39.41 21.98 -16.45
C LEU D 224 40.78 22.60 -16.20
N ALA D 225 41.18 22.62 -14.92
CA ALA D 225 42.51 23.09 -14.57
C ALA D 225 43.59 22.22 -15.21
N ASN D 226 43.42 20.91 -15.15
CA ASN D 226 44.28 19.98 -15.87
C ASN D 226 43.41 18.95 -16.58
N PRO D 227 43.84 18.47 -17.76
CA PRO D 227 42.91 17.79 -18.66
C PRO D 227 42.53 16.37 -18.27
N ASP D 228 43.16 15.77 -17.26
CA ASP D 228 42.92 14.37 -16.95
C ASP D 228 42.15 14.14 -15.66
N GLN D 229 41.76 15.20 -14.95
CA GLN D 229 40.98 15.04 -13.72
C GLN D 229 40.17 16.30 -13.48
N VAL D 230 39.06 16.12 -12.76
CA VAL D 230 38.15 17.21 -12.45
C VAL D 230 37.90 17.23 -10.95
N THR D 231 38.05 18.39 -10.33
CA THR D 231 37.81 18.51 -8.91
C THR D 231 36.31 18.56 -8.62
N LEU D 232 35.97 18.40 -7.34
CA LEU D 232 34.57 18.50 -6.95
C LEU D 232 34.03 19.90 -7.21
N ARG D 233 34.85 20.92 -6.97
CA ARG D 233 34.43 22.29 -7.24
C ARG D 233 34.19 22.52 -8.73
N GLU D 234 35.06 21.96 -9.57
CA GLU D 234 34.88 22.11 -11.02
C GLU D 234 33.61 21.40 -11.49
N GLU D 235 33.29 20.24 -10.91
CA GLU D 235 32.05 19.56 -11.25
C GLU D 235 30.84 20.45 -10.96
N ASP D 236 30.88 21.17 -9.83
CA ASP D 236 29.80 22.10 -9.51
C ASP D 236 29.75 23.27 -10.50
N ARG D 237 30.92 23.78 -10.88
CA ARG D 237 30.95 24.89 -11.84
C ARG D 237 30.35 24.48 -13.18
N ILE D 238 30.71 23.30 -13.67
CA ILE D 238 30.22 22.83 -14.97
C ILE D 238 28.71 22.62 -14.92
N ALA D 239 28.23 21.96 -13.87
CA ALA D 239 26.80 21.72 -13.75
C ALA D 239 26.02 23.02 -13.65
N ALA D 240 26.52 23.98 -12.86
CA ALA D 240 25.81 25.25 -12.71
C ALA D 240 25.74 26.00 -14.02
N TYR D 241 26.82 26.00 -14.79
CA TYR D 241 26.85 26.75 -16.05
C TYR D 241 25.81 26.20 -17.03
N PHE D 242 25.79 24.89 -17.24
CA PHE D 242 24.87 24.31 -18.20
C PHE D 242 23.42 24.42 -17.72
N ALA D 243 23.17 24.11 -16.45
CA ALA D 243 21.82 24.08 -15.94
C ALA D 243 21.18 25.46 -15.89
N SER D 244 21.97 26.50 -15.62
CA SER D 244 21.43 27.86 -15.61
C SER D 244 20.94 28.31 -16.98
N GLY D 245 21.30 27.59 -18.04
CA GLY D 245 20.81 27.95 -19.36
C GLY D 245 19.31 27.83 -19.49
N HIS D 246 18.69 26.89 -18.78
CA HIS D 246 17.24 26.74 -18.85
C HIS D 246 16.51 27.98 -18.38
N LEU D 247 17.17 28.85 -17.61
CA LEU D 247 16.58 30.12 -17.20
C LEU D 247 17.26 31.34 -17.82
N TYR D 248 18.51 31.22 -18.25
CA TYR D 248 19.29 32.36 -18.69
C TYR D 248 19.74 32.34 -20.15
N ALA D 249 19.52 31.23 -20.87
CA ALA D 249 20.02 31.15 -22.24
C ALA D 249 19.38 32.21 -23.12
N THR D 250 18.08 32.40 -22.99
CA THR D 250 17.36 33.45 -23.70
C THR D 250 16.53 34.26 -22.71
N GLN D 251 16.21 35.49 -23.10
CA GLN D 251 15.37 36.33 -22.25
C GLN D 251 13.98 35.73 -22.09
N ALA D 252 13.50 34.98 -23.08
CA ALA D 252 12.19 34.36 -22.98
C ALA D 252 12.13 33.34 -21.86
N ARG D 253 13.22 32.59 -21.66
CA ARG D 253 13.24 31.53 -20.66
C ARG D 253 13.14 32.06 -19.24
N GLN D 254 13.43 33.34 -19.02
CA GLN D 254 13.37 33.92 -17.69
C GLN D 254 12.03 34.61 -17.40
N GLU D 255 11.27 34.94 -18.43
CA GLU D 255 10.01 35.65 -18.26
C GLU D 255 8.84 34.69 -18.22
N SER D 256 7.70 35.19 -17.72
CA SER D 256 6.47 34.40 -17.75
C SER D 256 6.08 34.12 -19.19
N ILE D 257 5.74 32.85 -19.47
CA ILE D 257 5.44 32.43 -20.83
C ILE D 257 3.98 32.60 -21.20
N LEU D 258 3.11 32.92 -20.25
CA LEU D 258 1.70 33.09 -20.52
C LEU D 258 1.12 34.21 -19.67
N FME E 1 9.84 50.96 29.32
CN FME E 1 11.04 51.49 29.22
O1 FME E 1 11.92 51.15 28.44
CA FME E 1 9.38 49.87 28.48
CB FME E 1 7.99 49.37 28.93
CG FME E 1 7.60 48.04 28.28
SD FME E 1 8.33 46.62 29.14
CE FME E 1 7.55 46.79 30.74
C FME E 1 9.32 50.31 27.00
O FME E 1 8.19 50.46 26.49
N TRP E 2 10.45 50.50 26.36
CA TRP E 2 10.49 50.81 24.93
C TRP E 2 11.71 50.14 24.36
N ARG E 3 12.63 49.77 25.24
CA ARG E 3 13.79 48.97 24.86
C ARG E 3 13.40 47.55 24.45
N MET E 4 12.16 47.15 24.73
CA MET E 4 11.69 45.86 24.25
C MET E 4 11.74 45.76 22.73
N TRP E 5 11.59 46.88 22.04
CA TRP E 5 11.68 46.88 20.59
C TRP E 5 13.12 46.95 20.10
N LEU E 6 14.08 47.21 21.00
CA LEU E 6 15.48 46.92 20.70
C LEU E 6 15.78 45.44 20.88
N LEU E 7 14.87 44.68 21.47
CA LEU E 7 15.02 43.25 21.70
C LEU E 7 14.18 42.42 20.74
N PHE E 8 12.89 42.72 20.63
CA PHE E 8 11.99 41.99 19.73
C PHE E 8 11.84 42.74 18.41
N ASP E 9 11.86 42.00 17.31
CA ASP E 9 11.69 42.60 16.00
C ASP E 9 10.26 43.08 15.84
N PRO E 10 10.02 44.37 15.61
CA PRO E 10 8.64 44.84 15.43
C PRO E 10 7.92 44.21 14.27
N ARG E 11 8.62 43.95 13.16
CA ARG E 11 7.96 43.41 11.97
C ARG E 11 7.43 42.01 12.21
N ARG E 12 8.23 41.16 12.84
CA ARG E 12 7.77 39.79 13.13
C ARG E 12 6.64 39.81 14.15
N ILE E 13 6.70 40.73 15.12
CA ILE E 13 5.66 40.81 16.13
C ILE E 13 4.32 41.19 15.49
N LEU E 14 4.34 42.19 14.62
CA LEU E 14 3.09 42.68 14.02
C LEU E 14 2.45 41.63 13.12
N VAL E 15 3.27 40.91 12.34
CA VAL E 15 2.72 39.90 11.45
C VAL E 15 2.15 38.73 12.25
N ALA E 16 2.90 38.25 13.24
CA ALA E 16 2.39 37.17 14.08
C ALA E 16 1.14 37.61 14.84
N LEU E 17 1.15 38.84 15.38
CA LEU E 17 -0.03 39.35 16.07
C LEU E 17 -1.21 39.47 15.12
N GLY E 18 -0.97 39.96 13.90
CA GLY E 18 -2.05 40.11 12.95
C GLY E 18 -2.70 38.80 12.58
N VAL E 19 -1.89 37.77 12.31
CA VAL E 19 -2.42 36.45 12.02
C VAL E 19 -3.14 35.89 13.24
N PHE E 20 -2.54 36.04 14.42
CA PHE E 20 -3.14 35.50 15.64
C PHE E 20 -4.50 36.14 15.92
N LEU E 21 -4.59 37.46 15.77
CA LEU E 21 -5.84 38.14 16.11
C LEU E 21 -6.94 37.83 15.10
N PHE E 22 -6.61 37.78 13.81
CA PHE E 22 -7.63 37.50 12.80
C PHE E 22 -8.14 36.06 12.93
N VAL E 23 -7.24 35.11 13.17
CA VAL E 23 -7.67 33.72 13.35
C VAL E 23 -8.53 33.58 14.60
N LEU E 24 -8.12 34.23 15.69
CA LEU E 24 -8.90 34.17 16.92
C LEU E 24 -10.28 34.82 16.72
N ALA E 25 -10.32 35.97 16.06
CA ALA E 25 -11.60 36.63 15.82
C ALA E 25 -12.51 35.78 14.94
N LEU E 26 -11.95 35.16 13.91
CA LEU E 26 -12.73 34.24 13.08
C LEU E 26 -13.27 33.08 13.90
N LEU E 27 -12.43 32.51 14.76
CA LEU E 27 -12.85 31.36 15.56
C LEU E 27 -14.00 31.73 16.49
N ILE E 28 -13.92 32.90 17.14
CA ILE E 28 -14.96 33.29 18.08
C ILE E 28 -16.27 33.56 17.35
N HIS E 29 -16.21 34.29 16.23
CA HIS E 29 -17.42 34.52 15.45
C HIS E 29 -18.05 33.20 15.00
N PHE E 30 -17.22 32.24 14.59
CA PHE E 30 -17.73 30.96 14.14
C PHE E 30 -18.38 30.16 15.27
N ILE E 31 -17.78 30.21 16.47
CA ILE E 31 -18.35 29.49 17.60
C ILE E 31 -19.72 30.04 17.96
N LEU E 32 -19.86 31.36 17.97
CA LEU E 32 -21.16 31.97 18.27
C LEU E 32 -22.20 31.59 17.23
N LEU E 33 -21.81 31.54 15.96
CA LEU E 33 -22.75 31.16 14.90
C LEU E 33 -23.24 29.74 15.07
N SER E 34 -22.42 28.85 15.64
CA SER E 34 -22.84 27.48 15.84
C SER E 34 -23.87 27.35 16.95
N THR E 35 -23.83 28.25 17.93
CA THR E 35 -24.77 28.18 19.05
C THR E 35 -26.16 28.63 18.61
N ASP E 36 -27.16 28.15 19.34
CA ASP E 36 -28.53 28.57 19.07
C ASP E 36 -28.79 29.97 19.62
N ARG E 37 -28.22 30.29 20.77
CA ARG E 37 -28.53 31.56 21.43
C ARG E 37 -27.85 32.74 20.75
N PHE E 38 -26.59 32.60 20.36
CA PHE E 38 -25.80 33.72 19.87
C PHE E 38 -25.69 33.78 18.36
N ASN E 39 -26.44 32.95 17.64
CA ASN E 39 -26.49 33.07 16.19
C ASN E 39 -27.31 34.30 15.82
N TRP E 40 -26.66 35.26 15.16
CA TRP E 40 -27.31 36.52 14.82
C TRP E 40 -27.89 36.54 13.41
N LEU E 41 -27.76 35.45 12.65
CA LEU E 41 -28.32 35.44 11.31
C LEU E 41 -29.69 34.78 11.26
N ASP E 42 -29.75 33.48 11.58
CA ASP E 42 -31.02 32.78 11.60
C ASP E 42 -31.65 32.80 12.98
N GLY E 43 -30.83 32.89 14.02
CA GLY E 43 -31.33 32.97 15.37
C GLY E 43 -31.79 31.63 15.91
N PRO E 44 -32.51 31.65 17.02
CA PRO E 44 -32.98 30.41 17.64
C PRO E 44 -34.10 29.78 16.82
N HIS E 45 -34.30 28.49 17.07
CA HIS E 45 -35.36 27.74 16.42
C HIS E 45 -35.82 26.59 17.31
N SER F 7 22.33 47.13 19.23
CA SER F 7 20.93 46.81 18.99
C SER F 7 20.79 45.60 18.08
N ILE F 8 20.33 44.49 18.66
CA ILE F 8 20.16 43.26 17.89
C ILE F 8 19.02 43.41 16.88
N THR F 9 17.95 44.11 17.26
CA THR F 9 16.81 44.27 16.38
C THR F 9 17.16 45.10 15.15
N GLY F 10 18.15 45.98 15.26
CA GLY F 10 18.48 46.89 14.19
C GLY F 10 17.82 48.24 14.27
N LEU F 11 16.90 48.42 15.20
CA LEU F 11 16.28 49.72 15.40
C LEU F 11 17.16 50.62 16.24
N THR F 12 17.02 51.93 16.05
CA THR F 12 17.70 52.90 16.88
C THR F 12 16.81 53.27 18.07
N GLU F 13 17.41 53.99 19.02
CA GLU F 13 16.67 54.36 20.22
C GLU F 13 15.47 55.25 19.90
N ALA F 14 15.65 56.20 19.00
CA ALA F 14 14.53 57.06 18.60
C ALA F 14 13.43 56.24 17.93
N GLU F 15 13.80 55.28 17.09
CA GLU F 15 12.81 54.42 16.45
C GLU F 15 12.07 53.57 17.47
N ALA F 16 12.78 53.07 18.48
CA ALA F 16 12.13 52.29 19.53
C ALA F 16 11.12 53.13 20.29
N LYS F 17 11.46 54.38 20.59
CA LYS F 17 10.51 55.28 21.22
C LYS F 17 9.30 55.51 20.34
N GLU F 18 9.53 55.70 19.04
CA GLU F 18 8.45 56.04 18.12
C GLU F 18 7.51 54.87 17.92
N PHE F 19 8.07 53.67 17.69
CA PHE F 19 7.22 52.50 17.49
C PHE F 19 6.42 52.17 18.73
N HIS F 20 7.04 52.27 19.91
CA HIS F 20 6.34 51.90 21.14
C HIS F 20 5.13 52.80 21.38
N GLY F 21 5.29 54.10 21.16
CA GLY F 21 4.16 55.00 21.33
C GLY F 21 3.03 54.70 20.36
N ILE F 22 3.38 54.45 19.10
CA ILE F 22 2.36 54.13 18.10
C ILE F 22 1.74 52.76 18.38
N PHE F 23 2.54 51.80 18.85
CA PHE F 23 2.00 50.49 19.18
C PHE F 23 0.98 50.58 20.31
N ILE F 24 1.28 51.37 21.33
CA ILE F 24 0.41 51.42 22.50
C ILE F 24 -0.90 52.12 22.17
N THR F 25 -0.85 53.24 21.45
CA THR F 25 -2.07 53.94 21.10
C THR F 25 -2.94 53.10 20.16
N SER F 26 -2.33 52.37 19.23
CA SER F 26 -3.08 51.46 18.39
C SER F 26 -3.72 50.34 19.21
N PHE F 27 -2.99 49.82 20.20
CA PHE F 27 -3.54 48.80 21.07
C PHE F 27 -4.71 49.34 21.88
N ILE F 28 -4.59 50.57 22.39
CA ILE F 28 -5.68 51.16 23.18
C ILE F 28 -6.91 51.37 22.30
N VAL F 29 -6.73 51.88 21.09
CA VAL F 29 -7.85 52.09 20.18
C VAL F 29 -8.53 50.77 19.85
N PHE F 30 -7.73 49.74 19.56
CA PHE F 30 -8.30 48.42 19.27
C PHE F 30 -9.06 47.88 20.47
N THR F 31 -8.55 48.11 21.67
CA THR F 31 -9.21 47.60 22.88
C THR F 31 -10.50 48.38 23.17
N VAL F 32 -10.46 49.70 23.05
CA VAL F 32 -11.63 50.52 23.38
C VAL F 32 -12.79 50.18 22.44
N ILE F 33 -12.50 49.98 21.16
CA ILE F 33 -13.53 49.55 20.22
C ILE F 33 -14.07 48.18 20.62
N ALA F 34 -13.19 47.27 21.01
CA ALA F 34 -13.62 45.94 21.45
C ALA F 34 -14.49 46.03 22.70
N ILE F 35 -14.13 46.93 23.62
CA ILE F 35 -14.91 47.07 24.85
C ILE F 35 -16.32 47.53 24.53
N VAL F 36 -16.46 48.54 23.67
CA VAL F 36 -17.79 49.02 23.30
C VAL F 36 -18.55 47.92 22.54
N ALA F 37 -17.85 47.18 21.68
CA ALA F 37 -18.50 46.08 20.97
C ALA F 37 -19.02 45.04 21.95
N HIS F 38 -18.25 44.74 23.00
CA HIS F 38 -18.72 43.79 24.01
C HIS F 38 -19.85 44.38 24.85
N LEU F 39 -19.84 45.68 25.09
CA LEU F 39 -20.95 46.32 25.78
C LEU F 39 -22.23 46.19 24.96
N LEU F 40 -22.15 46.41 23.66
CA LEU F 40 -23.32 46.24 22.80
C LEU F 40 -23.71 44.77 22.68
N ALA F 41 -22.72 43.88 22.63
CA ALA F 41 -23.01 42.45 22.55
C ALA F 41 -23.72 41.96 23.80
N TRP F 42 -23.28 42.42 24.97
CA TRP F 42 -23.95 42.05 26.21
C TRP F 42 -25.39 42.55 26.23
N GLN F 43 -25.62 43.78 25.75
CA GLN F 43 -26.96 44.31 25.69
C GLN F 43 -27.85 43.50 24.76
N TRP F 44 -27.29 43.06 23.63
CA TRP F 44 -28.06 42.26 22.69
C TRP F 44 -28.38 40.87 23.25
N ARG F 45 -27.37 40.19 23.77
CA ARG F 45 -27.52 38.81 24.24
C ARG F 45 -26.49 38.53 25.31
N PRO F 46 -26.87 38.59 26.59
CA PRO F 46 -25.92 38.31 27.66
C PRO F 46 -25.49 36.84 27.67
N TRP F 47 -24.28 36.61 28.17
CA TRP F 47 -23.75 35.28 28.37
C TRP F 47 -23.52 35.05 29.86
N LEU F 48 -22.83 33.95 30.19
CA LEU F 48 -22.61 33.53 31.57
C LEU F 48 -23.94 33.27 32.27
N PRO F 49 -24.68 32.24 31.88
CA PRO F 49 -25.99 31.99 32.49
C PRO F 49 -25.85 31.43 33.91
N ALA F 50 -26.98 31.43 34.61
CA ALA F 50 -27.04 30.78 35.91
C ALA F 50 -27.04 29.26 35.72
N VAL F 51 -26.94 28.55 36.85
CA VAL F 51 -26.88 27.08 36.80
C VAL F 51 -28.16 26.52 36.20
N THR F 52 -29.31 27.09 36.58
CA THR F 52 -30.57 26.66 36.00
C THR F 52 -30.63 26.98 34.50
N GLY F 53 -30.17 28.16 34.12
CA GLY F 53 -30.14 28.58 32.74
C GLY F 53 -30.41 30.07 32.64
N TYR F 54 -30.51 30.55 31.40
CA TYR F 54 -30.82 31.96 31.19
C TYR F 54 -32.22 32.30 31.69
N GLY F 55 -33.17 31.38 31.50
CA GLY F 55 -34.52 31.57 32.02
C GLY F 55 -35.26 32.74 31.41
N THR F 56 -35.13 32.94 30.10
CA THR F 56 -35.79 34.03 29.39
C THR F 56 -35.57 35.38 30.05
N FME G 1 17.45 34.49 41.46
CN FME G 1 18.74 34.65 41.70
O1 FME G 1 19.64 34.42 40.90
CA FME G 1 16.94 33.96 40.21
CB FME G 1 15.44 33.62 40.32
CG FME G 1 15.18 32.28 40.97
SD FME G 1 15.85 30.92 39.98
CE FME G 1 15.04 31.24 38.41
C FME G 1 17.15 34.93 39.03
O FME G 1 16.79 34.55 37.90
N TRP G 2 17.69 36.12 39.27
CA TRP G 2 18.01 37.04 38.18
C TRP G 2 19.04 36.40 37.27
N ARG G 3 19.83 35.49 37.85
CA ARG G 3 20.87 34.78 37.11
C ARG G 3 20.30 33.83 36.07
N MET G 4 18.99 33.57 36.09
CA MET G 4 18.37 32.73 35.08
C MET G 4 18.55 33.30 33.68
N TRP G 5 18.61 34.61 33.56
CA TRP G 5 18.78 35.27 32.27
C TRP G 5 20.23 35.37 31.83
N LEU G 6 21.17 34.97 32.69
CA LEU G 6 22.54 34.74 32.28
C LEU G 6 22.74 33.36 31.67
N LEU G 7 21.68 32.55 31.63
CA LEU G 7 21.74 31.17 31.14
C LEU G 7 20.88 30.96 29.91
N PHE G 8 19.65 31.46 29.91
CA PHE G 8 18.75 31.32 28.78
C PHE G 8 18.57 32.64 28.05
N ASP G 9 18.40 32.56 26.74
CA ASP G 9 18.14 33.74 25.93
C ASP G 9 16.79 34.31 26.32
N PRO G 10 16.70 35.57 26.74
CA PRO G 10 15.41 36.13 27.14
C PRO G 10 14.37 36.10 26.04
N ARG G 11 14.78 36.30 24.78
CA ARG G 11 13.83 36.28 23.68
C ARG G 11 13.24 34.89 23.48
N ARG G 12 14.09 33.86 23.51
CA ARG G 12 13.60 32.51 23.27
C ARG G 12 12.71 32.03 24.41
N ILE G 13 13.00 32.45 25.64
CA ILE G 13 12.17 32.05 26.77
C ILE G 13 10.79 32.71 26.69
N LEU G 14 10.76 34.02 26.42
CA LEU G 14 9.48 34.72 26.36
C LEU G 14 8.61 34.19 25.22
N VAL G 15 9.22 33.91 24.06
CA VAL G 15 8.46 33.32 22.97
C VAL G 15 7.94 31.94 23.36
N ALA G 16 8.80 31.13 24.00
CA ALA G 16 8.36 29.82 24.46
C ALA G 16 7.31 29.94 25.55
N LEU G 17 7.50 30.88 26.48
CA LEU G 17 6.50 31.09 27.52
C LEU G 17 5.19 31.57 26.94
N GLY G 18 5.24 32.50 25.99
CA GLY G 18 4.01 33.00 25.39
C GLY G 18 3.22 31.93 24.68
N VAL G 19 3.91 31.07 23.93
CA VAL G 19 3.23 29.97 23.24
C VAL G 19 2.65 29.00 24.26
N PHE G 20 3.43 28.65 25.28
CA PHE G 20 2.98 27.70 26.28
C PHE G 20 1.74 28.20 27.01
N LEU G 21 1.74 29.47 27.42
CA LEU G 21 0.62 30.00 28.16
C LEU G 21 -0.65 30.05 27.32
N PHE G 22 -0.52 30.45 26.05
CA PHE G 22 -1.71 30.52 25.20
C PHE G 22 -2.29 29.15 24.92
N VAL G 23 -1.43 28.15 24.65
CA VAL G 23 -1.94 26.81 24.39
C VAL G 23 -2.59 26.23 25.63
N LEU G 24 -1.99 26.45 26.80
CA LEU G 24 -2.60 26.00 28.04
C LEU G 24 -3.92 26.71 28.28
N ALA G 25 -3.95 28.04 28.09
CA ALA G 25 -5.19 28.79 28.27
C ALA G 25 -6.24 28.36 27.27
N LEU G 26 -5.83 28.13 26.02
CA LEU G 26 -6.77 27.61 25.02
C LEU G 26 -7.27 26.22 25.43
N LEU G 27 -6.39 25.40 25.98
CA LEU G 27 -6.80 24.08 26.44
C LEU G 27 -7.83 24.16 27.56
N ILE G 28 -7.60 25.03 28.54
CA ILE G 28 -8.51 25.13 29.67
C ILE G 28 -9.86 25.68 29.23
N HIS G 29 -9.87 26.71 28.38
CA HIS G 29 -11.14 27.25 27.88
C HIS G 29 -11.93 26.17 27.14
N PHE G 30 -11.26 25.38 26.30
CA PHE G 30 -11.94 24.34 25.53
C PHE G 30 -12.54 23.26 26.43
N ILE G 31 -11.80 22.86 27.46
CA ILE G 31 -12.30 21.84 28.38
C ILE G 31 -13.55 22.33 29.09
N LEU G 32 -13.55 23.59 29.53
CA LEU G 32 -14.71 24.15 30.21
C LEU G 32 -15.91 24.22 29.29
N LEU G 33 -15.71 24.61 28.02
CA LEU G 33 -16.81 24.65 27.07
C LEU G 33 -17.39 23.25 26.83
N SER G 34 -16.53 22.24 26.82
CA SER G 34 -17.01 20.88 26.58
C SER G 34 -17.90 20.37 27.70
N THR G 35 -17.75 20.91 28.92
CA THR G 35 -18.57 20.47 30.03
C THR G 35 -19.94 21.12 29.98
N ASP G 36 -20.90 20.45 30.61
CA ASP G 36 -22.25 21.00 30.70
C ASP G 36 -22.34 22.11 31.74
N ARG G 37 -21.63 21.97 32.85
CA ARG G 37 -21.78 22.91 33.96
C ARG G 37 -21.12 24.25 33.66
N PHE G 38 -19.95 24.24 33.02
CA PHE G 38 -19.16 25.45 32.84
C PHE G 38 -19.27 26.03 31.44
N ASN G 39 -20.17 25.53 30.61
CA ASN G 39 -20.42 26.13 29.31
C ASN G 39 -21.10 27.48 29.54
N TRP G 40 -20.42 28.56 29.17
CA TRP G 40 -20.93 29.91 29.41
C TRP G 40 -21.68 30.47 28.22
N LEU G 41 -21.76 29.75 27.11
CA LEU G 41 -22.48 30.27 25.95
C LEU G 41 -23.92 29.74 25.90
N ASP G 42 -24.09 28.44 25.75
CA ASP G 42 -25.44 27.88 25.67
C ASP G 42 -25.97 27.53 27.05
N GLY G 43 -25.08 27.22 28.00
CA GLY G 43 -25.49 26.91 29.34
C GLY G 43 -25.83 25.44 29.51
N PRO G 44 -26.35 25.09 30.69
CA PRO G 44 -26.73 23.69 30.96
C PRO G 44 -28.05 23.35 30.28
N HIS G 45 -28.04 22.27 29.51
CA HIS G 45 -29.25 21.84 28.80
C HIS G 45 -30.25 21.19 29.73
N SER H 7 28.38 34.28 31.86
CA SER H 7 27.33 34.82 31.00
C SER H 7 27.40 34.23 29.60
N ILE H 8 26.89 33.00 29.45
CA ILE H 8 26.88 32.37 28.14
C ILE H 8 25.84 33.00 27.23
N THR H 9 24.81 33.63 27.82
CA THR H 9 23.81 34.33 27.01
C THR H 9 24.43 35.52 26.29
N GLY H 10 25.33 36.24 26.95
CA GLY H 10 25.97 37.43 26.42
C GLY H 10 25.45 38.72 27.03
N LEU H 11 24.24 38.71 27.57
CA LEU H 11 23.72 39.88 28.25
C LEU H 11 24.52 40.15 29.51
N THR H 12 24.85 41.41 29.74
CA THR H 12 25.63 41.79 30.90
C THR H 12 24.80 41.60 32.17
N GLU H 13 25.48 41.68 33.32
CA GLU H 13 24.80 41.48 34.58
C GLU H 13 23.74 42.56 34.82
N ALA H 14 24.04 43.80 34.44
CA ALA H 14 23.07 44.88 34.59
C ALA H 14 21.83 44.62 33.75
N GLU H 15 22.01 44.14 32.52
CA GLU H 15 20.86 43.83 31.68
C GLU H 15 20.01 42.71 32.28
N ALA H 16 20.64 41.70 32.85
CA ALA H 16 19.90 40.62 33.48
C ALA H 16 19.07 41.14 34.66
N LYS H 17 19.65 42.03 35.46
CA LYS H 17 18.89 42.66 36.52
C LYS H 17 17.73 43.47 35.97
N GLU H 18 17.96 44.21 34.89
CA GLU H 18 16.90 45.03 34.30
C GLU H 18 15.78 44.16 33.75
N PHE H 19 16.12 43.13 33.00
CA PHE H 19 15.09 42.25 32.44
C PHE H 19 14.36 41.51 33.54
N HIS H 20 15.08 41.06 34.57
CA HIS H 20 14.45 40.28 35.63
C HIS H 20 13.42 41.09 36.40
N GLY H 21 13.73 42.35 36.69
CA GLY H 21 12.77 43.19 37.39
C GLY H 21 11.50 43.40 36.59
N ILE H 22 11.64 43.61 35.28
CA ILE H 22 10.47 43.76 34.42
C ILE H 22 9.72 42.44 34.31
N PHE H 23 10.46 41.33 34.24
CA PHE H 23 9.82 40.01 34.17
C PHE H 23 9.00 39.74 35.42
N ILE H 24 9.53 40.07 36.60
CA ILE H 24 8.84 39.77 37.85
C ILE H 24 7.56 40.59 37.96
N THR H 25 7.64 41.89 37.67
CA THR H 25 6.45 42.73 37.81
C THR H 25 5.38 42.36 36.79
N SER H 26 5.78 42.01 35.56
CA SER H 26 4.82 41.55 34.58
C SER H 26 4.17 40.24 35.01
N PHE H 27 4.97 39.33 35.59
CA PHE H 27 4.42 38.09 36.11
C PHE H 27 3.44 38.35 37.25
N ILE H 28 3.77 39.29 38.14
CA ILE H 28 2.88 39.62 39.24
C ILE H 28 1.59 40.24 38.71
N VAL H 29 1.70 41.16 37.76
CA VAL H 29 0.51 41.79 37.18
C VAL H 29 -0.36 40.72 36.51
N PHE H 30 0.24 39.82 35.75
CA PHE H 30 -0.52 38.77 35.09
C PHE H 30 -1.21 37.87 36.10
N THR H 31 -0.50 37.51 37.18
CA THR H 31 -1.09 36.62 38.18
C THR H 31 -2.24 37.28 38.92
N VAL H 32 -2.08 38.56 39.29
CA VAL H 32 -3.11 39.24 40.07
C VAL H 32 -4.39 39.35 39.27
N ILE H 33 -4.29 39.68 37.98
CA ILE H 33 -5.47 39.69 37.12
C ILE H 33 -6.12 38.31 37.07
N ALA H 34 -5.29 37.26 37.01
CA ALA H 34 -5.83 35.90 36.99
C ALA H 34 -6.54 35.57 38.29
N ILE H 35 -6.00 36.02 39.42
CA ILE H 35 -6.63 35.74 40.72
C ILE H 35 -8.02 36.35 40.77
N VAL H 36 -8.15 37.62 40.36
CA VAL H 36 -9.44 38.28 40.37
C VAL H 36 -10.38 37.63 39.34
N ALA H 37 -9.83 37.20 38.20
CA ALA H 37 -10.63 36.48 37.22
C ALA H 37 -11.17 35.19 37.81
N HIS H 38 -10.36 34.47 38.59
CA HIS H 38 -10.83 33.25 39.23
C HIS H 38 -11.83 33.55 40.33
N LEU H 39 -11.68 34.68 41.02
CA LEU H 39 -12.67 35.08 42.02
C LEU H 39 -14.03 35.33 41.37
N LEU H 40 -14.03 35.99 40.21
CA LEU H 40 -15.28 36.20 39.49
C LEU H 40 -15.82 34.90 38.92
N ALA H 41 -14.92 34.03 38.43
CA ALA H 41 -15.36 32.74 37.89
C ALA H 41 -15.97 31.88 38.98
N TRP H 42 -15.43 31.95 40.19
CA TRP H 42 -16.01 31.20 41.31
C TRP H 42 -17.41 31.70 41.64
N GLN H 43 -17.61 33.02 41.57
CA GLN H 43 -18.94 33.58 41.83
C GLN H 43 -19.95 33.09 40.81
N TRP H 44 -19.56 33.01 39.54
CA TRP H 44 -20.49 32.57 38.50
C TRP H 44 -20.80 31.09 38.62
N ARG H 45 -19.77 30.26 38.79
CA ARG H 45 -19.95 28.80 38.79
C ARG H 45 -18.82 28.17 39.59
N PRO H 46 -19.06 27.82 40.85
CA PRO H 46 -18.01 27.19 41.66
C PRO H 46 -17.69 25.79 41.17
N TRP H 47 -16.41 25.43 41.32
CA TRP H 47 -15.95 24.07 41.08
C TRP H 47 -15.68 23.40 42.43
N LEU H 48 -15.08 22.21 42.39
CA LEU H 48 -14.77 21.42 43.58
C LEU H 48 -16.03 21.06 44.35
N PRO H 49 -16.90 20.22 43.82
CA PRO H 49 -18.14 19.88 44.50
C PRO H 49 -17.88 18.93 45.67
N ALA H 50 -18.93 18.75 46.48
CA ALA H 50 -18.89 17.73 47.51
C ALA H 50 -19.01 16.34 46.87
N VAL H 51 -18.76 15.31 47.68
CA VAL H 51 -18.79 13.95 47.18
C VAL H 51 -20.18 13.53 46.74
N THR H 52 -21.22 14.22 47.23
CA THR H 52 -22.60 13.93 46.84
C THR H 52 -23.08 14.77 45.67
N GLY H 53 -22.24 15.65 45.13
CA GLY H 53 -22.61 16.49 44.01
C GLY H 53 -22.67 17.96 44.41
N TYR H 54 -23.09 18.77 43.43
CA TYR H 54 -23.23 20.20 43.68
C TYR H 54 -24.50 20.52 44.45
N GLY H 55 -25.58 19.77 44.23
CA GLY H 55 -26.81 19.94 44.98
C GLY H 55 -27.43 21.32 44.87
N THR H 56 -27.89 21.67 43.67
CA THR H 56 -28.55 22.94 43.41
C THR H 56 -27.73 24.14 43.88
N FME I 1 26.53 16.50 46.33
CN FME I 1 27.85 16.38 46.24
O1 FME I 1 28.49 16.25 45.20
CA FME I 1 25.67 16.48 45.16
CB FME I 1 24.21 16.33 45.59
CG FME I 1 23.27 15.92 44.46
SD FME I 1 23.75 14.34 43.73
CE FME I 1 23.65 13.27 45.16
C FME I 1 25.86 17.74 44.31
O FME I 1 25.31 17.79 43.19
N TRP I 2 26.59 18.73 44.81
CA TRP I 2 26.77 20.00 44.10
C TRP I 2 27.51 19.82 42.79
N ARG I 3 28.20 18.68 42.64
CA ARG I 3 28.99 18.41 41.45
C ARG I 3 28.20 17.67 40.38
N MET I 4 26.88 17.51 40.57
CA MET I 4 26.03 17.05 39.49
C MET I 4 26.12 17.99 38.29
N TRP I 5 26.31 19.28 38.54
CA TRP I 5 26.38 20.27 37.48
C TRP I 5 27.76 20.34 36.83
N LEU I 6 28.73 19.59 37.35
CA LEU I 6 29.99 19.39 36.65
C LEU I 6 29.90 18.28 35.61
N LEU I 7 28.80 17.54 35.58
CA LEU I 7 28.57 16.50 34.58
C LEU I 7 27.50 16.90 33.56
N PHE I 8 26.37 17.42 34.02
CA PHE I 8 25.26 17.80 33.16
C PHE I 8 25.15 19.31 33.07
N ASP I 9 24.93 19.81 31.87
CA ASP I 9 24.71 21.24 31.68
C ASP I 9 23.40 21.64 32.34
N PRO I 10 23.40 22.68 33.18
CA PRO I 10 22.13 23.10 33.81
C PRO I 10 21.06 23.48 32.81
N ARG I 11 21.42 24.03 31.65
CA ARG I 11 20.42 24.34 30.63
C ARG I 11 19.73 23.07 30.13
N ARG I 12 20.50 22.01 29.92
CA ARG I 12 19.90 20.74 29.49
C ARG I 12 18.96 20.19 30.56
N ILE I 13 19.38 20.27 31.83
CA ILE I 13 18.57 19.69 32.90
C ILE I 13 17.31 20.50 33.13
N LEU I 14 17.42 21.83 33.11
CA LEU I 14 16.27 22.67 33.41
C LEU I 14 15.16 22.51 32.36
N VAL I 15 15.54 22.46 31.09
CA VAL I 15 14.53 22.27 30.04
C VAL I 15 13.91 20.89 30.16
N ALA I 16 14.72 19.86 30.41
CA ALA I 16 14.20 18.52 30.59
C ALA I 16 13.31 18.44 31.81
N LEU I 17 13.71 19.10 32.91
CA LEU I 17 12.88 19.10 34.11
C LEU I 17 11.54 19.77 33.86
N GLY I 18 11.55 20.93 33.21
CA GLY I 18 10.30 21.64 32.97
C GLY I 18 9.35 20.84 32.11
N VAL I 19 9.85 20.25 31.04
CA VAL I 19 9.01 19.42 30.18
C VAL I 19 8.49 18.20 30.94
N PHE I 20 9.38 17.55 31.68
CA PHE I 20 8.99 16.35 32.42
C PHE I 20 7.93 16.66 33.47
N LEU I 21 8.14 17.74 34.24
CA LEU I 21 7.20 18.08 35.29
C LEU I 21 5.83 18.46 34.73
N PHE I 22 5.81 19.23 33.64
CA PHE I 22 4.53 19.66 33.09
C PHE I 22 3.75 18.49 32.51
N VAL I 23 4.42 17.60 31.78
CA VAL I 23 3.73 16.45 31.20
C VAL I 23 3.21 15.53 32.30
N LEU I 24 4.02 15.29 33.33
CA LEU I 24 3.57 14.50 34.46
C LEU I 24 2.39 15.16 35.17
N ALA I 25 2.48 16.46 35.42
CA ALA I 25 1.38 17.17 36.08
C ALA I 25 0.12 17.16 35.21
N LEU I 26 0.29 17.32 33.90
CA LEU I 26 -0.84 17.24 32.99
C LEU I 26 -1.46 15.85 33.01
N LEU I 27 -0.62 14.81 33.05
CA LEU I 27 -1.14 13.44 33.11
C LEU I 27 -1.95 13.21 34.37
N ILE I 28 -1.45 13.64 35.52
CA ILE I 28 -2.14 13.38 36.78
C ILE I 28 -3.47 14.14 36.82
N HIS I 29 -3.47 15.40 36.40
CA HIS I 29 -4.72 16.16 36.36
C HIS I 29 -5.74 15.46 35.46
N PHE I 30 -5.30 14.95 34.31
CA PHE I 30 -6.22 14.28 33.39
C PHE I 30 -6.71 12.94 33.95
N ILE I 31 -5.85 12.21 34.65
CA ILE I 31 -6.28 10.95 35.26
C ILE I 31 -7.38 11.21 36.28
N LEU I 32 -7.21 12.24 37.11
CA LEU I 32 -8.23 12.55 38.11
C LEU I 32 -9.54 12.96 37.45
N LEU I 33 -9.47 13.71 36.35
CA LEU I 33 -10.70 14.10 35.64
C LEU I 33 -11.44 12.90 35.10
N SER I 34 -10.72 11.84 34.72
CA SER I 34 -11.37 10.65 34.18
C SER I 34 -12.06 9.81 35.25
N THR I 35 -11.81 10.07 36.52
CA THR I 35 -12.47 9.32 37.59
C THR I 35 -13.78 9.98 37.96
N ASP I 36 -14.66 9.19 38.58
CA ASP I 36 -15.92 9.74 39.09
C ASP I 36 -15.69 10.56 40.35
N ARG I 37 -14.84 10.06 41.25
CA ARG I 37 -14.72 10.65 42.58
C ARG I 37 -13.94 11.97 42.54
N PHE I 38 -12.88 12.04 41.75
CA PHE I 38 -11.96 13.17 41.81
C PHE I 38 -12.16 14.17 40.67
N ASN I 39 -13.23 14.04 39.90
CA ASN I 39 -13.54 15.03 38.88
C ASN I 39 -14.07 16.29 39.56
N TRP I 40 -13.33 17.39 39.44
CA TRP I 40 -13.68 18.62 40.12
C TRP I 40 -14.50 19.57 39.26
N LEU I 41 -14.76 19.24 38.00
CA LEU I 41 -15.57 20.09 37.14
C LEU I 41 -17.04 19.67 37.14
N ASP I 42 -17.32 18.47 36.64
CA ASP I 42 -18.69 17.98 36.59
C ASP I 42 -19.10 17.28 37.87
N GLY I 43 -18.15 16.84 38.68
CA GLY I 43 -18.44 16.15 39.91
C GLY I 43 -18.81 14.70 39.69
N PRO I 44 -19.16 14.01 40.76
CA PRO I 44 -19.55 12.60 40.63
C PRO I 44 -20.87 12.45 39.87
N HIS I 45 -21.02 11.31 39.23
CA HIS I 45 -22.22 11.02 38.46
C HIS I 45 -23.46 11.00 39.34
N SER J 7 36.13 20.03 34.61
CA SER J 7 34.74 20.36 34.34
C SER J 7 34.41 20.23 32.86
N ILE J 8 33.75 19.13 32.49
CA ILE J 8 33.41 18.91 31.09
C ILE J 8 32.37 19.91 30.62
N THR J 9 31.41 20.26 31.48
CA THR J 9 30.36 21.20 31.11
C THR J 9 30.90 22.61 30.96
N GLY J 10 32.04 22.91 31.57
CA GLY J 10 32.62 24.24 31.51
C GLY J 10 32.27 25.14 32.67
N LEU J 11 31.71 24.61 33.74
CA LEU J 11 31.33 25.39 34.91
C LEU J 11 32.39 25.23 35.99
N THR J 12 32.81 26.34 36.59
CA THR J 12 33.73 26.26 37.71
C THR J 12 33.01 25.68 38.92
N GLU J 13 33.81 25.30 39.92
CA GLU J 13 33.21 24.76 41.14
C GLU J 13 32.33 25.79 41.84
N ALA J 14 32.78 27.05 41.87
CA ALA J 14 32.04 28.07 42.61
C ALA J 14 30.66 28.32 41.99
N GLU J 15 30.60 28.43 40.66
CA GLU J 15 29.32 28.70 40.02
C GLU J 15 28.42 27.47 39.99
N ALA J 16 29.02 26.27 40.00
CA ALA J 16 28.22 25.06 40.18
C ALA J 16 27.64 24.99 41.57
N LYS J 17 28.39 25.43 42.58
CA LYS J 17 27.85 25.56 43.93
C LYS J 17 26.71 26.57 43.97
N GLU J 18 26.87 27.68 43.24
CA GLU J 18 25.84 28.70 43.23
C GLU J 18 24.55 28.19 42.60
N PHE J 19 24.68 27.45 41.49
CA PHE J 19 23.49 26.86 40.86
C PHE J 19 22.83 25.86 41.78
N HIS J 20 23.63 25.04 42.48
CA HIS J 20 23.07 24.02 43.35
C HIS J 20 22.26 24.63 44.48
N GLY J 21 22.73 25.73 45.06
CA GLY J 21 21.98 26.37 46.13
C GLY J 21 20.64 26.88 45.66
N ILE J 22 20.59 27.50 44.49
CA ILE J 22 19.33 27.98 43.94
C ILE J 22 18.45 26.80 43.51
N PHE J 23 19.06 25.76 42.93
CA PHE J 23 18.30 24.58 42.53
C PHE J 23 17.66 23.93 43.74
N ILE J 24 18.40 23.76 44.83
CA ILE J 24 17.85 23.13 46.02
C ILE J 24 16.75 24.00 46.64
N THR J 25 16.99 25.31 46.72
CA THR J 25 15.98 26.21 47.29
C THR J 25 14.71 26.20 46.44
N SER J 26 14.87 26.24 45.11
CA SER J 26 13.70 26.16 44.24
C SER J 26 13.00 24.83 44.37
N PHE J 27 13.75 23.74 44.52
CA PHE J 27 13.15 22.43 44.73
C PHE J 27 12.37 22.39 46.03
N ILE J 28 12.91 22.99 47.10
CA ILE J 28 12.22 22.97 48.39
C ILE J 28 10.92 23.76 48.33
N VAL J 29 10.97 24.95 47.74
CA VAL J 29 9.76 25.78 47.66
C VAL J 29 8.69 25.09 46.83
N PHE J 30 9.09 24.49 45.70
CA PHE J 30 8.13 23.79 44.86
C PHE J 30 7.51 22.60 45.59
N THR J 31 8.32 21.86 46.34
CA THR J 31 7.78 20.74 47.11
C THR J 31 6.84 21.23 48.21
N VAL J 32 7.22 22.32 48.89
CA VAL J 32 6.40 22.84 49.98
C VAL J 32 5.03 23.26 49.48
N ILE J 33 4.99 23.97 48.35
CA ILE J 33 3.71 24.36 47.77
C ILE J 33 2.90 23.13 47.40
N ALA J 34 3.57 22.11 46.85
CA ALA J 34 2.88 20.89 46.47
C ALA J 34 2.35 20.14 47.69
N ILE J 35 3.10 20.19 48.80
CA ILE J 35 2.65 19.52 50.03
C ILE J 35 1.35 20.14 50.52
N VAL J 36 1.27 21.47 50.53
CA VAL J 36 0.05 22.14 50.98
C VAL J 36 -1.08 21.87 50.00
N ALA J 37 -0.78 21.82 48.70
CA ALA J 37 -1.81 21.50 47.72
C ALA J 37 -2.38 20.11 47.97
N HIS J 38 -1.54 19.15 48.36
CA HIS J 38 -2.03 17.82 48.66
C HIS J 38 -2.81 17.78 49.96
N LEU J 39 -2.43 18.60 50.94
CA LEU J 39 -3.21 18.70 52.17
C LEU J 39 -4.61 19.22 51.88
N LEU J 40 -4.72 20.26 51.05
CA LEU J 40 -6.03 20.76 50.66
C LEU J 40 -6.78 19.75 49.80
N ALA J 41 -6.07 19.07 48.89
CA ALA J 41 -6.71 18.06 48.06
C ALA J 41 -7.23 16.91 48.91
N TRP J 42 -6.46 16.50 49.93
CA TRP J 42 -6.94 15.48 50.85
C TRP J 42 -8.17 15.96 51.62
N GLN J 43 -8.19 17.24 51.98
CA GLN J 43 -9.36 17.81 52.65
C GLN J 43 -10.59 17.77 51.75
N TRP J 44 -10.41 18.11 50.47
CA TRP J 44 -11.55 18.12 49.54
C TRP J 44 -12.04 16.70 49.28
N ARG J 45 -11.14 15.79 48.96
CA ARG J 45 -11.51 14.42 48.57
C ARG J 45 -10.35 13.50 48.92
N PRO J 46 -10.46 12.72 49.98
CA PRO J 46 -9.39 11.77 50.32
C PRO J 46 -9.27 10.66 49.29
N TRP J 47 -8.08 10.09 49.20
CA TRP J 47 -7.82 8.90 48.40
C TRP J 47 -7.36 7.78 49.33
N LEU J 48 -6.88 6.68 48.73
CA LEU J 48 -6.48 5.49 49.46
C LEU J 48 -7.66 4.91 50.23
N PRO J 49 -8.66 4.35 49.55
CA PRO J 49 -9.83 3.82 50.25
C PRO J 49 -9.50 2.53 50.98
N ALA J 50 -10.36 2.18 51.92
CA ALA J 50 -10.30 0.86 52.52
C ALA J 50 -10.74 -0.20 51.51
N VAL J 51 -10.38 -1.45 51.79
CA VAL J 51 -10.68 -2.52 50.84
C VAL J 51 -12.19 -2.66 50.64
N THR J 52 -12.98 -2.26 51.62
CA THR J 52 -14.43 -2.27 51.48
C THR J 52 -14.94 -1.05 50.69
N GLY J 53 -14.16 0.02 50.64
CA GLY J 53 -14.52 1.22 49.93
C GLY J 53 -14.39 2.44 50.81
N TYR J 54 -14.85 3.58 50.30
CA TYR J 54 -14.74 4.83 51.05
C TYR J 54 -15.78 4.92 52.16
N GLY J 55 -17.00 4.44 51.90
CA GLY J 55 -18.06 4.48 52.91
C GLY J 55 -18.41 5.88 53.37
N THR J 56 -18.58 6.80 52.41
CA THR J 56 -18.86 8.21 52.70
C THR J 56 -17.82 8.80 53.65
N FME K 1 33.19 -2.14 42.79
CN FME K 1 34.50 -2.33 42.84
O1 FME K 1 35.27 -2.24 41.87
CA FME K 1 32.49 -1.83 41.55
CB FME K 1 30.98 -2.01 41.72
CG FME K 1 30.56 -3.45 41.85
SD FME K 1 30.98 -4.42 40.37
CE FME K 1 30.16 -3.44 39.10
C FME K 1 32.79 -0.40 41.07
O FME K 1 32.23 -0.02 40.02
N TRP K 2 33.63 0.36 41.77
CA TRP K 2 33.97 1.71 41.35
C TRP K 2 34.66 1.71 39.99
N ARG K 3 35.27 0.57 39.65
CA ARG K 3 35.99 0.43 38.39
C ARG K 3 35.07 0.43 37.18
N MET K 4 33.76 0.23 37.36
CA MET K 4 32.86 0.21 36.22
C MET K 4 32.70 1.58 35.60
N TRP K 5 32.94 2.65 36.37
CA TRP K 5 32.88 4.00 35.82
C TRP K 5 34.13 4.34 35.01
N LEU K 6 35.20 3.57 35.16
CA LEU K 6 36.32 3.62 34.23
C LEU K 6 35.99 2.88 32.93
N LEU K 7 34.90 2.12 32.90
CA LEU K 7 34.46 1.40 31.72
C LEU K 7 33.24 2.00 31.05
N PHE K 8 32.33 2.59 31.83
CA PHE K 8 31.11 3.19 31.30
C PHE K 8 31.09 4.68 31.61
N ASP K 9 30.49 5.44 30.70
CA ASP K 9 30.37 6.88 30.87
C ASP K 9 29.30 7.18 31.91
N PRO K 10 29.62 7.89 33.00
CA PRO K 10 28.60 8.18 34.01
C PRO K 10 27.43 8.99 33.49
N ARG K 11 27.64 9.89 32.53
CA ARG K 11 26.54 10.69 32.02
C ARG K 11 25.52 9.82 31.28
N ARG K 12 26.01 8.89 30.45
CA ARG K 12 25.11 7.99 29.74
C ARG K 12 24.39 7.06 30.69
N ILE K 13 25.10 6.53 31.69
CA ILE K 13 24.50 5.58 32.62
C ILE K 13 23.39 6.23 33.43
N LEU K 14 23.63 7.43 33.95
CA LEU K 14 22.61 8.12 34.74
C LEU K 14 21.39 8.47 33.90
N VAL K 15 21.61 8.94 32.67
CA VAL K 15 20.49 9.25 31.78
C VAL K 15 19.70 7.98 31.47
N ALA K 16 20.40 6.90 31.15
CA ALA K 16 19.72 5.64 30.88
C ALA K 16 19.02 5.11 32.13
N LEU K 17 19.68 5.22 33.29
CA LEU K 17 19.07 4.75 34.53
C LEU K 17 17.84 5.58 34.88
N GLY K 18 17.91 6.90 34.69
CA GLY K 18 16.76 7.74 35.00
C GLY K 18 15.55 7.42 34.15
N VAL K 19 15.77 7.21 32.86
CA VAL K 19 14.67 6.85 31.97
C VAL K 19 14.10 5.49 32.34
N PHE K 20 14.98 4.52 32.59
CA PHE K 20 14.53 3.17 32.92
C PHE K 20 13.72 3.14 34.21
N LEU K 21 14.20 3.84 35.24
CA LEU K 21 13.52 3.81 36.53
C LEU K 21 12.15 4.48 36.45
N PHE K 22 12.04 5.57 35.69
CA PHE K 22 10.76 6.26 35.58
C PHE K 22 9.75 5.45 34.77
N VAL K 23 10.20 4.83 33.67
CA VAL K 23 9.29 4.00 32.88
C VAL K 23 8.83 2.80 33.68
N LEU K 24 9.74 2.19 34.45
CA LEU K 24 9.36 1.08 35.31
C LEU K 24 8.37 1.53 36.38
N ALA K 25 8.61 2.70 36.98
CA ALA K 25 7.71 3.21 38.00
C ALA K 25 6.34 3.53 37.42
N LEU K 26 6.30 4.12 36.23
CA LEU K 26 5.03 4.37 35.56
C LEU K 26 4.28 3.07 35.29
N LEU K 27 5.00 2.04 34.85
CA LEU K 27 4.36 0.76 34.55
C LEU K 27 3.71 0.17 35.79
N ILE K 28 4.42 0.19 36.93
CA ILE K 28 3.89 -0.43 38.14
C ILE K 28 2.66 0.33 38.64
N HIS K 29 2.72 1.67 38.63
CA HIS K 29 1.58 2.45 39.08
C HIS K 29 0.33 2.16 38.24
N PHE K 30 0.51 2.07 36.91
CA PHE K 30 -0.63 1.81 36.04
C PHE K 30 -1.15 0.39 36.20
N ILE K 31 -0.26 -0.58 36.45
CA ILE K 31 -0.69 -1.95 36.70
C ILE K 31 -1.58 -2.00 37.94
N LEU K 32 -1.17 -1.32 39.01
CA LEU K 32 -1.93 -1.35 40.25
C LEU K 32 -3.27 -0.65 40.09
N LEU K 33 -3.32 0.42 39.30
CA LEU K 33 -4.59 1.09 39.05
C LEU K 33 -5.58 0.19 38.32
N SER K 34 -5.08 -0.61 37.37
CA SER K 34 -5.97 -1.51 36.64
C SER K 34 -6.54 -2.62 37.51
N THR K 35 -5.92 -2.91 38.65
CA THR K 35 -6.46 -3.90 39.55
C THR K 35 -7.58 -3.30 40.40
N ASP K 36 -8.47 -4.17 40.88
CA ASP K 36 -9.53 -3.72 41.77
C ASP K 36 -9.02 -3.49 43.19
N ARG K 37 -8.10 -4.34 43.65
CA ARG K 37 -7.68 -4.28 45.04
C ARG K 37 -6.77 -3.09 45.32
N PHE K 38 -5.88 -2.77 44.40
CA PHE K 38 -4.85 -1.75 44.64
C PHE K 38 -5.14 -0.44 43.92
N ASN K 39 -6.35 -0.25 43.40
CA ASN K 39 -6.73 1.04 42.82
C ASN K 39 -7.04 2.00 43.97
N TRP K 40 -6.22 3.03 44.11
CA TRP K 40 -6.35 3.96 45.22
C TRP K 40 -7.21 5.18 44.90
N LEU K 41 -7.74 5.28 43.68
CA LEU K 41 -8.55 6.44 43.33
C LEU K 41 -10.04 6.17 43.52
N ASP K 42 -10.59 5.22 42.76
CA ASP K 42 -11.99 4.87 42.87
C ASP K 42 -12.23 3.54 43.59
N GLY K 43 -11.26 2.64 43.57
CA GLY K 43 -11.44 1.32 44.13
C GLY K 43 -11.77 0.31 43.06
N PRO K 44 -12.64 -0.64 43.38
CA PRO K 44 -13.06 -1.63 42.38
C PRO K 44 -13.73 -0.95 41.19
N HIS K 45 -13.46 -1.47 40.00
CA HIS K 45 -13.94 -0.83 38.78
C HIS K 45 -15.45 -1.04 38.60
N ARG K 46 -15.94 -2.24 38.92
CA ARG K 46 -17.36 -2.57 38.78
C ARG K 46 -17.87 -2.33 37.36
N SER L 7 40.85 3.79 32.40
CA SER L 7 40.47 5.16 32.05
C SER L 7 40.07 5.27 30.58
N ILE L 8 39.31 4.26 30.11
CA ILE L 8 38.89 4.25 28.71
C ILE L 8 37.96 5.42 28.43
N THR L 9 36.98 5.66 29.30
CA THR L 9 36.01 6.72 29.08
C THR L 9 36.67 8.09 29.11
N GLY L 10 37.57 8.31 30.08
CA GLY L 10 38.20 9.60 30.24
C GLY L 10 38.25 10.05 31.68
N LEU L 11 37.76 9.22 32.59
CA LEU L 11 37.76 9.53 34.01
C LEU L 11 39.03 9.00 34.67
N THR L 12 39.47 9.71 35.70
CA THR L 12 40.69 9.34 36.41
C THR L 12 40.36 8.33 37.51
N GLU L 13 41.33 8.06 38.37
CA GLU L 13 41.10 7.12 39.46
C GLU L 13 40.36 7.78 40.62
N ALA L 14 40.77 9.00 40.99
CA ALA L 14 40.18 9.65 42.15
C ALA L 14 38.71 10.02 41.90
N GLU L 15 38.41 10.58 40.74
CA GLU L 15 37.04 11.04 40.49
C GLU L 15 36.10 9.89 40.20
N ALA L 16 36.60 8.80 39.61
CA ALA L 16 35.75 7.63 39.41
C ALA L 16 35.34 7.02 40.74
N LYS L 17 36.26 6.97 41.70
CA LYS L 17 35.89 6.52 43.04
C LYS L 17 35.02 7.55 43.75
N GLU L 18 35.15 8.82 43.37
CA GLU L 18 34.30 9.85 43.97
C GLU L 18 32.88 9.77 43.45
N PHE L 19 32.72 9.53 42.14
CA PHE L 19 31.39 9.30 41.60
C PHE L 19 30.77 8.05 42.21
N HIS L 20 31.56 7.01 42.40
CA HIS L 20 31.05 5.77 42.98
C HIS L 20 30.55 5.99 44.40
N GLY L 21 31.25 6.84 45.16
CA GLY L 21 30.79 7.14 46.50
C GLY L 21 29.44 7.84 46.54
N ILE L 22 29.27 8.84 45.67
CA ILE L 22 28.00 9.56 45.61
C ILE L 22 26.91 8.67 45.00
N PHE L 23 27.28 7.86 44.00
CA PHE L 23 26.31 6.96 43.39
C PHE L 23 25.75 5.97 44.41
N ILE L 24 26.62 5.39 45.23
CA ILE L 24 26.18 4.38 46.18
C ILE L 24 25.31 5.00 47.28
N THR L 25 25.72 6.13 47.82
CA THR L 25 24.96 6.73 48.91
C THR L 25 23.61 7.24 48.44
N SER L 26 23.53 7.76 47.22
CA SER L 26 22.24 8.15 46.67
C SER L 26 21.40 6.93 46.32
N PHE L 27 22.06 5.83 45.92
CA PHE L 27 21.35 4.57 45.71
C PHE L 27 20.74 4.07 47.01
N ILE L 28 21.47 4.19 48.12
CA ILE L 28 20.95 3.77 49.41
C ILE L 28 19.78 4.63 49.82
N VAL L 29 19.88 5.95 49.64
CA VAL L 29 18.81 6.85 50.02
C VAL L 29 17.56 6.58 49.21
N PHE L 30 17.73 6.36 47.89
CA PHE L 30 16.58 6.02 47.05
C PHE L 30 15.95 4.70 47.50
N THR L 31 16.78 3.72 47.84
CA THR L 31 16.27 2.43 48.31
C THR L 31 15.53 2.58 49.64
N VAL L 32 16.13 3.31 50.58
CA VAL L 32 15.52 3.44 51.90
C VAL L 32 14.16 4.13 51.82
N ILE L 33 14.06 5.18 51.00
CA ILE L 33 12.77 5.82 50.78
C ILE L 33 11.78 4.83 50.18
N ALA L 34 12.24 4.04 49.21
CA ALA L 34 11.36 3.04 48.59
C ALA L 34 10.93 1.98 49.60
N ILE L 35 11.82 1.62 50.53
CA ILE L 35 11.48 0.63 51.55
C ILE L 35 10.36 1.14 52.44
N VAL L 36 10.46 2.37 52.90
CA VAL L 36 9.42 2.94 53.75
C VAL L 36 8.12 3.10 52.96
N ALA L 37 8.21 3.45 51.68
CA ALA L 37 7.02 3.52 50.84
C ALA L 37 6.35 2.16 50.74
N HIS L 38 7.14 1.09 50.61
CA HIS L 38 6.56 -0.25 50.55
C HIS L 38 5.96 -0.67 51.89
N LEU L 39 6.57 -0.24 53.01
CA LEU L 39 6.01 -0.53 54.32
C LEU L 39 4.63 0.10 54.47
N LEU L 40 4.50 1.35 54.04
CA LEU L 40 3.20 2.02 54.11
C LEU L 40 2.21 1.37 53.14
N ALA L 41 2.66 1.01 51.94
CA ALA L 41 1.77 0.38 50.97
C ALA L 41 1.28 -0.97 51.49
N TRP L 42 2.16 -1.72 52.16
CA TRP L 42 1.73 -2.98 52.76
C TRP L 42 0.69 -2.74 53.84
N GLN L 43 0.87 -1.69 54.66
CA GLN L 43 -0.10 -1.38 55.68
C GLN L 43 -1.44 -1.00 55.09
N TRP L 44 -1.43 -0.21 54.00
CA TRP L 44 -2.68 0.16 53.35
C TRP L 44 -3.36 -1.05 52.72
N ARG L 45 -2.62 -1.84 51.96
CA ARG L 45 -3.19 -2.97 51.22
C ARG L 45 -2.10 -4.01 51.00
N PRO L 46 -2.09 -5.07 51.79
CA PRO L 46 -1.08 -6.12 51.60
C PRO L 46 -1.29 -6.87 50.28
N TRP L 47 -0.20 -7.41 49.75
CA TRP L 47 -0.22 -8.26 48.58
C TRP L 47 0.30 -9.65 48.98
N LEU L 48 0.53 -10.48 47.97
CA LEU L 48 0.93 -11.88 48.16
C LEU L 48 -0.13 -12.62 48.97
N PRO L 49 -1.31 -12.86 48.40
CA PRO L 49 -2.37 -13.53 49.16
C PRO L 49 -2.10 -15.00 49.34
N ALA L 50 -2.91 -15.62 50.19
CA ALA L 50 -2.89 -17.07 50.32
C ALA L 50 -3.55 -17.69 49.09
N VAL L 51 -3.38 -19.01 48.96
CA VAL L 51 -3.93 -19.73 47.81
C VAL L 51 -5.45 -19.62 47.78
N THR L 52 -6.07 -19.41 48.94
CA THR L 52 -7.52 -19.26 49.03
C THR L 52 -7.99 -17.83 48.84
N GLY L 53 -7.07 -16.87 48.76
CA GLY L 53 -7.42 -15.47 48.64
C GLY L 53 -6.98 -14.67 49.85
N TYR L 54 -7.25 -13.36 49.78
CA TYR L 54 -6.84 -12.47 50.86
C TYR L 54 -7.67 -12.71 52.12
N GLY L 55 -8.97 -12.99 51.95
CA GLY L 55 -9.82 -13.20 53.10
C GLY L 55 -9.97 -11.97 53.98
N THR L 56 -10.17 -10.81 53.37
CA THR L 56 -10.29 -9.53 54.08
C THR L 56 -9.09 -9.27 55.00
N FME M 1 39.22 -19.73 31.74
CN FME M 1 39.84 -20.04 32.88
O1 FME M 1 40.94 -20.57 32.97
CA FME M 1 37.95 -19.04 31.69
CB FME M 1 36.93 -19.70 32.62
CG FME M 1 36.42 -21.03 32.11
SD FME M 1 35.49 -20.85 30.57
CE FME M 1 34.28 -19.64 31.05
C FME M 1 38.09 -17.55 32.02
O FME M 1 37.08 -16.82 31.88
N TRP M 2 39.26 -17.10 32.46
CA TRP M 2 39.52 -15.68 32.64
C TRP M 2 39.89 -15.09 31.30
N ARG M 3 40.41 -15.96 30.42
CA ARG M 3 40.78 -15.58 29.07
C ARG M 3 39.57 -15.38 28.16
N MET M 4 38.36 -15.66 28.66
CA MET M 4 37.15 -15.33 27.92
C MET M 4 37.11 -13.85 27.58
N TRP M 5 37.57 -13.01 28.51
CA TRP M 5 37.62 -11.58 28.29
C TRP M 5 38.75 -11.16 27.35
N LEU M 6 39.66 -12.08 27.01
CA LEU M 6 40.61 -11.82 25.94
C LEU M 6 39.96 -11.96 24.56
N LEU M 7 38.72 -12.45 24.50
CA LEU M 7 37.99 -12.60 23.25
C LEU M 7 36.81 -11.64 23.13
N PHE M 8 36.08 -11.41 24.21
CA PHE M 8 34.88 -10.59 24.19
C PHE M 8 35.12 -9.29 24.96
N ASP M 9 34.57 -8.20 24.44
CA ASP M 9 34.65 -6.91 25.11
C ASP M 9 33.76 -6.93 26.36
N PRO M 10 34.31 -6.66 27.55
CA PRO M 10 33.45 -6.59 28.74
C PRO M 10 32.36 -5.54 28.64
N ARG M 11 32.60 -4.45 27.91
CA ARG M 11 31.58 -3.42 27.77
C ARG M 11 30.34 -3.97 27.07
N ARG M 12 30.55 -4.70 25.98
CA ARG M 12 29.41 -5.27 25.26
C ARG M 12 28.81 -6.44 26.01
N ILE M 13 29.63 -7.21 26.73
CA ILE M 13 29.13 -8.37 27.46
C ILE M 13 28.16 -7.93 28.56
N LEU M 14 28.55 -6.91 29.33
CA LEU M 14 27.71 -6.46 30.43
C LEU M 14 26.41 -5.83 29.92
N VAL M 15 26.49 -5.03 28.85
CA VAL M 15 25.29 -4.41 28.30
C VAL M 15 24.35 -5.47 27.73
N ALA M 16 24.90 -6.42 26.98
CA ALA M 16 24.08 -7.50 26.44
C ALA M 16 23.49 -8.34 27.56
N LEU M 17 24.30 -8.66 28.57
CA LEU M 17 23.81 -9.43 29.71
C LEU M 17 22.79 -8.64 30.51
N GLY M 18 23.03 -7.33 30.67
CA GLY M 18 22.09 -6.51 31.42
C GLY M 18 20.72 -6.43 30.78
N VAL M 19 20.70 -6.23 29.46
CA VAL M 19 19.43 -6.21 28.73
C VAL M 19 18.78 -7.59 28.76
N PHE M 20 19.59 -8.64 28.55
CA PHE M 20 19.04 -9.99 28.50
C PHE M 20 18.41 -10.38 29.82
N LEU M 21 19.06 -10.09 30.94
CA LEU M 21 18.52 -10.45 32.24
C LEU M 21 17.22 -9.72 32.54
N PHE M 22 17.15 -8.43 32.19
CA PHE M 22 15.93 -7.68 32.45
C PHE M 22 14.76 -8.18 31.60
N VAL M 23 15.00 -8.46 30.32
CA VAL M 23 13.95 -8.96 29.46
C VAL M 23 13.47 -10.32 29.93
N LEU M 24 14.41 -11.19 30.30
CA LEU M 24 14.02 -12.49 30.86
C LEU M 24 13.25 -12.33 32.16
N ALA M 25 13.72 -11.44 33.03
CA ALA M 25 13.04 -11.22 34.31
C ALA M 25 11.65 -10.64 34.10
N LEU M 26 11.52 -9.68 33.19
CA LEU M 26 10.21 -9.09 32.92
C LEU M 26 9.25 -10.13 32.35
N LEU M 27 9.74 -11.00 31.48
CA LEU M 27 8.90 -12.04 30.90
C LEU M 27 8.37 -12.99 31.97
N ILE M 28 9.22 -13.41 32.91
CA ILE M 28 8.80 -14.37 33.92
C ILE M 28 7.77 -13.75 34.85
N HIS M 29 7.98 -12.49 35.26
CA HIS M 29 7.01 -11.82 36.11
C HIS M 29 5.64 -11.74 35.44
N PHE M 30 5.63 -11.41 34.14
CA PHE M 30 4.36 -11.31 33.42
C PHE M 30 3.71 -12.66 33.23
N ILE M 31 4.51 -13.72 33.04
CA ILE M 31 3.95 -15.07 32.94
C ILE M 31 3.27 -15.45 34.24
N LEU M 32 3.91 -15.16 35.38
CA LEU M 32 3.32 -15.48 36.67
C LEU M 32 2.04 -14.69 36.92
N LEU M 33 2.03 -13.42 36.53
CA LEU M 33 0.81 -12.62 36.65
C LEU M 33 -0.33 -13.22 35.83
N SER M 34 -0.01 -13.77 34.66
CA SER M 34 -1.04 -14.36 33.81
C SER M 34 -1.65 -15.60 34.43
N THR M 35 -0.87 -16.36 35.19
CA THR M 35 -1.40 -17.57 35.82
C THR M 35 -2.36 -17.20 36.94
N ASP M 36 -3.29 -18.11 37.22
CA ASP M 36 -4.21 -17.90 38.33
C ASP M 36 -3.53 -18.11 39.67
N ARG M 37 -2.69 -19.14 39.77
CA ARG M 37 -2.14 -19.53 41.06
C ARG M 37 -1.10 -18.55 41.56
N PHE M 38 -0.24 -18.03 40.68
CA PHE M 38 0.90 -17.24 41.08
C PHE M 38 0.69 -15.74 40.91
N ASN M 39 -0.53 -15.31 40.60
CA ASN M 39 -0.83 -13.89 40.57
C ASN M 39 -0.83 -13.35 42.00
N TRP M 40 0.09 -12.45 42.29
CA TRP M 40 0.27 -11.92 43.64
C TRP M 40 -0.46 -10.62 43.89
N LEU M 41 -1.16 -10.08 42.89
CA LEU M 41 -1.88 -8.83 43.09
C LEU M 41 -3.35 -9.06 43.43
N ASP M 42 -4.10 -9.64 42.51
CA ASP M 42 -5.51 -9.94 42.79
C ASP M 42 -5.69 -11.36 43.31
N GLY M 43 -4.71 -12.23 43.13
CA GLY M 43 -4.76 -13.57 43.66
C GLY M 43 -5.64 -14.48 42.83
N PRO M 44 -5.90 -15.68 43.35
CA PRO M 44 -6.69 -16.67 42.61
C PRO M 44 -8.16 -16.28 42.49
N HIS M 45 -8.78 -16.73 41.41
CA HIS M 45 -10.19 -16.45 41.16
C HIS M 45 -11.02 -17.72 41.27
N SER N 7 45.42 -10.11 21.57
CA SER N 7 44.38 -9.54 22.42
C SER N 7 43.48 -8.58 21.64
N ILE N 8 42.48 -9.15 20.96
CA ILE N 8 41.55 -8.35 20.18
C ILE N 8 40.77 -7.41 21.09
N THR N 9 40.39 -7.91 22.28
CA THR N 9 39.58 -7.12 23.19
C THR N 9 40.27 -5.82 23.61
N GLY N 10 41.59 -5.78 23.56
CA GLY N 10 42.33 -4.64 24.03
C GLY N 10 42.63 -4.63 25.51
N LEU N 11 42.35 -5.73 26.20
CA LEU N 11 42.58 -5.84 27.64
C LEU N 11 43.85 -6.65 27.89
N THR N 12 44.73 -6.11 28.74
CA THR N 12 45.91 -6.86 29.14
C THR N 12 45.50 -8.03 30.04
N GLU N 13 46.41 -8.99 30.18
CA GLU N 13 46.11 -10.17 30.98
C GLU N 13 45.81 -9.81 32.43
N ALA N 14 46.50 -8.78 32.96
CA ALA N 14 46.31 -8.40 34.35
C ALA N 14 44.90 -7.85 34.59
N GLU N 15 44.47 -6.88 33.76
CA GLU N 15 43.15 -6.30 33.96
C GLU N 15 42.04 -7.23 33.51
N ALA N 16 42.35 -8.17 32.60
CA ALA N 16 41.36 -9.20 32.25
C ALA N 16 41.05 -10.08 33.45
N LYS N 17 42.08 -10.45 34.21
CA LYS N 17 41.85 -11.21 35.44
C LYS N 17 41.20 -10.34 36.51
N GLU N 18 41.42 -9.03 36.46
CA GLU N 18 40.74 -8.13 37.38
C GLU N 18 39.24 -8.12 37.12
N PHE N 19 38.84 -8.04 35.85
CA PHE N 19 37.42 -8.06 35.51
C PHE N 19 36.80 -9.40 35.87
N HIS N 20 37.51 -10.50 35.60
CA HIS N 20 36.97 -11.83 35.85
C HIS N 20 36.68 -12.04 37.33
N GLY N 21 37.58 -11.59 38.20
CA GLY N 21 37.32 -11.70 39.63
C GLY N 21 36.09 -10.92 40.07
N ILE N 22 35.92 -9.71 39.52
CA ILE N 22 34.75 -8.90 39.85
C ILE N 22 33.49 -9.50 39.23
N PHE N 23 33.61 -10.00 38.00
CA PHE N 23 32.44 -10.56 37.33
C PHE N 23 31.90 -11.79 38.06
N ILE N 24 32.79 -12.66 38.53
CA ILE N 24 32.34 -13.89 39.17
C ILE N 24 31.71 -13.59 40.52
N THR N 25 32.34 -12.73 41.32
CA THR N 25 31.82 -12.47 42.66
C THR N 25 30.46 -11.77 42.62
N SER N 26 30.27 -10.86 41.66
CA SER N 26 28.97 -10.22 41.51
C SER N 26 27.95 -11.19 40.95
N PHE N 27 28.39 -12.12 40.09
CA PHE N 27 27.51 -13.19 39.64
C PHE N 27 27.09 -14.08 40.81
N ILE N 28 28.02 -14.34 41.73
CA ILE N 28 27.68 -15.12 42.92
C ILE N 28 26.68 -14.38 43.79
N VAL N 29 26.90 -13.08 44.01
CA VAL N 29 25.98 -12.31 44.82
C VAL N 29 24.61 -12.23 44.15
N PHE N 30 24.59 -12.01 42.83
CA PHE N 30 23.33 -11.97 42.10
C PHE N 30 22.59 -13.29 42.21
N THR N 31 23.30 -14.41 42.11
CA THR N 31 22.67 -15.71 42.20
C THR N 31 22.18 -16.00 43.62
N VAL N 32 22.97 -15.63 44.63
CA VAL N 32 22.58 -15.91 46.01
C VAL N 32 21.30 -15.16 46.38
N ILE N 33 21.18 -13.90 45.94
CA ILE N 33 19.95 -13.16 46.17
C ILE N 33 18.77 -13.84 45.49
N ALA N 34 18.98 -14.32 44.26
CA ALA N 34 17.92 -15.02 43.55
C ALA N 34 17.57 -16.34 44.23
N ILE N 35 18.57 -17.03 44.77
CA ILE N 35 18.31 -18.30 45.44
C ILE N 35 17.41 -18.11 46.66
N VAL N 36 17.73 -17.12 47.49
CA VAL N 36 16.87 -16.85 48.64
C VAL N 36 15.51 -16.33 48.19
N ALA N 37 15.47 -15.58 47.07
CA ALA N 37 14.21 -15.12 46.53
C ALA N 37 13.32 -16.29 46.14
N HIS N 38 13.91 -17.33 45.55
CA HIS N 38 13.13 -18.52 45.19
C HIS N 38 12.73 -19.31 46.44
N LEU N 39 13.55 -19.26 47.49
CA LEU N 39 13.18 -19.89 48.74
C LEU N 39 11.92 -19.26 49.33
N LEU N 40 11.85 -17.93 49.29
CA LEU N 40 10.68 -17.24 49.79
C LEU N 40 9.48 -17.45 48.86
N ALA N 41 9.71 -17.43 47.54
CA ALA N 41 8.62 -17.66 46.61
C ALA N 41 8.04 -19.05 46.78
N TRP N 42 8.90 -20.06 47.00
CA TRP N 42 8.41 -21.41 47.23
C TRP N 42 7.58 -21.48 48.50
N GLN N 43 8.00 -20.78 49.55
CA GLN N 43 7.22 -20.74 50.79
C GLN N 43 5.86 -20.10 50.55
N TRP N 44 5.80 -19.05 49.74
CA TRP N 44 4.53 -18.39 49.47
C TRP N 44 3.61 -19.27 48.65
N ARG N 45 4.12 -19.84 47.56
CA ARG N 45 3.28 -20.61 46.63
C ARG N 45 4.18 -21.60 45.90
N PRO N 46 4.17 -22.86 46.32
CA PRO N 46 5.00 -23.86 45.63
C PRO N 46 4.52 -24.12 44.21
N TRP N 47 5.47 -24.36 43.32
CA TRP N 47 5.20 -24.83 41.97
C TRP N 47 5.54 -26.32 41.89
N LEU N 48 5.54 -26.87 40.67
CA LEU N 48 5.81 -28.28 40.41
C LEU N 48 4.80 -29.16 41.13
N PRO N 49 3.54 -29.16 40.69
CA PRO N 49 2.50 -29.93 41.40
C PRO N 49 2.60 -31.42 41.12
N ALA N 50 1.86 -32.18 41.91
CA ALA N 50 1.67 -33.59 41.60
C ALA N 50 0.80 -33.73 40.37
N VAL N 51 0.77 -34.94 39.81
CA VAL N 51 0.01 -35.18 38.58
C VAL N 51 -1.48 -34.97 38.82
N THR N 52 -1.93 -35.09 40.06
CA THR N 52 -3.33 -34.88 40.42
C THR N 52 -3.64 -33.43 40.78
N GLY N 53 -2.64 -32.56 40.80
CA GLY N 53 -2.84 -31.17 41.13
C GLY N 53 -2.17 -30.81 42.46
N TYR N 54 -2.34 -29.54 42.84
CA TYR N 54 -1.70 -29.04 44.05
C TYR N 54 -2.41 -29.56 45.30
N GLY N 55 -3.74 -29.57 45.29
CA GLY N 55 -4.50 -30.06 46.42
C GLY N 55 -4.23 -29.32 47.72
N THR N 56 -4.66 -28.06 47.78
CA THR N 56 -4.44 -27.19 48.95
C THR N 56 -2.96 -27.07 49.29
N FME O 1 39.79 -34.17 17.67
CN FME O 1 40.89 -34.35 16.95
O1 FME O 1 41.16 -33.77 15.90
CA FME O 1 38.77 -33.21 17.29
CB FME O 1 37.48 -33.45 18.10
CG FME O 1 36.32 -32.58 17.66
SD FME O 1 35.97 -32.74 15.90
CE FME O 1 35.62 -34.50 15.79
C FME O 1 39.26 -31.76 17.48
O FME O 1 38.65 -30.85 16.90
N TRP O 2 40.33 -31.56 18.25
CA TRP O 2 40.85 -30.24 18.56
C TRP O 2 41.23 -29.46 17.30
N ARG O 3 41.43 -30.17 16.21
CA ARG O 3 41.78 -29.52 14.95
C ARG O 3 40.64 -28.71 14.36
N MET O 4 39.42 -28.87 14.88
CA MET O 4 38.30 -28.08 14.41
C MET O 4 38.49 -26.59 14.70
N TRP O 5 39.20 -26.27 15.78
CA TRP O 5 39.38 -24.88 16.15
C TRP O 5 40.38 -24.15 15.25
N LEU O 6 41.17 -24.89 14.47
CA LEU O 6 41.93 -24.29 13.39
C LEU O 6 41.05 -24.00 12.17
N LEU O 7 39.91 -24.67 12.05
CA LEU O 7 38.98 -24.47 10.95
C LEU O 7 37.91 -23.44 11.25
N PHE O 8 37.44 -23.36 12.49
CA PHE O 8 36.38 -22.45 12.88
C PHE O 8 36.85 -21.55 14.02
N ASP O 9 36.45 -20.29 13.96
CA ASP O 9 36.80 -19.33 14.98
C ASP O 9 36.10 -19.68 16.30
N PRO O 10 36.83 -19.87 17.39
CA PRO O 10 36.17 -20.15 18.68
C PRO O 10 35.22 -19.05 19.12
N ARG O 11 35.53 -17.78 18.80
CA ARG O 11 34.64 -16.70 19.18
C ARG O 11 33.31 -16.81 18.44
N ARG O 12 33.36 -17.15 17.15
CA ARG O 12 32.13 -17.34 16.38
C ARG O 12 31.31 -18.52 16.89
N ILE O 13 31.99 -19.62 17.25
CA ILE O 13 31.28 -20.81 17.69
C ILE O 13 30.54 -20.56 19.00
N LEU O 14 31.20 -19.88 19.95
CA LEU O 14 30.62 -19.71 21.28
C LEU O 14 29.34 -18.88 21.22
N VAL O 15 29.36 -17.78 20.49
CA VAL O 15 28.17 -16.92 20.42
C VAL O 15 27.04 -17.65 19.68
N ALA O 16 27.37 -18.34 18.59
CA ALA O 16 26.35 -19.10 17.88
C ALA O 16 25.80 -20.23 18.73
N LEU O 17 26.67 -20.93 19.46
CA LEU O 17 26.23 -22.00 20.34
C LEU O 17 25.40 -21.46 21.49
N GLY O 18 25.79 -20.31 22.05
CA GLY O 18 25.02 -19.73 23.13
C GLY O 18 23.61 -19.35 22.71
N VAL O 19 23.49 -18.74 21.53
CA VAL O 19 22.17 -18.38 21.02
C VAL O 19 21.38 -19.65 20.69
N PHE O 20 22.04 -20.61 20.04
CA PHE O 20 21.36 -21.86 19.69
C PHE O 20 20.87 -22.60 20.93
N LEU O 21 21.70 -22.68 21.97
CA LEU O 21 21.30 -23.40 23.17
C LEU O 21 20.19 -22.68 23.93
N PHE O 22 20.21 -21.34 23.92
CA PHE O 22 19.17 -20.60 24.62
C PHE O 22 17.83 -20.72 23.92
N VAL O 23 17.81 -20.59 22.59
CA VAL O 23 16.56 -20.72 21.85
C VAL O 23 16.01 -22.13 21.97
N LEU O 24 16.88 -23.13 21.88
CA LEU O 24 16.44 -24.51 22.06
C LEU O 24 15.83 -24.73 23.44
N ALA O 25 16.48 -24.22 24.48
CA ALA O 25 15.94 -24.35 25.82
C ALA O 25 14.64 -23.58 25.96
N LEU O 26 14.55 -22.40 25.35
CA LEU O 26 13.32 -21.63 25.37
C LEU O 26 12.20 -22.39 24.66
N LEU O 27 12.53 -23.05 23.55
CA LEU O 27 11.52 -23.81 22.82
C LEU O 27 11.01 -25.00 23.63
N ILE O 28 11.91 -25.73 24.29
CA ILE O 28 11.50 -26.89 25.06
C ILE O 28 10.64 -26.48 26.25
N HIS O 29 11.06 -25.43 26.96
CA HIS O 29 10.27 -24.95 28.09
C HIS O 29 8.87 -24.53 27.66
N PHE O 30 8.77 -23.83 26.53
CA PHE O 30 7.47 -23.40 26.04
C PHE O 30 6.58 -24.60 25.69
N ILE O 31 7.15 -25.61 25.03
CA ILE O 31 6.38 -26.78 24.63
C ILE O 31 5.85 -27.50 25.85
N LEU O 32 6.69 -27.70 26.86
CA LEU O 32 6.26 -28.36 28.08
C LEU O 32 5.19 -27.56 28.80
N LEU O 33 5.36 -26.24 28.87
CA LEU O 33 4.40 -25.39 29.56
C LEU O 33 3.04 -25.38 28.88
N SER O 34 3.00 -25.65 27.58
CA SER O 34 1.73 -25.69 26.86
C SER O 34 1.07 -27.06 26.88
N THR O 35 1.71 -28.06 27.48
CA THR O 35 1.08 -29.35 27.67
C THR O 35 0.29 -29.36 28.96
N ASP O 36 -0.64 -30.30 29.06
CA ASP O 36 -1.41 -30.47 30.29
C ASP O 36 -0.56 -31.13 31.38
N ARG O 37 0.22 -32.15 31.00
CA ARG O 37 0.90 -32.97 32.00
C ARG O 37 2.10 -32.25 32.60
N PHE O 38 2.88 -31.54 31.78
CA PHE O 38 4.14 -30.97 32.23
C PHE O 38 4.07 -29.49 32.53
N ASN O 39 2.88 -28.92 32.63
CA ASN O 39 2.73 -27.54 33.05
C ASN O 39 3.02 -27.44 34.54
N TRP O 40 4.11 -26.78 34.90
CA TRP O 40 4.54 -26.72 36.29
C TRP O 40 4.01 -25.51 37.03
N LEU O 41 3.28 -24.60 36.37
CA LEU O 41 2.74 -23.42 37.04
C LEU O 41 1.31 -23.63 37.50
N ASP O 42 0.38 -23.80 36.58
CA ASP O 42 -1.02 -24.01 36.95
C ASP O 42 -1.37 -25.48 37.11
N GLY O 43 -0.58 -26.38 36.54
CA GLY O 43 -0.78 -27.80 36.70
C GLY O 43 -1.80 -28.36 35.74
N PRO O 44 -2.15 -29.63 35.93
CA PRO O 44 -3.15 -30.25 35.05
C PRO O 44 -4.52 -29.64 35.24
N HIS O 45 -5.32 -29.68 34.18
CA HIS O 45 -6.69 -29.19 34.24
C HIS O 45 -7.66 -30.32 34.56
N SER P 7 46.88 -22.18 9.66
CA SER P 7 45.81 -21.79 10.56
C SER P 7 44.91 -20.74 9.93
N ILE P 8 43.90 -21.19 9.19
CA ILE P 8 42.97 -20.27 8.55
C ILE P 8 42.23 -19.45 9.60
N THR P 9 41.90 -20.06 10.73
CA THR P 9 41.30 -19.31 11.84
C THR P 9 42.26 -18.27 12.39
N GLY P 10 43.53 -18.63 12.52
CA GLY P 10 44.51 -17.72 13.09
C GLY P 10 44.85 -18.06 14.53
N LEU P 11 44.94 -19.35 14.82
CA LEU P 11 45.28 -19.83 16.15
C LEU P 11 46.52 -20.70 16.08
N THR P 12 47.41 -20.54 17.04
CA THR P 12 48.57 -21.41 17.13
C THR P 12 48.17 -22.75 17.74
N GLU P 13 49.12 -23.69 17.75
CA GLU P 13 48.86 -24.98 18.35
C GLU P 13 48.59 -24.86 19.85
N ALA P 14 49.35 -24.01 20.53
CA ALA P 14 49.21 -23.90 21.99
C ALA P 14 47.83 -23.42 22.39
N GLU P 15 47.36 -22.34 21.77
CA GLU P 15 46.09 -21.77 22.17
C GLU P 15 44.90 -22.58 21.65
N ALA P 16 45.06 -23.27 20.52
CA ALA P 16 44.01 -24.16 20.04
C ALA P 16 43.80 -25.32 21.01
N LYS P 17 44.89 -25.90 21.51
CA LYS P 17 44.77 -26.96 22.50
C LYS P 17 44.16 -26.45 23.79
N GLU P 18 44.54 -25.24 24.21
CA GLU P 18 44.01 -24.68 25.44
C GLU P 18 42.50 -24.49 25.36
N PHE P 19 42.01 -23.93 24.25
CA PHE P 19 40.57 -23.73 24.10
C PHE P 19 39.83 -25.06 24.06
N HIS P 20 40.40 -26.05 23.39
CA HIS P 20 39.76 -27.35 23.29
C HIS P 20 39.60 -28.00 24.66
N GLY P 21 40.63 -27.89 25.50
CA GLY P 21 40.51 -28.43 26.85
C GLY P 21 39.44 -27.74 27.66
N ILE P 22 39.36 -26.41 27.57
CA ILE P 22 38.33 -25.67 28.30
C ILE P 22 36.96 -25.96 27.72
N PHE P 23 36.86 -26.07 26.39
CA PHE P 23 35.58 -26.33 25.76
C PHE P 23 35.00 -27.67 26.19
N ILE P 24 35.83 -28.72 26.20
CA ILE P 24 35.35 -30.05 26.59
C ILE P 24 34.94 -30.05 28.05
N THR P 25 35.74 -29.43 28.92
CA THR P 25 35.40 -29.40 30.34
C THR P 25 34.08 -28.66 30.58
N SER P 26 33.89 -27.54 29.89
CA SER P 26 32.62 -26.81 30.01
C SER P 26 31.47 -27.63 29.44
N PHE P 27 31.70 -28.33 28.33
CA PHE P 27 30.66 -29.17 27.76
C PHE P 27 30.29 -30.32 28.70
N ILE P 28 31.30 -30.92 29.34
CA ILE P 28 31.04 -32.00 30.29
C ILE P 28 30.29 -31.47 31.50
N VAL P 29 30.72 -30.35 32.05
CA VAL P 29 30.07 -29.78 33.23
C VAL P 29 28.63 -29.41 32.90
N PHE P 30 28.41 -28.81 31.73
CA PHE P 30 27.06 -28.46 31.32
C PHE P 30 26.17 -29.69 31.17
N THR P 31 26.70 -30.76 30.56
CA THR P 31 25.91 -31.96 30.36
C THR P 31 25.61 -32.66 31.68
N VAL P 32 26.57 -32.72 32.59
CA VAL P 32 26.36 -33.40 33.86
C VAL P 32 25.26 -32.72 34.66
N ILE P 33 25.26 -31.38 34.68
CA ILE P 33 24.20 -30.66 35.37
C ILE P 33 22.85 -30.94 34.70
N ALA P 34 22.83 -30.98 33.37
CA ALA P 34 21.59 -31.27 32.66
C ALA P 34 21.11 -32.69 32.94
N ILE P 35 22.02 -33.65 33.05
CA ILE P 35 21.64 -35.03 33.33
C ILE P 35 20.91 -35.13 34.67
N VAL P 36 21.45 -34.48 35.70
CA VAL P 36 20.81 -34.50 37.01
C VAL P 36 19.48 -33.75 36.95
N ALA P 37 19.42 -32.69 36.16
CA ALA P 37 18.16 -31.96 35.99
C ALA P 37 17.09 -32.87 35.39
N HIS P 38 17.46 -33.67 34.39
CA HIS P 38 16.51 -34.61 33.80
C HIS P 38 16.11 -35.70 34.78
N LEU P 39 17.04 -36.13 35.64
CA LEU P 39 16.70 -37.13 36.65
C LEU P 39 15.65 -36.58 37.62
N LEU P 40 15.83 -35.34 38.06
CA LEU P 40 14.84 -34.73 38.93
C LEU P 40 13.52 -34.48 38.19
N ALA P 41 13.60 -34.07 36.92
CA ALA P 41 12.40 -33.88 36.13
C ALA P 41 11.65 -35.19 35.94
N TRP P 42 12.38 -36.29 35.72
CA TRP P 42 11.74 -37.59 35.60
C TRP P 42 11.05 -37.99 36.91
N GLN P 43 11.67 -37.65 38.03
CA GLN P 43 11.06 -37.93 39.33
C GLN P 43 9.77 -37.13 39.52
N TRP P 44 9.76 -35.87 39.08
CA TRP P 44 8.56 -35.05 39.20
C TRP P 44 7.46 -35.54 38.28
N ARG P 45 7.79 -35.80 37.02
CA ARG P 45 6.79 -36.18 36.03
C ARG P 45 7.43 -37.00 34.92
N PRO P 46 7.30 -38.33 34.96
CA PRO P 46 7.88 -39.15 33.89
C PRO P 46 7.20 -38.92 32.55
N TRP P 47 7.98 -39.05 31.48
CA TRP P 47 7.47 -39.01 30.13
C TRP P 47 7.59 -40.40 29.50
N LEU P 48 7.31 -40.49 28.20
CA LEU P 48 7.31 -41.74 27.44
C LEU P 48 6.28 -42.71 27.99
N PRO P 49 4.99 -42.42 27.86
CA PRO P 49 3.96 -43.30 28.40
C PRO P 49 3.83 -44.58 27.57
N ALA P 50 3.16 -45.56 28.17
CA ALA P 50 2.77 -46.74 27.44
C ALA P 50 1.67 -46.41 26.44
N VAL P 51 1.39 -47.35 25.54
CA VAL P 51 0.41 -47.11 24.49
C VAL P 51 -0.99 -46.93 25.06
N THR P 52 -1.24 -47.43 26.26
CA THR P 52 -2.52 -47.24 26.93
C THR P 52 -2.57 -45.96 27.77
N GLY P 53 -1.50 -45.19 27.79
CA GLY P 53 -1.43 -43.99 28.59
C GLY P 53 -0.55 -44.17 29.82
N TYR P 54 -0.53 -43.12 30.65
CA TYR P 54 0.29 -43.17 31.85
C TYR P 54 -0.34 -44.05 32.93
N GLY P 55 -1.67 -44.06 33.01
CA GLY P 55 -2.35 -44.89 33.98
C GLY P 55 -2.00 -44.56 35.42
N THR P 56 -2.02 -43.27 35.76
CA THR P 56 -1.66 -42.79 37.09
C THR P 56 -0.31 -43.33 37.55
N FME Q 1 37.46 -41.94 -1.63
CN FME Q 1 38.58 -42.01 -2.36
O1 FME Q 1 39.08 -41.06 -2.98
CA FME Q 1 36.68 -40.72 -1.52
CB FME Q 1 35.32 -40.99 -0.88
CG FME Q 1 34.33 -41.59 -1.85
SD FME Q 1 32.69 -41.83 -1.10
CE FME Q 1 31.74 -42.32 -2.54
C FME Q 1 37.41 -39.64 -0.70
O FME Q 1 36.80 -38.57 -0.50
N TRP Q 2 38.64 -39.86 -0.26
CA TRP Q 2 39.37 -38.85 0.50
C TRP Q 2 39.64 -37.60 -0.36
N ARG Q 3 39.49 -37.76 -1.68
CA ARG Q 3 39.70 -36.66 -2.61
C ARG Q 3 38.50 -35.73 -2.71
N MET Q 4 37.36 -36.09 -2.11
CA MET Q 4 36.20 -35.21 -2.17
C MET Q 4 36.40 -33.94 -1.37
N TRP Q 5 37.38 -33.91 -0.47
CA TRP Q 5 37.72 -32.70 0.25
C TRP Q 5 38.72 -31.83 -0.49
N LEU Q 6 39.23 -32.30 -1.63
CA LEU Q 6 40.07 -31.47 -2.48
C LEU Q 6 39.25 -30.49 -3.29
N LEU Q 7 38.06 -30.90 -3.75
CA LEU Q 7 37.19 -30.02 -4.53
C LEU Q 7 36.09 -29.37 -3.71
N PHE Q 8 35.81 -29.86 -2.51
CA PHE Q 8 34.79 -29.29 -1.65
C PHE Q 8 35.44 -28.66 -0.42
N ASP Q 9 35.06 -27.44 -0.10
CA ASP Q 9 35.57 -26.77 1.09
C ASP Q 9 35.04 -27.50 2.32
N PRO Q 10 35.92 -28.06 3.17
CA PRO Q 10 35.43 -28.75 4.37
C PRO Q 10 34.68 -27.82 5.32
N ARG Q 11 35.06 -26.54 5.39
CA ARG Q 11 34.31 -25.60 6.20
C ARG Q 11 32.88 -25.46 5.70
N ARG Q 12 32.71 -25.39 4.38
CA ARG Q 12 31.38 -25.19 3.82
C ARG Q 12 30.54 -26.46 3.92
N ILE Q 13 31.18 -27.63 3.79
CA ILE Q 13 30.44 -28.89 3.88
C ILE Q 13 29.91 -29.10 5.29
N LEU Q 14 30.76 -28.85 6.30
CA LEU Q 14 30.34 -29.07 7.68
C LEU Q 14 29.20 -28.14 8.08
N VAL Q 15 29.27 -26.87 7.66
CA VAL Q 15 28.24 -25.92 8.02
C VAL Q 15 26.90 -26.32 7.41
N ALA Q 16 26.91 -26.65 6.11
CA ALA Q 16 25.68 -27.07 5.45
C ALA Q 16 25.16 -28.37 6.03
N LEU Q 17 26.06 -29.33 6.26
CA LEU Q 17 25.64 -30.61 6.84
C LEU Q 17 25.16 -30.42 8.27
N GLY Q 18 25.82 -29.55 9.04
CA GLY Q 18 25.41 -29.35 10.42
C GLY Q 18 24.02 -28.75 10.55
N VAL Q 19 23.73 -27.73 9.73
CA VAL Q 19 22.41 -27.12 9.75
C VAL Q 19 21.37 -28.10 9.23
N PHE Q 20 21.71 -28.85 8.18
CA PHE Q 20 20.76 -29.78 7.59
C PHE Q 20 20.35 -30.86 8.58
N LEU Q 21 21.32 -31.44 9.29
CA LEU Q 21 21.00 -32.50 10.25
C LEU Q 21 20.14 -31.98 11.39
N PHE Q 22 20.45 -30.78 11.89
CA PHE Q 22 19.67 -30.21 12.97
C PHE Q 22 18.24 -29.87 12.51
N VAL Q 23 18.10 -29.33 11.30
CA VAL Q 23 16.77 -29.03 10.79
C VAL Q 23 15.98 -30.32 10.57
N LEU Q 24 16.62 -31.34 10.01
CA LEU Q 24 15.95 -32.62 9.81
C LEU Q 24 15.54 -33.25 11.15
N ALA Q 25 16.43 -33.18 12.15
CA ALA Q 25 16.10 -33.73 13.45
C ALA Q 25 14.96 -32.97 14.11
N LEU Q 26 14.94 -31.65 13.97
CA LEU Q 26 13.80 -30.87 14.44
C LEU Q 26 12.53 -31.26 13.71
N LEU Q 27 12.63 -31.48 12.39
CA LEU Q 27 11.47 -31.84 11.60
C LEU Q 27 10.87 -33.17 12.08
N ILE Q 28 11.72 -34.16 12.35
CA ILE Q 28 11.23 -35.47 12.75
C ILE Q 28 10.64 -35.41 14.15
N HIS Q 29 11.31 -34.73 15.08
CA HIS Q 29 10.76 -34.59 16.43
C HIS Q 29 9.42 -33.87 16.39
N PHE Q 30 9.30 -32.82 15.57
CA PHE Q 30 8.05 -32.09 15.45
C PHE Q 30 6.94 -32.97 14.90
N ILE Q 31 7.24 -33.79 13.89
CA ILE Q 31 6.24 -34.68 13.32
C ILE Q 31 5.72 -35.65 14.37
N LEU Q 32 6.63 -36.25 15.13
CA LEU Q 32 6.23 -37.24 16.12
C LEU Q 32 5.40 -36.61 17.24
N LEU Q 33 5.75 -35.39 17.66
CA LEU Q 33 4.96 -34.72 18.68
C LEU Q 33 3.54 -34.44 18.20
N SER Q 34 3.35 -34.29 16.90
CA SER Q 34 2.03 -34.02 16.35
C SER Q 34 1.26 -35.28 15.97
N THR Q 35 1.80 -36.45 16.27
CA THR Q 35 1.07 -37.70 16.11
C THR Q 35 0.41 -38.10 17.41
N ASP Q 36 -0.64 -38.91 17.30
CA ASP Q 36 -1.30 -39.41 18.50
C ASP Q 36 -0.47 -40.51 19.16
N ARG Q 37 0.08 -41.42 18.36
CA ARG Q 37 0.74 -42.61 18.90
C ARG Q 37 2.13 -42.30 19.46
N PHE Q 38 2.88 -41.42 18.79
CA PHE Q 38 4.28 -41.20 19.14
C PHE Q 38 4.50 -39.90 19.90
N ASN Q 39 3.44 -39.24 20.36
CA ASN Q 39 3.59 -38.12 21.26
C ASN Q 39 4.03 -38.63 22.62
N TRP Q 40 5.22 -38.24 23.06
CA TRP Q 40 5.78 -38.75 24.30
C TRP Q 40 5.52 -37.85 25.50
N LEU Q 41 4.86 -36.70 25.33
CA LEU Q 41 4.60 -35.80 26.43
C LEU Q 41 3.21 -35.98 27.04
N ASP Q 42 2.17 -35.71 26.26
CA ASP Q 42 0.81 -35.91 26.76
C ASP Q 42 0.30 -37.32 26.51
N GLY Q 43 0.97 -38.09 25.65
CA GLY Q 43 0.60 -39.45 25.38
C GLY Q 43 -0.56 -39.54 24.40
N PRO Q 44 -1.02 -40.75 24.14
CA PRO Q 44 -2.16 -40.93 23.25
C PRO Q 44 -3.46 -40.45 23.88
N HIS Q 45 -4.40 -40.08 23.03
CA HIS Q 45 -5.73 -39.70 23.50
C HIS Q 45 -6.62 -40.94 23.60
N SER R 7 43.76 -28.07 -6.64
CA SER R 7 43.45 -27.63 -5.29
C SER R 7 42.55 -26.41 -5.31
N ILE R 8 41.33 -26.58 -5.83
CA ILE R 8 40.37 -25.47 -5.85
C ILE R 8 39.98 -25.08 -4.44
N THR R 9 39.89 -26.06 -3.52
CA THR R 9 39.58 -25.75 -2.13
C THR R 9 40.72 -25.00 -1.46
N GLY R 10 41.95 -25.51 -1.61
CA GLY R 10 43.10 -24.90 -0.96
C GLY R 10 43.63 -25.72 0.19
N LEU R 11 43.53 -27.04 0.09
CA LEU R 11 44.05 -27.95 1.10
C LEU R 11 45.00 -28.95 0.47
N THR R 12 46.02 -29.36 1.23
CA THR R 12 46.98 -30.31 0.73
C THR R 12 46.44 -31.73 0.83
N GLU R 13 47.14 -32.65 0.18
CA GLU R 13 46.72 -34.05 0.19
C GLU R 13 46.74 -34.62 1.60
N ALA R 14 47.77 -34.28 2.38
CA ALA R 14 47.89 -34.84 3.72
C ALA R 14 46.73 -34.44 4.61
N GLU R 15 46.35 -33.17 4.59
CA GLU R 15 45.29 -32.71 5.49
C GLU R 15 43.91 -33.15 5.01
N ALA R 16 43.75 -33.41 3.71
CA ALA R 16 42.50 -33.97 3.22
C ALA R 16 42.28 -35.38 3.76
N LYS R 17 43.35 -36.17 3.84
CA LYS R 17 43.25 -37.50 4.42
C LYS R 17 42.86 -37.42 5.89
N GLU R 18 43.46 -36.50 6.64
CA GLU R 18 43.17 -36.39 8.06
C GLU R 18 41.72 -35.96 8.30
N PHE R 19 41.22 -35.02 7.50
CA PHE R 19 39.81 -34.64 7.62
C PHE R 19 38.90 -35.81 7.30
N HIS R 20 39.26 -36.60 6.27
CA HIS R 20 38.44 -37.75 5.90
C HIS R 20 38.36 -38.76 7.04
N GLY R 21 39.47 -39.00 7.73
CA GLY R 21 39.46 -39.93 8.83
C GLY R 21 38.60 -39.43 9.99
N ILE R 22 38.69 -38.15 10.29
CA ILE R 22 37.90 -37.57 11.37
C ILE R 22 36.42 -37.52 10.97
N PHE R 23 36.14 -37.16 9.72
CA PHE R 23 34.75 -37.08 9.27
C PHE R 23 34.06 -38.44 9.32
N ILE R 24 34.74 -39.49 8.84
CA ILE R 24 34.12 -40.81 8.81
C ILE R 24 33.96 -41.35 10.24
N THR R 25 34.97 -41.14 11.09
CA THR R 25 34.85 -41.60 12.47
C THR R 25 33.71 -40.90 13.18
N SER R 26 33.56 -39.59 12.97
CA SER R 26 32.45 -38.86 13.56
C SER R 26 31.12 -39.34 12.99
N PHE R 27 31.09 -39.66 11.69
CA PHE R 27 29.88 -40.19 11.08
C PHE R 27 29.50 -41.53 11.69
N ILE R 28 30.47 -42.41 11.92
CA ILE R 28 30.19 -43.72 12.49
C ILE R 28 29.66 -43.58 13.92
N VAL R 29 30.30 -42.71 14.71
CA VAL R 29 29.86 -42.51 16.09
C VAL R 29 28.45 -41.96 16.13
N PHE R 30 28.16 -40.96 15.28
CA PHE R 30 26.83 -40.38 15.23
C PHE R 30 25.80 -41.41 14.79
N THR R 31 26.14 -42.24 13.81
CA THR R 31 25.20 -43.24 13.31
C THR R 31 24.93 -44.32 14.35
N VAL R 32 25.97 -44.80 15.04
CA VAL R 32 25.80 -45.86 16.02
C VAL R 32 24.90 -45.39 17.17
N ILE R 33 25.12 -44.16 17.64
CA ILE R 33 24.26 -43.61 18.69
C ILE R 33 22.82 -43.53 18.18
N ALA R 34 22.63 -43.11 16.92
CA ALA R 34 21.30 -43.04 16.35
C ALA R 34 20.67 -44.42 16.24
N ILE R 35 21.47 -45.43 15.92
CA ILE R 35 20.96 -46.80 15.82
C ILE R 35 20.42 -47.26 17.17
N VAL R 36 21.17 -47.04 18.24
CA VAL R 36 20.71 -47.44 19.56
C VAL R 36 19.47 -46.66 19.96
N ALA R 37 19.41 -45.38 19.59
CA ALA R 37 18.23 -44.57 19.87
C ALA R 37 17.01 -45.13 19.17
N HIS R 38 17.17 -45.58 17.92
CA HIS R 38 16.06 -46.19 17.19
C HIS R 38 15.70 -47.55 17.79
N LEU R 39 16.68 -48.28 18.30
CA LEU R 39 16.39 -49.53 19.00
C LEU R 39 15.56 -49.27 20.25
N LEU R 40 15.91 -48.23 21.01
CA LEU R 40 15.12 -47.88 22.19
C LEU R 40 13.76 -47.34 21.79
N ALA R 41 13.70 -46.54 20.73
CA ALA R 41 12.42 -45.99 20.28
C ALA R 41 11.49 -47.09 19.80
N TRP R 42 12.03 -48.09 19.09
CA TRP R 42 11.20 -49.21 18.65
C TRP R 42 10.67 -49.99 19.86
N GLN R 43 11.50 -50.15 20.89
CA GLN R 43 11.06 -50.83 22.10
C GLN R 43 9.93 -50.08 22.78
N TRP R 44 10.01 -48.75 22.81
CA TRP R 44 8.98 -47.94 23.45
C TRP R 44 7.69 -47.95 22.64
N ARG R 45 7.79 -47.77 21.34
CA ARG R 45 6.61 -47.66 20.48
C ARG R 45 6.99 -48.09 19.07
N PRO R 46 6.66 -49.32 18.69
CA PRO R 46 6.94 -49.76 17.32
C PRO R 46 6.10 -49.01 16.30
N TRP R 47 6.65 -48.83 15.12
CA TRP R 47 5.94 -48.26 13.99
C TRP R 47 5.76 -49.33 12.91
N LEU R 48 5.28 -48.91 11.74
CA LEU R 48 4.99 -49.80 10.61
C LEU R 48 3.92 -50.82 10.97
N PRO R 49 2.68 -50.39 11.18
CA PRO R 49 1.63 -51.31 11.60
C PRO R 49 1.16 -52.20 10.45
N ALA R 50 0.41 -53.23 10.82
CA ALA R 50 -0.29 -54.03 9.84
C ALA R 50 -1.45 -53.23 9.25
N VAL R 51 -2.00 -53.73 8.14
CA VAL R 51 -3.07 -53.01 7.45
C VAL R 51 -4.32 -52.92 8.31
N THR R 52 -4.48 -53.80 9.30
CA THR R 52 -5.58 -53.73 10.24
C THR R 52 -5.28 -52.86 11.45
N GLY R 53 -4.09 -52.27 11.52
CA GLY R 53 -3.70 -51.43 12.64
C GLY R 53 -2.71 -52.11 13.55
N TYR R 54 -2.34 -51.39 14.61
CA TYR R 54 -1.42 -51.95 15.60
C TYR R 54 -2.09 -53.01 16.45
N GLY R 55 -3.36 -52.82 16.76
CA GLY R 55 -4.12 -53.84 17.48
C GLY R 55 -3.62 -54.11 18.89
N THR R 56 -3.23 -53.07 19.61
CA THR R 56 -2.72 -53.20 20.99
C THR R 56 -1.61 -54.24 21.10
N FME S 1 31.77 -43.29 -20.15
CN FME S 1 32.49 -43.60 -21.22
O1 FME S 1 32.76 -42.81 -22.14
CA FME S 1 31.15 -41.99 -20.00
CB FME S 1 29.74 -42.12 -19.42
CG FME S 1 28.96 -43.25 -20.02
SD FME S 1 28.97 -43.24 -21.83
CE FME S 1 28.16 -44.79 -22.19
C FME S 1 32.03 -41.09 -19.12
O FME S 1 31.58 -39.98 -18.75
N TRP S 2 33.24 -41.54 -18.80
CA TRP S 2 34.19 -40.77 -18.00
C TRP S 2 34.47 -39.41 -18.64
N ARG S 3 34.36 -39.36 -19.97
CA ARG S 3 34.63 -38.13 -20.71
C ARG S 3 33.57 -37.05 -20.47
N MET S 4 32.44 -37.39 -19.86
CA MET S 4 31.41 -36.39 -19.61
C MET S 4 31.80 -35.46 -18.47
N TRP S 5 32.66 -35.91 -17.56
CA TRP S 5 33.04 -35.08 -16.42
C TRP S 5 34.06 -34.02 -16.80
N LEU S 6 34.67 -34.11 -17.98
CA LEU S 6 35.45 -32.99 -18.50
C LEU S 6 34.55 -31.89 -19.02
N LEU S 7 33.28 -32.18 -19.28
CA LEU S 7 32.32 -31.19 -19.77
C LEU S 7 31.44 -30.62 -18.67
N PHE S 8 31.09 -31.42 -17.67
CA PHE S 8 30.25 -30.99 -16.56
C PHE S 8 31.08 -30.94 -15.28
N ASP S 9 30.96 -29.84 -14.55
CA ASP S 9 31.73 -29.68 -13.32
C ASP S 9 31.24 -30.65 -12.26
N PRO S 10 32.11 -31.49 -11.71
CA PRO S 10 31.67 -32.38 -10.62
C PRO S 10 31.14 -31.64 -9.40
N ARG S 11 31.65 -30.44 -9.12
CA ARG S 11 31.12 -29.67 -8.00
C ARG S 11 29.66 -29.30 -8.23
N ARG S 12 29.36 -28.80 -9.43
CA ARG S 12 27.99 -28.40 -9.74
C ARG S 12 27.04 -29.58 -9.73
N ILE S 13 27.46 -30.71 -10.32
CA ILE S 13 26.57 -31.86 -10.44
C ILE S 13 26.25 -32.43 -9.06
N LEU S 14 27.28 -32.63 -8.24
CA LEU S 14 27.08 -33.26 -6.94
C LEU S 14 26.18 -32.40 -6.03
N VAL S 15 26.37 -31.08 -6.04
CA VAL S 15 25.55 -30.21 -5.22
C VAL S 15 24.11 -30.20 -5.72
N ALA S 16 23.93 -30.06 -7.03
CA ALA S 16 22.58 -30.08 -7.59
C ALA S 16 21.92 -31.44 -7.39
N LEU S 17 22.70 -32.51 -7.52
CA LEU S 17 22.14 -33.85 -7.33
C LEU S 17 21.70 -34.06 -5.88
N GLY S 18 22.52 -33.63 -4.92
CA GLY S 18 22.18 -33.84 -3.52
C GLY S 18 20.90 -33.13 -3.11
N VAL S 19 20.75 -31.88 -3.55
CA VAL S 19 19.53 -31.14 -3.25
C VAL S 19 18.33 -31.79 -3.92
N PHE S 20 18.48 -32.18 -5.18
CA PHE S 20 17.38 -32.78 -5.92
C PHE S 20 16.93 -34.10 -5.29
N LEU S 21 17.89 -34.93 -4.89
CA LEU S 21 17.54 -36.24 -4.33
C LEU S 21 16.86 -36.09 -2.97
N PHE S 22 17.34 -35.16 -2.13
CA PHE S 22 16.71 -34.98 -0.82
C PHE S 22 15.29 -34.46 -0.95
N VAL S 23 15.08 -33.47 -1.81
CA VAL S 23 13.74 -32.91 -2.00
C VAL S 23 12.80 -33.98 -2.54
N LEU S 24 13.28 -34.77 -3.51
CA LEU S 24 12.49 -35.87 -4.03
C LEU S 24 12.15 -36.88 -2.94
N ALA S 25 13.15 -37.28 -2.15
CA ALA S 25 12.90 -38.23 -1.07
C ALA S 25 11.96 -37.63 -0.02
N LEU S 26 12.14 -36.36 0.30
CA LEU S 26 11.23 -35.69 1.23
C LEU S 26 9.82 -35.65 0.68
N LEU S 27 9.68 -35.36 -0.63
CA LEU S 27 8.37 -35.33 -1.25
C LEU S 27 7.69 -36.70 -1.21
N ILE S 28 8.45 -37.76 -1.51
CA ILE S 28 7.84 -39.09 -1.54
C ILE S 28 7.44 -39.54 -0.14
N HIS S 29 8.27 -39.26 0.86
CA HIS S 29 7.89 -39.58 2.23
C HIS S 29 6.64 -38.81 2.64
N PHE S 30 6.53 -37.54 2.25
CA PHE S 30 5.35 -36.76 2.57
C PHE S 30 4.11 -37.33 1.88
N ILE S 31 4.24 -37.75 0.62
CA ILE S 31 3.10 -38.29 -0.11
C ILE S 31 2.60 -39.55 0.58
N LEU S 32 3.51 -40.40 1.05
CA LEU S 32 3.10 -41.60 1.78
C LEU S 32 2.42 -41.24 3.10
N LEU S 33 2.94 -40.25 3.83
CA LEU S 33 2.28 -39.78 5.03
C LEU S 33 0.90 -39.19 4.74
N SER S 34 0.68 -38.73 3.53
CA SER S 34 -0.61 -38.18 3.11
C SER S 34 -1.56 -39.25 2.59
N THR S 35 -1.31 -40.51 2.90
CA THR S 35 -2.22 -41.61 2.58
C THR S 35 -2.56 -42.35 3.85
N ASP S 36 -3.75 -42.94 3.88
CA ASP S 36 -4.12 -43.77 5.01
C ASP S 36 -3.40 -45.12 4.98
N ARG S 37 -3.31 -45.73 3.80
CA ARG S 37 -2.76 -47.08 3.71
C ARG S 37 -1.27 -47.11 4.04
N PHE S 38 -0.50 -46.13 3.56
CA PHE S 38 0.94 -46.15 3.72
C PHE S 38 1.44 -45.26 4.84
N ASN S 39 0.54 -44.75 5.68
CA ASN S 39 0.95 -44.02 6.88
C ASN S 39 1.54 -45.02 7.86
N TRP S 40 2.83 -44.90 8.13
CA TRP S 40 3.53 -45.84 8.99
C TRP S 40 3.56 -45.42 10.45
N LEU S 41 3.02 -44.25 10.78
CA LEU S 41 3.06 -43.79 12.18
C LEU S 41 1.77 -44.10 12.93
N ASP S 42 0.65 -43.52 12.51
CA ASP S 42 -0.61 -43.76 13.20
C ASP S 42 -1.41 -44.90 12.59
N GLY S 43 -1.10 -45.30 11.37
CA GLY S 43 -1.75 -46.43 10.76
C GLY S 43 -2.87 -46.03 9.82
N PRO S 44 -3.65 -47.02 9.38
CA PRO S 44 -4.67 -46.77 8.34
C PRO S 44 -5.91 -46.06 8.85
N HIS S 45 -6.13 -45.96 10.15
CA HIS S 45 -7.36 -45.41 10.71
C HIS S 45 -7.12 -43.93 11.02
N ARG S 46 -7.61 -43.06 10.14
CA ARG S 46 -7.41 -41.63 10.32
C ARG S 46 -8.18 -41.13 11.53
N GLY S 47 -7.54 -40.28 12.32
CA GLY S 47 -8.19 -39.75 13.51
C GLY S 47 -9.24 -38.72 13.18
N ALA S 48 -10.20 -38.58 14.08
CA ALA S 48 -11.24 -37.57 13.92
C ALA S 48 -10.65 -36.18 14.14
N VAL S 49 -11.17 -35.21 13.40
CA VAL S 49 -10.68 -33.85 13.44
C VAL S 49 -11.56 -33.02 14.36
N ALA S 50 -10.98 -31.96 14.90
CA ALA S 50 -11.73 -31.06 15.76
C ALA S 50 -12.52 -30.05 14.93
N ALA S 51 -13.42 -29.35 15.60
CA ALA S 51 -14.25 -28.35 14.94
C ALA S 51 -13.43 -27.11 14.65
N GLN S 52 -13.34 -26.74 13.37
CA GLN S 52 -12.69 -25.49 13.01
C GLN S 52 -13.52 -24.29 13.45
N MET S 53 -14.82 -24.32 13.16
CA MET S 53 -15.72 -23.22 13.49
C MET S 53 -16.09 -23.29 14.97
N ALA S 54 -15.10 -23.00 15.81
CA ALA S 54 -15.23 -23.11 17.25
C ALA S 54 -14.71 -21.85 17.92
N PRO S 55 -15.23 -21.53 19.11
CA PRO S 55 -14.76 -20.34 19.82
C PRO S 55 -13.39 -20.57 20.44
N LEU S 56 -12.80 -19.49 20.93
CA LEU S 56 -11.53 -19.59 21.63
C LEU S 56 -11.72 -20.36 22.93
N PRO S 57 -10.77 -21.21 23.31
CA PRO S 57 -10.89 -21.94 24.57
C PRO S 57 -10.75 -21.01 25.77
N ALA S 58 -11.86 -20.80 26.49
CA ALA S 58 -11.84 -19.91 27.65
C ALA S 58 -12.49 -20.58 28.85
N SER T 7 39.06 -28.82 -22.31
CA SER T 7 38.68 -29.17 -20.95
C SER T 7 38.14 -27.94 -20.21
N ILE T 8 36.86 -27.64 -20.42
CA ILE T 8 36.25 -26.50 -19.76
C ILE T 8 36.18 -26.71 -18.26
N THR T 9 35.92 -27.95 -17.83
CA THR T 9 35.86 -28.24 -16.40
C THR T 9 37.20 -27.97 -15.72
N GLY T 10 38.29 -28.38 -16.35
CA GLY T 10 39.60 -28.25 -15.74
C GLY T 10 39.97 -29.51 -15.00
N LEU T 11 39.74 -30.66 -15.64
CA LEU T 11 40.00 -31.96 -15.05
C LEU T 11 40.88 -32.77 -15.98
N THR T 12 41.95 -33.35 -15.42
CA THR T 12 42.81 -34.23 -16.20
C THR T 12 42.09 -35.53 -16.51
N GLU T 13 42.60 -36.25 -17.51
CA GLU T 13 42.00 -37.51 -17.89
C GLU T 13 42.13 -38.54 -16.78
N ALA T 14 43.20 -38.46 -15.99
CA ALA T 14 43.39 -39.40 -14.89
C ALA T 14 42.41 -39.13 -13.76
N GLU T 15 42.25 -37.85 -13.40
CA GLU T 15 41.36 -37.50 -12.29
C GLU T 15 39.90 -37.47 -12.69
N ALA T 16 39.59 -37.52 -13.98
CA ALA T 16 38.20 -37.55 -14.43
C ALA T 16 37.68 -38.97 -14.57
N LYS T 17 38.53 -39.90 -15.01
CA LYS T 17 38.12 -41.30 -15.04
C LYS T 17 37.94 -41.86 -13.64
N GLU T 18 38.77 -41.41 -12.69
CA GLU T 18 38.62 -41.84 -11.31
C GLU T 18 37.29 -41.35 -10.73
N PHE T 19 36.90 -40.11 -11.03
CA PHE T 19 35.62 -39.62 -10.56
C PHE T 19 34.47 -40.44 -11.12
N HIS T 20 34.55 -40.80 -12.40
CA HIS T 20 33.52 -41.64 -13.01
C HIS T 20 33.44 -43.00 -12.31
N GLY T 21 34.59 -43.56 -11.93
CA GLY T 21 34.57 -44.80 -11.18
C GLY T 21 33.93 -44.65 -9.81
N ILE T 22 34.23 -43.57 -9.10
CA ILE T 22 33.65 -43.37 -7.78
C ILE T 22 32.17 -43.03 -7.89
N PHE T 23 31.80 -42.25 -8.90
CA PHE T 23 30.39 -41.88 -9.08
C PHE T 23 29.54 -43.12 -9.37
N ILE T 24 30.05 -44.02 -10.21
CA ILE T 24 29.26 -45.19 -10.61
C ILE T 24 29.03 -46.12 -9.43
N THR T 25 30.08 -46.38 -8.65
CA THR T 25 29.94 -47.32 -7.54
C THR T 25 29.05 -46.76 -6.45
N SER T 26 29.12 -45.45 -6.21
CA SER T 26 28.22 -44.82 -5.25
C SER T 26 26.78 -44.90 -5.73
N PHE T 27 26.55 -44.69 -7.02
CA PHE T 27 25.19 -44.82 -7.57
C PHE T 27 24.69 -46.25 -7.43
N ILE T 28 25.54 -47.24 -7.69
CA ILE T 28 25.14 -48.63 -7.59
C ILE T 28 24.86 -49.00 -6.15
N VAL T 29 25.72 -48.59 -5.22
CA VAL T 29 25.48 -48.87 -3.81
C VAL T 29 24.19 -48.21 -3.34
N PHE T 30 23.99 -46.94 -3.73
CA PHE T 30 22.76 -46.24 -3.38
C PHE T 30 21.54 -46.94 -3.96
N THR T 31 21.64 -47.41 -5.21
CA THR T 31 20.50 -48.05 -5.85
C THR T 31 20.21 -49.42 -5.24
N VAL T 32 21.26 -50.19 -4.92
CA VAL T 32 21.05 -51.52 -4.34
C VAL T 32 20.38 -51.42 -2.98
N ILE T 33 20.79 -50.45 -2.17
CA ILE T 33 20.15 -50.24 -0.87
C ILE T 33 18.68 -49.86 -1.06
N ALA T 34 18.40 -48.97 -2.01
CA ALA T 34 17.03 -48.57 -2.28
C ALA T 34 16.19 -49.74 -2.79
N ILE T 35 16.80 -50.63 -3.58
CA ILE T 35 16.08 -51.79 -4.07
C ILE T 35 15.65 -52.68 -2.92
N VAL T 36 16.55 -52.94 -1.98
CA VAL T 36 16.20 -53.76 -0.83
C VAL T 36 15.17 -53.06 0.05
N ALA T 37 15.27 -51.73 0.15
CA ALA T 37 14.26 -50.98 0.91
C ALA T 37 12.88 -51.14 0.28
N HIS T 38 12.80 -51.12 -1.05
CA HIS T 38 11.51 -51.30 -1.71
C HIS T 38 10.99 -52.73 -1.55
N LEU T 39 11.90 -53.72 -1.52
CA LEU T 39 11.48 -55.09 -1.27
C LEU T 39 10.86 -55.23 0.12
N LEU T 40 11.50 -54.62 1.13
CA LEU T 40 10.94 -54.62 2.48
C LEU T 40 9.64 -53.84 2.53
N ALA T 41 9.57 -52.70 1.84
CA ALA T 41 8.35 -51.90 1.83
C ALA T 41 7.20 -52.65 1.18
N TRP T 42 7.48 -53.41 0.13
CA TRP T 42 6.44 -54.20 -0.52
C TRP T 42 5.89 -55.26 0.42
N GLN T 43 6.76 -55.91 1.20
CA GLN T 43 6.31 -56.91 2.15
C GLN T 43 5.46 -56.26 3.25
N TRP T 44 5.84 -55.07 3.70
CA TRP T 44 5.06 -54.39 4.73
C TRP T 44 3.70 -53.95 4.19
N ARG T 45 3.67 -53.35 3.01
CA ARG T 45 2.43 -52.84 2.42
C ARG T 45 2.56 -52.79 0.91
N PRO T 46 2.01 -53.76 0.20
CA PRO T 46 2.05 -53.72 -1.27
C PRO T 46 1.21 -52.58 -1.82
N TRP T 47 1.63 -52.05 -2.96
CA TRP T 47 0.89 -51.03 -3.68
C TRP T 47 0.39 -51.61 -5.00
N LEU T 48 -0.17 -50.74 -5.85
CA LEU T 48 -0.76 -51.11 -7.14
C LEU T 48 -1.95 -52.04 -6.96
N PRO T 49 -3.06 -51.56 -6.42
CA PRO T 49 -4.21 -52.43 -6.18
C PRO T 49 -4.95 -52.75 -7.46
N ALA T 50 -5.90 -53.67 -7.33
CA ALA T 50 -6.84 -53.96 -8.42
C ALA T 50 -7.87 -52.84 -8.50
N VAL T 51 -8.58 -52.81 -9.63
CA VAL T 51 -9.58 -51.76 -9.84
C VAL T 51 -10.69 -51.85 -8.80
N THR T 52 -10.94 -53.05 -8.27
CA THR T 52 -11.90 -53.19 -7.19
C THR T 52 -11.37 -52.60 -5.89
N GLY T 53 -10.10 -52.84 -5.60
CA GLY T 53 -9.49 -52.38 -4.37
C GLY T 53 -8.42 -53.36 -3.94
N TYR T 54 -7.89 -53.12 -2.73
CA TYR T 54 -6.89 -54.02 -2.18
C TYR T 54 -7.51 -55.32 -1.66
N GLY T 55 -8.71 -55.24 -1.10
CA GLY T 55 -9.38 -56.41 -0.59
C GLY T 55 -8.62 -57.11 0.52
N THR T 56 -8.16 -56.33 1.50
CA THR T 56 -7.34 -56.85 2.60
C THR T 56 -6.10 -57.57 2.09
N FME U 1 22.13 -35.05 -38.84
CN FME U 1 23.08 -34.39 -39.49
O1 FME U 1 23.69 -34.81 -40.47
CA FME U 1 21.50 -34.53 -37.63
CB FME U 1 20.30 -35.40 -37.24
CG FME U 1 19.43 -34.77 -36.17
SD FME U 1 18.70 -33.20 -36.71
CE FME U 1 17.80 -32.73 -35.23
C FME U 1 22.52 -34.46 -36.48
O FME U 1 22.22 -33.77 -35.48
N TRP U 2 23.65 -35.13 -36.61
CA TRP U 2 24.71 -35.05 -35.62
C TRP U 2 25.34 -33.67 -35.62
N ARG U 3 25.11 -32.90 -36.68
CA ARG U 3 25.62 -31.54 -36.75
C ARG U 3 24.71 -30.59 -35.99
N MET U 4 24.34 -30.97 -34.78
CA MET U 4 23.53 -30.13 -33.90
C MET U 4 24.24 -29.79 -32.61
N TRP U 5 25.17 -30.64 -32.16
CA TRP U 5 25.94 -30.37 -30.96
C TRP U 5 27.01 -29.31 -31.19
N LEU U 6 27.44 -29.11 -32.43
CA LEU U 6 28.24 -27.94 -32.77
C LEU U 6 27.40 -26.68 -32.82
N LEU U 7 26.08 -26.81 -32.99
CA LEU U 7 25.17 -25.68 -33.04
C LEU U 7 24.54 -25.36 -31.70
N PHE U 8 24.28 -26.37 -30.87
CA PHE U 8 23.73 -26.19 -29.55
C PHE U 8 24.70 -26.74 -28.51
N ASP U 9 24.91 -25.98 -27.44
CA ASP U 9 25.84 -26.40 -26.40
C ASP U 9 25.32 -27.66 -25.72
N PRO U 10 26.09 -28.76 -25.73
CA PRO U 10 25.61 -29.98 -25.07
C PRO U 10 25.33 -29.80 -23.59
N ARG U 11 26.12 -28.98 -22.90
CA ARG U 11 25.89 -28.77 -21.47
C ARG U 11 24.54 -28.10 -21.23
N ARG U 12 24.19 -27.10 -22.04
CA ARG U 12 22.92 -26.42 -21.87
C ARG U 12 21.75 -27.32 -22.25
N ILE U 13 21.93 -28.13 -23.29
CA ILE U 13 20.85 -28.98 -23.77
C ILE U 13 20.55 -30.09 -22.76
N LEU U 14 21.60 -30.71 -22.21
CA LEU U 14 21.41 -31.80 -21.27
C LEU U 14 20.77 -31.32 -19.97
N VAL U 15 21.21 -30.15 -19.48
CA VAL U 15 20.62 -29.61 -18.26
C VAL U 15 19.17 -29.23 -18.48
N ALA U 16 18.88 -28.58 -19.61
CA ALA U 16 17.50 -28.24 -19.93
C ALA U 16 16.65 -29.48 -20.11
N LEU U 17 17.20 -30.51 -20.78
CA LEU U 17 16.46 -31.75 -20.98
C LEU U 17 16.22 -32.45 -19.65
N GLY U 18 17.22 -32.43 -18.76
CA GLY U 18 17.06 -33.09 -17.47
C GLY U 18 15.99 -32.45 -16.61
N VAL U 19 15.97 -31.11 -16.58
CA VAL U 19 14.93 -30.41 -15.81
C VAL U 19 13.57 -30.61 -16.45
N PHE U 20 13.49 -30.54 -17.78
CA PHE U 20 12.22 -30.68 -18.46
C PHE U 20 11.62 -32.06 -18.26
N LEU U 21 12.44 -33.11 -18.39
CA LEU U 21 11.92 -34.47 -18.27
C LEU U 21 11.49 -34.77 -16.85
N PHE U 22 12.23 -34.27 -15.85
CA PHE U 22 11.85 -34.51 -14.47
C PHE U 22 10.55 -33.79 -14.12
N VAL U 23 10.41 -32.54 -14.55
CA VAL U 23 9.17 -31.80 -14.31
C VAL U 23 8.00 -32.49 -15.02
N LEU U 24 8.22 -32.92 -16.26
CA LEU U 24 7.18 -33.63 -16.99
C LEU U 24 6.78 -34.92 -16.28
N ALA U 25 7.77 -35.67 -15.79
CA ALA U 25 7.47 -36.92 -15.10
C ALA U 25 6.76 -36.66 -13.78
N LEU U 26 7.15 -35.60 -13.07
CA LEU U 26 6.42 -35.20 -11.86
C LEU U 26 4.97 -34.87 -12.19
N LEU U 27 4.77 -34.12 -13.28
CA LEU U 27 3.42 -33.69 -13.66
C LEU U 27 2.52 -34.89 -13.92
N ILE U 28 3.03 -35.88 -14.65
CA ILE U 28 2.20 -37.05 -14.99
C ILE U 28 1.93 -37.90 -13.76
N HIS U 29 2.97 -38.18 -12.97
CA HIS U 29 2.77 -38.96 -11.75
C HIS U 29 1.77 -38.29 -10.81
N PHE U 30 1.85 -36.96 -10.68
CA PHE U 30 0.92 -36.22 -9.83
C PHE U 30 -0.51 -36.35 -10.34
N ILE U 31 -0.71 -36.24 -11.64
CA ILE U 31 -2.06 -36.29 -12.21
C ILE U 31 -2.69 -37.65 -11.96
N LEU U 32 -1.92 -38.73 -12.11
CA LEU U 32 -2.46 -40.07 -11.87
C LEU U 32 -2.87 -40.25 -10.42
N LEU U 33 -2.11 -39.69 -9.48
CA LEU U 33 -2.47 -39.77 -8.07
C LEU U 33 -3.82 -39.10 -7.82
N SER U 34 -4.06 -37.97 -8.47
CA SER U 34 -5.32 -37.25 -8.29
C SER U 34 -6.53 -38.01 -8.82
N THR U 35 -6.32 -38.92 -9.76
CA THR U 35 -7.43 -39.66 -10.32
C THR U 35 -7.94 -40.72 -9.34
N ASP U 36 -9.19 -41.10 -9.52
CA ASP U 36 -9.75 -42.20 -8.74
C ASP U 36 -9.22 -43.54 -9.23
N ARG U 37 -9.08 -43.69 -10.55
CA ARG U 37 -8.79 -44.99 -11.13
C ARG U 37 -7.31 -45.33 -11.12
N PHE U 38 -6.44 -44.36 -11.33
CA PHE U 38 -5.01 -44.60 -11.50
C PHE U 38 -4.19 -44.27 -10.27
N ASN U 39 -4.83 -43.97 -9.15
CA ASN U 39 -4.11 -43.79 -7.90
C ASN U 39 -3.60 -45.14 -7.41
N TRP U 40 -2.28 -45.30 -7.34
CA TRP U 40 -1.69 -46.58 -6.99
C TRP U 40 -1.37 -46.71 -5.51
N LEU U 41 -1.66 -45.69 -4.70
CA LEU U 41 -1.34 -45.77 -3.28
C LEU U 41 -2.57 -46.10 -2.44
N ASP U 42 -3.57 -45.22 -2.46
CA ASP U 42 -4.78 -45.47 -1.69
C ASP U 42 -5.82 -46.24 -2.49
N GLY U 43 -5.76 -46.17 -3.81
CA GLY U 43 -6.66 -46.90 -4.65
C GLY U 43 -7.94 -46.15 -4.95
N PRO U 44 -8.93 -46.84 -5.51
CA PRO U 44 -10.17 -46.18 -5.91
C PRO U 44 -11.07 -45.88 -4.73
N HIS U 45 -12.09 -45.07 -5.00
CA HIS U 45 -13.19 -44.81 -4.06
C HIS U 45 -12.69 -44.17 -2.76
N ARG U 46 -12.07 -43.00 -2.89
CA ARG U 46 -11.51 -42.32 -1.73
C ARG U 46 -12.45 -41.28 -1.14
N GLY U 47 -13.39 -40.75 -1.92
CA GLY U 47 -14.29 -39.75 -1.40
C GLY U 47 -15.75 -40.14 -1.52
N ALA U 48 -16.63 -39.14 -1.44
CA ALA U 48 -18.06 -39.36 -1.59
C ALA U 48 -18.52 -38.71 -2.88
N VAL U 49 -19.25 -39.46 -3.69
CA VAL U 49 -19.76 -38.99 -4.98
C VAL U 49 -21.25 -39.23 -5.02
N ALA U 50 -22.01 -38.22 -5.44
CA ALA U 50 -23.45 -38.36 -5.53
C ALA U 50 -23.83 -39.36 -6.62
N ALA U 51 -24.83 -40.18 -6.32
CA ALA U 51 -25.34 -41.12 -7.32
C ALA U 51 -25.97 -40.36 -8.49
N GLN U 52 -25.85 -40.95 -9.67
CA GLN U 52 -26.41 -40.38 -10.87
C GLN U 52 -27.53 -41.28 -11.39
N MET U 53 -28.48 -40.68 -12.10
CA MET U 53 -29.66 -41.39 -12.57
C MET U 53 -29.30 -42.50 -13.56
N SER V 7 33.00 -23.53 -35.27
CA SER V 7 32.28 -24.19 -34.18
C SER V 7 31.77 -23.18 -33.18
N ILE V 8 30.48 -22.84 -33.30
CA ILE V 8 29.87 -21.91 -32.35
C ILE V 8 29.88 -22.49 -30.95
N THR V 9 29.55 -23.78 -30.82
CA THR V 9 29.57 -24.42 -29.52
C THR V 9 30.98 -24.51 -28.97
N GLY V 10 31.94 -24.92 -29.80
CA GLY V 10 33.32 -25.09 -29.36
C GLY V 10 33.83 -26.52 -29.47
N LEU V 11 33.01 -27.48 -29.88
CA LEU V 11 33.46 -28.85 -30.01
C LEU V 11 34.21 -29.04 -31.33
N THR V 12 34.76 -30.23 -31.51
CA THR V 12 35.48 -30.59 -32.72
C THR V 12 34.57 -31.43 -33.62
N GLU V 13 35.10 -31.80 -34.79
CA GLU V 13 34.34 -32.66 -35.70
C GLU V 13 34.15 -34.05 -35.08
N ALA V 14 35.19 -34.57 -34.43
CA ALA V 14 35.09 -35.89 -33.82
C ALA V 14 34.20 -35.90 -32.59
N GLU V 15 34.25 -34.84 -31.78
CA GLU V 15 33.50 -34.82 -30.53
C GLU V 15 31.99 -34.79 -30.78
N ALA V 16 31.55 -34.02 -31.77
CA ALA V 16 30.12 -33.91 -32.05
C ALA V 16 29.51 -35.24 -32.44
N LYS V 17 30.22 -36.03 -33.25
CA LYS V 17 29.70 -37.32 -33.67
C LYS V 17 29.73 -38.34 -32.53
N GLU V 18 30.78 -38.29 -31.69
CA GLU V 18 30.86 -39.20 -30.56
C GLU V 18 29.76 -38.93 -29.55
N PHE V 19 29.48 -37.65 -29.29
CA PHE V 19 28.37 -37.28 -28.42
C PHE V 19 27.04 -37.72 -29.03
N HIS V 20 26.92 -37.62 -30.35
CA HIS V 20 25.69 -38.02 -31.02
C HIS V 20 25.38 -39.49 -30.80
N GLY V 21 26.39 -40.34 -30.86
CA GLY V 21 26.17 -41.76 -30.63
C GLY V 21 25.76 -42.07 -29.20
N ILE V 22 26.40 -41.39 -28.24
CA ILE V 22 26.05 -41.59 -26.83
C ILE V 22 24.64 -41.06 -26.56
N PHE V 23 24.32 -39.89 -27.12
CA PHE V 23 23.01 -39.29 -26.86
C PHE V 23 21.88 -40.14 -27.43
N ILE V 24 22.05 -40.66 -28.64
CA ILE V 24 21.00 -41.48 -29.25
C ILE V 24 20.85 -42.79 -28.48
N THR V 25 21.96 -43.40 -28.08
CA THR V 25 21.88 -44.65 -27.34
C THR V 25 21.17 -44.47 -26.00
N SER V 26 21.49 -43.39 -25.28
CA SER V 26 20.80 -43.10 -24.03
C SER V 26 19.33 -42.84 -24.28
N PHE V 27 19.00 -42.15 -25.38
CA PHE V 27 17.60 -41.91 -25.73
C PHE V 27 16.88 -43.22 -26.02
N ILE V 28 17.57 -44.16 -26.68
CA ILE V 28 16.94 -45.45 -26.98
C ILE V 28 16.69 -46.23 -25.69
N VAL V 29 17.68 -46.28 -24.81
CA VAL V 29 17.54 -47.05 -23.57
C VAL V 29 16.44 -46.45 -22.71
N PHE V 30 16.42 -45.12 -22.59
CA PHE V 30 15.38 -44.47 -21.80
C PHE V 30 14.00 -44.73 -22.38
N THR V 31 13.87 -44.64 -23.70
CA THR V 31 12.57 -44.89 -24.33
C THR V 31 12.16 -46.36 -24.22
N VAL V 32 13.12 -47.28 -24.39
CA VAL V 32 12.81 -48.70 -24.30
C VAL V 32 12.30 -49.04 -22.91
N ILE V 33 12.93 -48.50 -21.87
CA ILE V 33 12.47 -48.74 -20.50
C ILE V 33 11.06 -48.17 -20.32
N ALA V 34 10.81 -46.99 -20.87
CA ALA V 34 9.48 -46.38 -20.75
C ALA V 34 8.43 -47.19 -21.51
N ILE V 35 8.81 -47.78 -22.65
CA ILE V 35 7.87 -48.63 -23.38
C ILE V 35 7.49 -49.85 -22.55
N VAL V 36 8.47 -50.47 -21.89
CA VAL V 36 8.17 -51.58 -20.99
C VAL V 36 7.29 -51.11 -19.84
N ALA V 37 7.59 -49.92 -19.30
CA ALA V 37 6.80 -49.38 -18.20
C ALA V 37 5.36 -49.14 -18.61
N HIS V 38 5.14 -48.64 -19.82
CA HIS V 38 3.78 -48.38 -20.28
C HIS V 38 3.03 -49.68 -20.56
N LEU V 39 3.73 -50.71 -21.04
CA LEU V 39 3.10 -52.01 -21.19
C LEU V 39 2.68 -52.57 -19.83
N LEU V 40 3.54 -52.45 -18.83
CA LEU V 40 3.18 -52.88 -17.48
C LEU V 40 2.04 -52.04 -16.92
N ALA V 41 2.08 -50.73 -17.15
CA ALA V 41 1.02 -49.85 -16.65
C ALA V 41 -0.31 -50.16 -17.32
N TRP V 42 -0.28 -50.44 -18.63
CA TRP V 42 -1.51 -50.79 -19.33
C TRP V 42 -2.11 -52.06 -18.78
N GLN V 43 -1.27 -53.05 -18.46
CA GLN V 43 -1.77 -54.28 -17.87
C GLN V 43 -2.40 -54.03 -16.51
N TRP V 44 -1.79 -53.18 -15.69
CA TRP V 44 -2.34 -52.89 -14.36
C TRP V 44 -3.67 -52.16 -14.46
N ARG V 45 -3.72 -51.10 -15.25
CA ARG V 45 -4.92 -50.27 -15.35
C ARG V 45 -4.96 -49.61 -16.73
N PRO V 46 -5.72 -50.17 -17.66
CA PRO V 46 -5.84 -49.54 -18.99
C PRO V 46 -6.53 -48.19 -18.92
N TRP V 47 -6.07 -47.26 -19.74
CA TRP V 47 -6.71 -45.98 -19.92
C TRP V 47 -7.49 -45.97 -21.24
N LEU V 48 -7.94 -44.79 -21.65
CA LEU V 48 -8.73 -44.58 -22.88
C LEU V 48 -10.06 -45.33 -22.81
N PRO V 49 -10.97 -44.92 -21.94
CA PRO V 49 -12.24 -45.64 -21.80
C PRO V 49 -13.15 -45.41 -23.00
N ALA V 50 -14.20 -46.21 -23.06
CA ALA V 50 -15.29 -45.93 -23.98
C ALA V 50 -16.06 -44.70 -23.50
N VAL V 51 -16.93 -44.20 -24.37
CA VAL V 51 -17.72 -43.03 -24.02
C VAL V 51 -18.65 -43.33 -22.84
N THR V 52 -19.00 -44.60 -22.66
CA THR V 52 -19.87 -45.03 -21.58
C THR V 52 -19.13 -45.52 -20.35
N GLY V 53 -17.80 -45.48 -20.35
CA GLY V 53 -17.00 -45.88 -19.21
C GLY V 53 -16.13 -47.08 -19.51
N TYR V 54 -15.44 -47.55 -18.48
CA TYR V 54 -14.54 -48.70 -18.63
C TYR V 54 -15.30 -50.02 -18.60
N GLY V 55 -16.33 -50.13 -17.77
CA GLY V 55 -17.19 -51.30 -17.75
C GLY V 55 -16.52 -52.60 -17.37
N THR V 56 -15.73 -52.58 -16.29
CA THR V 56 -15.04 -53.77 -15.78
C THR V 56 -14.23 -54.49 -16.85
N FME W 1 12.59 -21.79 -50.69
CN FME W 1 13.50 -21.33 -51.56
O1 FME W 1 14.25 -20.37 -51.37
CA FME W 1 12.37 -21.16 -49.41
CB FME W 1 11.00 -21.55 -48.85
CG FME W 1 10.49 -20.61 -47.78
SD FME W 1 8.72 -20.78 -47.48
CE FME W 1 8.08 -20.36 -49.11
C FME W 1 13.49 -21.53 -48.42
O FME W 1 13.43 -21.08 -47.26
N TRP W 2 14.47 -22.29 -48.86
CA TRP W 2 15.66 -22.60 -48.06
C TRP W 2 16.36 -21.33 -47.61
N ARG W 3 16.12 -20.25 -48.35
CA ARG W 3 16.70 -18.95 -48.04
C ARG W 3 16.19 -18.39 -46.72
N MET W 4 15.12 -18.96 -46.15
CA MET W 4 14.62 -18.53 -44.86
C MET W 4 15.68 -18.62 -43.78
N TRP W 5 16.63 -19.55 -43.93
CA TRP W 5 17.69 -19.73 -42.95
C TRP W 5 18.89 -18.82 -43.19
N LEU W 6 18.99 -18.21 -44.38
CA LEU W 6 19.95 -17.13 -44.58
C LEU W 6 19.49 -15.85 -43.89
N LEU W 7 18.22 -15.76 -43.49
CA LEU W 7 17.67 -14.56 -42.87
C LEU W 7 17.56 -14.68 -41.37
N PHE W 8 17.15 -15.83 -40.85
CA PHE W 8 16.98 -16.03 -39.42
C PHE W 8 18.03 -17.01 -38.89
N ASP W 9 18.51 -16.73 -37.69
CA ASP W 9 19.49 -17.62 -37.07
C ASP W 9 18.84 -18.94 -36.70
N PRO W 10 19.39 -20.08 -37.14
CA PRO W 10 18.74 -21.36 -36.84
C PRO W 10 18.65 -21.69 -35.36
N ARG W 11 19.63 -21.26 -34.56
CA ARG W 11 19.62 -21.60 -33.14
C ARG W 11 18.39 -21.02 -32.44
N ARG W 12 18.06 -19.76 -32.75
CA ARG W 12 16.89 -19.14 -32.13
C ARG W 12 15.60 -19.77 -32.65
N ILE W 13 15.53 -20.06 -33.94
CA ILE W 13 14.28 -20.57 -34.53
C ILE W 13 13.92 -21.91 -33.93
N LEU W 14 14.89 -22.82 -33.84
CA LEU W 14 14.61 -24.15 -33.29
C LEU W 14 14.22 -24.07 -31.82
N VAL W 15 14.91 -23.23 -31.04
CA VAL W 15 14.56 -23.07 -29.62
C VAL W 15 13.18 -22.46 -29.49
N ALA W 16 12.89 -21.42 -30.27
CA ALA W 16 11.57 -20.80 -30.23
C ALA W 16 10.49 -21.78 -30.69
N LEU W 17 10.78 -22.55 -31.73
CA LEU W 17 9.80 -23.53 -32.20
C LEU W 17 9.58 -24.64 -31.18
N GLY W 18 10.65 -25.11 -30.55
CA GLY W 18 10.50 -26.16 -29.55
C GLY W 18 9.70 -25.72 -28.35
N VAL W 19 9.97 -24.51 -27.86
CA VAL W 19 9.19 -23.98 -26.75
C VAL W 19 7.74 -23.76 -27.19
N PHE W 20 7.54 -23.24 -28.39
CA PHE W 20 6.19 -23.00 -28.88
C PHE W 20 5.40 -24.30 -29.03
N LEU W 21 6.03 -25.33 -29.58
CA LEU W 21 5.30 -26.58 -29.82
C LEU W 21 4.96 -27.29 -28.53
N PHE W 22 5.83 -27.22 -27.52
CA PHE W 22 5.53 -27.88 -26.26
C PHE W 22 4.39 -27.18 -25.53
N VAL W 23 4.43 -25.84 -25.48
CA VAL W 23 3.39 -25.10 -24.77
C VAL W 23 2.03 -25.33 -25.43
N LEU W 24 2.00 -25.31 -26.76
CA LEU W 24 0.74 -25.58 -27.47
C LEU W 24 0.24 -26.99 -27.17
N ALA W 25 1.12 -27.98 -27.25
CA ALA W 25 0.71 -29.35 -26.98
C ALA W 25 0.26 -29.53 -25.53
N LEU W 26 0.97 -28.88 -24.60
CA LEU W 26 0.54 -28.90 -23.21
C LEU W 26 -0.82 -28.23 -23.05
N LEU W 27 -1.04 -27.13 -23.77
CA LEU W 27 -2.34 -26.45 -23.73
C LEU W 27 -3.45 -27.34 -24.25
N ILE W 28 -3.21 -28.02 -25.38
CA ILE W 28 -4.24 -28.85 -25.98
C ILE W 28 -4.53 -30.07 -25.12
N HIS W 29 -3.49 -30.72 -24.60
CA HIS W 29 -3.69 -31.89 -23.74
C HIS W 29 -4.50 -31.53 -22.50
N PHE W 30 -4.25 -30.35 -21.91
CA PHE W 30 -4.96 -29.96 -20.69
C PHE W 30 -6.41 -29.59 -20.97
N ILE W 31 -6.68 -28.94 -22.11
CA ILE W 31 -8.06 -28.60 -22.45
C ILE W 31 -8.90 -29.86 -22.60
N LEU W 32 -8.37 -30.87 -23.30
CA LEU W 32 -9.08 -32.14 -23.44
C LEU W 32 -9.26 -32.83 -22.11
N LEU W 33 -8.24 -32.78 -21.24
CA LEU W 33 -8.32 -33.46 -19.96
C LEU W 33 -9.43 -32.87 -19.09
N SER W 34 -9.65 -31.55 -19.18
CA SER W 34 -10.67 -30.91 -18.38
C SER W 34 -12.08 -31.20 -18.88
N THR W 35 -12.23 -31.72 -20.10
CA THR W 35 -13.54 -32.07 -20.61
C THR W 35 -13.98 -33.43 -20.06
N ASP W 36 -15.29 -33.65 -20.07
CA ASP W 36 -15.82 -34.96 -19.72
C ASP W 36 -15.61 -35.97 -20.84
N ARG W 37 -15.82 -35.54 -22.09
CA ARG W 37 -15.83 -36.49 -23.20
C ARG W 37 -14.43 -36.97 -23.56
N PHE W 38 -13.44 -36.07 -23.54
CA PHE W 38 -12.11 -36.41 -24.01
C PHE W 38 -11.12 -36.68 -22.88
N ASN W 39 -11.59 -36.75 -21.64
CA ASN W 39 -10.75 -37.16 -20.53
C ASN W 39 -10.44 -38.64 -20.67
N TRP W 40 -9.17 -38.98 -20.88
CA TRP W 40 -8.79 -40.35 -21.16
C TRP W 40 -8.41 -41.14 -19.91
N LEU W 41 -8.46 -40.51 -18.73
CA LEU W 41 -8.12 -41.21 -17.49
C LEU W 41 -9.34 -41.75 -16.76
N ASP W 42 -10.23 -40.86 -16.31
CA ASP W 42 -11.43 -41.28 -15.60
C ASP W 42 -12.71 -41.02 -16.35
N GLY W 43 -12.69 -40.18 -17.38
CA GLY W 43 -13.89 -39.82 -18.09
C GLY W 43 -14.54 -38.60 -17.50
N PRO W 44 -15.86 -38.64 -17.29
CA PRO W 44 -16.56 -37.50 -16.70
C PRO W 44 -16.04 -37.19 -15.30
N HIS W 45 -16.01 -35.90 -14.98
CA HIS W 45 -15.55 -35.44 -13.68
C HIS W 45 -16.70 -35.49 -12.68
N ARG W 46 -16.55 -36.32 -11.65
CA ARG W 46 -17.62 -36.51 -10.68
C ARG W 46 -17.56 -35.52 -9.52
N GLY W 47 -16.42 -34.88 -9.29
CA GLY W 47 -16.30 -33.93 -8.20
C GLY W 47 -16.49 -34.56 -6.84
N ALA W 48 -15.62 -35.51 -6.50
CA ALA W 48 -15.72 -36.20 -5.22
C ALA W 48 -15.47 -35.25 -4.06
N VAL W 49 -16.23 -35.41 -3.00
CA VAL W 49 -16.06 -34.60 -1.80
C VAL W 49 -15.39 -35.43 -0.72
N ALA W 50 -15.03 -34.78 0.39
CA ALA W 50 -14.48 -35.49 1.53
C ALA W 50 -15.52 -36.46 2.10
N ALA W 51 -15.04 -37.51 2.75
CA ALA W 51 -15.93 -38.58 3.19
C ALA W 51 -16.95 -38.08 4.21
N GLN W 52 -16.52 -37.23 5.13
CA GLN W 52 -17.40 -36.75 6.19
C GLN W 52 -17.23 -35.25 6.38
N MET W 53 -18.26 -34.63 6.94
CA MET W 53 -18.19 -33.24 7.33
C MET W 53 -17.29 -33.07 8.54
N ALA W 54 -16.60 -31.94 8.59
CA ALA W 54 -15.88 -31.57 9.81
C ALA W 54 -16.90 -31.31 10.92
N PRO W 55 -16.74 -31.90 12.09
CA PRO W 55 -17.79 -31.80 13.12
C PRO W 55 -18.00 -30.37 13.59
N LEU W 56 -19.24 -30.08 13.97
CA LEU W 56 -19.59 -28.79 14.53
C LEU W 56 -19.13 -28.70 15.98
N PRO W 57 -18.98 -27.48 16.51
CA PRO W 57 -18.56 -27.33 17.91
C PRO W 57 -19.60 -27.82 18.89
N SER X 7 25.59 -11.50 -45.18
CA SER X 7 24.84 -12.58 -44.56
C SER X 7 24.58 -12.29 -43.09
N ILE X 8 23.34 -11.90 -42.77
CA ILE X 8 22.99 -11.59 -41.38
C ILE X 8 23.09 -12.84 -40.52
N THR X 9 22.55 -13.96 -40.99
CA THR X 9 22.65 -15.21 -40.24
C THR X 9 24.10 -15.67 -40.12
N GLY X 10 24.87 -15.52 -41.20
CA GLY X 10 26.24 -16.01 -41.25
C GLY X 10 26.38 -17.41 -41.79
N LEU X 11 25.28 -18.14 -41.96
CA LEU X 11 25.34 -19.45 -42.57
C LEU X 11 25.71 -19.32 -44.05
N THR X 12 26.64 -20.16 -44.50
CA THR X 12 26.98 -20.20 -45.91
C THR X 12 25.87 -20.90 -46.69
N GLU X 13 25.96 -20.83 -48.02
CA GLU X 13 24.91 -21.38 -48.86
C GLU X 13 24.81 -22.90 -48.71
N ALA X 14 25.95 -23.59 -48.67
CA ALA X 14 25.93 -25.04 -48.64
C ALA X 14 25.26 -25.56 -47.37
N GLU X 15 25.58 -24.95 -46.22
CA GLU X 15 25.02 -25.43 -44.96
C GLU X 15 23.57 -24.99 -44.79
N ALA X 16 23.20 -23.82 -45.30
CA ALA X 16 21.81 -23.37 -45.18
C ALA X 16 20.86 -24.30 -45.91
N LYS X 17 21.22 -24.74 -47.12
CA LYS X 17 20.40 -25.70 -47.84
C LYS X 17 20.37 -27.05 -47.13
N GLU X 18 21.48 -27.43 -46.50
CA GLU X 18 21.51 -28.68 -45.75
C GLU X 18 20.58 -28.63 -44.54
N PHE X 19 20.60 -27.51 -43.80
CA PHE X 19 19.71 -27.37 -42.65
C PHE X 19 18.25 -27.37 -43.08
N HIS X 20 17.95 -26.73 -44.20
CA HIS X 20 16.58 -26.71 -44.71
C HIS X 20 16.12 -28.13 -45.05
N GLY X 21 17.00 -28.93 -45.65
CA GLY X 21 16.65 -30.31 -45.94
C GLY X 21 16.35 -31.12 -44.70
N ILE X 22 17.15 -30.91 -43.64
CA ILE X 22 16.88 -31.56 -42.36
C ILE X 22 15.58 -31.04 -41.76
N PHE X 23 15.38 -29.73 -41.82
CA PHE X 23 14.18 -29.13 -41.22
C PHE X 23 12.91 -29.63 -41.90
N ILE X 24 12.90 -29.67 -43.23
CA ILE X 24 11.71 -30.14 -43.94
C ILE X 24 11.46 -31.61 -43.68
N THR X 25 12.52 -32.42 -43.66
CA THR X 25 12.36 -33.84 -43.39
C THR X 25 11.82 -34.08 -41.99
N SER X 26 12.34 -33.36 -41.00
CA SER X 26 11.85 -33.50 -39.64
C SER X 26 10.40 -33.06 -39.53
N PHE X 27 10.04 -31.97 -40.22
CA PHE X 27 8.67 -31.49 -40.20
C PHE X 27 7.72 -32.51 -40.80
N ILE X 28 8.13 -33.18 -41.88
CA ILE X 28 7.29 -34.20 -42.50
C ILE X 28 7.06 -35.37 -41.54
N VAL X 29 8.13 -35.82 -40.89
CA VAL X 29 8.01 -36.96 -39.97
C VAL X 29 7.14 -36.58 -38.77
N PHE X 30 7.35 -35.38 -38.23
CA PHE X 30 6.54 -34.92 -37.10
C PHE X 30 5.07 -34.85 -37.49
N THR X 31 4.77 -34.33 -38.68
CA THR X 31 3.38 -34.24 -39.11
C THR X 31 2.77 -35.61 -39.36
N VAL X 32 3.51 -36.52 -40.00
CA VAL X 32 2.97 -37.83 -40.33
C VAL X 32 2.59 -38.59 -39.06
N ILE X 33 3.42 -38.51 -38.02
CA ILE X 33 3.08 -39.12 -36.75
C ILE X 33 1.83 -38.47 -36.15
N ALA X 34 1.74 -37.14 -36.25
CA ALA X 34 0.57 -36.43 -35.73
C ALA X 34 -0.69 -36.83 -36.49
N ILE X 35 -0.58 -37.04 -37.80
CA ILE X 35 -1.75 -37.45 -38.59
C ILE X 35 -2.26 -38.80 -38.11
N VAL X 36 -1.36 -39.76 -37.91
CA VAL X 36 -1.77 -41.07 -37.43
C VAL X 36 -2.28 -40.98 -36.00
N ALA X 37 -1.68 -40.10 -35.19
CA ALA X 37 -2.18 -39.88 -33.83
C ALA X 37 -3.61 -39.36 -33.86
N HIS X 38 -3.91 -38.41 -34.75
CA HIS X 38 -5.28 -37.90 -34.85
C HIS X 38 -6.23 -38.95 -35.40
N LEU X 39 -5.73 -39.79 -36.31
CA LEU X 39 -6.56 -40.89 -36.81
C LEU X 39 -6.96 -41.83 -35.68
N LEU X 40 -6.01 -42.15 -34.79
CA LEU X 40 -6.33 -42.99 -33.64
C LEU X 40 -7.22 -42.25 -32.66
N ALA X 41 -6.99 -40.96 -32.46
CA ALA X 41 -7.82 -40.18 -31.55
C ALA X 41 -9.26 -40.10 -32.06
N TRP X 42 -9.43 -39.94 -33.38
CA TRP X 42 -10.77 -39.92 -33.96
C TRP X 42 -11.47 -41.26 -33.77
N GLN X 43 -10.70 -42.36 -33.88
CA GLN X 43 -11.27 -43.68 -33.63
C GLN X 43 -11.74 -43.81 -32.19
N TRP X 44 -10.94 -43.34 -31.23
CA TRP X 44 -11.32 -43.47 -29.83
C TRP X 44 -12.47 -42.55 -29.47
N ARG X 45 -12.41 -41.29 -29.89
CA ARG X 45 -13.45 -40.35 -29.52
C ARG X 45 -13.56 -39.23 -30.56
N PRO X 46 -14.59 -39.26 -31.40
CA PRO X 46 -14.75 -38.21 -32.41
C PRO X 46 -15.11 -36.88 -31.78
N TRP X 47 -14.76 -35.81 -32.50
CA TRP X 47 -15.16 -34.46 -32.14
C TRP X 47 -16.02 -33.90 -33.27
N LEU X 48 -16.29 -32.60 -33.22
CA LEU X 48 -17.16 -31.91 -34.17
C LEU X 48 -18.56 -32.52 -34.15
N PRO X 49 -19.31 -32.34 -33.08
CA PRO X 49 -20.64 -32.96 -32.98
C PRO X 49 -21.66 -32.22 -33.85
N ALA X 50 -22.85 -32.81 -33.92
CA ALA X 50 -23.98 -32.15 -34.55
C ALA X 50 -24.52 -31.06 -33.64
N VAL X 51 -25.48 -30.29 -34.14
CA VAL X 51 -26.07 -29.22 -33.35
C VAL X 51 -26.80 -29.75 -32.13
N THR X 52 -27.29 -30.99 -32.19
CA THR X 52 -28.00 -31.60 -31.08
C THR X 52 -27.10 -32.44 -30.17
N GLY X 53 -25.81 -32.54 -30.46
CA GLY X 53 -24.87 -33.29 -29.67
C GLY X 53 -24.33 -34.46 -30.45
N TYR X 54 -23.50 -35.27 -29.77
CA TYR X 54 -22.95 -36.46 -30.40
C TYR X 54 -23.97 -37.57 -30.53
N GLY X 55 -24.99 -37.58 -29.66
CA GLY X 55 -26.01 -38.60 -29.68
C GLY X 55 -25.63 -39.85 -28.93
N THR X 56 -24.81 -40.71 -29.53
CA THR X 56 -24.41 -41.95 -28.90
C THR X 56 -23.00 -42.36 -29.30
N FME Y 1 4.04 -3.11 -56.40
CN FME Y 1 3.76 -3.98 -57.36
O1 FME Y 1 3.90 -3.79 -58.57
CA FME Y 1 3.83 -3.39 -55.00
CB FME Y 1 2.48 -4.10 -54.79
CG FME Y 1 2.06 -4.21 -53.34
SD FME Y 1 2.00 -2.61 -52.50
CE FME Y 1 1.55 -3.12 -50.84
C FME Y 1 4.99 -4.24 -54.44
O FME Y 1 5.03 -4.47 -53.21
N TRP Y 2 5.91 -4.67 -55.30
CA TRP Y 2 7.07 -5.44 -54.87
C TRP Y 2 8.06 -4.56 -54.12
N ARG Y 3 7.83 -3.26 -54.18
CA ARG Y 3 8.75 -2.27 -53.62
C ARG Y 3 8.55 -2.06 -52.13
N MET Y 4 7.57 -2.73 -51.52
CA MET Y 4 7.35 -2.59 -50.09
C MET Y 4 8.50 -3.15 -49.25
N TRP Y 5 9.33 -4.02 -49.82
CA TRP Y 5 10.47 -4.57 -49.11
C TRP Y 5 11.70 -3.69 -49.22
N LEU Y 6 11.67 -2.65 -50.07
CA LEU Y 6 12.66 -1.59 -50.00
C LEU Y 6 12.35 -0.59 -48.90
N LEU Y 7 11.18 -0.70 -48.28
CA LEU Y 7 10.76 0.18 -47.20
C LEU Y 7 10.73 -0.49 -45.84
N PHE Y 8 10.44 -1.79 -45.78
CA PHE Y 8 10.35 -2.52 -44.53
C PHE Y 8 11.27 -3.73 -44.55
N ASP Y 9 11.79 -4.06 -43.39
CA ASP Y 9 12.71 -5.19 -43.26
C ASP Y 9 11.93 -6.50 -43.26
N PRO Y 10 12.22 -7.42 -44.18
CA PRO Y 10 11.49 -8.71 -44.19
C PRO Y 10 11.65 -9.50 -42.91
N ARG Y 11 12.75 -9.30 -42.17
CA ARG Y 11 12.89 -9.96 -40.87
C ARG Y 11 11.77 -9.54 -39.92
N ARG Y 12 11.58 -8.23 -39.76
CA ARG Y 12 10.58 -7.74 -38.82
C ARG Y 12 9.16 -7.98 -39.35
N ILE Y 13 8.98 -7.96 -40.67
CA ILE Y 13 7.65 -8.19 -41.24
C ILE Y 13 7.22 -9.63 -40.98
N LEU Y 14 8.09 -10.59 -41.28
CA LEU Y 14 7.73 -12.00 -41.11
C LEU Y 14 7.49 -12.35 -39.65
N VAL Y 15 8.31 -11.80 -38.75
CA VAL Y 15 8.12 -12.07 -37.33
C VAL Y 15 6.82 -11.45 -36.84
N ALA Y 16 6.57 -10.19 -37.20
CA ALA Y 16 5.34 -9.53 -36.76
C ALA Y 16 4.11 -10.21 -37.38
N LEU Y 17 4.20 -10.57 -38.65
CA LEU Y 17 3.08 -11.25 -39.30
C LEU Y 17 2.81 -12.61 -38.67
N GLY Y 18 3.87 -13.37 -38.37
CA GLY Y 18 3.67 -14.67 -37.76
C GLY Y 18 3.05 -14.59 -36.37
N VAL Y 19 3.56 -13.67 -35.55
CA VAL Y 19 3.00 -13.50 -34.21
C VAL Y 19 1.56 -13.00 -34.28
N PHE Y 20 1.29 -12.05 -35.18
CA PHE Y 20 -0.06 -11.52 -35.31
C PHE Y 20 -1.04 -12.59 -35.75
N LEU Y 21 -0.68 -13.38 -36.75
CA LEU Y 21 -1.59 -14.39 -37.27
C LEU Y 21 -1.87 -15.47 -36.23
N PHE Y 22 -0.83 -15.90 -35.50
CA PHE Y 22 -1.03 -16.93 -34.49
C PHE Y 22 -1.93 -16.44 -33.36
N VAL Y 23 -1.67 -15.23 -32.86
CA VAL Y 23 -2.49 -14.71 -31.77
C VAL Y 23 -3.92 -14.46 -32.25
N LEU Y 24 -4.07 -13.99 -33.49
CA LEU Y 24 -5.40 -13.84 -34.06
C LEU Y 24 -6.11 -15.19 -34.17
N ALA Y 25 -5.41 -16.21 -34.65
CA ALA Y 25 -6.01 -17.54 -34.75
C ALA Y 25 -6.37 -18.08 -33.38
N LEU Y 26 -5.49 -17.87 -32.39
CA LEU Y 26 -5.79 -18.29 -31.03
C LEU Y 26 -7.03 -17.56 -30.50
N LEU Y 27 -7.14 -16.27 -30.78
CA LEU Y 27 -8.32 -15.50 -30.36
C LEU Y 27 -9.60 -16.06 -30.97
N ILE Y 28 -9.57 -16.38 -32.27
CA ILE Y 28 -10.78 -16.86 -32.93
C ILE Y 28 -11.15 -18.25 -32.45
N HIS Y 29 -10.16 -19.16 -32.34
CA HIS Y 29 -10.45 -20.51 -31.87
C HIS Y 29 -11.08 -20.48 -30.48
N PHE Y 30 -10.54 -19.65 -29.59
CA PHE Y 30 -11.06 -19.59 -28.22
C PHE Y 30 -12.44 -18.94 -28.17
N ILE Y 31 -12.70 -17.94 -29.03
CA ILE Y 31 -14.02 -17.34 -29.07
C ILE Y 31 -15.06 -18.36 -29.48
N LEU Y 32 -14.76 -19.16 -30.51
CA LEU Y 32 -15.69 -20.19 -30.94
C LEU Y 32 -15.89 -21.26 -29.86
N LEU Y 33 -14.82 -21.59 -29.13
CA LEU Y 33 -14.91 -22.62 -28.10
C LEU Y 33 -15.81 -22.19 -26.95
N SER Y 34 -15.82 -20.89 -26.64
CA SER Y 34 -16.64 -20.39 -25.54
C SER Y 34 -18.13 -20.37 -25.87
N THR Y 35 -18.49 -20.46 -27.15
CA THR Y 35 -19.88 -20.48 -27.55
C THR Y 35 -20.43 -21.90 -27.51
N ASP Y 36 -21.71 -22.01 -27.19
CA ASP Y 36 -22.36 -23.31 -27.19
C ASP Y 36 -22.46 -23.88 -28.59
N ARG Y 37 -22.81 -23.04 -29.57
CA ARG Y 37 -23.08 -23.54 -30.92
C ARG Y 37 -21.81 -24.06 -31.59
N PHE Y 38 -20.70 -23.33 -31.46
CA PHE Y 38 -19.48 -23.66 -32.19
C PHE Y 38 -18.45 -24.37 -31.34
N ASN Y 39 -18.81 -24.83 -30.14
CA ASN Y 39 -17.93 -25.67 -29.36
C ASN Y 39 -17.82 -27.04 -30.03
N TRP Y 40 -16.61 -27.43 -30.41
CA TRP Y 40 -16.41 -28.68 -31.12
C TRP Y 40 -15.92 -29.81 -30.23
N LEU Y 41 -15.74 -29.56 -28.92
CA LEU Y 41 -15.27 -30.63 -28.05
C LEU Y 41 -16.43 -31.32 -27.34
N ASP Y 42 -17.16 -30.59 -26.49
CA ASP Y 42 -18.27 -31.18 -25.77
C ASP Y 42 -19.62 -30.88 -26.41
N GLY Y 43 -19.68 -29.94 -27.34
CA GLY Y 43 -20.91 -29.61 -28.01
C GLY Y 43 -21.76 -28.64 -27.21
N PRO Y 44 -22.98 -28.38 -27.69
CA PRO Y 44 -23.87 -27.44 -26.98
C PRO Y 44 -24.26 -27.94 -25.59
N HIS Y 45 -24.43 -27.00 -24.67
CA HIS Y 45 -24.80 -27.30 -23.28
C HIS Y 45 -23.75 -28.19 -22.62
N SER Z 7 18.04 2.16 -50.75
CA SER Z 7 17.26 1.20 -49.99
C SER Z 7 17.68 1.16 -48.53
N ILE Z 8 16.93 1.87 -47.69
CA ILE Z 8 17.23 1.90 -46.26
C ILE Z 8 17.05 0.51 -45.65
N THR Z 9 16.24 -0.34 -46.27
CA THR Z 9 16.09 -1.71 -45.81
C THR Z 9 17.40 -2.49 -45.92
N GLY Z 10 18.13 -2.28 -47.00
CA GLY Z 10 19.36 -3.00 -47.26
C GLY Z 10 19.28 -4.08 -48.31
N LEU Z 11 18.19 -4.15 -49.07
CA LEU Z 11 18.00 -5.16 -50.10
C LEU Z 11 18.03 -4.49 -51.47
N THR Z 12 18.58 -5.20 -52.46
CA THR Z 12 18.52 -4.72 -53.83
C THR Z 12 17.17 -5.06 -54.44
N GLU Z 13 16.99 -4.67 -55.71
CA GLU Z 13 15.72 -4.91 -56.37
C GLU Z 13 15.51 -6.40 -56.65
N ALA Z 14 16.60 -7.14 -56.90
CA ALA Z 14 16.46 -8.54 -57.27
C ALA Z 14 15.92 -9.38 -56.11
N GLU Z 15 16.52 -9.25 -54.92
CA GLU Z 15 16.03 -10.02 -53.78
C GLU Z 15 14.68 -9.53 -53.32
N ALA Z 16 14.45 -8.21 -53.35
CA ALA Z 16 13.12 -7.69 -53.04
C ALA Z 16 12.08 -8.22 -54.00
N LYS Z 17 12.42 -8.29 -55.29
CA LYS Z 17 11.54 -8.94 -56.26
C LYS Z 17 11.40 -10.43 -55.95
N GLU Z 18 12.51 -11.06 -55.52
CA GLU Z 18 12.46 -12.48 -55.20
C GLU Z 18 11.64 -12.74 -53.94
N PHE Z 19 11.82 -11.92 -52.90
CA PHE Z 19 11.02 -12.09 -51.69
C PHE Z 19 9.54 -11.89 -51.97
N HIS Z 20 9.21 -10.84 -52.72
CA HIS Z 20 7.81 -10.60 -53.05
C HIS Z 20 7.24 -11.72 -53.92
N GLY Z 21 8.10 -12.37 -54.71
CA GLY Z 21 7.63 -13.46 -55.55
C GLY Z 21 7.10 -14.63 -54.75
N ILE Z 22 7.82 -15.03 -53.69
CA ILE Z 22 7.39 -16.19 -52.92
C ILE Z 22 6.51 -15.77 -51.75
N PHE Z 23 6.56 -14.51 -51.34
CA PHE Z 23 5.64 -14.04 -50.31
C PHE Z 23 4.19 -14.12 -50.79
N ILE Z 24 3.94 -13.76 -52.05
CA ILE Z 24 2.57 -13.76 -52.57
C ILE Z 24 2.03 -15.17 -52.69
N THR Z 25 2.82 -16.08 -53.26
CA THR Z 25 2.33 -17.45 -53.42
C THR Z 25 2.20 -18.17 -52.09
N SER Z 26 3.07 -17.85 -51.13
CA SER Z 26 2.90 -18.36 -49.77
C SER Z 26 1.62 -17.83 -49.16
N PHE Z 27 1.32 -16.54 -49.40
CA PHE Z 27 0.05 -15.97 -48.97
C PHE Z 27 -1.11 -16.65 -49.70
N ILE Z 28 -0.95 -16.94 -50.99
CA ILE Z 28 -2.02 -17.57 -51.76
C ILE Z 28 -2.34 -18.96 -51.20
N VAL Z 29 -1.31 -19.76 -50.93
CA VAL Z 29 -1.51 -21.11 -50.41
C VAL Z 29 -2.17 -21.05 -49.04
N PHE Z 30 -1.70 -20.14 -48.18
CA PHE Z 30 -2.28 -20.00 -46.85
C PHE Z 30 -3.75 -19.61 -46.94
N THR Z 31 -4.09 -18.74 -47.88
CA THR Z 31 -5.49 -18.33 -48.04
C THR Z 31 -6.34 -19.45 -48.63
N VAL Z 32 -5.82 -20.16 -49.63
CA VAL Z 32 -6.60 -21.21 -50.28
C VAL Z 32 -6.94 -22.32 -49.29
N ILE Z 33 -5.97 -22.73 -48.46
CA ILE Z 33 -6.25 -23.73 -47.44
C ILE Z 33 -7.27 -23.20 -46.45
N ALA Z 34 -7.16 -21.92 -46.07
CA ALA Z 34 -8.13 -21.32 -45.16
C ALA Z 34 -9.52 -21.30 -45.79
N ILE Z 35 -9.60 -21.02 -47.09
CA ILE Z 35 -10.90 -21.00 -47.77
C ILE Z 35 -11.55 -22.38 -47.70
N VAL Z 36 -10.77 -23.44 -47.96
CA VAL Z 36 -11.32 -24.79 -47.87
C VAL Z 36 -11.64 -25.12 -46.42
N ALA Z 37 -10.81 -24.66 -45.48
CA ALA Z 37 -11.10 -24.87 -44.07
C ALA Z 37 -12.42 -24.23 -43.68
N HIS Z 38 -12.68 -23.01 -44.16
CA HIS Z 38 -13.96 -22.37 -43.89
C HIS Z 38 -15.11 -23.06 -44.63
N LEU Z 39 -14.84 -23.61 -45.81
CA LEU Z 39 -15.86 -24.39 -46.51
C LEU Z 39 -16.29 -25.58 -45.68
N LEU Z 40 -15.31 -26.31 -45.11
CA LEU Z 40 -15.64 -27.43 -44.24
C LEU Z 40 -16.27 -26.96 -42.94
N ALA Z 41 -15.83 -25.81 -42.43
CA ALA Z 41 -16.42 -25.27 -41.22
C ALA Z 41 -17.89 -24.94 -41.43
N TRP Z 42 -18.23 -24.37 -42.59
CA TRP Z 42 -19.63 -24.06 -42.88
C TRP Z 42 -20.48 -25.32 -42.92
N GLN Z 43 -19.97 -26.39 -43.52
CA GLN Z 43 -20.72 -27.64 -43.59
C GLN Z 43 -21.00 -28.21 -42.21
N TRP Z 44 -20.03 -28.14 -41.31
CA TRP Z 44 -20.24 -28.66 -39.96
C TRP Z 44 -21.22 -27.79 -39.19
N ARG Z 45 -21.04 -26.48 -39.20
CA ARG Z 45 -21.88 -25.56 -38.44
C ARG Z 45 -21.88 -24.20 -39.12
N PRO Z 46 -22.96 -23.87 -39.84
CA PRO Z 46 -23.03 -22.55 -40.48
C PRO Z 46 -23.20 -21.44 -39.47
N TRP Z 47 -22.61 -20.29 -39.79
CA TRP Z 47 -22.79 -19.08 -39.02
C TRP Z 47 -23.72 -18.13 -39.77
N LEU Z 48 -23.82 -16.89 -39.29
CA LEU Z 48 -24.66 -15.85 -39.90
C LEU Z 48 -26.13 -16.28 -39.93
N PRO Z 49 -26.79 -16.37 -38.79
CA PRO Z 49 -28.18 -16.82 -38.78
C PRO Z 49 -29.11 -15.75 -39.33
N ALA Z 50 -30.36 -16.16 -39.56
CA ALA Z 50 -31.41 -15.21 -39.89
C ALA Z 50 -31.86 -14.48 -38.64
N VAL Z 51 -32.70 -13.45 -38.84
CA VAL Z 51 -33.18 -12.64 -37.72
C VAL Z 51 -34.01 -13.47 -36.75
N THR Z 52 -34.57 -14.59 -37.21
CA THR Z 52 -35.33 -15.48 -36.34
C THR Z 52 -34.47 -16.59 -35.76
N GLY Z 53 -33.16 -16.48 -35.86
CA GLY Z 53 -32.27 -17.51 -35.37
C GLY Z 53 -32.00 -18.59 -36.40
N TYR Z 54 -31.19 -19.56 -35.98
CA TYR Z 54 -30.86 -20.68 -36.87
C TYR Z 54 -32.07 -21.58 -37.09
N GLY Z 55 -32.84 -21.85 -36.05
CA GLY Z 55 -34.00 -22.71 -36.15
C GLY Z 55 -33.69 -24.08 -36.72
N THR Z 56 -32.91 -24.87 -35.99
CA THR Z 56 -32.50 -26.21 -36.42
C THR Z 56 -31.87 -26.19 -37.81
N FME AA 1 -0.30 17.10 -52.66
CN FME AA 1 0.02 16.99 -53.95
O1 FME AA 1 0.54 17.86 -54.63
CA FME AA 1 -0.88 16.03 -51.86
CB FME AA 1 -2.11 15.43 -52.56
CG FME AA 1 -2.85 14.42 -51.68
SD FME AA 1 -3.79 15.18 -50.32
CE FME AA 1 -2.60 15.11 -48.99
C FME AA 1 0.16 14.94 -51.58
O FME AA 1 0.33 14.60 -50.39
N TRP AA 2 0.85 14.43 -52.60
CA TRP AA 2 1.93 13.47 -52.41
C TRP AA 2 3.05 14.04 -51.54
N ARG AA 3 3.01 15.36 -51.35
CA ARG AA 3 3.99 16.03 -50.51
C ARG AA 3 3.88 15.62 -49.04
N MET AA 4 2.78 14.97 -48.65
CA MET AA 4 2.68 14.44 -47.30
C MET AA 4 3.75 13.38 -47.02
N TRP AA 5 4.25 12.73 -48.07
CA TRP AA 5 5.38 11.82 -47.91
C TRP AA 5 6.71 12.54 -47.92
N LEU AA 6 6.72 13.83 -48.25
CA LEU AA 6 7.86 14.70 -47.99
C LEU AA 6 7.80 15.31 -46.60
N LEU AA 7 6.78 14.98 -45.82
CA LEU AA 7 6.59 15.50 -44.47
C LEU AA 7 6.58 14.41 -43.42
N PHE AA 8 5.94 13.28 -43.68
CA PHE AA 8 5.84 12.17 -42.74
C PHE AA 8 6.58 10.95 -43.29
N ASP AA 9 7.24 10.23 -42.40
CA ASP AA 9 7.93 9.01 -42.78
C ASP AA 9 6.91 7.95 -43.18
N PRO AA 10 7.01 7.37 -44.38
CA PRO AA 10 6.07 6.30 -44.75
C PRO AA 10 6.10 5.10 -43.80
N ARG AA 11 7.27 4.76 -43.26
CA ARG AA 11 7.36 3.63 -42.34
C ARG AA 11 6.57 3.90 -41.06
N ARG AA 12 6.71 5.11 -40.50
CA ARG AA 12 5.96 5.44 -39.30
C ARG AA 12 4.46 5.49 -39.58
N ILE AA 13 4.06 6.07 -40.71
CA ILE AA 13 2.64 6.22 -41.01
C ILE AA 13 2.00 4.84 -41.23
N LEU AA 14 2.65 3.99 -42.02
CA LEU AA 14 2.05 2.69 -42.33
C LEU AA 14 1.90 1.83 -41.09
N VAL AA 15 2.91 1.80 -40.22
CA VAL AA 15 2.81 1.04 -38.99
C VAL AA 15 1.71 1.61 -38.11
N ALA AA 16 1.67 2.94 -37.98
CA ALA AA 16 0.62 3.57 -37.19
C ALA AA 16 -0.76 3.32 -37.80
N LEU AA 17 -0.88 3.47 -39.11
CA LEU AA 17 -2.16 3.24 -39.78
C LEU AA 17 -2.58 1.78 -39.65
N GLY AA 18 -1.63 0.85 -39.81
CA GLY AA 18 -1.98 -0.56 -39.69
C GLY AA 18 -2.47 -0.95 -38.31
N VAL AA 19 -1.80 -0.45 -37.28
CA VAL AA 19 -2.25 -0.70 -35.91
C VAL AA 19 -3.61 -0.05 -35.69
N PHE AA 20 -3.80 1.17 -36.21
CA PHE AA 20 -5.07 1.86 -36.05
C PHE AA 20 -6.21 1.10 -36.71
N LEU AA 21 -6.00 0.62 -37.94
CA LEU AA 21 -7.06 -0.07 -38.66
C LEU AA 21 -7.46 -1.37 -37.98
N PHE AA 22 -6.49 -2.14 -37.52
CA PHE AA 22 -6.82 -3.41 -36.87
C PHE AA 22 -7.54 -3.20 -35.55
N VAL AA 23 -7.09 -2.23 -34.75
CA VAL AA 23 -7.77 -1.92 -33.50
C VAL AA 23 -9.18 -1.43 -33.78
N LEU AA 24 -9.33 -0.55 -34.78
CA LEU AA 24 -10.66 -0.08 -35.16
C LEU AA 24 -11.53 -1.23 -35.66
N ALA AA 25 -10.96 -2.11 -36.49
CA ALA AA 25 -11.73 -3.24 -37.00
C ALA AA 25 -12.13 -4.19 -35.87
N LEU AA 26 -11.21 -4.46 -34.95
CA LEU AA 26 -11.53 -5.32 -33.81
C LEU AA 26 -12.61 -4.70 -32.95
N LEU AA 27 -12.56 -3.38 -32.76
CA LEU AA 27 -13.57 -2.70 -31.97
C LEU AA 27 -14.97 -2.85 -32.58
N ILE AA 28 -15.07 -2.69 -33.90
CA ILE AA 28 -16.38 -2.80 -34.55
C ILE AA 28 -16.88 -4.23 -34.48
N HIS AA 29 -16.01 -5.21 -34.75
CA HIS AA 29 -16.43 -6.61 -34.70
C HIS AA 29 -16.94 -6.98 -33.31
N PHE AA 30 -16.23 -6.56 -32.27
CA PHE AA 30 -16.67 -6.88 -30.91
C PHE AA 30 -17.96 -6.15 -30.54
N ILE AA 31 -18.12 -4.92 -31.04
CA ILE AA 31 -19.36 -4.18 -30.77
C ILE AA 31 -20.56 -4.90 -31.37
N LEU AA 32 -20.43 -5.38 -32.60
CA LEU AA 32 -21.53 -6.09 -33.24
C LEU AA 32 -21.82 -7.40 -32.53
N LEU AA 33 -20.79 -8.06 -31.99
CA LEU AA 33 -21.01 -9.30 -31.25
C LEU AA 33 -21.83 -9.06 -29.99
N SER AA 34 -21.58 -7.93 -29.31
CA SER AA 34 -22.31 -7.63 -28.09
C SER AA 34 -23.78 -7.29 -28.35
N THR AA 35 -24.11 -6.83 -29.55
CA THR AA 35 -25.50 -6.56 -29.90
C THR AA 35 -26.25 -7.86 -30.13
N ASP AA 36 -27.55 -7.84 -29.84
CA ASP AA 36 -28.38 -9.00 -30.10
C ASP AA 36 -28.61 -9.20 -31.59
N ARG AA 37 -28.81 -8.10 -32.33
CA ARG AA 37 -29.21 -8.21 -33.73
C ARG AA 37 -28.07 -8.65 -34.63
N PHE AA 38 -26.85 -8.18 -34.39
CA PHE AA 38 -25.74 -8.39 -35.31
C PHE AA 38 -24.76 -9.45 -34.85
N ASN AA 39 -25.11 -10.23 -33.83
CA ASN AA 39 -24.25 -11.33 -33.40
C ASN AA 39 -24.42 -12.49 -34.38
N TRP AA 40 -23.38 -12.75 -35.17
CA TRP AA 40 -23.43 -13.77 -36.19
C TRP AA 40 -23.02 -15.15 -35.70
N LEU AA 41 -22.60 -15.27 -34.45
CA LEU AA 41 -22.20 -16.57 -33.92
C LEU AA 41 -23.33 -17.26 -33.16
N ASP AA 42 -23.80 -16.63 -32.09
CA ASP AA 42 -24.85 -17.25 -31.27
C ASP AA 42 -26.24 -16.93 -31.78
N GLY AA 43 -26.42 -15.80 -32.46
CA GLY AA 43 -27.70 -15.46 -33.03
C GLY AA 43 -28.47 -14.43 -32.23
N PRO AA 44 -29.64 -14.05 -32.73
CA PRO AA 44 -30.41 -12.98 -32.10
C PRO AA 44 -31.45 -13.44 -31.10
N HIS AA 45 -31.46 -14.74 -30.79
CA HIS AA 45 -32.49 -15.28 -29.92
C HIS AA 45 -32.14 -15.08 -28.45
N ARG AA 46 -30.84 -15.16 -28.13
CA ARG AA 46 -30.36 -15.09 -26.75
C ARG AA 46 -30.86 -13.87 -25.99
N SER BA 7 13.56 18.11 -47.14
CA SER BA 7 13.08 16.74 -47.08
C SER BA 7 13.34 16.12 -45.71
N ILE BA 8 12.46 16.43 -44.76
CA ILE BA 8 12.59 15.88 -43.42
C ILE BA 8 12.35 14.38 -43.44
N THR BA 9 11.51 13.89 -44.36
CA THR BA 9 11.30 12.46 -44.51
C THR BA 9 12.59 11.75 -44.89
N GLY BA 10 13.37 12.34 -45.79
CA GLY BA 10 14.57 11.73 -46.30
C GLY BA 10 14.46 11.16 -47.70
N LEU BA 11 13.33 11.35 -48.37
CA LEU BA 11 13.11 10.89 -49.72
C LEU BA 11 13.10 12.06 -50.69
N THR BA 12 13.62 11.82 -51.89
CA THR BA 12 13.54 12.82 -52.95
C THR BA 12 12.11 12.92 -53.45
N GLU BA 13 11.88 13.84 -54.39
CA GLU BA 13 10.56 13.98 -54.98
C GLU BA 13 10.20 12.78 -55.86
N ALA BA 14 11.19 11.99 -56.28
CA ALA BA 14 10.90 10.83 -57.11
C ALA BA 14 10.15 9.76 -56.32
N GLU BA 15 10.64 9.45 -55.11
CA GLU BA 15 9.97 8.43 -54.31
C GLU BA 15 8.61 8.90 -53.82
N ALA BA 16 8.42 10.21 -53.66
CA ALA BA 16 7.16 10.72 -53.13
C ALA BA 16 5.99 10.34 -54.02
N LYS BA 17 6.10 10.59 -55.32
CA LYS BA 17 5.04 10.20 -56.24
C LYS BA 17 4.98 8.69 -56.40
N GLU BA 18 6.12 8.01 -56.25
CA GLU BA 18 6.13 6.55 -56.32
C GLU BA 18 5.35 5.95 -55.16
N PHE BA 19 5.65 6.37 -53.93
CA PHE BA 19 4.93 5.86 -52.77
C PHE BA 19 3.47 6.28 -52.80
N HIS BA 20 3.20 7.53 -53.21
CA HIS BA 20 1.83 8.02 -53.23
C HIS BA 20 0.97 7.22 -54.21
N GLY BA 21 1.50 6.97 -55.41
CA GLY BA 21 0.73 6.22 -56.40
C GLY BA 21 0.39 4.83 -55.92
N ILE BA 22 1.34 4.15 -55.27
CA ILE BA 22 1.07 2.84 -54.71
C ILE BA 22 0.16 2.95 -53.49
N PHE BA 23 0.33 4.00 -52.68
CA PHE BA 23 -0.54 4.19 -51.52
C PHE BA 23 -1.98 4.38 -51.94
N ILE BA 24 -2.22 5.16 -52.99
CA ILE BA 24 -3.59 5.42 -53.42
C ILE BA 24 -4.24 4.15 -53.95
N THR BA 25 -3.56 3.41 -54.83
CA THR BA 25 -4.18 2.23 -55.42
C THR BA 25 -4.40 1.15 -54.37
N SER BA 26 -3.50 1.03 -53.40
CA SER BA 26 -3.75 0.12 -52.28
C SER BA 26 -4.96 0.57 -51.47
N PHE BA 27 -5.09 1.88 -51.28
CA PHE BA 27 -6.26 2.41 -50.58
C PHE BA 27 -7.55 2.14 -51.33
N ILE BA 28 -7.50 2.23 -52.67
CA ILE BA 28 -8.70 1.94 -53.47
C ILE BA 28 -9.08 0.47 -53.32
N VAL BA 29 -8.11 -0.43 -53.39
CA VAL BA 29 -8.39 -1.86 -53.26
C VAL BA 29 -8.98 -2.15 -51.89
N PHE BA 30 -8.43 -1.55 -50.84
CA PHE BA 30 -8.93 -1.77 -49.49
C PHE BA 30 -10.36 -1.27 -49.36
N THR BA 31 -10.67 -0.11 -49.95
CA THR BA 31 -12.02 0.43 -49.83
C THR BA 31 -13.03 -0.36 -50.65
N VAL BA 32 -12.67 -0.74 -51.88
CA VAL BA 32 -13.62 -1.46 -52.74
C VAL BA 32 -13.98 -2.79 -52.11
N ILE BA 33 -13.01 -3.49 -51.53
CA ILE BA 33 -13.31 -4.73 -50.82
C ILE BA 33 -14.23 -4.45 -49.64
N ALA BA 34 -13.97 -3.37 -48.90
CA ALA BA 34 -14.83 -3.00 -47.78
C ALA BA 34 -16.24 -2.68 -48.26
N ILE BA 35 -16.36 -2.02 -49.41
CA ILE BA 35 -17.68 -1.72 -49.96
C ILE BA 35 -18.45 -3.00 -50.24
N VAL BA 36 -17.79 -3.98 -50.85
CA VAL BA 36 -18.43 -5.26 -51.13
C VAL BA 36 -18.83 -5.95 -49.83
N ALA BA 37 -17.96 -5.89 -48.83
CA ALA BA 37 -18.27 -6.51 -47.54
C ALA BA 37 -19.50 -5.86 -46.90
N HIS BA 38 -19.61 -4.53 -46.97
CA HIS BA 38 -20.76 -3.85 -46.39
C HIS BA 38 -22.03 -4.16 -47.16
N LEU BA 39 -21.93 -4.28 -48.49
CA LEU BA 39 -23.10 -4.66 -49.29
C LEU BA 39 -23.59 -6.05 -48.91
N LEU BA 40 -22.66 -7.00 -48.72
CA LEU BA 40 -23.04 -8.32 -48.23
C LEU BA 40 -23.57 -8.23 -46.81
N ALA BA 41 -22.96 -7.40 -45.97
CA ALA BA 41 -23.43 -7.25 -44.60
C ALA BA 41 -24.84 -6.67 -44.56
N TRP BA 42 -25.14 -5.71 -45.44
CA TRP BA 42 -26.48 -5.15 -45.50
C TRP BA 42 -27.49 -6.23 -45.90
N GLN BA 43 -27.11 -7.10 -46.84
CA GLN BA 43 -28.02 -8.17 -47.26
C GLN BA 43 -28.31 -9.13 -46.11
N TRP BA 44 -27.31 -9.46 -45.30
CA TRP BA 44 -27.53 -10.38 -44.19
C TRP BA 44 -28.36 -9.74 -43.09
N ARG BA 45 -28.01 -8.51 -42.70
CA ARG BA 45 -28.68 -7.84 -41.58
C ARG BA 45 -28.57 -6.34 -41.79
N PRO BA 46 -29.64 -5.69 -42.22
CA PRO BA 46 -29.59 -4.23 -42.42
C PRO BA 46 -29.57 -3.49 -41.09
N TRP BA 47 -28.83 -2.38 -41.07
CA TRP BA 47 -28.85 -1.45 -39.95
C TRP BA 47 -29.67 -0.22 -40.35
N LEU BA 48 -29.61 0.81 -39.51
CA LEU BA 48 -30.36 2.06 -39.69
C LEU BA 48 -31.85 1.80 -39.68
N PRO BA 49 -32.42 1.39 -38.55
CA PRO BA 49 -33.86 1.09 -38.51
C PRO BA 49 -34.70 2.36 -38.58
N ALA BA 50 -35.97 2.16 -38.91
CA ALA BA 50 -36.92 3.26 -38.82
C ALA BA 50 -37.19 3.59 -37.35
N VAL BA 51 -37.79 4.75 -37.12
CA VAL BA 51 -38.07 5.20 -35.76
C VAL BA 51 -39.04 4.25 -35.06
N THR BA 52 -39.78 3.44 -35.81
CA THR BA 52 -40.70 2.47 -35.25
C THR BA 52 -40.09 1.08 -35.10
N GLY BA 53 -38.82 0.92 -35.41
CA GLY BA 53 -38.14 -0.36 -35.27
C GLY BA 53 -37.82 -0.98 -36.62
N TYR BA 54 -37.36 -2.23 -36.56
CA TYR BA 54 -37.05 -2.98 -37.78
C TYR BA 54 -38.30 -3.66 -38.34
N GLY BA 55 -38.92 -4.52 -37.55
CA GLY BA 55 -40.12 -5.22 -37.99
C GLY BA 55 -39.92 -6.12 -39.19
N THR BA 56 -38.70 -6.60 -39.41
CA THR BA 56 -38.35 -7.42 -40.58
C THR BA 56 -38.72 -6.72 -41.89
N FME CA 1 -3.04 34.96 -44.29
CN FME CA 1 -1.87 35.58 -44.19
O1 FME CA 1 -0.97 35.30 -43.40
CA FME CA 1 -3.39 33.81 -43.47
CB FME CA 1 -4.83 33.35 -43.75
CG FME CA 1 -5.22 32.10 -42.96
SD FME CA 1 -6.97 31.70 -43.14
CE FME CA 1 -7.71 33.19 -42.46
C FME CA 1 -2.40 32.65 -43.69
O FME CA 1 -2.00 32.01 -42.70
N TRP CA 2 -2.03 32.40 -44.94
CA TRP CA 2 -1.10 31.33 -45.30
C TRP CA 2 0.21 31.38 -44.54
N ARG CA 3 0.58 32.57 -44.07
CA ARG CA 3 1.84 32.75 -43.37
C ARG CA 3 1.89 32.05 -42.02
N MET CA 4 0.75 31.58 -41.51
CA MET CA 4 0.74 30.90 -40.21
C MET CA 4 1.65 29.67 -40.21
N TRP CA 5 1.79 29.01 -41.36
CA TRP CA 5 2.64 27.83 -41.43
C TRP CA 5 4.12 28.19 -41.32
N LEU CA 6 4.47 29.47 -41.49
CA LEU CA 6 5.79 29.93 -41.09
C LEU CA 6 5.94 29.98 -39.58
N LEU CA 7 4.83 30.00 -38.86
CA LEU CA 7 4.81 30.08 -37.40
C LEU CA 7 4.42 28.78 -36.73
N PHE CA 8 3.46 28.04 -37.28
CA PHE CA 8 3.06 26.74 -36.75
C PHE CA 8 3.68 25.63 -37.58
N ASP CA 9 4.09 24.57 -36.89
CA ASP CA 9 4.69 23.41 -37.58
C ASP CA 9 3.61 22.57 -38.23
N PRO CA 10 3.65 22.34 -39.55
CA PRO CA 10 2.68 21.44 -40.17
C PRO CA 10 2.71 20.02 -39.61
N ARG CA 11 3.88 19.55 -39.18
CA ARG CA 11 3.96 18.22 -38.57
C ARG CA 11 3.10 18.15 -37.31
N ARG CA 12 3.19 19.16 -36.46
CA ARG CA 12 2.44 19.15 -35.21
C ARG CA 12 0.94 19.34 -35.45
N ILE CA 13 0.58 20.28 -36.33
CA ILE CA 13 -0.84 20.59 -36.55
C ILE CA 13 -1.57 19.39 -37.14
N LEU CA 14 -0.97 18.75 -38.14
CA LEU CA 14 -1.65 17.63 -38.79
C LEU CA 14 -1.85 16.47 -37.84
N VAL CA 15 -0.84 16.16 -37.03
CA VAL CA 15 -0.97 15.05 -36.07
C VAL CA 15 -1.95 15.41 -34.98
N ALA CA 16 -1.85 16.63 -34.43
CA ALA CA 16 -2.76 17.04 -33.36
C ALA CA 16 -4.19 17.10 -33.85
N LEU CA 17 -4.41 17.63 -35.05
CA LEU CA 17 -5.75 17.69 -35.60
C LEU CA 17 -6.29 16.29 -35.88
N GLY CA 18 -5.44 15.39 -36.37
CA GLY CA 18 -5.89 14.03 -36.63
C GLY CA 18 -6.35 13.32 -35.37
N VAL CA 19 -5.59 13.48 -34.28
CA VAL CA 19 -5.99 12.90 -33.00
C VAL CA 19 -7.28 13.55 -32.51
N PHE CA 20 -7.37 14.87 -32.63
CA PHE CA 20 -8.54 15.59 -32.12
C PHE CA 20 -9.80 15.18 -32.88
N LEU CA 21 -9.73 15.08 -34.21
CA LEU CA 21 -10.91 14.80 -35.00
C LEU CA 21 -11.40 13.36 -34.79
N PHE CA 22 -10.48 12.41 -34.68
CA PHE CA 22 -10.90 11.03 -34.47
C PHE CA 22 -11.54 10.85 -33.10
N VAL CA 23 -10.93 11.40 -32.04
CA VAL CA 23 -11.49 11.26 -30.71
C VAL CA 23 -12.85 11.94 -30.63
N LEU CA 24 -12.97 13.12 -31.24
CA LEU CA 24 -14.26 13.80 -31.27
C LEU CA 24 -15.31 12.99 -32.03
N ALA CA 25 -14.94 12.44 -33.19
CA ALA CA 25 -15.87 11.63 -33.95
C ALA CA 25 -16.25 10.36 -33.19
N LEU CA 26 -15.28 9.75 -32.50
CA LEU CA 26 -15.58 8.59 -31.68
C LEU CA 26 -16.55 8.95 -30.56
N LEU CA 27 -16.35 10.11 -29.94
CA LEU CA 27 -17.26 10.56 -28.89
C LEU CA 27 -18.67 10.76 -29.41
N ILE CA 28 -18.81 11.41 -30.57
CA ILE CA 28 -20.14 11.69 -31.09
C ILE CA 28 -20.87 10.40 -31.44
N HIS CA 29 -20.17 9.44 -32.05
CA HIS CA 29 -20.79 8.17 -32.38
C HIS CA 29 -21.26 7.45 -31.11
N PHE CA 30 -20.43 7.45 -30.07
CA PHE CA 30 -20.82 6.79 -28.82
C PHE CA 30 -22.00 7.49 -28.16
N ILE CA 31 -22.04 8.82 -28.22
CA ILE CA 31 -23.19 9.55 -27.69
C ILE CA 31 -24.47 9.15 -28.41
N LEU CA 32 -24.41 9.05 -29.73
CA LEU CA 32 -25.58 8.66 -30.50
C LEU CA 32 -25.99 7.23 -30.20
N LEU CA 33 -25.02 6.33 -30.06
CA LEU CA 33 -25.34 4.94 -29.73
C LEU CA 33 -26.01 4.83 -28.36
N SER CA 34 -25.71 5.75 -27.44
CA SER CA 34 -26.30 5.71 -26.12
C SER CA 34 -27.74 6.21 -26.09
N THR CA 35 -28.21 6.82 -27.16
CA THR CA 35 -29.58 7.34 -27.23
C THR CA 35 -30.50 6.31 -27.86
N ASP CA 36 -31.75 6.30 -27.41
CA ASP CA 36 -32.74 5.41 -27.98
C ASP CA 36 -33.08 5.80 -29.41
N ARG CA 37 -33.16 7.10 -29.70
CA ARG CA 37 -33.63 7.54 -31.01
C ARG CA 37 -32.59 7.32 -32.09
N PHE CA 38 -31.32 7.58 -31.78
CA PHE CA 38 -30.27 7.57 -32.80
C PHE CA 38 -29.39 6.34 -32.76
N ASN CA 39 -29.76 5.32 -31.98
CA ASN CA 39 -29.01 4.06 -32.01
C ASN CA 39 -29.32 3.33 -33.31
N TRP CA 40 -28.30 3.16 -34.15
CA TRP CA 40 -28.49 2.57 -35.46
C TRP CA 40 -28.23 1.07 -35.50
N LEU CA 41 -27.84 0.46 -34.38
CA LEU CA 41 -27.57 -0.97 -34.40
C LEU CA 41 -28.78 -1.77 -33.95
N ASP CA 42 -29.19 -1.61 -32.69
CA ASP CA 42 -30.37 -2.31 -32.21
C ASP CA 42 -31.65 -1.50 -32.35
N GLY CA 43 -31.53 -0.18 -32.48
CA GLY CA 43 -32.69 0.67 -32.63
C GLY CA 43 -33.38 0.94 -31.31
N PRO CA 44 -34.52 1.62 -31.36
CA PRO CA 44 -35.26 1.90 -30.12
C PRO CA 44 -36.17 0.75 -29.73
N HIS CA 45 -36.95 0.94 -28.67
CA HIS CA 45 -37.96 -0.03 -28.27
C HIS CA 45 -39.30 0.29 -28.93
N ALA CA 50 -41.14 -1.49 -18.39
CA ALA CA 50 -41.13 -2.70 -17.58
C ALA CA 50 -40.50 -2.42 -16.21
N ALA CA 51 -40.14 -1.16 -15.98
CA ALA CA 51 -39.55 -0.78 -14.71
C ALA CA 51 -40.59 -0.69 -13.60
N GLN CA 52 -41.81 -0.30 -13.94
CA GLN CA 52 -42.85 -0.18 -12.92
C GLN CA 52 -43.38 -1.54 -12.49
N MET CA 53 -43.31 -2.55 -13.36
CA MET CA 53 -43.75 -3.89 -12.99
C MET CA 53 -42.76 -4.58 -12.07
N ALA CA 54 -41.47 -4.28 -12.21
CA ALA CA 54 -40.41 -4.90 -11.41
C ALA CA 54 -39.56 -3.80 -10.81
N PRO CA 55 -40.06 -3.12 -9.78
CA PRO CA 55 -39.35 -1.96 -9.24
C PRO CA 55 -38.14 -2.36 -8.41
N LEU CA 56 -37.13 -1.50 -8.43
CA LEU CA 56 -35.97 -1.62 -7.56
C LEU CA 56 -36.34 -1.20 -6.15
N PRO CA 57 -35.49 -1.48 -5.16
CA PRO CA 57 -35.75 -0.95 -3.82
C PRO CA 57 -35.86 0.57 -3.84
N ALA CA 58 -36.76 1.09 -3.02
CA ALA CA 58 -37.03 2.51 -3.03
C ALA CA 58 -35.86 3.27 -2.40
N PRO CA 59 -35.56 4.48 -2.90
CA PRO CA 59 -34.52 5.29 -2.25
C PRO CA 59 -34.94 5.70 -0.85
N VAL CA 60 -33.95 5.81 0.03
CA VAL CA 60 -34.14 6.28 1.39
C VAL CA 60 -33.09 7.35 1.62
N LYS CA 61 -33.48 8.61 1.46
CA LYS CA 61 -32.55 9.73 1.58
C LYS CA 61 -32.25 10.04 3.04
N SER DA 7 9.68 32.50 -40.28
CA SER DA 7 9.99 31.10 -40.50
C SER DA 7 10.58 30.47 -39.24
N ILE DA 8 9.81 30.52 -38.15
CA ILE DA 8 10.28 29.93 -36.89
C ILE DA 8 10.27 28.42 -36.95
N THR DA 9 9.58 27.83 -37.92
CA THR DA 9 9.49 26.37 -38.05
C THR DA 9 10.54 25.81 -38.99
N GLY DA 10 10.63 26.36 -40.20
CA GLY DA 10 11.60 25.87 -41.16
C GLY DA 10 11.07 25.77 -42.58
N LEU DA 11 9.82 26.18 -42.79
CA LEU DA 11 9.24 26.20 -44.12
C LEU DA 11 9.56 27.50 -44.82
N THR DA 12 9.94 27.40 -46.10
CA THR DA 12 10.14 28.60 -46.91
C THR DA 12 8.79 29.25 -47.21
N GLU DA 13 8.85 30.47 -47.75
CA GLU DA 13 7.62 31.20 -48.05
C GLU DA 13 6.79 30.47 -49.08
N ALA DA 14 7.43 29.91 -50.10
CA ALA DA 14 6.70 29.15 -51.11
C ALA DA 14 6.08 27.88 -50.52
N GLU DA 15 6.83 27.17 -49.69
CA GLU DA 15 6.29 25.96 -49.08
C GLU DA 15 5.14 26.29 -48.14
N ALA DA 16 5.17 27.47 -47.53
CA ALA DA 16 4.02 27.92 -46.76
C ALA DA 16 2.82 28.15 -47.67
N LYS DA 17 3.05 28.73 -48.84
CA LYS DA 17 1.97 28.89 -49.81
C LYS DA 17 1.44 27.55 -50.29
N GLU DA 18 2.35 26.60 -50.54
CA GLU DA 18 1.94 25.30 -51.05
C GLU DA 18 1.12 24.55 -50.00
N PHE DA 19 1.59 24.52 -48.76
CA PHE DA 19 0.89 23.77 -47.72
C PHE DA 19 -0.48 24.36 -47.46
N HIS DA 20 -0.59 25.69 -47.42
CA HIS DA 20 -1.86 26.33 -47.13
C HIS DA 20 -2.89 26.02 -48.21
N GLY DA 21 -2.46 26.03 -49.48
CA GLY DA 21 -3.40 25.81 -50.56
C GLY DA 21 -4.08 24.46 -50.50
N ILE DA 22 -3.30 23.40 -50.25
CA ILE DA 22 -3.90 22.07 -50.24
C ILE DA 22 -4.51 21.76 -48.88
N PHE DA 23 -4.10 22.47 -47.84
CA PHE DA 23 -4.79 22.36 -46.55
C PHE DA 23 -6.21 22.90 -46.65
N ILE DA 24 -6.39 24.00 -47.37
CA ILE DA 24 -7.71 24.62 -47.48
C ILE DA 24 -8.68 23.68 -48.21
N THR DA 25 -8.24 23.11 -49.34
CA THR DA 25 -9.12 22.25 -50.09
C THR DA 25 -9.36 20.92 -49.38
N SER DA 26 -8.37 20.42 -48.65
CA SER DA 26 -8.57 19.22 -47.85
C SER DA 26 -9.63 19.44 -46.78
N PHE DA 27 -9.59 20.61 -46.14
CA PHE DA 27 -10.65 20.97 -45.20
C PHE DA 27 -11.99 21.11 -45.90
N ILE DA 28 -11.99 21.68 -47.11
CA ILE DA 28 -13.23 21.86 -47.84
C ILE DA 28 -13.83 20.52 -48.23
N VAL DA 29 -13.01 19.60 -48.75
CA VAL DA 29 -13.51 18.29 -49.14
C VAL DA 29 -14.01 17.53 -47.92
N PHE DA 30 -13.27 17.61 -46.81
CA PHE DA 30 -13.72 16.96 -45.58
C PHE DA 30 -15.04 17.54 -45.11
N THR DA 31 -15.20 18.86 -45.16
CA THR DA 31 -16.46 19.48 -44.77
C THR DA 31 -17.59 19.10 -45.71
N VAL DA 32 -17.31 19.06 -47.02
CA VAL DA 32 -18.35 18.74 -48.00
C VAL DA 32 -18.86 17.32 -47.79
N ILE DA 33 -17.94 16.37 -47.56
CA ILE DA 33 -18.36 15.00 -47.28
C ILE DA 33 -19.20 14.95 -46.01
N ALA DA 34 -18.79 15.70 -44.99
CA ALA DA 34 -19.55 15.73 -43.74
C ALA DA 34 -20.95 16.31 -43.95
N ILE DA 35 -21.07 17.33 -44.80
CA ILE DA 35 -22.37 17.95 -45.05
C ILE DA 35 -23.33 16.94 -45.65
N VAL DA 36 -22.87 16.18 -46.65
CA VAL DA 36 -23.71 15.15 -47.25
C VAL DA 36 -24.03 14.07 -46.22
N ALA DA 37 -23.06 13.73 -45.37
CA ALA DA 37 -23.33 12.75 -44.32
C ALA DA 37 -24.41 13.23 -43.37
N HIS DA 38 -24.36 14.51 -42.98
CA HIS DA 38 -25.41 15.07 -42.13
C HIS DA 38 -26.73 15.18 -42.88
N LEU DA 39 -26.67 15.46 -44.19
CA LEU DA 39 -27.89 15.48 -45.00
C LEU DA 39 -28.55 14.11 -45.02
N LEU DA 40 -27.75 13.05 -45.21
CA LEU DA 40 -28.31 11.71 -45.21
C LEU DA 40 -28.76 11.29 -43.82
N ALA DA 41 -27.99 11.64 -42.78
CA ALA DA 41 -28.39 11.30 -41.43
C ALA DA 41 -29.69 11.99 -41.03
N TRP DA 42 -29.91 13.21 -41.52
CA TRP DA 42 -31.15 13.90 -41.25
C TRP DA 42 -32.35 13.16 -41.84
N GLN DA 43 -32.20 12.64 -43.06
CA GLN DA 43 -33.29 11.91 -43.69
C GLN DA 43 -33.59 10.62 -42.93
N TRP DA 44 -32.56 9.95 -42.40
CA TRP DA 44 -32.79 8.75 -41.62
C TRP DA 44 -33.47 9.07 -40.30
N ARG DA 45 -32.94 10.06 -39.57
CA ARG DA 45 -33.46 10.39 -38.24
C ARG DA 45 -33.18 11.86 -37.97
N PRO DA 46 -34.18 12.73 -38.12
CA PRO DA 46 -33.97 14.15 -37.80
C PRO DA 46 -33.78 14.36 -36.31
N TRP DA 47 -33.06 15.43 -35.99
CA TRP DA 47 -32.88 15.87 -34.61
C TRP DA 47 -33.50 17.26 -34.47
N LEU DA 48 -33.23 17.90 -33.34
CA LEU DA 48 -33.80 19.20 -33.01
C LEU DA 48 -35.33 19.14 -33.01
N PRO DA 49 -35.94 18.43 -32.07
CA PRO DA 49 -37.40 18.29 -32.07
C PRO DA 49 -38.09 19.56 -31.62
N ALA DA 50 -39.39 19.61 -31.89
CA ALA DA 50 -40.23 20.66 -31.35
C ALA DA 50 -40.40 20.46 -29.85
N VAL DA 51 -40.86 21.51 -29.17
CA VAL DA 51 -40.98 21.46 -27.71
C VAL DA 51 -41.99 20.40 -27.30
N THR DA 52 -42.94 20.07 -28.16
CA THR DA 52 -43.91 19.02 -27.87
C THR DA 52 -43.38 17.63 -28.19
N GLY DA 53 -42.18 17.52 -28.72
CA GLY DA 53 -41.58 16.23 -29.07
C GLY DA 53 -41.48 16.06 -30.57
N TYR DA 54 -40.97 14.88 -30.95
CA TYR DA 54 -40.81 14.58 -32.37
C TYR DA 54 -42.16 14.29 -33.04
N GLY DA 55 -43.06 13.63 -32.33
CA GLY DA 55 -44.36 13.31 -32.88
C GLY DA 55 -44.28 12.35 -34.06
N THR DA 56 -43.89 11.12 -33.79
CA THR DA 56 -43.74 10.08 -34.81
C THR DA 56 -42.79 10.51 -35.93
N FME EA 1 -1.86 47.11 -28.53
CN FME EA 1 -1.02 47.94 -27.90
O1 FME EA 1 -0.64 49.02 -28.34
CA FME EA 1 -2.21 45.82 -27.97
CB FME EA 1 -3.74 45.67 -27.85
CG FME EA 1 -4.17 44.63 -26.82
SD FME EA 1 -3.80 45.12 -25.11
CE FME EA 1 -2.29 44.20 -24.82
C FME EA 1 -1.61 44.70 -28.84
O FME EA 1 -1.73 43.53 -28.47
N TRP EA 2 -1.00 45.08 -29.95
CA TRP EA 2 -0.28 44.14 -30.79
C TRP EA 2 1.09 43.87 -30.16
N ARG EA 3 1.48 44.74 -29.23
CA ARG EA 3 2.72 44.54 -28.48
C ARG EA 3 2.67 43.32 -27.58
N MET EA 4 1.47 42.77 -27.35
CA MET EA 4 1.35 41.52 -26.61
C MET EA 4 2.17 40.41 -27.24
N TRP EA 5 2.29 40.42 -28.57
CA TRP EA 5 2.98 39.37 -29.30
C TRP EA 5 4.48 39.61 -29.38
N LEU EA 6 4.98 40.71 -28.82
CA LEU EA 6 6.42 40.88 -28.61
C LEU EA 6 6.90 40.20 -27.34
N LEU EA 7 6.00 39.83 -26.44
CA LEU EA 7 6.34 39.18 -25.18
C LEU EA 7 5.94 37.72 -25.12
N PHE EA 8 4.79 37.37 -25.69
CA PHE EA 8 4.24 36.02 -25.58
C PHE EA 8 4.24 35.35 -26.94
N ASP EA 9 4.68 34.10 -26.97
CA ASP EA 9 4.68 33.33 -28.20
C ASP EA 9 3.24 33.10 -28.63
N PRO EA 10 2.86 33.49 -29.85
CA PRO EA 10 1.49 33.23 -30.31
C PRO EA 10 1.14 31.75 -30.37
N ARG EA 11 2.13 30.86 -30.45
CA ARG EA 11 1.85 29.43 -30.37
C ARG EA 11 1.21 29.08 -29.03
N ARG EA 12 1.82 29.54 -27.93
CA ARG EA 12 1.27 29.23 -26.61
C ARG EA 12 -0.09 29.89 -26.40
N ILE EA 13 -0.24 31.13 -26.87
CA ILE EA 13 -1.50 31.84 -26.68
C ILE EA 13 -2.63 31.13 -27.42
N LEU EA 14 -2.37 30.74 -28.67
CA LEU EA 14 -3.43 30.13 -29.48
C LEU EA 14 -3.81 28.74 -28.96
N VAL EA 15 -2.82 27.94 -28.56
CA VAL EA 15 -3.12 26.61 -28.05
C VAL EA 15 -3.90 26.70 -26.74
N ALA EA 16 -3.46 27.57 -25.84
CA ALA EA 16 -4.15 27.73 -24.57
C ALA EA 16 -5.56 28.28 -24.78
N LEU EA 17 -5.71 29.27 -25.65
CA LEU EA 17 -7.04 29.80 -25.95
C LEU EA 17 -7.90 28.75 -26.63
N GLY EA 18 -7.32 27.98 -27.56
CA GLY EA 18 -8.09 26.95 -28.24
C GLY EA 18 -8.59 25.87 -27.31
N VAL EA 19 -7.73 25.42 -26.40
CA VAL EA 19 -8.15 24.42 -25.41
C VAL EA 19 -9.23 24.99 -24.50
N PHE EA 20 -9.08 26.24 -24.08
CA PHE EA 20 -10.08 26.87 -23.23
C PHE EA 20 -11.43 26.97 -23.94
N LEU EA 21 -11.42 27.40 -25.20
CA LEU EA 21 -12.68 27.53 -25.93
C LEU EA 21 -13.33 26.17 -26.15
N PHE EA 22 -12.54 25.16 -26.49
CA PHE EA 22 -13.11 23.84 -26.73
C PHE EA 22 -13.73 23.25 -25.46
N VAL EA 23 -13.02 23.37 -24.34
CA VAL EA 23 -13.55 22.83 -23.09
C VAL EA 23 -14.80 23.59 -22.67
N LEU EA 24 -14.80 24.91 -22.85
CA LEU EA 24 -16.00 25.69 -22.56
C LEU EA 24 -17.16 25.27 -23.45
N ALA EA 25 -16.91 25.10 -24.75
CA ALA EA 25 -17.96 24.67 -25.67
C ALA EA 25 -18.48 23.28 -25.32
N LEU EA 26 -17.58 22.37 -24.95
CA LEU EA 26 -18.02 21.06 -24.51
C LEU EA 26 -18.89 21.15 -23.27
N LEU EA 27 -18.52 22.00 -22.33
CA LEU EA 27 -19.30 22.14 -21.09
C LEU EA 27 -20.71 22.63 -21.39
N ILE EA 28 -20.84 23.64 -22.24
CA ILE EA 28 -22.16 24.20 -22.53
C ILE EA 28 -23.03 23.19 -23.28
N HIS EA 29 -22.43 22.48 -24.24
CA HIS EA 29 -23.19 21.46 -24.96
C HIS EA 29 -23.67 20.37 -24.03
N PHE EA 30 -22.81 19.90 -23.12
CA PHE EA 30 -23.21 18.85 -22.20
C PHE EA 30 -24.27 19.34 -21.21
N ILE EA 31 -24.17 20.59 -20.77
CA ILE EA 31 -25.19 21.14 -19.88
C ILE EA 31 -26.55 21.15 -20.56
N LEU EA 32 -26.59 21.59 -21.83
CA LEU EA 32 -27.86 21.60 -22.56
C LEU EA 32 -28.38 20.18 -22.78
N LEU EA 33 -27.48 19.22 -23.05
CA LEU EA 33 -27.91 17.85 -23.24
C LEU EA 33 -28.55 17.27 -21.98
N SER EA 34 -28.14 17.75 -20.81
CA SER EA 34 -28.67 17.22 -19.55
C SER EA 34 -30.04 17.78 -19.20
N THR EA 35 -30.54 18.76 -19.96
CA THR EA 35 -31.84 19.36 -19.71
C THR EA 35 -32.91 18.68 -20.56
N ASP EA 36 -34.16 18.76 -20.09
CA ASP EA 36 -35.26 18.23 -20.87
C ASP EA 36 -35.60 19.14 -22.04
N ARG EA 37 -35.57 20.46 -21.82
CA ARG EA 37 -36.04 21.39 -22.84
C ARG EA 37 -35.06 21.52 -24.00
N PHE EA 38 -33.77 21.58 -23.70
CA PHE EA 38 -32.76 21.87 -24.71
C PHE EA 38 -32.00 20.64 -25.20
N ASN EA 39 -32.47 19.45 -24.86
CA ASN EA 39 -31.88 18.23 -25.41
C ASN EA 39 -32.37 18.07 -26.85
N TRP EA 40 -31.44 17.99 -27.79
CA TRP EA 40 -31.79 17.91 -29.21
C TRP EA 40 -31.67 16.50 -29.76
N LEU EA 41 -31.26 15.52 -28.97
CA LEU EA 41 -31.16 14.13 -29.42
C LEU EA 41 -32.39 13.32 -29.05
N ASP EA 42 -32.64 13.13 -27.76
CA ASP EA 42 -33.84 12.43 -27.32
C ASP EA 42 -35.03 13.37 -27.15
N GLY EA 43 -34.78 14.67 -27.00
CA GLY EA 43 -35.85 15.64 -26.90
C GLY EA 43 -36.49 15.64 -25.53
N PRO EA 44 -37.56 16.42 -25.38
CA PRO EA 44 -38.28 16.45 -24.12
C PRO EA 44 -39.03 15.14 -23.88
N HIS EA 45 -39.20 14.82 -22.60
CA HIS EA 45 -39.90 13.59 -22.23
C HIS EA 45 -41.17 13.89 -21.46
N SER FA 7 13.07 41.45 -30.16
CA SER FA 7 12.14 41.32 -29.05
C SER FA 7 12.27 39.98 -28.35
N ILE FA 8 11.59 39.84 -27.21
CA ILE FA 8 11.67 38.60 -26.45
C ILE FA 8 11.10 37.43 -27.25
N THR FA 9 9.96 37.64 -27.89
CA THR FA 9 9.36 36.59 -28.71
C THR FA 9 10.16 36.37 -29.99
N GLY FA 10 10.82 37.41 -30.49
CA GLY FA 10 11.55 37.35 -31.73
C GLY FA 10 10.81 37.95 -32.92
N LEU FA 11 9.50 38.17 -32.78
CA LEU FA 11 8.74 38.84 -33.82
C LEU FA 11 9.15 40.30 -33.92
N THR FA 12 9.22 40.79 -35.16
CA THR FA 12 9.44 42.22 -35.38
C THR FA 12 8.15 42.98 -35.08
N GLU FA 13 8.22 44.31 -35.14
CA GLU FA 13 7.01 45.11 -34.98
C GLU FA 13 6.01 44.82 -36.10
N ALA FA 14 6.51 44.67 -37.32
CA ALA FA 14 5.62 44.39 -38.44
C ALA FA 14 4.94 43.04 -38.30
N GLU FA 15 5.70 42.01 -37.91
CA GLU FA 15 5.10 40.69 -37.72
C GLU FA 15 4.10 40.68 -36.58
N ALA FA 16 4.39 41.41 -35.51
CA ALA FA 16 3.46 41.49 -34.38
C ALA FA 16 2.17 42.15 -34.79
N LYS FA 17 2.24 43.24 -35.56
CA LYS FA 17 1.04 43.89 -36.06
C LYS FA 17 0.27 42.96 -36.99
N GLU FA 18 0.97 42.22 -37.85
CA GLU FA 18 0.29 41.35 -38.80
C GLU FA 18 -0.47 40.24 -38.09
N PHE FA 19 0.13 39.62 -37.08
CA PHE FA 19 -0.57 38.59 -36.33
C PHE FA 19 -1.78 39.17 -35.61
N HIS FA 20 -1.63 40.36 -35.02
CA HIS FA 20 -2.73 40.96 -34.27
C HIS FA 20 -3.90 41.27 -35.19
N GLY FA 21 -3.63 41.74 -36.39
CA GLY FA 21 -4.70 41.96 -37.35
C GLY FA 21 -5.45 40.68 -37.69
N ILE FA 22 -4.70 39.59 -37.90
CA ILE FA 22 -5.33 38.31 -38.20
C ILE FA 22 -6.03 37.76 -36.97
N PHE FA 23 -5.39 37.87 -35.80
CA PHE FA 23 -5.99 37.36 -34.57
C PHE FA 23 -7.31 38.07 -34.28
N ILE FA 24 -7.34 39.40 -34.42
CA ILE FA 24 -8.56 40.14 -34.13
C ILE FA 24 -9.64 39.83 -35.15
N THR FA 25 -9.29 39.79 -36.44
CA THR FA 25 -10.30 39.52 -37.45
C THR FA 25 -10.78 38.07 -37.38
N SER FA 26 -9.94 37.15 -36.90
CA SER FA 26 -10.40 35.78 -36.70
C SER FA 26 -11.32 35.68 -35.50
N PHE FA 27 -11.07 36.50 -34.46
CA PHE FA 27 -11.99 36.55 -33.33
C PHE FA 27 -13.36 37.06 -33.74
N ILE FA 28 -13.40 38.08 -34.60
CA ILE FA 28 -14.68 38.62 -35.05
C ILE FA 28 -15.44 37.60 -35.87
N VAL FA 29 -14.75 36.87 -36.73
CA VAL FA 29 -15.42 35.84 -37.54
C VAL FA 29 -16.03 34.77 -36.63
N PHE FA 30 -15.28 34.33 -35.62
CA PHE FA 30 -15.81 33.35 -34.67
C PHE FA 30 -17.03 33.90 -33.95
N THR FA 31 -16.99 35.16 -33.54
CA THR FA 31 -18.11 35.76 -32.84
C THR FA 31 -19.33 35.90 -33.75
N VAL FA 32 -19.12 36.27 -35.01
CA VAL FA 32 -20.24 36.44 -35.94
C VAL FA 32 -20.93 35.11 -36.18
N ILE FA 33 -20.16 34.05 -36.43
CA ILE FA 33 -20.74 32.72 -36.61
C ILE FA 33 -21.49 32.31 -35.37
N ALA FA 34 -20.96 32.63 -34.19
CA ALA FA 34 -21.64 32.30 -32.94
C ALA FA 34 -22.95 33.08 -32.81
N ILE FA 35 -22.95 34.35 -33.24
CA ILE FA 35 -24.17 35.16 -33.16
C ILE FA 35 -25.27 34.55 -34.02
N VAL FA 36 -24.94 34.16 -35.24
CA VAL FA 36 -25.93 33.52 -36.11
C VAL FA 36 -26.37 32.19 -35.51
N ALA FA 37 -25.44 31.46 -34.89
CA ALA FA 37 -25.80 30.20 -34.25
C ALA FA 37 -26.79 30.43 -33.11
N HIS FA 38 -26.60 31.50 -32.34
CA HIS FA 38 -27.53 31.79 -31.25
C HIS FA 38 -28.86 32.28 -31.76
N LEU FA 39 -28.87 33.04 -32.87
CA LEU FA 39 -30.14 33.47 -33.46
C LEU FA 39 -30.94 32.26 -33.93
N LEU FA 40 -30.27 31.29 -34.54
CA LEU FA 40 -30.95 30.07 -34.95
C LEU FA 40 -31.39 29.24 -33.75
N ALA FA 41 -30.54 29.15 -32.73
CA ALA FA 41 -30.89 28.37 -31.54
C ALA FA 41 -32.09 28.96 -30.82
N TRP FA 42 -32.19 30.29 -30.81
CA TRP FA 42 -33.34 30.93 -30.17
C TRP FA 42 -34.64 30.56 -30.86
N GLN FA 43 -34.64 30.49 -32.19
CA GLN FA 43 -35.84 30.11 -32.92
C GLN FA 43 -36.25 28.68 -32.59
N TRP FA 44 -35.28 27.77 -32.48
CA TRP FA 44 -35.60 26.39 -32.15
C TRP FA 44 -36.19 26.28 -30.74
N ARG FA 45 -35.56 26.93 -29.77
CA ARG FA 45 -35.98 26.82 -28.36
C ARG FA 45 -35.50 28.05 -27.61
N PRO FA 46 -36.39 29.01 -27.36
CA PRO FA 46 -36.01 30.18 -26.56
C PRO FA 46 -35.71 29.81 -25.11
N TRP FA 47 -34.77 30.52 -24.52
CA TRP FA 47 -34.48 30.41 -23.10
C TRP FA 47 -35.04 31.64 -22.38
N LEU FA 48 -34.69 31.78 -21.09
CA LEU FA 48 -35.14 32.88 -20.23
C LEU FA 48 -36.65 32.84 -20.06
N PRO FA 49 -37.20 31.86 -19.38
CA PRO FA 49 -38.65 31.77 -19.21
C PRO FA 49 -39.16 32.78 -18.18
N ALA FA 50 -40.47 32.92 -18.15
CA ALA FA 50 -41.11 33.66 -17.07
C ALA FA 50 -41.06 32.82 -15.79
N VAL FA 51 -41.32 33.48 -14.66
CA VAL FA 51 -41.27 32.78 -13.37
C VAL FA 51 -42.36 31.72 -13.30
N THR FA 52 -43.43 31.87 -14.08
CA THR FA 52 -44.46 30.84 -14.15
C THR FA 52 -44.03 29.65 -15.01
N GLY FA 53 -43.03 29.84 -15.86
CA GLY FA 53 -42.59 28.82 -16.79
C GLY FA 53 -42.67 29.33 -18.21
N TYR FA 54 -42.33 28.43 -19.14
CA TYR FA 54 -42.44 28.77 -20.56
C TYR FA 54 -43.88 28.81 -21.01
N GLY FA 55 -44.68 27.82 -20.62
CA GLY FA 55 -46.09 27.80 -20.98
C GLY FA 55 -46.34 27.75 -22.47
N THR FA 56 -45.62 26.88 -23.18
CA THR FA 56 -45.71 26.76 -24.64
C THR FA 56 -45.45 28.10 -25.33
N FME GA 1 -1.61 57.38 -12.58
CN FME GA 1 -0.52 58.13 -12.58
O1 FME GA 1 -0.49 59.36 -12.71
CA FME GA 1 -1.57 55.94 -12.42
CB FME GA 1 -2.95 55.40 -12.00
CG FME GA 1 -3.14 55.41 -10.50
SD FME GA 1 -2.72 56.99 -9.72
CE FME GA 1 -3.97 58.06 -10.42
C FME GA 1 -1.10 55.24 -13.70
O FME GA 1 -1.00 53.99 -13.69
N TRP GA 2 -0.81 55.99 -14.76
CA TRP GA 2 -0.15 55.42 -15.93
C TRP GA 2 1.27 55.02 -15.55
N ARG GA 3 1.78 55.65 -14.48
CA ARG GA 3 3.10 55.33 -13.97
C ARG GA 3 3.18 53.89 -13.47
N MET GA 4 2.05 53.29 -13.11
CA MET GA 4 2.04 51.89 -12.68
C MET GA 4 2.62 50.97 -13.74
N TRP GA 5 2.43 51.30 -15.01
CA TRP GA 5 2.90 50.45 -16.10
C TRP GA 5 4.38 50.67 -16.41
N LEU GA 6 5.04 51.63 -15.77
CA LEU GA 6 6.48 51.73 -15.84
C LEU GA 6 7.17 50.76 -14.89
N LEU GA 7 6.45 50.20 -13.92
CA LEU GA 7 6.98 49.24 -12.97
C LEU GA 7 6.60 47.80 -13.30
N PHE GA 8 5.35 47.56 -13.65
CA PHE GA 8 4.86 46.24 -14.01
C PHE GA 8 4.27 46.29 -15.41
N ASP GA 9 4.63 45.34 -16.24
CA ASP GA 9 4.16 45.31 -17.62
C ASP GA 9 2.68 44.92 -17.65
N PRO GA 10 1.79 45.77 -18.17
CA PRO GA 10 0.37 45.40 -18.22
C PRO GA 10 0.09 44.18 -19.09
N ARG GA 11 0.99 43.85 -20.01
CA ARG GA 11 0.78 42.67 -20.85
C ARG GA 11 0.91 41.38 -20.04
N ARG GA 12 1.68 41.40 -18.96
CA ARG GA 12 1.94 40.20 -18.17
C ARG GA 12 0.91 39.96 -17.08
N ILE GA 13 -0.12 40.81 -16.98
CA ILE GA 13 -1.19 40.61 -16.01
C ILE GA 13 -2.53 40.32 -16.66
N LEU GA 14 -2.64 40.40 -17.99
CA LEU GA 14 -3.93 40.21 -18.65
C LEU GA 14 -4.44 38.78 -18.48
N VAL GA 15 -3.58 37.80 -18.71
CA VAL GA 15 -4.00 36.40 -18.59
C VAL GA 15 -4.38 36.09 -17.14
N ALA GA 16 -3.59 36.57 -16.18
CA ALA GA 16 -3.94 36.37 -14.78
C ALA GA 16 -5.26 37.04 -14.44
N LEU GA 17 -5.49 38.24 -14.95
CA LEU GA 17 -6.74 38.95 -14.69
C LEU GA 17 -7.89 38.34 -15.47
N GLY GA 18 -7.63 37.89 -16.70
CA GLY GA 18 -8.67 37.21 -17.47
C GLY GA 18 -9.11 35.91 -16.82
N VAL GA 19 -8.15 35.16 -16.28
CA VAL GA 19 -8.49 33.91 -15.58
C VAL GA 19 -9.35 34.22 -14.35
N PHE GA 20 -8.97 35.26 -13.60
CA PHE GA 20 -9.72 35.63 -12.41
C PHE GA 20 -11.16 35.98 -12.74
N LEU GA 21 -11.37 36.81 -13.77
CA LEU GA 21 -12.72 37.24 -14.11
C LEU GA 21 -13.56 36.08 -14.62
N PHE GA 22 -12.95 35.16 -15.37
CA PHE GA 22 -13.69 34.00 -15.87
C PHE GA 22 -14.17 33.11 -14.74
N VAL GA 23 -13.29 32.83 -13.77
CA VAL GA 23 -13.67 31.93 -12.68
C VAL GA 23 -14.74 32.56 -11.81
N LEU GA 24 -14.65 33.88 -11.57
CA LEU GA 24 -15.68 34.57 -10.81
C LEU GA 24 -17.02 34.50 -11.55
N ALA GA 25 -17.02 34.77 -12.85
CA ALA GA 25 -18.26 34.72 -13.61
C ALA GA 25 -18.81 33.32 -13.70
N LEU GA 26 -17.93 32.32 -13.86
CA LEU GA 26 -18.40 30.93 -13.89
C LEU GA 26 -19.05 30.54 -12.58
N LEU GA 27 -18.49 31.00 -11.45
CA LEU GA 27 -19.08 30.72 -10.15
C LEU GA 27 -20.49 31.31 -10.06
N ILE GA 28 -20.66 32.56 -10.49
CA ILE GA 28 -21.96 33.21 -10.36
C ILE GA 28 -22.98 32.56 -11.28
N HIS GA 29 -22.59 32.25 -12.52
CA HIS GA 29 -23.52 31.58 -13.43
C HIS GA 29 -23.95 30.23 -12.88
N PHE GA 30 -23.00 29.46 -12.32
CA PHE GA 30 -23.33 28.14 -11.78
C PHE GA 30 -24.24 28.25 -10.57
N ILE GA 31 -24.00 29.25 -9.70
CA ILE GA 31 -24.85 29.43 -8.53
C ILE GA 31 -26.28 29.74 -8.95
N LEU GA 32 -26.45 30.63 -9.92
CA LEU GA 32 -27.78 30.99 -10.39
C LEU GA 32 -28.48 29.80 -11.05
N LEU GA 33 -27.73 29.03 -11.85
CA LEU GA 33 -28.32 27.88 -12.53
C LEU GA 33 -28.76 26.81 -11.55
N SER GA 34 -28.15 26.76 -10.36
CA SER GA 34 -28.56 25.78 -9.36
C SER GA 34 -29.87 26.16 -8.70
N THR GA 35 -30.17 27.45 -8.59
CA THR GA 35 -31.41 27.88 -7.95
C THR GA 35 -32.60 27.56 -8.83
N ASP GA 36 -33.76 27.39 -8.20
CA ASP GA 36 -34.99 27.16 -8.94
C ASP GA 36 -35.48 28.43 -9.63
N ARG GA 37 -35.31 29.57 -8.96
CA ARG GA 37 -35.88 30.81 -9.48
C ARG GA 37 -35.09 31.33 -10.68
N PHE GA 38 -33.76 31.27 -10.62
CA PHE GA 38 -32.91 31.90 -11.62
C PHE GA 38 -32.34 30.91 -12.63
N ASN GA 39 -32.84 29.67 -12.66
CA ASN GA 39 -32.47 28.73 -13.71
C ASN GA 39 -33.11 29.19 -15.01
N TRP GA 40 -32.29 29.58 -15.98
CA TRP GA 40 -32.79 30.12 -17.23
C TRP GA 40 -32.94 29.08 -18.31
N LEU GA 41 -32.57 27.82 -18.06
CA LEU GA 41 -32.69 26.81 -19.11
C LEU GA 41 -33.98 26.02 -19.00
N ASP GA 42 -34.16 25.26 -17.92
CA ASP GA 42 -35.41 24.54 -17.75
C ASP GA 42 -36.47 25.39 -17.06
N GLY GA 43 -36.04 26.41 -16.32
CA GLY GA 43 -36.96 27.29 -15.64
C GLY GA 43 -37.44 26.72 -14.32
N PRO GA 44 -38.34 27.43 -13.67
CA PRO GA 44 -38.87 26.94 -12.38
C PRO GA 44 -39.59 25.61 -12.56
N HIS GA 45 -39.44 24.74 -11.55
CA HIS GA 45 -40.06 23.43 -11.59
C HIS GA 45 -41.52 23.50 -11.16
N SER HA 7 12.69 52.85 -16.63
CA SER HA 7 11.63 51.90 -16.35
C SER HA 7 12.12 50.48 -16.52
N ILE HA 8 11.71 49.60 -15.60
CA ILE HA 8 12.18 48.22 -15.64
C ILE HA 8 11.41 47.36 -16.63
N THR HA 9 10.24 47.83 -17.08
CA THR HA 9 9.47 47.08 -18.06
C THR HA 9 9.90 47.34 -19.49
N GLY HA 10 10.74 48.35 -19.72
CA GLY HA 10 11.12 48.73 -21.06
C GLY HA 10 10.11 49.56 -21.79
N LEU HA 11 8.98 49.90 -21.17
CA LEU HA 11 7.98 50.73 -21.79
C LEU HA 11 8.39 52.19 -21.75
N THR HA 12 8.13 52.91 -22.85
CA THR HA 12 8.39 54.33 -22.89
C THR HA 12 7.25 55.09 -22.20
N GLU HA 13 7.39 56.42 -22.15
CA GLU HA 13 6.33 57.24 -21.61
C GLU HA 13 5.07 57.15 -22.46
N ALA HA 14 5.23 57.18 -23.78
CA ALA HA 14 4.08 57.10 -24.67
C ALA HA 14 3.40 55.74 -24.61
N GLU HA 15 4.20 54.67 -24.50
CA GLU HA 15 3.63 53.33 -24.42
C GLU HA 15 2.83 53.13 -23.15
N ALA HA 16 3.32 53.67 -22.02
CA ALA HA 16 2.60 53.52 -20.76
C ALA HA 16 1.25 54.21 -20.80
N LYS HA 17 1.21 55.43 -21.37
CA LYS HA 17 -0.06 56.15 -21.49
C LYS HA 17 -1.02 55.42 -22.43
N GLU HA 18 -0.50 54.91 -23.55
CA GLU HA 18 -1.36 54.20 -24.49
C GLU HA 18 -1.94 52.94 -23.88
N PHE HA 19 -1.11 52.15 -23.17
CA PHE HA 19 -1.62 50.97 -22.50
C PHE HA 19 -2.63 51.34 -21.42
N HIS HA 20 -2.36 52.41 -20.67
CA HIS HA 20 -3.31 52.86 -19.65
C HIS HA 20 -4.64 53.26 -20.27
N GLY HA 21 -4.60 53.95 -21.41
CA GLY HA 21 -5.83 54.31 -22.09
C GLY HA 21 -6.63 53.10 -22.55
N ILE HA 22 -5.93 52.09 -23.08
CA ILE HA 22 -6.61 50.86 -23.48
C ILE HA 22 -7.23 50.18 -22.27
N PHE HA 23 -6.51 50.14 -21.15
CA PHE HA 23 -7.03 49.49 -19.96
C PHE HA 23 -8.27 50.21 -19.43
N ILE HA 24 -8.27 51.54 -19.45
CA ILE HA 24 -9.40 52.30 -18.91
C ILE HA 24 -10.64 52.08 -19.75
N THR HA 25 -10.51 52.22 -21.08
CA THR HA 25 -11.70 52.11 -21.93
C THR HA 25 -12.27 50.70 -21.91
N SER HA 26 -11.42 49.69 -21.76
CA SER HA 26 -11.90 48.32 -21.65
C SER HA 26 -12.71 48.13 -20.37
N PHE HA 27 -12.24 48.70 -19.26
CA PHE HA 27 -12.95 48.56 -18.00
C PHE HA 27 -14.30 49.27 -18.06
N ILE HA 28 -14.35 50.46 -18.66
CA ILE HA 28 -15.61 51.17 -18.80
C ILE HA 28 -16.57 50.38 -19.68
N VAL HA 29 -16.08 49.86 -20.80
CA VAL HA 29 -16.93 49.08 -21.71
C VAL HA 29 -17.42 47.81 -21.01
N PHE HA 30 -16.51 47.11 -20.33
CA PHE HA 30 -16.90 45.88 -19.63
C PHE HA 30 -17.92 46.17 -18.54
N THR HA 31 -17.72 47.24 -17.77
CA THR HA 31 -18.67 47.57 -16.71
C THR HA 31 -20.01 48.03 -17.27
N VAL HA 32 -19.98 48.83 -18.33
CA VAL HA 32 -21.23 49.31 -18.93
C VAL HA 32 -22.05 48.14 -19.44
N ILE HA 33 -21.41 47.20 -20.14
CA ILE HA 33 -22.12 46.00 -20.61
C ILE HA 33 -22.66 45.21 -19.43
N ALA HA 34 -21.89 45.14 -18.34
CA ALA HA 34 -22.36 44.46 -17.14
C ALA HA 34 -23.56 45.18 -16.52
N ILE HA 35 -23.53 46.51 -16.49
CA ILE HA 35 -24.64 47.27 -15.93
C ILE HA 35 -25.92 47.04 -16.73
N VAL HA 36 -25.81 47.09 -18.06
CA VAL HA 36 -26.98 46.82 -18.90
C VAL HA 36 -27.46 45.38 -18.69
N ALA HA 37 -26.53 44.44 -18.55
CA ALA HA 37 -26.90 43.05 -18.33
C ALA HA 37 -27.67 42.88 -17.03
N HIS HA 38 -27.23 43.56 -15.97
CA HIS HA 38 -27.94 43.47 -14.69
C HIS HA 38 -29.30 44.15 -14.77
N LEU HA 39 -29.42 45.23 -15.53
CA LEU HA 39 -30.71 45.87 -15.73
C LEU HA 39 -31.68 44.92 -16.42
N LEU HA 40 -31.20 44.21 -17.44
CA LEU HA 40 -32.03 43.20 -18.11
C LEU HA 40 -32.35 42.04 -17.18
N ALA HA 41 -31.35 41.60 -16.40
CA ALA HA 41 -31.57 40.49 -15.48
C ALA HA 41 -32.62 40.84 -14.42
N TRP HA 42 -32.57 42.06 -13.89
CA TRP HA 42 -33.59 42.48 -12.92
C TRP HA 42 -34.97 42.50 -13.55
N GLN HA 43 -35.05 42.95 -14.81
CA GLN HA 43 -36.33 42.92 -15.53
C GLN HA 43 -36.81 41.49 -15.73
N TRP HA 44 -35.90 40.57 -16.06
CA TRP HA 44 -36.30 39.18 -16.28
C TRP HA 44 -36.72 38.52 -14.98
N ARG HA 45 -35.91 38.65 -13.93
CA ARG HA 45 -36.17 37.96 -12.67
C ARG HA 45 -35.53 38.75 -11.54
N PRO HA 46 -36.32 39.55 -10.82
CA PRO HA 46 -35.76 40.31 -9.70
C PRO HA 46 -35.31 39.42 -8.56
N TRP HA 47 -34.28 39.89 -7.85
CA TRP HA 47 -33.81 39.24 -6.64
C TRP HA 47 -34.11 40.12 -5.43
N LEU HA 48 -33.57 39.76 -4.27
CA LEU HA 48 -33.80 40.43 -2.99
C LEU HA 48 -35.28 40.38 -2.62
N PRO HA 49 -35.81 39.21 -2.27
CA PRO HA 49 -37.22 39.11 -1.91
C PRO HA 49 -37.49 39.67 -0.52
N ALA HA 50 -38.78 39.80 -0.22
CA ALA HA 50 -39.20 40.09 1.14
C ALA HA 50 -39.07 38.83 2.00
N VAL HA 51 -39.15 39.02 3.32
CA VAL HA 51 -39.06 37.88 4.23
C VAL HA 51 -40.25 36.94 4.03
N THR HA 52 -41.37 37.44 3.52
CA THR HA 52 -42.47 36.55 3.14
C THR HA 52 -42.10 35.70 1.94
N GLY HA 53 -41.42 36.29 0.96
CA GLY HA 53 -41.03 35.62 -0.25
C GLY HA 53 -41.14 36.57 -1.43
N TYR HA 54 -41.22 36.01 -2.63
CA TYR HA 54 -41.38 36.83 -3.82
C TYR HA 54 -42.85 37.13 -4.10
N GLY HA 55 -43.71 36.11 -4.04
CA GLY HA 55 -45.13 36.30 -4.22
C GLY HA 55 -45.52 36.80 -5.59
N THR HA 56 -45.33 35.97 -6.62
CA THR HA 56 -45.66 36.32 -8.00
C THR HA 56 -45.05 37.65 -8.44
N FME IA 1 0.97 56.58 11.48
CN FME IA 1 2.22 56.86 11.81
O1 FME IA 1 2.61 57.91 12.33
CA FME IA 1 0.60 55.33 10.85
CB FME IA 1 -0.93 55.12 10.91
CG FME IA 1 -1.36 53.70 10.59
SD FME IA 1 -0.63 52.48 11.69
CE FME IA 1 -1.27 53.02 13.27
C FME IA 1 1.09 55.28 9.39
O FME IA 1 0.96 54.22 8.76
N TRP IA 2 1.63 56.38 8.88
CA TRP IA 2 2.25 56.37 7.57
C TRP IA 2 3.61 55.68 7.64
N ARG IA 3 4.06 55.40 8.87
CA ARG IA 3 5.36 54.78 9.08
C ARG IA 3 5.35 53.29 8.82
N MET IA 4 4.18 52.68 8.67
CA MET IA 4 4.14 51.25 8.37
C MET IA 4 4.71 50.97 6.97
N TRP IA 5 4.57 51.92 6.05
CA TRP IA 5 5.08 51.73 4.70
C TRP IA 5 6.60 51.77 4.67
N LEU IA 6 7.24 52.36 5.67
N LEU IA 6 7.22 52.39 5.67
CA LEU IA 6 8.68 52.20 5.82
CA LEU IA 6 8.66 52.24 5.90
C LEU IA 6 9.03 51.00 6.69
C LEU IA 6 9.00 50.90 6.52
N LEU IA 7 8.04 50.29 7.21
CA LEU IA 7 8.25 49.02 7.89
C LEU IA 7 7.82 47.83 7.05
N PHE IA 8 6.86 48.01 6.15
CA PHE IA 8 6.36 46.94 5.30
C PHE IA 8 6.31 47.41 3.85
N ASP IA 9 6.61 46.48 2.95
CA ASP IA 9 6.58 46.79 1.52
C ASP IA 9 5.15 46.98 1.06
N PRO IA 10 4.82 48.08 0.39
CA PRO IA 10 3.43 48.26 -0.09
C PRO IA 10 2.95 47.17 -1.03
N ARG IA 11 3.82 46.66 -1.90
CA ARG IA 11 3.37 45.66 -2.86
C ARG IA 11 2.98 44.36 -2.17
N ARG IA 12 3.77 43.91 -1.19
CA ARG IA 12 3.46 42.66 -0.51
C ARG IA 12 2.25 42.81 0.40
N ILE IA 13 2.03 44.01 0.94
CA ILE IA 13 0.83 44.24 1.74
C ILE IA 13 -0.41 44.23 0.85
N LEU IA 14 -0.33 44.86 -0.31
CA LEU IA 14 -1.49 44.94 -1.19
C LEU IA 14 -1.92 43.56 -1.70
N VAL IA 15 -0.96 42.72 -2.07
CA VAL IA 15 -1.33 41.37 -2.51
C VAL IA 15 -1.90 40.57 -1.34
N ALA IA 16 -1.33 40.73 -0.14
CA ALA IA 16 -1.89 40.07 1.03
C ALA IA 16 -3.28 40.61 1.35
N LEU IA 17 -3.45 41.92 1.32
CA LEU IA 17 -4.74 42.52 1.58
C LEU IA 17 -5.76 42.14 0.52
N GLY IA 18 -5.33 42.09 -0.75
CA GLY IA 18 -6.27 41.73 -1.81
C GLY IA 18 -6.81 40.33 -1.66
N VAL IA 19 -5.93 39.37 -1.34
CA VAL IA 19 -6.39 38.00 -1.10
C VAL IA 19 -7.28 37.95 0.13
N PHE IA 20 -6.87 38.63 1.20
CA PHE IA 20 -7.62 38.60 2.44
C PHE IA 20 -9.02 39.18 2.27
N LEU IA 21 -9.13 40.31 1.59
CA LEU IA 21 -10.43 40.95 1.42
C LEU IA 21 -11.34 40.12 0.52
N PHE IA 22 -10.79 39.55 -0.56
CA PHE IA 22 -11.61 38.76 -1.46
C PHE IA 22 -12.09 37.47 -0.81
N VAL IA 23 -11.21 36.83 -0.02
CA VAL IA 23 -11.61 35.61 0.71
C VAL IA 23 -12.73 35.94 1.69
N LEU IA 24 -12.55 37.00 2.48
CA LEU IA 24 -13.53 37.35 3.49
C LEU IA 24 -14.88 37.70 2.86
N ALA IA 25 -14.85 38.46 1.76
CA ALA IA 25 -16.09 38.81 1.08
C ALA IA 25 -16.78 37.59 0.51
N LEU IA 26 -16.01 36.68 -0.09
CA LEU IA 26 -16.59 35.43 -0.60
C LEU IA 26 -17.16 34.59 0.53
N LEU IA 27 -16.45 34.54 1.66
CA LEU IA 27 -16.92 33.75 2.79
C LEU IA 27 -18.25 34.28 3.32
N ILE IA 28 -18.36 35.60 3.48
CA ILE IA 28 -19.58 36.17 4.04
C ILE IA 28 -20.75 36.01 3.07
N HIS IA 29 -20.52 36.24 1.78
CA HIS IA 29 -21.58 36.03 0.80
C HIS IA 29 -22.05 34.58 0.81
N PHE IA 30 -21.12 33.63 0.90
CA PHE IA 30 -21.50 32.21 0.98
C PHE IA 30 -22.22 31.91 2.28
N ILE IA 31 -21.79 32.50 3.39
CA ILE IA 31 -22.44 32.26 4.68
C ILE IA 31 -23.90 32.70 4.62
N LEU IA 32 -24.16 33.86 4.01
CA LEU IA 32 -25.54 34.35 3.90
C LEU IA 32 -26.37 33.44 3.00
N LEU IA 33 -25.78 32.93 1.91
CA LEU IA 33 -26.52 32.06 1.01
C LEU IA 33 -26.93 30.75 1.68
N SER IA 34 -26.18 30.30 2.68
CA SER IA 34 -26.48 29.06 3.38
C SER IA 34 -27.49 29.25 4.50
N THR IA 35 -28.01 30.44 4.68
CA THR IA 35 -29.08 30.71 5.64
C THR IA 35 -30.41 30.84 4.92
N ASP IA 36 -31.49 30.58 5.65
CA ASP IA 36 -32.83 30.77 5.10
C ASP IA 36 -33.19 32.23 5.01
N ARG IA 37 -32.83 33.03 6.02
CA ARG IA 37 -33.32 34.40 6.10
C ARG IA 37 -32.61 35.31 5.09
N PHE IA 38 -31.31 35.14 4.91
CA PHE IA 38 -30.51 36.07 4.12
C PHE IA 38 -30.15 35.52 2.75
N ASN IA 39 -30.87 34.50 2.28
CA ASN IA 39 -30.72 34.03 0.90
C ASN IA 39 -31.47 34.98 0.00
N TRP IA 40 -30.74 35.74 -0.82
CA TRP IA 40 -31.35 36.75 -1.68
C TRP IA 40 -31.74 36.21 -3.04
N LEU IA 41 -31.42 34.95 -3.34
CA LEU IA 41 -31.75 34.40 -4.66
C LEU IA 41 -33.06 33.63 -4.62
N ASP IA 42 -33.12 32.55 -3.84
CA ASP IA 42 -34.36 31.79 -3.72
C ASP IA 42 -35.23 32.27 -2.57
N GLY IA 43 -34.67 33.08 -1.67
CA GLY IA 43 -35.42 33.59 -0.55
C GLY IA 43 -35.67 32.53 0.50
N PRO IA 44 -36.52 32.83 1.47
CA PRO IA 44 -36.86 31.83 2.48
C PRO IA 44 -37.64 30.67 1.86
N HIS IA 45 -37.50 29.50 2.48
CA HIS IA 45 -38.17 28.30 1.98
C HIS IA 45 -39.69 28.45 1.96
N SER JA 7 16.20 52.51 5.32
CA SER JA 7 14.88 51.98 5.65
C SER JA 7 14.74 50.53 5.20
N ILE JA 8 13.97 49.76 5.95
CA ILE JA 8 13.76 48.34 5.62
C ILE JA 8 13.07 48.22 4.27
N THR JA 9 12.01 48.99 4.06
CA THR JA 9 11.30 48.96 2.79
C THR JA 9 12.11 49.67 1.70
N GLY JA 10 13.04 50.54 2.09
CA GLY JA 10 13.78 51.31 1.12
C GLY JA 10 13.02 52.48 0.54
N LEU JA 11 11.99 52.96 1.23
CA LEU JA 11 11.21 54.10 0.79
C LEU JA 11 11.65 55.36 1.51
N THR JA 12 11.75 56.46 0.77
CA THR JA 12 12.01 57.75 1.38
C THR JA 12 10.72 58.28 1.99
N GLU JA 13 10.82 59.45 2.63
CA GLU JA 13 9.65 60.04 3.27
C GLU JA 13 8.60 60.45 2.26
N ALA JA 14 9.04 61.03 1.12
CA ALA JA 14 8.09 61.52 0.13
C ALA JA 14 7.22 60.39 -0.41
N GLU JA 15 7.83 59.25 -0.73
CA GLU JA 15 7.06 58.15 -1.29
C GLU JA 15 6.27 57.40 -0.23
N ALA JA 16 6.78 57.36 1.00
CA ALA JA 16 6.02 56.75 2.09
C ALA JA 16 4.76 57.54 2.39
N LYS JA 17 4.85 58.88 2.41
CA LYS JA 17 3.68 59.71 2.62
C LYS JA 17 2.72 59.61 1.44
N GLU JA 18 3.25 59.60 0.21
CA GLU JA 18 2.39 59.60 -0.96
C GLU JA 18 1.55 58.32 -1.03
N PHE JA 19 2.16 57.17 -0.78
CA PHE JA 19 1.41 55.92 -0.81
C PHE JA 19 0.37 55.88 0.31
N HIS JA 20 0.74 56.37 1.49
CA HIS JA 20 -0.21 56.38 2.61
C HIS JA 20 -1.44 57.23 2.27
N GLY JA 21 -1.23 58.35 1.57
CA GLY JA 21 -2.35 59.16 1.16
C GLY JA 21 -3.27 58.43 0.19
N ILE JA 22 -2.68 57.75 -0.79
CA ILE JA 22 -3.48 56.97 -1.74
C ILE JA 22 -4.12 55.77 -1.03
N PHE JA 23 -3.39 55.16 -0.10
CA PHE JA 23 -3.92 54.02 0.63
C PHE JA 23 -5.11 54.42 1.51
N ILE JA 24 -5.03 55.59 2.16
CA ILE JA 24 -6.10 56.00 3.05
C ILE JA 24 -7.38 56.32 2.27
N THR JA 25 -7.26 57.08 1.17
CA THR JA 25 -8.45 57.45 0.42
C THR JA 25 -9.10 56.23 -0.22
N SER JA 26 -8.29 55.26 -0.67
CA SER JA 26 -8.85 54.02 -1.19
C SER JA 26 -9.58 53.26 -0.09
N PHE JA 27 -9.00 53.22 1.12
CA PHE JA 27 -9.68 52.61 2.25
C PHE JA 27 -10.98 53.32 2.58
N ILE JA 28 -10.97 54.65 2.56
CA ILE JA 28 -12.16 55.42 2.92
C ILE JA 28 -13.27 55.19 1.92
N VAL JA 29 -12.96 55.23 0.63
CA VAL JA 29 -13.97 54.98 -0.40
C VAL JA 29 -14.53 53.57 -0.26
N PHE JA 30 -13.66 52.59 -0.06
CA PHE JA 30 -14.11 51.22 0.11
C PHE JA 30 -15.02 51.08 1.33
N THR JA 31 -14.65 51.71 2.45
CA THR JA 31 -15.46 51.64 3.66
C THR JA 31 -16.80 52.34 3.47
N VAL JA 32 -16.79 53.52 2.82
CA VAL JA 32 -18.03 54.27 2.65
C VAL JA 32 -19.02 53.51 1.77
N ILE JA 33 -18.53 52.86 0.71
CA ILE JA 33 -19.40 52.02 -0.10
C ILE JA 33 -19.95 50.87 0.72
N ALA JA 34 -19.11 50.25 1.55
CA ALA JA 34 -19.57 49.15 2.39
C ALA JA 34 -20.60 49.62 3.41
N ILE JA 35 -20.44 50.84 3.92
CA ILE JA 35 -21.42 51.36 4.88
C ILE JA 35 -22.78 51.55 4.22
N VAL JA 36 -22.80 52.10 3.01
CA VAL JA 36 -24.06 52.25 2.28
C VAL JA 36 -24.67 50.89 1.99
N ALA JA 37 -23.84 49.93 1.58
CA ALA JA 37 -24.34 48.58 1.32
C ALA JA 37 -24.94 47.96 2.58
N HIS JA 38 -24.31 48.18 3.73
CA HIS JA 38 -24.84 47.64 4.97
C HIS JA 38 -26.13 48.34 5.37
N LEU JA 39 -26.24 49.65 5.11
CA LEU JA 39 -27.48 50.35 5.38
C LEU JA 39 -28.61 49.80 4.52
N LEU JA 40 -28.33 49.55 3.24
CA LEU JA 40 -29.34 48.95 2.37
C LEU JA 40 -29.61 47.51 2.76
N ALA JA 41 -28.59 46.78 3.19
CA ALA JA 41 -28.78 45.40 3.62
C ALA JA 41 -29.66 45.33 4.86
N TRP JA 42 -29.41 46.21 5.84
CA TRP JA 42 -30.24 46.24 7.04
C TRP JA 42 -31.68 46.60 6.71
N GLN JA 43 -31.87 47.54 5.78
CA GLN JA 43 -33.21 47.88 5.34
C GLN JA 43 -33.90 46.70 4.67
N TRP JA 44 -33.16 45.94 3.86
CA TRP JA 44 -33.75 44.78 3.19
C TRP JA 44 -34.07 43.68 4.19
N ARG JA 45 -33.12 43.34 5.06
CA ARG JA 45 -33.28 42.21 5.97
C ARG JA 45 -32.44 42.46 7.21
N PRO JA 46 -33.03 42.93 8.30
CA PRO JA 46 -32.27 43.16 9.52
C PRO JA 46 -31.76 41.87 10.13
N TRP JA 47 -30.65 41.97 10.85
CA TRP JA 47 -30.08 40.87 11.60
C TRP JA 47 -30.09 41.21 13.09
N LEU JA 48 -29.44 40.39 13.89
CA LEU JA 48 -29.42 40.53 15.35
C LEU JA 48 -30.83 40.47 15.92
N PRO JA 49 -31.47 39.31 15.90
CA PRO JA 49 -32.84 39.19 16.41
C PRO JA 49 -32.90 39.22 17.93
N ALA JA 50 -34.11 39.36 18.43
CA ALA JA 50 -34.35 39.16 19.85
C ALA JA 50 -34.21 37.68 20.20
N VAL JA 51 -34.08 37.39 21.49
CA VAL JA 51 -33.90 36.02 21.93
C VAL JA 51 -35.10 35.16 21.60
N THR JA 52 -36.28 35.75 21.41
CA THR JA 52 -37.48 35.03 21.04
C THR JA 52 -37.65 34.89 19.53
N GLY JA 53 -36.69 35.36 18.74
CA GLY JA 53 -36.76 35.30 17.30
C GLY JA 53 -37.00 36.67 16.69
N TYR JA 54 -37.09 36.67 15.35
CA TYR JA 54 -37.36 37.92 14.66
C TYR JA 54 -38.79 38.38 14.83
N GLY JA 55 -39.72 37.44 15.03
CA GLY JA 55 -41.10 37.78 15.31
C GLY JA 55 -41.75 38.63 14.23
N THR JA 56 -42.00 38.02 13.07
CA THR JA 56 -42.55 38.71 11.90
C THR JA 56 -41.58 39.76 11.36
N FME KA 1 -31.42 46.68 16.84
CN FME KA 1 -32.22 45.62 16.83
O1 FME KA 1 -33.40 45.63 16.45
CA FME KA 1 -30.02 46.62 17.25
CB FME KA 1 -29.65 45.23 17.80
CG FME KA 1 -30.00 45.05 19.27
SD FME KA 1 -29.01 46.12 20.36
CE FME KA 1 -29.65 45.63 21.95
C FME KA 1 -29.09 46.97 16.08
O FME KA 1 -28.23 46.15 15.73
N ALA KA 2 -29.26 48.16 15.49
CA ALA KA 2 -28.39 48.60 14.42
C ALA KA 2 -27.09 49.18 15.00
N MET KA 3 -27.15 49.50 16.30
CA MET KA 3 -26.00 50.09 16.97
C MET KA 3 -24.81 49.14 16.98
N VAL KA 4 -25.06 47.84 17.18
CA VAL KA 4 -23.97 46.87 17.30
C VAL KA 4 -23.16 46.85 16.01
N TRP KA 5 -23.84 46.74 14.86
CA TRP KA 5 -23.13 46.70 13.59
C TRP KA 5 -22.47 48.04 13.29
N MET KA 6 -23.17 49.14 13.57
CA MET KA 6 -22.65 50.46 13.19
C MET KA 6 -21.34 50.77 13.90
N TRP KA 7 -21.24 50.42 15.19
CA TRP KA 7 -20.02 50.70 15.93
C TRP KA 7 -18.87 49.83 15.43
N ILE KA 8 -19.08 48.52 15.32
CA ILE KA 8 -17.99 47.62 14.99
C ILE KA 8 -17.50 47.82 13.56
N LEU KA 9 -18.38 48.22 12.64
CA LEU KA 9 -17.97 48.44 11.25
C LEU KA 9 -17.34 49.81 11.04
N ILE KA 10 -17.88 50.85 11.65
CA ILE KA 10 -17.48 52.22 11.33
C ILE KA 10 -16.36 52.72 12.23
N ALA KA 11 -16.47 52.48 13.54
CA ALA KA 11 -15.50 53.04 14.48
C ALA KA 11 -14.06 52.60 14.21
N PRO KA 12 -13.76 51.34 13.90
CA PRO KA 12 -12.37 51.00 13.51
C PRO KA 12 -11.90 51.78 12.30
N ALA KA 13 -12.78 52.05 11.35
CA ALA KA 13 -12.41 52.85 10.18
C ALA KA 13 -11.98 54.25 10.59
N ILE KA 14 -12.73 54.88 11.50
CA ILE KA 14 -12.35 56.19 11.99
C ILE KA 14 -11.05 56.11 12.77
N GLY KA 15 -10.91 55.08 13.62
CA GLY KA 15 -9.71 54.94 14.41
C GLY KA 15 -8.46 54.81 13.55
N ILE KA 16 -8.56 54.09 12.44
CA ILE KA 16 -7.44 54.01 11.50
C ILE KA 16 -7.15 55.37 10.89
N VAL KA 17 -8.21 56.09 10.49
CA VAL KA 17 -8.02 57.40 9.87
C VAL KA 17 -7.40 58.38 10.85
N LEU KA 18 -7.88 58.39 12.10
CA LEU KA 18 -7.35 59.33 13.07
C LEU KA 18 -5.96 58.93 13.57
N LEU KA 19 -5.65 57.62 13.54
CA LEU KA 19 -4.29 57.19 13.80
C LEU KA 19 -3.36 57.53 12.65
N SER KA 20 -3.92 57.66 11.44
CA SER KA 20 -3.11 57.90 10.25
C SER KA 20 -2.43 59.26 10.26
N ARG KA 21 -2.94 60.21 11.05
CA ARG KA 21 -2.37 61.54 11.14
C ARG KA 21 -1.38 61.69 12.29
N GLN KA 22 -1.13 60.63 13.05
CA GLN KA 22 -0.20 60.69 14.17
C GLN KA 22 1.24 60.76 13.68
N FME LA 1 -23.67 39.98 36.56
CN FME LA 1 -24.75 40.31 35.87
O1 FME LA 1 -25.58 41.16 36.20
CA FME LA 1 -22.73 38.98 36.10
CB FME LA 1 -23.46 37.71 35.67
CG FME LA 1 -22.56 36.49 35.57
SD FME LA 1 -21.63 36.19 37.09
CE FME LA 1 -22.97 35.96 38.26
C FME LA 1 -21.86 39.54 34.96
O FME LA 1 -21.01 38.79 34.42
N ALA LA 2 -22.01 40.82 34.62
CA ALA LA 2 -21.22 41.44 33.57
C ALA LA 2 -19.81 41.75 34.05
N MET LA 3 -19.63 41.72 35.38
CA MET LA 3 -18.31 42.01 35.95
C MET LA 3 -17.27 40.99 35.50
N VAL LA 4 -17.69 39.76 35.23
CA VAL LA 4 -16.75 38.70 34.88
C VAL LA 4 -16.03 39.05 33.57
N TRP LA 5 -16.81 39.39 32.53
CA TRP LA 5 -16.19 39.63 31.23
C TRP LA 5 -15.48 40.99 31.20
N MET LA 6 -15.97 41.96 31.96
CA MET LA 6 -15.33 43.27 31.97
C MET LA 6 -13.93 43.19 32.55
N TRP LA 7 -13.76 42.48 33.66
CA TRP LA 7 -12.45 42.42 34.29
C TRP LA 7 -11.46 41.63 33.44
N ILE LA 8 -11.85 40.44 32.99
CA ILE LA 8 -10.92 39.59 32.26
C ILE LA 8 -10.53 40.22 30.93
N LEU LA 9 -11.30 41.21 30.45
CA LEU LA 9 -11.00 41.90 29.21
C LEU LA 9 -10.32 43.25 29.46
N ILE LA 10 -10.91 44.09 30.31
CA ILE LA 10 -10.41 45.45 30.49
C ILE LA 10 -9.13 45.46 31.32
N ALA LA 11 -9.12 44.71 32.42
CA ALA LA 11 -7.97 44.75 33.33
C ALA LA 11 -6.65 44.36 32.68
N PRO LA 12 -6.56 43.31 31.85
CA PRO LA 12 -5.28 43.08 31.15
C PRO LA 12 -4.85 44.24 30.27
N ALA LA 13 -5.81 44.95 29.66
CA ALA LA 13 -5.46 46.11 28.85
C ALA LA 13 -4.84 47.21 29.70
N ILE LA 14 -5.40 47.46 30.88
CA ILE LA 14 -4.83 48.46 31.77
C ILE LA 14 -3.46 48.03 32.25
N GLY LA 15 -3.30 46.74 32.56
CA GLY LA 15 -2.00 46.24 32.98
C GLY LA 15 -0.94 46.41 31.91
N ILE LA 16 -1.29 46.12 30.66
CA ILE LA 16 -0.34 46.28 29.56
C ILE LA 16 0.02 47.76 29.38
N VAL LA 17 -0.98 48.64 29.42
CA VAL LA 17 -0.72 50.07 29.23
C VAL LA 17 0.16 50.61 30.34
N LEU LA 18 -0.12 50.26 31.59
CA LEU LA 18 0.69 50.73 32.70
C LEU LA 18 2.11 50.17 32.64
N LEU LA 19 2.23 48.88 32.32
CA LEU LA 19 3.56 48.28 32.17
C LEU LA 19 4.33 48.92 31.02
N SER LA 20 3.65 49.19 29.90
CA SER LA 20 4.32 49.80 28.76
C SER LA 20 4.79 51.21 29.08
N ARG LA 21 4.07 51.92 29.94
CA ARG LA 21 4.51 53.25 30.38
C ARG LA 21 5.65 53.17 31.38
N GLN LA 22 5.89 52.00 31.97
CA GLN LA 22 6.91 51.84 32.99
C GLN LA 22 8.31 52.02 32.41
N FME MA 1 -14.60 26.25 50.59
CN FME MA 1 -15.61 27.09 50.35
O1 FME MA 1 -16.13 27.30 49.26
CA FME MA 1 -13.96 25.39 49.61
CB FME MA 1 -15.02 24.51 48.91
CG FME MA 1 -14.42 23.35 48.14
SD FME MA 1 -13.30 22.36 49.15
CE FME MA 1 -14.41 21.82 50.45
C FME MA 1 -13.14 26.20 48.59
O FME MA 1 -12.49 25.60 47.72
N ALA MA 2 -13.14 27.53 48.70
CA ALA MA 2 -12.36 28.36 47.81
C ALA MA 2 -10.88 28.31 48.18
N MET MA 3 -10.59 27.77 49.36
CA MET MA 3 -9.21 27.73 49.86
C MET MA 3 -8.33 26.85 48.98
N VAL MA 4 -8.88 25.72 48.51
CA VAL MA 4 -8.08 24.76 47.73
C VAL MA 4 -7.54 25.41 46.47
N TRP MA 5 -8.41 26.11 45.72
CA TRP MA 5 -7.97 26.74 44.49
C TRP MA 5 -7.01 27.90 44.76
N MET MA 6 -7.27 28.68 45.81
CA MET MA 6 -6.49 29.89 46.04
C MET MA 6 -5.03 29.58 46.31
N TRP MA 7 -4.75 28.55 47.13
CA TRP MA 7 -3.36 28.26 47.48
C TRP MA 7 -2.58 27.77 46.26
N ILE MA 8 -3.13 26.81 45.51
CA ILE MA 8 -2.40 26.25 44.39
C ILE MA 8 -2.15 27.29 43.30
N LEU MA 9 -2.94 28.37 43.29
CA LEU MA 9 -2.80 29.42 42.29
C LEU MA 9 -1.93 30.58 42.78
N ILE MA 10 -2.02 30.93 44.06
CA ILE MA 10 -1.32 32.10 44.58
C ILE MA 10 0.04 31.73 45.15
N ALA MA 11 0.14 30.62 45.88
CA ALA MA 11 1.40 30.27 46.52
C ALA MA 11 2.56 30.13 45.55
N PRO MA 12 2.43 29.46 44.39
CA PRO MA 12 3.56 29.44 43.44
C PRO MA 12 3.96 30.83 42.96
N ALA MA 13 3.00 31.74 42.83
CA ALA MA 13 3.32 33.11 42.45
C ALA MA 13 4.17 33.78 43.51
N ILE MA 14 3.80 33.61 44.78
CA ILE MA 14 4.65 34.09 45.87
C ILE MA 14 5.95 33.30 45.91
N GLY MA 15 5.87 32.00 45.59
CA GLY MA 15 7.08 31.19 45.57
C GLY MA 15 8.07 31.65 44.51
N ILE MA 16 7.58 31.96 43.31
CA ILE MA 16 8.47 32.43 42.25
C ILE MA 16 9.09 33.78 42.63
N VAL MA 17 8.28 34.68 43.18
CA VAL MA 17 8.79 36.01 43.53
C VAL MA 17 9.84 35.91 44.63
N LEU MA 18 9.55 35.16 45.70
CA LEU MA 18 10.51 35.06 46.80
C LEU MA 18 11.77 34.31 46.39
N LEU MA 19 11.66 33.39 45.43
CA LEU MA 19 12.86 32.78 44.87
C LEU MA 19 13.63 33.77 43.99
N SER MA 20 12.92 34.73 43.40
CA SER MA 20 13.51 35.67 42.46
C SER MA 20 13.77 37.05 43.04
N ARG MA 21 13.64 37.22 44.36
CA ARG MA 21 13.96 38.50 44.97
C ARG MA 21 15.46 38.71 45.11
N GLN MA 22 16.27 37.67 44.89
CA GLN MA 22 17.72 37.76 45.04
C GLN MA 22 18.34 38.58 43.90
N FME NA 1 -5.03 7.29 56.32
CN FME NA 1 -4.98 7.22 57.64
O1 FME NA 1 -5.79 7.75 58.41
CA FME NA 1 -4.01 6.72 55.47
CB FME NA 1 -4.63 5.81 54.39
CG FME NA 1 -5.21 4.53 54.97
SD FME NA 1 -3.93 3.48 55.72
CE FME NA 1 -4.94 2.15 56.36
C FME NA 1 -3.16 7.82 54.82
O FME NA 1 -2.41 7.51 53.87
N ALA NA 2 -3.26 9.04 55.32
CA ALA NA 2 -2.54 10.17 54.78
C ALA NA 2 -1.03 9.94 54.82
N MET NA 3 -0.56 9.26 55.88
CA MET NA 3 0.89 9.06 56.04
C MET NA 3 1.48 8.24 54.91
N VAL NA 4 0.65 7.44 54.23
CA VAL NA 4 1.13 6.72 53.05
C VAL NA 4 1.59 7.70 51.98
N TRP NA 5 0.78 8.73 51.71
CA TRP NA 5 1.19 9.74 50.75
C TRP NA 5 2.23 10.68 51.36
N MET NA 6 2.17 10.89 52.67
CA MET NA 6 3.05 11.88 53.30
C MET NA 6 4.52 11.51 53.10
N TRP NA 7 4.87 10.24 53.30
CA TRP NA 7 6.27 9.84 53.20
C TRP NA 7 6.75 9.83 51.75
N ILE NA 8 5.95 9.25 50.84
CA ILE NA 8 6.40 9.08 49.47
C ILE NA 8 6.59 10.43 48.78
N LEU NA 9 5.93 11.46 49.28
CA LEU NA 9 6.05 12.81 48.70
C LEU NA 9 7.12 13.64 49.40
N ILE NA 10 7.09 13.68 50.72
CA ILE NA 10 7.93 14.62 51.47
C ILE NA 10 9.32 14.04 51.75
N ALA NA 11 9.39 12.76 52.13
CA ALA NA 11 10.69 12.17 52.46
C ALA NA 11 11.70 12.23 51.31
N PRO NA 12 11.34 11.95 50.04
CA PRO NA 12 12.34 12.14 48.98
C PRO NA 12 12.85 13.57 48.89
N ALA NA 13 12.00 14.56 49.15
CA ALA NA 13 12.46 15.94 49.18
C ALA NA 13 13.46 16.16 50.30
N ILE NA 14 13.18 15.60 51.48
CA ILE NA 14 14.11 15.72 52.60
C ILE NA 14 15.39 14.95 52.30
N GLY NA 15 15.27 13.81 51.61
CA GLY NA 15 16.45 12.98 51.37
C GLY NA 15 17.49 13.65 50.50
N ILE NA 16 17.05 14.27 49.40
CA ILE NA 16 18.02 14.84 48.45
C ILE NA 16 18.64 16.12 49.01
N VAL NA 17 17.87 16.91 49.75
CA VAL NA 17 18.41 18.16 50.27
C VAL NA 17 19.43 17.90 51.37
N LEU NA 18 19.23 16.85 52.17
CA LEU NA 18 20.20 16.52 53.20
C LEU NA 18 21.51 16.03 52.59
N LEU NA 19 21.43 15.21 51.53
CA LEU NA 19 22.64 14.81 50.81
C LEU NA 19 23.27 16.01 50.10
N SER NA 20 22.44 16.95 49.67
CA SER NA 20 22.95 18.14 48.98
C SER NA 20 23.84 18.96 49.90
N ARG NA 21 23.26 19.52 50.96
CA ARG NA 21 24.01 20.31 51.93
C ARG NA 21 24.45 19.41 53.09
N GLN NA 22 25.17 18.36 52.74
CA GLN NA 22 25.64 17.37 53.71
C GLN NA 22 26.98 17.80 54.29
N FME OA 1 3.00 -12.32 54.73
CN FME OA 1 2.98 -12.61 56.02
O1 FME OA 1 2.12 -12.25 56.83
CA FME OA 1 4.08 -12.74 53.87
CB FME OA 1 3.55 -13.49 52.63
CG FME OA 1 2.85 -14.78 52.97
SD FME OA 1 3.93 -15.97 53.79
CE FME OA 1 5.21 -16.16 52.56
C FME OA 1 4.92 -11.53 53.43
O FME OA 1 5.19 -11.39 52.23
N ALA OA 2 5.32 -10.69 54.38
CA ALA OA 2 6.12 -9.50 54.06
C ALA OA 2 7.58 -9.87 53.86
N MET OA 3 7.93 -11.11 54.25
CA MET OA 3 9.30 -11.57 54.10
C MET OA 3 9.72 -11.60 52.63
N VAL OA 4 8.81 -12.05 51.75
CA VAL OA 4 9.16 -12.23 50.34
C VAL OA 4 9.56 -10.88 49.72
N TRP OA 5 8.73 -9.87 49.90
CA TRP OA 5 9.02 -8.57 49.29
C TRP OA 5 10.28 -7.94 49.88
N MET OA 6 10.46 -8.06 51.20
CA MET OA 6 11.55 -7.34 51.85
C MET OA 6 12.91 -7.82 51.36
N TRP OA 7 13.08 -9.14 51.19
CA TRP OA 7 14.38 -9.65 50.78
C TRP OA 7 14.69 -9.28 49.34
N ILE OA 8 13.75 -9.50 48.43
CA ILE OA 8 14.00 -9.23 47.01
C ILE OA 8 14.23 -7.75 46.76
N LEU OA 9 13.80 -6.89 47.68
CA LEU OA 9 14.00 -5.45 47.55
C LEU OA 9 15.23 -4.96 48.29
N ILE OA 10 15.42 -5.39 49.53
CA ILE OA 10 16.50 -4.85 50.37
C ILE OA 10 17.83 -5.54 50.07
N ALA OA 11 17.84 -6.87 50.03
CA ALA OA 11 19.09 -7.60 49.86
C ALA OA 11 19.88 -7.21 48.61
N PRO OA 12 19.26 -7.04 47.43
CA PRO OA 12 20.05 -6.59 46.27
C PRO OA 12 20.72 -5.24 46.51
N ALA OA 13 20.07 -4.34 47.23
CA ALA OA 13 20.71 -3.08 47.58
C ALA OA 13 21.90 -3.31 48.50
N ILE OA 14 21.77 -4.24 49.45
CA ILE OA 14 22.90 -4.60 50.30
C ILE OA 14 23.98 -5.29 49.48
N GLY OA 15 23.57 -6.09 48.50
CA GLY OA 15 24.54 -6.73 47.63
C GLY OA 15 25.34 -5.74 46.79
N ILE OA 16 24.65 -4.72 46.27
CA ILE OA 16 25.33 -3.72 45.43
C ILE OA 16 26.32 -2.91 46.26
N VAL OA 17 25.92 -2.50 47.46
CA VAL OA 17 26.79 -1.70 48.31
C VAL OA 17 27.89 -2.51 48.97
N LEU OA 18 27.80 -3.85 48.92
CA LEU OA 18 28.87 -4.70 49.41
C LEU OA 18 29.92 -4.99 48.34
N LEU OA 19 29.51 -4.98 47.07
CA LEU OA 19 30.46 -5.06 45.96
C LEU OA 19 31.05 -3.70 45.61
N SER OA 20 30.62 -2.64 46.30
CA SER OA 20 31.08 -1.28 45.96
C SER OA 20 32.59 -1.16 46.07
N ARG OA 21 33.17 -1.71 47.15
CA ARG OA 21 34.61 -1.72 47.33
C ARG OA 21 35.22 -3.12 47.28
N GLN OA 22 34.46 -4.14 47.63
CA GLN OA 22 34.96 -5.51 47.59
C GLN OA 22 34.69 -6.16 46.24
N FME PA 1 8.83 -30.82 46.39
CN FME PA 1 8.85 -31.27 47.64
O1 FME PA 1 8.02 -30.97 48.51
CA FME PA 1 9.88 -31.17 45.44
CB FME PA 1 9.30 -31.74 44.15
CG FME PA 1 8.45 -32.98 44.39
SD FME PA 1 8.22 -33.94 42.88
CE FME PA 1 9.93 -34.34 42.50
C FME PA 1 10.76 -29.94 45.13
O FME PA 1 10.90 -29.59 43.95
N ALA PA 2 11.30 -29.31 46.17
CA ALA PA 2 12.13 -28.12 46.00
C ALA PA 2 13.48 -28.47 45.39
N MET PA 3 13.84 -29.75 45.45
CA MET PA 3 15.13 -30.18 44.92
C MET PA 3 15.22 -29.95 43.43
N VAL PA 4 14.10 -30.05 42.72
CA VAL PA 4 14.10 -29.88 41.27
C VAL PA 4 14.57 -28.48 40.89
N TRP PA 5 13.95 -27.46 41.52
CA TRP PA 5 14.37 -26.09 41.23
C TRP PA 5 15.77 -25.81 41.73
N MET PA 6 16.12 -26.34 42.92
CA MET PA 6 17.40 -26.00 43.53
C MET PA 6 18.56 -26.43 42.66
N TRP PA 7 18.52 -27.65 42.12
CA TRP PA 7 19.62 -28.11 41.30
C TRP PA 7 19.72 -27.34 40.00
N ILE PA 8 18.59 -27.20 39.29
CA ILE PA 8 18.62 -26.54 37.99
C ILE PA 8 19.01 -25.08 38.11
N LEU PA 9 18.87 -24.48 39.30
CA LEU PA 9 19.30 -23.10 39.51
C LEU PA 9 20.69 -23.02 40.13
N ILE PA 10 20.90 -23.69 41.26
CA ILE PA 10 22.16 -23.54 41.99
C ILE PA 10 23.31 -24.20 41.24
N ALA PA 11 23.10 -25.42 40.76
CA ALA PA 11 24.22 -26.18 40.18
C ALA PA 11 24.89 -25.49 39.00
N PRO PA 12 24.17 -24.89 38.03
CA PRO PA 12 24.89 -24.12 36.99
C PRO PA 12 25.70 -22.96 37.56
N ALA PA 13 25.22 -22.33 38.64
CA ALA PA 13 25.99 -21.28 39.27
C ALA PA 13 27.29 -21.81 39.86
N ILE PA 14 27.23 -22.97 40.51
CA ILE PA 14 28.46 -23.62 41.00
C ILE PA 14 29.33 -24.03 39.82
N GLY PA 15 28.72 -24.60 38.78
CA GLY PA 15 29.49 -25.06 37.64
C GLY PA 15 30.21 -23.92 36.93
N ILE PA 16 29.54 -22.77 36.81
CA ILE PA 16 30.17 -21.61 36.17
C ILE PA 16 31.38 -21.16 36.97
N VAL PA 17 31.26 -21.11 38.30
CA VAL PA 17 32.35 -20.64 39.13
C VAL PA 17 33.52 -21.63 39.12
N LEU PA 18 33.22 -22.93 39.22
CA LEU PA 18 34.27 -23.94 39.23
C LEU PA 18 35.07 -23.91 37.94
N LEU PA 19 34.37 -23.79 36.80
CA LEU PA 19 35.07 -23.62 35.53
C LEU PA 19 35.86 -22.31 35.52
N SER PA 20 35.30 -21.26 36.12
CA SER PA 20 35.99 -19.97 36.14
C SER PA 20 37.29 -20.04 36.93
N ARG PA 21 37.28 -20.69 38.09
CA ARG PA 21 38.48 -20.78 38.91
C ARG PA 21 39.53 -21.70 38.32
N GLN PA 22 39.19 -22.47 37.30
CA GLN PA 22 40.13 -23.41 36.69
C GLN PA 22 41.27 -22.67 36.00
N FME QA 1 11.19 -46.86 31.29
CN FME QA 1 10.03 -46.69 31.92
O1 FME QA 1 9.74 -47.15 33.02
CA FME QA 1 11.48 -46.30 29.97
CB FME QA 1 10.20 -45.85 29.26
CG FME QA 1 9.41 -47.00 28.66
SD FME QA 1 10.41 -47.99 27.51
CE FME QA 1 9.24 -49.28 27.10
C FME QA 1 12.48 -45.14 30.09
O FME QA 1 12.69 -44.44 29.07
N ALA QA 2 13.08 -44.95 31.26
CA ALA QA 2 14.07 -43.91 31.47
C ALA QA 2 15.32 -44.17 30.62
N MET QA 3 15.58 -45.45 30.33
CA MET QA 3 16.75 -45.82 29.56
C MET QA 3 16.75 -45.19 28.18
N VAL QA 4 15.56 -44.90 27.64
CA VAL QA 4 15.48 -44.27 26.32
C VAL QA 4 16.12 -42.89 26.35
N TRP QA 5 15.76 -42.08 27.35
CA TRP QA 5 16.32 -40.74 27.43
C TRP QA 5 17.79 -40.76 27.81
N MET QA 6 18.18 -41.72 28.65
CA MET QA 6 19.56 -41.74 29.15
C MET QA 6 20.56 -41.89 28.01
N TRP QA 7 20.29 -42.79 27.07
CA TRP QA 7 21.22 -43.00 25.97
C TRP QA 7 21.28 -41.80 25.05
N ILE QA 8 20.12 -41.30 24.62
CA ILE QA 8 20.09 -40.21 23.66
C ILE QA 8 20.66 -38.92 24.24
N LEU QA 9 20.73 -38.81 25.56
CA LEU QA 9 21.32 -37.64 26.19
C LEU QA 9 22.78 -37.84 26.57
N ILE QA 10 23.12 -38.98 27.15
CA ILE QA 10 24.48 -39.19 27.67
C ILE QA 10 25.42 -39.66 26.57
N ALA QA 11 24.99 -40.64 25.77
CA ALA QA 11 25.89 -41.21 24.76
C ALA QA 11 26.44 -40.19 23.78
N PRO QA 12 25.65 -39.23 23.25
CA PRO QA 12 26.28 -38.17 22.45
C PRO QA 12 27.33 -37.38 23.21
N ALA QA 13 27.10 -37.13 24.50
CA ALA QA 13 28.09 -36.39 25.29
C ALA QA 13 29.39 -37.16 25.40
N ILE QA 14 29.31 -38.47 25.66
CA ILE QA 14 30.50 -39.31 25.70
C ILE QA 14 31.15 -39.37 24.32
N GLY QA 15 30.33 -39.37 23.27
CA GLY QA 15 30.87 -39.37 21.92
C GLY QA 15 31.74 -38.18 21.63
N ILE QA 16 31.32 -36.99 22.08
CA ILE QA 16 32.10 -35.78 21.84
C ILE QA 16 33.45 -35.88 22.53
N VAL QA 17 33.47 -36.35 23.78
CA VAL QA 17 34.71 -36.47 24.53
C VAL QA 17 35.62 -37.52 23.90
N LEU QA 18 35.06 -38.66 23.50
CA LEU QA 18 35.86 -39.72 22.91
C LEU QA 18 36.40 -39.33 21.53
N LEU QA 19 35.65 -38.53 20.77
CA LEU QA 19 36.16 -38.02 19.50
C LEU QA 19 37.18 -36.92 19.72
N SER QA 20 37.21 -36.33 20.92
CA SER QA 20 38.09 -35.20 21.18
C SER QA 20 39.48 -35.63 21.60
N ARG QA 21 39.61 -36.76 22.31
CA ARG QA 21 40.92 -37.18 22.78
C ARG QA 21 41.82 -37.63 21.64
N GLN QA 22 41.24 -38.12 20.54
CA GLN QA 22 42.01 -38.59 19.40
C GLN QA 22 42.63 -37.42 18.63
N FME RA 1 8.54 -56.25 11.66
CN FME RA 1 8.67 -57.55 11.45
O1 FME RA 1 8.43 -58.43 12.27
CA FME RA 1 8.88 -55.27 10.64
CB FME RA 1 7.70 -54.35 10.34
CG FME RA 1 6.54 -55.07 9.68
SD FME RA 1 7.01 -55.80 8.09
CE FME RA 1 5.50 -56.67 7.67
C FME RA 1 10.10 -54.45 11.08
O FME RA 1 10.38 -53.41 10.44
N ALA RA 2 10.81 -54.89 12.11
CA ALA RA 2 12.00 -54.19 12.58
C ALA RA 2 13.06 -54.09 11.48
N MET RA 3 13.16 -55.13 10.65
CA MET RA 3 14.17 -55.13 9.60
C MET RA 3 13.89 -54.08 8.54
N VAL RA 4 12.65 -53.62 8.43
CA VAL RA 4 12.32 -52.58 7.45
C VAL RA 4 13.09 -51.31 7.75
N TRP RA 5 13.12 -50.91 9.03
CA TRP RA 5 13.85 -49.68 9.38
C TRP RA 5 15.33 -49.95 9.62
N MET RA 6 15.69 -51.17 10.07
CA MET RA 6 17.09 -51.46 10.32
C MET RA 6 17.91 -51.41 9.04
N TRP RA 7 17.38 -51.92 7.94
CA TRP RA 7 18.11 -51.89 6.68
C TRP RA 7 18.27 -50.45 6.17
N ILE RA 8 17.17 -49.71 6.08
CA ILE RA 8 17.21 -48.39 5.48
C ILE RA 8 18.04 -47.42 6.32
N LEU RA 9 18.22 -47.70 7.61
CA LEU RA 9 19.02 -46.84 8.47
C LEU RA 9 20.49 -47.24 8.49
N ILE RA 10 20.78 -48.54 8.56
CA ILE RA 10 22.14 -49.03 8.76
C ILE RA 10 22.87 -49.24 7.45
N ALA RA 11 22.19 -49.81 6.45
CA ALA RA 11 22.87 -50.12 5.19
C ALA RA 11 23.47 -48.90 4.51
N PRO RA 12 22.80 -47.74 4.42
CA PRO RA 12 23.49 -46.56 3.85
C PRO RA 12 24.74 -46.18 4.62
N ALA RA 13 24.74 -46.33 5.95
CA ALA RA 13 25.93 -46.03 6.73
C ALA RA 13 27.08 -46.96 6.38
N ILE RA 14 26.79 -48.26 6.23
CA ILE RA 14 27.82 -49.20 5.80
C ILE RA 14 28.30 -48.85 4.41
N GLY RA 15 27.36 -48.51 3.51
CA GLY RA 15 27.76 -48.12 2.17
C GLY RA 15 28.67 -46.90 2.15
N ILE RA 16 28.34 -45.90 2.96
CA ILE RA 16 29.18 -44.71 3.04
C ILE RA 16 30.57 -45.06 3.56
N VAL RA 17 30.62 -45.88 4.61
CA VAL RA 17 31.91 -46.24 5.20
C VAL RA 17 32.75 -47.04 4.21
N LEU RA 18 32.14 -48.02 3.54
CA LEU RA 18 32.87 -48.81 2.55
C LEU RA 18 33.27 -47.96 1.35
N LEU RA 19 32.39 -47.08 0.90
CA LEU RA 19 32.75 -46.18 -0.19
C LEU RA 19 33.87 -45.23 0.21
N SER RA 20 33.86 -44.77 1.46
CA SER RA 20 34.92 -43.89 1.93
C SER RA 20 36.27 -44.59 1.95
N ARG RA 21 36.29 -45.85 2.35
CA ARG RA 21 37.53 -46.63 2.42
C ARG RA 21 37.99 -47.13 1.05
N GLN RA 22 37.42 -46.61 -0.03
CA GLN RA 22 37.79 -47.03 -1.37
C GLN RA 22 38.94 -46.17 -1.90
N FME SA 1 -7.70 -50.54 -26.92
CN FME SA 1 -7.28 -51.78 -26.67
O1 FME SA 1 -6.28 -52.31 -27.18
CA FME SA 1 -7.06 -49.65 -27.87
CB FME SA 1 -7.88 -48.37 -28.06
CG FME SA 1 -9.30 -48.64 -28.54
SD FME SA 1 -10.20 -47.10 -28.91
CE FME SA 1 -11.79 -47.76 -29.39
C FME SA 1 -5.63 -49.29 -27.42
O FME SA 1 -5.37 -48.08 -27.23
N ALA SA 2 -4.75 -50.27 -27.27
CA ALA SA 2 -3.38 -49.99 -26.88
C ALA SA 2 -2.61 -49.35 -28.03
N MET SA 3 -3.16 -49.49 -29.24
CA MET SA 3 -2.53 -48.92 -30.41
C MET SA 3 -2.44 -47.41 -30.34
N VAL SA 4 -3.38 -46.77 -29.64
CA VAL SA 4 -3.38 -45.31 -29.55
C VAL SA 4 -2.13 -44.83 -28.81
N TRP SA 5 -1.85 -45.41 -27.64
CA TRP SA 5 -0.69 -44.97 -26.88
C TRP SA 5 0.62 -45.49 -27.46
N MET SA 6 0.59 -46.66 -28.10
CA MET SA 6 1.82 -47.20 -28.67
C MET SA 6 2.34 -46.33 -29.81
N TRP SA 7 1.47 -45.87 -30.69
CA TRP SA 7 1.94 -45.07 -31.83
C TRP SA 7 2.49 -43.72 -31.39
N ILE SA 8 1.72 -42.99 -30.57
CA ILE SA 8 2.11 -41.64 -30.20
C ILE SA 8 3.40 -41.62 -29.40
N LEU SA 9 3.74 -42.73 -28.74
CA LEU SA 9 4.94 -42.83 -27.93
C LEU SA 9 6.11 -43.44 -28.68
N ILE SA 10 5.89 -44.52 -29.42
CA ILE SA 10 6.99 -45.27 -30.03
C ILE SA 10 7.37 -44.70 -31.39
N ALA SA 11 6.39 -44.29 -32.19
CA ALA SA 11 6.69 -43.77 -33.53
C ALA SA 11 7.65 -42.58 -33.50
N PRO SA 12 7.51 -41.58 -32.62
CA PRO SA 12 8.56 -40.55 -32.53
C PRO SA 12 9.91 -41.11 -32.15
N ALA SA 13 9.95 -42.16 -31.31
CA ALA SA 13 11.22 -42.75 -30.93
C ALA SA 13 11.93 -43.38 -32.13
N ILE SA 14 11.21 -44.19 -32.90
CA ILE SA 14 11.80 -44.75 -34.10
C ILE SA 14 12.02 -43.66 -35.14
N GLY SA 15 11.17 -42.64 -35.15
CA GLY SA 15 11.34 -41.54 -36.09
C GLY SA 15 12.58 -40.71 -35.80
N ILE SA 16 12.84 -40.42 -34.52
CA ILE SA 16 14.00 -39.62 -34.15
C ILE SA 16 15.29 -40.32 -34.55
N VAL SA 17 15.37 -41.63 -34.30
CA VAL SA 17 16.58 -42.37 -34.67
C VAL SA 17 16.76 -42.39 -36.18
N LEU SA 18 15.67 -42.57 -36.93
CA LEU SA 18 15.78 -42.68 -38.38
C LEU SA 18 16.33 -41.40 -39.00
N LEU SA 19 15.89 -40.24 -38.53
CA LEU SA 19 16.34 -38.97 -39.08
C LEU SA 19 17.65 -38.49 -38.47
N SER SA 20 18.21 -39.23 -37.51
CA SER SA 20 19.45 -38.84 -36.84
C SER SA 20 20.69 -39.36 -37.54
N ARG SA 21 20.55 -40.15 -38.60
CA ARG SA 21 21.68 -40.69 -39.36
C ARG SA 21 21.64 -40.25 -40.81
N GLN SA 22 21.00 -39.13 -41.11
CA GLN SA 22 20.87 -38.66 -42.49
C GLN SA 22 21.53 -37.29 -42.67
N FME TA 1 -17.45 -36.09 -40.59
CN FME TA 1 -17.48 -36.62 -41.81
O1 FME TA 1 -17.02 -36.08 -42.82
CA FME TA 1 -16.83 -34.81 -40.31
CB FME TA 1 -17.40 -34.19 -39.03
CG FME TA 1 -18.87 -33.85 -39.14
SD FME TA 1 -19.19 -32.65 -40.46
CE FME TA 1 -20.99 -32.60 -40.41
C FME TA 1 -15.30 -34.94 -40.19
O FME TA 1 -14.65 -33.93 -39.90
N ALA TA 2 -14.76 -36.13 -40.43
CA ALA TA 2 -13.32 -36.35 -40.35
C ALA TA 2 -12.57 -35.50 -41.37
N MET TA 3 -13.22 -35.20 -42.51
CA MET TA 3 -12.58 -34.39 -43.53
C MET TA 3 -12.30 -32.98 -43.05
N VAL TA 4 -13.11 -32.49 -42.10
CA VAL TA 4 -12.89 -31.14 -41.58
C VAL TA 4 -11.53 -31.06 -40.89
N TRP TA 5 -11.22 -32.05 -40.05
CA TRP TA 5 -9.92 -32.04 -39.38
C TRP TA 5 -8.80 -32.39 -40.35
N MET TA 6 -9.05 -33.32 -41.26
CA MET TA 6 -7.97 -33.83 -42.12
C MET TA 6 -7.41 -32.73 -43.00
N TRP TA 7 -8.28 -31.91 -43.60
CA TRP TA 7 -7.78 -30.87 -44.49
C TRP TA 7 -7.00 -29.82 -43.72
N ILE TA 8 -7.56 -29.29 -42.64
CA ILE TA 8 -6.92 -28.20 -41.90
C ILE TA 8 -5.59 -28.64 -41.31
N LEU TA 9 -5.42 -29.94 -41.05
CA LEU TA 9 -4.18 -30.45 -40.47
C LEU TA 9 -3.17 -30.86 -41.52
N ILE TA 10 -3.62 -31.48 -42.62
CA ILE TA 10 -2.70 -32.05 -43.60
C ILE TA 10 -2.33 -31.03 -44.68
N ALA TA 11 -3.30 -30.30 -45.20
CA ALA TA 11 -3.04 -29.38 -46.30
C ALA TA 11 -1.94 -28.36 -46.01
N PRO TA 12 -1.89 -27.68 -44.86
CA PRO TA 12 -0.75 -26.78 -44.61
C PRO TA 12 0.58 -27.50 -44.60
N ALA TA 13 0.60 -28.76 -44.14
CA ALA TA 13 1.84 -29.53 -44.19
C ALA TA 13 2.27 -29.79 -45.63
N ILE TA 14 1.33 -30.13 -46.50
CA ILE TA 14 1.66 -30.29 -47.92
C ILE TA 14 2.09 -28.95 -48.51
N GLY TA 15 1.36 -27.87 -48.18
CA GLY TA 15 1.72 -26.57 -48.70
C GLY TA 15 3.11 -26.12 -48.25
N ILE TA 16 3.47 -26.41 -47.00
CA ILE TA 16 4.79 -26.06 -46.51
C ILE TA 16 5.87 -26.77 -47.31
N VAL TA 17 5.68 -28.06 -47.56
CA VAL TA 17 6.66 -28.83 -48.34
C VAL TA 17 6.69 -28.33 -49.78
N LEU TA 18 5.52 -28.13 -50.38
CA LEU TA 18 5.47 -27.70 -51.78
C LEU TA 18 6.11 -26.34 -51.97
N LEU TA 19 5.84 -25.41 -51.04
CA LEU TA 19 6.48 -24.10 -51.13
C LEU TA 19 7.98 -24.17 -50.90
N SER TA 20 8.44 -25.13 -50.09
CA SER TA 20 9.87 -25.32 -49.90
C SER TA 20 10.53 -25.79 -51.19
N ARG TA 21 9.82 -26.62 -51.97
CA ARG TA 21 10.36 -27.14 -53.23
C ARG TA 21 10.50 -26.07 -54.30
N GLN TA 22 9.94 -24.88 -54.09
CA GLN TA 22 10.08 -23.79 -55.06
C GLN TA 22 11.38 -23.03 -54.84
N FME UA 1 -32.09 2.20 -46.65
CN FME UA 1 -32.92 1.75 -47.58
O1 FME UA 1 -33.03 2.22 -48.72
CA FME UA 1 -31.28 3.39 -46.83
CB FME UA 1 -31.49 4.39 -45.69
CG FME UA 1 -32.93 4.83 -45.55
SD FME UA 1 -33.13 6.15 -44.32
CE FME UA 1 -34.91 6.33 -44.32
C FME UA 1 -29.79 3.02 -46.96
O FME UA 1 -29.00 3.45 -46.11
N ALA UA 2 -29.44 2.26 -47.99
CA ALA UA 2 -28.05 1.90 -48.23
C ALA UA 2 -27.22 3.13 -48.58
N MET UA 3 -27.88 4.18 -49.07
CA MET UA 3 -27.18 5.38 -49.49
C MET UA 3 -26.58 6.14 -48.32
N VAL UA 4 -27.18 6.04 -47.13
CA VAL UA 4 -26.68 6.77 -45.96
C VAL UA 4 -25.24 6.36 -45.67
N TRP UA 5 -25.00 5.04 -45.59
CA TRP UA 5 -23.64 4.57 -45.40
C TRP UA 5 -22.82 4.70 -46.68
N MET UA 6 -23.49 4.64 -47.84
CA MET UA 6 -22.78 4.64 -49.11
C MET UA 6 -21.88 5.85 -49.25
N TRP UA 7 -22.40 7.04 -48.94
CA TRP UA 7 -21.61 8.25 -49.09
C TRP UA 7 -20.51 8.33 -48.04
N ILE UA 8 -20.84 8.03 -46.78
CA ILE UA 8 -19.87 8.22 -45.70
C ILE UA 8 -18.67 7.28 -45.85
N LEU UA 9 -18.81 6.22 -46.64
CA LEU UA 9 -17.70 5.31 -46.89
C LEU UA 9 -17.02 5.61 -48.22
N ILE UA 10 -17.80 5.66 -49.30
CA ILE UA 10 -17.23 5.79 -50.64
C ILE UA 10 -16.66 7.19 -50.86
N ALA UA 11 -17.43 8.22 -50.47
CA ALA UA 11 -17.02 9.59 -50.81
C ALA UA 11 -15.69 10.01 -50.22
N PRO UA 12 -15.36 9.75 -48.95
CA PRO UA 12 -13.98 10.04 -48.50
C PRO UA 12 -12.94 9.27 -49.28
N ALA UA 13 -13.27 8.07 -49.77
CA ALA UA 13 -12.34 7.33 -50.61
C ALA UA 13 -12.15 8.01 -51.95
N ILE UA 14 -13.24 8.40 -52.61
CA ILE UA 14 -13.10 9.13 -53.86
C ILE UA 14 -12.63 10.55 -53.60
N GLY UA 15 -12.82 11.04 -52.37
CA GLY UA 15 -12.34 12.37 -52.04
C GLY UA 15 -10.82 12.45 -52.04
N ILE UA 16 -10.15 11.42 -51.51
CA ILE UA 16 -8.70 11.41 -51.46
C ILE UA 16 -8.10 11.37 -52.86
N VAL UA 17 -8.66 10.55 -53.74
CA VAL UA 17 -8.11 10.41 -55.08
C VAL UA 17 -8.28 11.71 -55.87
N LEU UA 18 -9.49 12.28 -55.85
CA LEU UA 18 -9.73 13.53 -56.56
C LEU UA 18 -8.93 14.67 -55.96
N LEU UA 19 -8.71 14.64 -54.64
CA LEU UA 19 -7.84 15.62 -54.01
C LEU UA 19 -6.39 15.44 -54.41
N SER UA 20 -5.97 14.19 -54.61
CA SER UA 20 -4.58 13.88 -54.92
C SER UA 20 -4.26 13.97 -56.41
N ARG UA 21 -5.21 14.40 -57.24
CA ARG UA 21 -4.94 14.58 -58.66
C ARG UA 21 -5.28 16.00 -59.09
N GLN UA 22 -4.82 16.98 -58.31
CA GLN UA 22 -5.00 18.39 -58.65
C GLN UA 22 -3.76 18.94 -59.36
FE HEC VA . -52.74 -33.77 -9.04
CHA HEC VA . -54.39 -34.94 -6.39
CHB HEC VA . -55.63 -34.08 -10.98
CHC HEC VA . -51.12 -32.50 -11.90
CHD HEC VA . -49.87 -33.44 -7.32
NA HEC VA . -54.61 -34.39 -8.78
C1A HEC VA . -55.08 -34.85 -7.57
C2A HEC VA . -56.39 -35.34 -7.76
C3A HEC VA . -56.74 -35.09 -9.05
C4A HEC VA . -55.65 -34.46 -9.67
CMA HEC VA . -58.05 -35.42 -9.71
CAA HEC VA . -57.26 -36.00 -6.73
CBA HEC VA . -57.11 -37.51 -6.96
CGA HEC VA . -57.79 -38.31 -5.89
O1A HEC VA . -58.74 -39.06 -6.17
O2A HEC VA . -57.40 -38.22 -4.71
NB HEC VA . -53.28 -33.36 -11.04
C1B HEC VA . -54.48 -33.56 -11.59
C2B HEC VA . -54.48 -33.19 -12.95
C3B HEC VA . -53.22 -32.73 -13.22
C4B HEC VA . -52.45 -32.86 -11.97
CMB HEC VA . -55.65 -33.26 -13.90
CAB HEC VA . -52.73 -32.22 -14.51
CBB HEC VA . -53.17 -31.06 -14.97
NC HEC VA . -50.83 -33.11 -9.55
C1C HEC VA . -50.37 -32.63 -10.73
C2C HEC VA . -49.00 -32.36 -10.62
C3C HEC VA . -48.64 -32.62 -9.31
C4C HEC VA . -49.81 -33.07 -8.63
CMC HEC VA . -48.13 -31.85 -11.74
CAC HEC VA . -47.29 -32.46 -8.74
CBC HEC VA . -46.71 -31.28 -8.66
ND HEC VA . -52.26 -34.09 -7.27
C1D HEC VA . -51.04 -33.90 -6.73
C2D HEC VA . -51.07 -34.27 -5.30
C3D HEC VA . -52.31 -34.69 -5.05
C4D HEC VA . -53.06 -34.56 -6.30
CMD HEC VA . -49.93 -34.20 -4.34
CAD HEC VA . -52.86 -35.16 -3.73
CBD HEC VA . -53.35 -33.90 -3.01
CGD HEC VA . -53.82 -34.18 -1.62
O1D HEC VA . -54.63 -33.40 -1.06
O2D HEC VA . -53.40 -35.18 -0.98
FE HEC WA . -40.95 -28.05 -4.32
CHA HEC WA . -38.89 -30.61 -4.83
CHB HEC WA . -43.50 -29.75 -5.99
CHC HEC WA . -43.27 -25.50 -3.60
CHD HEC WA . -38.52 -26.14 -2.98
NA HEC WA . -41.16 -29.79 -5.24
C1A HEC WA . -40.17 -30.72 -5.31
C2A HEC WA . -40.64 -31.84 -6.03
C3A HEC WA . -41.93 -31.60 -6.36
C4A HEC WA . -42.27 -30.33 -5.85
CMA HEC WA . -42.85 -32.53 -7.11
CAA HEC WA . -39.86 -33.07 -6.36
CBA HEC WA . -39.10 -32.80 -7.66
CGA HEC WA . -38.12 -33.91 -7.96
O1A HEC WA . -38.17 -34.50 -9.05
O2A HEC WA . -37.26 -34.22 -7.11
NB HEC WA . -42.99 -27.70 -4.72
C1B HEC WA . -43.81 -28.52 -5.40
C2B HEC WA . -45.11 -27.96 -5.47
C3B HEC WA . -45.06 -26.78 -4.80
C4B HEC WA . -43.68 -26.62 -4.32
CMB HEC WA . -46.30 -28.57 -6.15
CAB HEC WA . -46.16 -25.82 -4.60
CBB HEC WA . -47.18 -26.13 -3.81
NC HEC WA . -40.92 -26.14 -3.47
C1C HEC WA . -41.95 -25.29 -3.24
C2C HEC WA . -41.45 -24.12 -2.63
C3C HEC WA . -40.09 -24.31 -2.45
C4C HEC WA . -39.76 -25.58 -2.96
CMC HEC WA . -42.28 -22.93 -2.25
CAC HEC WA . -39.15 -23.34 -1.84
CBC HEC WA . -39.30 -22.91 -0.59
ND HEC WA . -39.13 -28.32 -3.98
C1D HEC WA . -38.27 -27.45 -3.43
C2D HEC WA . -36.94 -28.04 -3.33
C3D HEC WA . -37.05 -29.28 -3.85
C4D HEC WA . -38.44 -29.44 -4.25
CMD HEC WA . -35.69 -27.41 -2.77
CAD HEC WA . -35.96 -30.32 -3.98
CBD HEC WA . -35.30 -30.19 -5.35
CGD HEC WA . -34.65 -31.50 -5.74
O1D HEC WA . -35.32 -32.56 -5.69
O2D HEC WA . -33.46 -31.52 -6.09
FE HEC XA . -24.94 -9.52 7.89
CHA HEC XA . -25.10 -10.54 11.06
CHB HEC XA . -21.50 -9.03 8.20
CHC HEC XA . -24.60 -8.88 4.45
CHD HEC XA . -28.28 -9.64 7.51
NA HEC XA . -23.57 -9.70 9.33
C1A HEC XA . -23.87 -10.17 10.57
C2A HEC XA . -22.68 -10.20 11.33
C3A HEC XA . -21.67 -9.78 10.53
C4A HEC XA . -22.22 -9.48 9.27
CMA HEC XA . -20.21 -9.65 10.91
CAA HEC XA . -22.55 -10.62 12.76
CBA HEC XA . -22.98 -9.45 13.64
CGA HEC XA . -22.58 -9.68 15.08
O1A HEC XA . -21.44 -10.10 15.35
O2A HEC XA . -23.39 -9.47 15.99
NB HEC XA . -23.36 -9.05 6.58
C1B HEC XA . -22.07 -8.90 6.93
C2B HEC XA . -21.29 -8.59 5.79
C3B HEC XA . -22.15 -8.55 4.73
C4B HEC XA . -23.48 -8.84 5.27
CMB HEC XA . -19.80 -8.37 5.74
CAB HEC XA . -21.82 -8.28 3.32
CBB HEC XA . -21.23 -9.24 2.61
NC HEC XA . -26.20 -9.27 6.25
C1C HEC XA . -25.89 -9.02 4.95
C2C HEC XA . -27.08 -8.87 4.22
C3C HEC XA . -28.13 -9.09 5.09
C4C HEC XA . -27.56 -9.36 6.37
CMC HEC XA . -27.16 -8.55 2.75
CAC HEC XA . -29.57 -9.03 4.76
CBC HEC XA . -30.10 -9.83 3.84
ND HEC XA . -26.36 -9.98 9.02
C1D HEC XA . -27.66 -9.98 8.70
C2D HEC XA . -28.45 -10.42 9.86
C3D HEC XA . -27.58 -10.66 10.84
C4D HEC XA . -26.25 -10.38 10.30
CMD HEC XA . -29.95 -10.56 9.93
CAD HEC XA . -27.90 -11.14 12.23
CBD HEC XA . -27.93 -12.67 12.21
CGD HEC XA . -28.40 -13.20 13.54
O1D HEC XA . -28.42 -12.46 14.56
O2D HEC XA . -28.78 -14.39 13.64
FE HEC YA . -36.79 -13.47 1.86
CHA HEC YA . -38.39 -10.55 1.53
CHB HEC YA . -33.99 -11.83 3.12
CHC HEC YA . -35.14 -16.52 2.48
CHD HEC YA . -39.33 -15.20 0.48
NA HEC YA . -36.26 -11.59 2.21
C1A HEC YA . -37.12 -10.53 2.06
C2A HEC YA . -36.48 -9.37 2.52
C3A HEC YA . -35.25 -9.72 2.97
C4A HEC YA . -35.11 -11.11 2.78
CMA HEC YA . -34.20 -8.80 3.55
CAA HEC YA . -37.04 -7.98 2.53
CBA HEC YA . -36.76 -7.31 1.19
CGA HEC YA . -37.09 -5.84 1.26
O1A HEC YA . -36.45 -5.03 0.57
O2A HEC YA . -38.00 -5.44 2.01
NB HEC YA . -34.94 -14.06 2.66
C1B HEC YA . -33.97 -13.23 3.08
C2B HEC YA . -32.86 -13.97 3.55
C3B HEC YA . -33.16 -15.29 3.38
C4B HEC YA . -34.51 -15.33 2.79
CMB HEC YA . -31.58 -13.41 4.12
CAB HEC YA . -32.32 -16.46 3.71
CBB HEC YA . -32.03 -16.74 4.97
NC HEC YA . -37.14 -15.50 1.51
C1C HEC YA . -36.39 -16.58 1.88
C2C HEC YA . -37.03 -17.76 1.49
C3C HEC YA . -38.25 -17.38 0.92
C4C HEC YA . -38.30 -15.96 0.96
CMC HEC YA . -36.52 -19.15 1.69
CAC HEC YA . -39.28 -18.27 0.37
CBC HEC YA . -39.94 -19.12 1.15
ND HEC YA . -38.47 -12.98 1.18
C1D HEC YA . -39.38 -13.81 0.64
C2D HEC YA . -40.55 -13.05 0.22
C3D HEC YA . -40.30 -11.76 0.50
C4D HEC YA . -38.97 -11.74 1.11
CMD HEC YA . -41.80 -13.59 -0.42
CAD HEC YA . -41.18 -10.58 0.25
CBD HEC YA . -41.91 -10.15 1.52
CGD HEC YA . -42.51 -8.78 1.31
O1D HEC YA . -42.26 -7.86 2.11
O2D HEC YA . -43.25 -8.56 0.34
P PGV ZA . -21.11 -4.55 -20.24
C01 PGV ZA . -17.85 -3.85 -23.98
C02 PGV ZA . -17.96 -3.69 -22.47
C03 PGV ZA . -19.44 -3.84 -22.11
C04 PGV ZA . -20.40 -7.01 -20.86
C05 PGV ZA . -19.49 -8.06 -20.24
C06 PGV ZA . -19.10 -9.07 -21.30
O01 PGV ZA . -17.48 -2.42 -22.07
O02 PGV ZA . -15.40 -3.39 -21.97
O03 PGV ZA . -16.67 -4.56 -24.32
O04 PGV ZA . -17.64 -5.40 -26.23
O05 PGV ZA . -20.18 -8.72 -19.17
O06 PGV ZA . -18.09 -9.94 -20.79
O11 PGV ZA . -19.68 -3.99 -20.72
O12 PGV ZA . -20.79 -6.07 -19.86
O13 PGV ZA . -21.55 -3.82 -18.98
O14 PGV ZA . -22.04 -4.53 -21.43
C1 PGV ZA . -16.10 -2.45 -21.63
C2 PGV ZA . -15.52 -1.35 -20.76
C3 PGV ZA . -14.01 -1.45 -20.74
C4 PGV ZA . -13.41 -0.61 -19.61
C5 PGV ZA . -11.92 -0.43 -19.77
C6 PGV ZA . -11.24 -0.06 -18.45
C7 PGV ZA . -11.91 1.14 -17.80
C8 PGV ZA . -11.09 1.66 -16.63
C9 PGV ZA . -9.90 2.47 -17.11
C10 PGV ZA . -9.09 3.02 -15.93
C11 PGV ZA . -7.83 3.68 -16.44
C12 PGV ZA . -7.41 4.83 -15.92
C13 PGV ZA . -8.16 5.51 -14.80
C14 PGV ZA . -7.17 6.18 -13.86
C19 PGV ZA . -16.60 -5.24 -25.61
C20 PGV ZA . -15.28 -5.71 -26.17
C21 PGV ZA . -14.50 -4.50 -26.66
C22 PGV ZA . -13.25 -4.94 -27.41
C23 PGV ZA . -12.34 -3.76 -27.67
C24 PGV ZA . -11.16 -4.14 -28.56
C25 PGV ZA . -10.20 -2.97 -28.71
C26 PGV ZA . -9.08 -3.30 -29.68
C27 PGV ZA . -8.09 -4.29 -29.09
C28 PGV ZA . -7.16 -3.60 -28.10
C29 PGV ZA . -6.13 -4.59 -27.55
C30 PGV ZA . -5.26 -5.15 -28.68
C31 PGV ZA . -4.39 -4.06 -29.30
P PGV AB . -18.79 -13.70 -21.28
C01 PGV AB . -15.23 -13.98 -22.60
C02 PGV AB . -14.99 -14.01 -21.09
C03 PGV AB . -16.31 -13.69 -20.40
C04 PGV AB . -18.58 -14.98 -23.60
C05 PGV AB . -19.45 -15.70 -24.62
C06 PGV AB . -20.26 -16.80 -23.92
O01 PGV AB . -14.00 -13.07 -20.67
O02 PGV AB . -12.40 -13.00 -22.34
O03 PGV AB . -14.27 -14.83 -23.24
O04 PGV AB . -15.30 -14.74 -25.29
O05 PGV AB . -18.63 -16.29 -25.63
O06 PGV AB . -19.37 -17.72 -23.30
O11 PGV AB . -17.38 -14.42 -20.98
O12 PGV AB . -19.40 -14.54 -22.52
O13 PGV AB . -19.69 -13.92 -20.10
O14 PGV AB . -18.49 -12.30 -21.73
C1 PGV AB . -12.64 -13.25 -21.16
C2 PGV AB . -11.51 -13.69 -20.28
C3 PGV AB . -10.34 -13.97 -21.20
C4 PGV AB . -8.98 -13.85 -20.51
C5 PGV AB . -7.90 -13.63 -21.56
C6 PGV AB . -6.50 -13.66 -20.95
C7 PGV AB . -6.19 -15.03 -20.40
C8 PGV AB . -4.84 -15.08 -19.72
C9 PGV AB . -4.59 -16.49 -19.18
C10 PGV AB . -3.26 -16.63 -18.46
C11 PGV AB . -3.07 -18.05 -18.02
C12 PGV AB . -2.11 -18.79 -18.57
C13 PGV AB . -1.93 -20.22 -18.13
C19 PGV AB . -14.29 -15.02 -24.67
C20 PGV AB . -13.08 -15.55 -25.39
C21 PGV AB . -11.88 -14.66 -25.05
C22 PGV AB . -10.87 -14.67 -26.20
C23 PGV AB . -9.54 -15.27 -25.79
C24 PGV AB . -8.64 -14.22 -25.15
C25 PGV AB . -7.29 -14.18 -25.87
C26 PGV AB . -6.66 -15.56 -25.93
C27 PGV AB . -5.43 -15.56 -26.84
C28 PGV AB . -4.33 -14.64 -26.31
C29 PGV AB . -3.68 -15.23 -25.06
C30 PGV AB . -2.52 -14.35 -24.59
P PGV BB . -29.34 1.90 -25.83
C01 PGV BB . -25.71 -0.92 -26.73
C02 PGV BB . -25.78 0.25 -25.75
C03 PGV BB . -27.21 0.49 -25.26
O01 PGV BB . -25.25 1.41 -26.39
O02 PGV BB . -24.64 2.13 -24.27
O03 PGV BB . -24.53 -0.74 -27.50
O04 PGV BB . -23.85 -2.96 -27.48
O11 PGV BB . -27.98 1.15 -26.25
O12 PGV BB . -28.81 3.09 -24.90
O13 PGV BB . -29.95 2.50 -27.07
O14 PGV BB . -30.15 0.96 -24.98
C1 PGV BB . -24.41 2.18 -25.47
C2 PGV BB . -23.27 3.01 -25.99
C3 PGV BB . -22.54 3.63 -24.82
C4 PGV BB . -21.03 3.69 -25.08
C5 PGV BB . -20.28 3.59 -23.76
C6 PGV BB . -18.77 3.63 -23.99
C7 PGV BB . -18.03 3.30 -22.70
C8 PGV BB . -16.52 3.24 -22.94
C9 PGV BB . -15.78 2.72 -21.71
C10 PGV BB . -14.32 2.44 -22.04
C11 PGV BB . -13.65 3.69 -22.53
C12 PGV BB . -12.37 3.92 -22.26
C13 PGV BB . -11.69 5.18 -22.77
C19 PGV BB . -23.52 -1.80 -27.60
C20 PGV BB . -22.08 -1.40 -27.83
C21 PGV BB . -21.80 -0.12 -27.04
C22 PGV BB . -20.32 0.18 -27.01
C23 PGV BB . -19.55 -0.96 -26.36
C24 PGV BB . -18.07 -0.94 -26.71
C25 PGV BB . -17.35 0.22 -26.03
C26 PGV BB . -15.86 -0.08 -26.02
C27 PGV BB . -15.03 1.13 -25.61
C28 PGV BB . -13.64 0.68 -25.19
C29 PGV BB . -12.63 1.82 -25.32
C30 PGV BB . -12.31 2.12 -26.78
C31 PGV BB . -11.68 0.90 -27.44
MG BCL CB . -8.04 -0.26 0.45
CHA BCL CB . -8.20 2.74 -1.23
CHB BCL CB . -4.68 0.06 0.58
CHC BCL CB . -7.96 -2.72 2.80
CHD BCL CB . -11.53 -0.36 0.60
NA BCL CB . -6.69 1.02 -0.31
C1A BCL CB . -6.89 2.14 -0.92
C2A BCL CB . -5.63 2.84 -1.36
C3A BCL CB . -4.61 1.76 -1.15
C4A BCL CB . -5.36 0.86 -0.23
CMA BCL CB . -4.29 1.03 -2.45
CAA BCL CB . -5.34 4.05 -0.47
CBA BCL CB . -4.14 4.83 -0.98
CGA BCL CB . -4.60 5.90 -1.94
O1A BCL CB . -5.76 5.93 -2.32
O2A BCL CB . -3.69 6.91 -2.44
NB BCL CB . -6.56 -1.17 1.55
C1B BCL CB . -5.23 -0.94 1.48
C2B BCL CB . -4.36 -1.77 2.37
C3B BCL CB . -5.37 -2.60 3.04
C4B BCL CB . -6.66 -2.16 2.45
CMB BCL CB . -2.86 -1.68 2.47
CAB BCL CB . -5.22 -3.69 4.07
OBB BCL CB . -6.12 -4.48 4.27
CBB BCL CB . -3.95 -3.78 4.86
NC BCL CB . -9.41 -1.36 1.43
C1C BCL CB . -9.14 -2.34 2.32
C2C BCL CB . -10.36 -3.03 2.85
C3C BCL CB . -11.45 -2.21 2.24
C4C BCL CB . -10.69 -1.26 1.37
CMC BCL CB . -10.42 -4.47 2.37
CAC BCL CB . -12.23 -1.43 3.29
CBC BCL CB . -13.01 -2.33 4.21
ND BCL CB . -9.63 0.89 -0.11
C1D BCL CB . -10.96 0.81 -0.07
C2D BCL CB . -11.66 1.98 -0.70
C3D BCL CB . -10.48 2.73 -1.15
C4D BCL CB . -9.40 2.04 -0.79
CMD BCL CB . -13.05 2.48 -0.94
CAD BCL CB . -10.09 3.97 -1.85
OBD BCL CB . -10.90 4.85 -2.31
CBD BCL CB . -8.59 4.03 -1.90
CGD BCL CB . -8.13 4.23 -3.32
O1D BCL CB . -7.47 3.40 -3.90
O2D BCL CB . -8.49 5.48 -3.96
CED BCL CB . -7.63 6.10 -4.92
C1 BCL CB . -4.25 8.05 -3.08
C2 BCL CB . -3.95 9.29 -2.27
C3 BCL CB . -4.80 10.32 -2.20
C4 BCL CB . -6.11 10.27 -2.91
C5 BCL CB . -4.45 11.52 -1.37
C6 BCL CB . -4.56 12.81 -2.18
C7 BCL CB . -3.60 13.86 -1.63
C8 BCL CB . -3.99 15.27 -2.06
C9 BCL CB . -3.75 15.45 -3.56
C10 BCL CB . -3.17 16.28 -1.26
C11 BCL CB . -3.93 16.76 -0.04
C12 BCL CB . -3.13 17.82 0.71
C13 BCL CB . -3.70 18.11 2.09
C14 BCL CB . -5.11 18.67 1.98
C15 BCL CB . -2.78 19.10 2.80
C16 BCL CB . -3.25 19.33 4.24
C17 BCL CB . -2.73 20.66 4.77
C18 BCL CB . -1.33 20.54 5.32
C19 BCL CB . -1.13 19.25 6.11
C20 BCL CB . -0.96 21.76 6.17
O1D BPH DB . 4.93 19.63 -1.30
CGD BPH DB . 4.46 18.54 -1.16
O2D BPH DB . 4.61 17.79 -0.08
CED BPH DB . 5.35 18.40 1.02
CBD BPH DB . 3.67 17.84 -2.21
CHA BPH DB . 2.76 16.74 -1.65
C4D BPH DB . 3.13 15.52 -2.31
C3D BPH DB . 4.21 15.69 -3.19
CAD BPH DB . 4.63 17.09 -3.16
OBD BPH DB . 5.54 17.63 -3.76
C2D BPH DB . 4.46 14.43 -3.77
CMD BPH DB . 5.52 14.11 -4.78
C1D BPH DB . 3.53 13.54 -3.23
ND BPH DB . 2.75 14.22 -2.34
CHD BPH DB . 3.36 12.18 -3.47
C4C BPH DB . 2.35 11.35 -2.93
C3C BPH DB . 2.21 9.87 -3.19
CAC BPH DB . 2.55 9.43 -4.61
CBC BPH DB . 1.72 10.13 -5.68
C2C BPH DB . 0.76 9.62 -2.77
CMC BPH DB . 0.48 8.28 -2.12
C1C BPH DB . 0.50 10.80 -1.86
NC BPH DB . 1.38 11.82 -2.08
CHC BPH DB . -0.53 10.86 -0.90
C4B BPH DB . -0.88 11.89 0.04
C3B BPH DB . -1.87 11.84 1.08
CAB BPH DB . -2.76 10.72 1.46
CBB BPH DB . -2.52 9.34 0.94
OBB BPH DB . -3.73 10.90 2.19
C2B BPH DB . -1.84 13.11 1.72
CMB BPH DB . -2.67 13.57 2.89
C1B BPH DB . -0.85 13.90 1.08
NB BPH DB . -0.31 13.14 0.07
CHB BPH DB . -0.53 15.19 1.42
C4A BPH DB . 0.35 16.08 0.78
C3A BPH DB . 0.61 17.51 1.24
CMA BPH DB . 1.34 17.52 2.57
C2A BPH DB . 1.38 18.09 0.05
C1A BPH DB . 1.81 16.84 -0.68
NA BPH DB . 1.11 15.74 -0.31
CAA BPH DB . 0.56 19.01 -0.84
CBA BPH DB . -0.03 20.17 -0.05
CGA BPH DB . -1.00 21.00 -0.85
O1A BPH DB . -1.84 20.57 -1.59
O2A BPH DB . -0.81 22.30 -0.65
C1 BPH DB . -1.88 23.17 -1.08
C2 BPH DB . -3.08 23.02 -0.20
C3 BPH DB . -3.13 23.30 1.09
C4 BPH DB . -1.94 23.78 1.88
C5 BPH DB . -4.40 23.16 1.88
C6 BPH DB . -5.59 22.87 1.03
C7 BPH DB . -6.85 22.67 1.86
C8 BPH DB . -8.15 22.51 1.07
C9 BPH DB . -8.47 23.76 0.24
C10 BPH DB . -9.31 22.13 1.99
C11 BPH DB . -9.35 20.69 2.42
C12 BPH DB . -9.82 19.77 1.33
C13 BPH DB . -9.73 18.27 1.62
C14 BPH DB . -10.48 17.45 0.58
C15 BPH DB . -10.18 17.94 3.05
C16 BPH DB . -10.25 16.48 3.38
C17 BPH DB . -10.15 16.17 4.85
C18 BPH DB . -10.44 14.72 5.24
C19 BPH DB . -9.91 14.39 6.64
C20 BPH DB . -9.91 13.73 4.23
C1 U10 EB . 19.27 0.43 -2.01
C2 U10 EB . 19.85 1.76 -2.09
C3 U10 EB . 20.96 2.01 -2.95
C4 U10 EB . 21.51 0.92 -3.67
C5 U10 EB . 20.86 -0.33 -3.66
C6 U10 EB . 19.76 -0.58 -2.79
C1M U10 EB . 18.13 0.22 -1.07
C3M U10 EB . 22.00 3.87 -1.90
C4M U10 EB . 23.77 1.60 -3.89
C7 U10 EB . 19.16 -1.97 -2.74
C8 U10 EB . 17.98 -2.16 -3.66
C9 U10 EB . 17.83 -3.12 -4.56
C10 U10 EB . 18.89 -4.11 -4.90
C11 U10 EB . 16.52 -3.30 -5.29
C12 U10 EB . 15.36 -3.42 -4.33
C13 U10 EB . 14.06 -3.75 -5.00
C14 U10 EB . 12.85 -3.73 -4.46
C15 U10 EB . 12.57 -3.23 -3.08
C16 U10 EB . 11.65 -4.25 -5.21
C17 U10 EB . 11.57 -3.77 -6.64
C18 U10 EB . 10.20 -3.94 -7.24
C19 U10 EB . 9.82 -3.73 -8.49
C20 U10 EB . 10.76 -3.72 -9.65
C21 U10 EB . 8.39 -3.42 -8.83
C22 U10 EB . 7.48 -4.60 -9.08
C23 U10 EB . 7.17 -5.39 -7.83
C24 U10 EB . 6.01 -5.52 -7.21
C25 U10 EB . 5.78 -6.43 -6.05
C26 U10 EB . 4.81 -4.71 -7.64
C27 U10 EB . 3.64 -5.55 -8.15
C28 U10 EB . 3.96 -6.29 -9.41
C29 U10 EB . 3.94 -7.61 -9.62
O2 U10 EB . 19.38 2.68 -1.44
O3 U10 EB . 21.42 3.29 -3.08
O4 U10 EB . 22.64 0.90 -4.43
O5 U10 EB . 21.30 -1.21 -4.39
P PGV FB . -18.44 19.82 21.85
C01 PGV FB . -15.41 23.44 21.82
C02 PGV FB . -15.36 21.93 21.73
C03 PGV FB . -16.44 21.33 22.63
C04 PGV FB . -20.40 21.56 21.67
C05 PGV FB . -20.95 22.80 22.37
C06 PGV FB . -19.81 23.70 22.79
O01 PGV FB . -14.05 21.47 22.09
O02 PGV FB . -14.42 19.66 20.73
O03 PGV FB . -14.38 23.92 20.95
O04 PGV FB . -15.43 25.95 20.65
O05 PGV FB . -21.72 22.40 23.51
O06 PGV FB . -18.79 23.68 21.79
O11 PGV FB . -16.88 20.10 22.05
O12 PGV FB . -19.11 21.24 22.20
O13 PGV FB . -18.89 18.81 22.88
O14 PGV FB . -18.67 19.55 20.38
C1 PGV FB . -13.60 20.42 21.22
C2 PGV FB . -12.13 20.23 20.92
C3 PGV FB . -11.59 21.35 20.04
C4 PGV FB . -10.11 21.09 19.76
C5 PGV FB . -9.59 21.96 18.63
C6 PGV FB . -8.25 21.45 18.10
C7 PGV FB . -7.85 22.18 16.83
C8 PGV FB . -7.83 23.69 17.03
C9 PGV FB . -7.51 24.42 15.74
C10 PGV FB . -7.55 25.93 15.95
C19 PGV FB . -14.55 25.19 20.28
C20 PGV FB . -13.63 25.55 19.14
C21 PGV FB . -13.72 24.43 18.10
C22 PGV FB . -12.34 23.99 17.66
C23 PGV FB . -11.66 25.08 16.82
C24 PGV FB . -12.21 25.07 15.41
C25 PGV FB . -11.51 24.02 14.57
C26 PGV FB . -12.18 23.83 13.22
C27 PGV FB . -11.37 22.88 12.36
C28 PGV FB . -12.03 22.66 11.01
C29 PGV FB . -11.35 21.52 10.27
C30 PGV FB . -11.59 20.20 10.99
C31 PGV FB . -10.73 19.09 10.37
C32 PGV FB . -11.05 18.91 8.90
C33 PGV FB . -12.46 18.38 8.69
C34 PGV FB . -12.72 18.10 7.23
P PGV GB . 9.26 18.89 -19.57
C01 PGV GB . 9.49 15.10 -16.23
C02 PGV GB . 8.60 15.98 -17.08
C03 PGV GB . 9.34 17.23 -17.50
C04 PGV GB . 11.66 19.53 -18.60
C05 PGV GB . 12.66 20.61 -18.97
C06 PGV GB . 12.05 21.98 -18.69
O01 PGV GB . 7.48 16.35 -16.28
O02 PGV GB . 6.32 16.52 -18.27
O03 PGV GB . 9.00 13.76 -16.28
O04 PGV GB . 10.36 13.11 -14.55
O05 PGV GB . 12.98 20.50 -20.36
O06 PGV GB . 13.08 22.95 -18.56
O11 PGV GB . 9.23 17.41 -18.91
O12 PGV GB . 10.81 19.28 -19.72
O13 PGV GB . 8.69 18.77 -20.96
O14 PGV GB . 8.62 19.84 -18.60
C1 PGV GB . 6.32 16.74 -17.07
C2 PGV GB . 5.15 17.37 -16.37
C3 PGV GB . 5.68 18.34 -15.33
C4 PGV GB . 4.74 18.45 -14.13
C5 PGV GB . 3.39 19.03 -14.52
C6 PGV GB . 2.60 19.43 -13.27
C7 PGV GB . 1.32 20.16 -13.63
C8 PGV GB . 0.12 19.22 -13.56
C9 PGV GB . -0.75 19.54 -12.35
C10 PGV GB . -1.82 18.48 -12.14
C11 PGV GB . -2.81 18.53 -13.28
C19 PGV GB . 9.59 12.76 -15.42
C20 PGV GB . 9.27 11.30 -15.60
C21 PGV GB . 9.82 10.53 -14.40
C22 PGV GB . 9.36 9.09 -14.46
C23 PGV GB . 9.45 8.44 -13.08
C24 PGV GB . 10.88 8.45 -12.55
C25 PGV GB . 11.75 7.47 -13.31
C26 PGV GB . 11.08 6.11 -13.38
C27 PGV GB . 12.00 5.07 -13.99
C28 PGV GB . 11.23 3.82 -14.33
C29 PGV GB . 12.17 2.64 -14.54
C30 PGV GB . 12.72 2.14 -13.21
C31 PGV GB . 11.62 1.56 -12.33
C32 PGV GB . 11.62 0.03 -12.32
C33 PGV GB . 10.90 -0.54 -13.53
C34 PGV GB . 10.79 -2.05 -13.42
C1 U10 HB . 0.68 2.29 -16.13
C2 U10 HB . 1.17 1.57 -14.96
C3 U10 HB . 1.87 2.27 -13.93
C4 U10 HB . 1.93 3.68 -14.00
C5 U10 HB . 1.33 4.36 -15.07
C6 U10 HB . 0.73 3.67 -16.15
C1M U10 HB . 0.10 1.51 -17.26
C3M U10 HB . 3.45 0.63 -13.28
C4M U10 HB . 3.94 4.20 -12.88
C7 U10 HB . 0.16 4.44 -17.32
C8 U10 HB . 1.19 4.77 -18.37
O2 U10 HB . 0.99 0.37 -14.85
O3 U10 HB . 2.42 1.55 -12.92
O4 U10 HB . 2.57 4.50 -13.13
O5 U10 HB . 1.36 5.59 -15.06
C1 U10 IB . -0.07 -9.26 -7.02
C2 U10 IB . 1.31 -9.26 -6.56
C3 U10 IB . 1.89 -10.44 -6.04
C4 U10 IB . 1.14 -11.64 -6.11
C5 U10 IB . -0.22 -11.61 -6.49
C6 U10 IB . -0.79 -10.42 -7.04
C1M U10 IB . -0.66 -7.97 -7.48
C3M U10 IB . 3.73 -11.25 -4.76
C4M U10 IB . 2.03 -13.64 -6.99
C7 U10 IB . -2.18 -10.47 -7.61
C8 U10 IB . -2.22 -10.77 -9.08
C9 U10 IB . -2.75 -10.02 -10.04
C10 U10 IB . -3.45 -8.73 -9.76
C11 U10 IB . -2.63 -10.42 -11.49
C12 U10 IB . -3.94 -10.59 -12.26
C13 U10 IB . -4.45 -9.33 -12.88
C14 U10 IB . -4.64 -9.06 -14.17
C15 U10 IB . -4.38 -10.07 -15.26
C16 U10 IB . -5.13 -7.72 -14.64
C17 U10 IB . -5.40 -6.73 -13.54
C18 U10 IB . -5.49 -5.32 -14.05
C19 U10 IB . -6.52 -4.47 -13.97
C20 U10 IB . -7.85 -4.83 -13.38
C21 U10 IB . -6.40 -3.07 -14.48
C22 U10 IB . -7.44 -2.74 -15.53
C23 U10 IB . -7.35 -1.38 -16.17
C24 U10 IB . -6.50 -0.93 -17.07
C25 U10 IB . -6.81 0.20 -18.00
C26 U10 IB . -5.12 -1.51 -17.22
C27 U10 IB . -4.02 -0.46 -17.20
C28 U10 IB . -4.05 0.40 -15.98
O2 U10 IB . 1.99 -8.25 -6.60
O3 U10 IB . 3.15 -10.23 -5.58
O4 U10 IB . 1.59 -12.90 -5.85
O5 U10 IB . -0.88 -12.62 -6.39
C1B LMT JB . -30.69 9.06 -12.42
C2B LMT JB . -32.16 8.77 -12.71
C3B LMT JB . -32.85 10.01 -13.24
C4B LMT JB . -32.62 11.19 -12.31
C5B LMT JB . -31.13 11.37 -12.07
C6B LMT JB . -30.85 12.53 -11.11
O1B LMT JB . -30.02 9.34 -13.64
O2B LMT JB . -32.23 7.73 -13.69
O3B LMT JB . -34.26 9.77 -13.35
O4' LMT JB . -33.16 12.38 -12.89
O5B LMT JB . -30.58 10.18 -11.52
O6B LMT JB . -31.57 12.31 -9.90
C1' LMT JB . -26.32 8.52 -15.20
C2' LMT JB . -26.84 7.45 -14.26
C3' LMT JB . -28.33 7.65 -14.05
C4' LMT JB . -28.62 9.08 -13.59
C5' LMT JB . -27.92 10.09 -14.49
C6' LMT JB . -28.09 11.52 -13.98
O1' LMT JB . -24.93 8.32 -15.45
O2' LMT JB . -26.61 6.15 -14.82
O3' LMT JB . -28.79 6.70 -13.08
O5' LMT JB . -26.53 9.80 -14.61
O6' LMT JB . -27.21 11.74 -12.87
C1 LMT JB . -24.49 9.13 -16.53
C2 LMT JB . -23.77 8.25 -17.54
C3 LMT JB . -22.26 8.28 -17.34
C4 LMT JB . -21.67 9.49 -18.05
C5 LMT JB . -20.15 9.40 -18.11
C6 LMT JB . -19.56 10.59 -18.84
C7 LMT JB . -18.08 10.75 -18.53
MG BCL KB . 0.31 -9.95 2.65
CHA BCL KB . -0.52 -8.69 -0.39
CHB BCL KB . 2.83 -11.67 1.28
CHC BCL KB . 1.49 -10.54 5.79
CHD BCL KB . -2.31 -8.13 4.12
NA BCL KB . 1.02 -10.19 0.79
C1A BCL KB . 0.62 -9.61 -0.28
C2A BCL KB . 1.44 -9.95 -1.50
C3A BCL KB . 2.21 -11.14 -1.01
C4A BCL KB . 2.01 -11.02 0.46
CMA BCL KB . 1.58 -12.44 -1.51
CAA BCL KB . 2.36 -8.80 -1.93
CBA BCL KB . 3.05 -8.12 -0.75
CGA BCL KB . 4.09 -7.13 -1.22
O1A BCL KB . 3.78 -6.01 -1.57
O2A BCL KB . 5.50 -7.50 -1.27
NB BCL KB . 1.93 -10.93 3.44
C1B BCL KB . 2.87 -11.61 2.74
C2B BCL KB . 3.93 -12.28 3.53
C3B BCL KB . 3.52 -11.93 4.90
C4B BCL KB . 2.29 -11.13 4.72
CMB BCL KB . 5.10 -13.07 3.00
CAB BCL KB . 4.15 -12.29 6.20
OBB BCL KB . 4.15 -11.49 7.11
CBB BCL KB . 4.77 -13.65 6.34
NC BCL KB . -0.32 -9.59 4.53
C1C BCL KB . 0.30 -9.98 5.66
C2C BCL KB . -0.47 -9.70 6.91
C3C BCL KB . -1.71 -9.05 6.35
C4C BCL KB . -1.38 -8.96 4.91
CMC BCL KB . -0.83 -10.99 7.63
CAC BCL KB . -1.98 -7.69 6.96
CBC BCL KB . -0.77 -6.77 6.89
ND BCL KB . -1.14 -8.63 2.11
C1D BCL KB . -2.16 -7.98 2.68
C2D BCL KB . -2.97 -7.16 1.73
C3D BCL KB . -2.25 -7.49 0.48
C4D BCL KB . -1.27 -8.33 0.79
CMD BCL KB . -4.15 -6.24 1.77
CAD BCL KB . -2.24 -7.23 -0.97
OBD BCL KB . -3.05 -6.47 -1.61
CBD BCL KB . -1.10 -7.99 -1.58
CGD BCL KB . -1.57 -8.92 -2.65
O1D BCL KB . -1.37 -8.64 -3.82
O2D BCL KB . -2.27 -10.15 -2.34
CED BCL KB . -2.90 -10.85 -3.40
C1 BCL KB . 6.49 -6.52 -1.00
C2 BCL KB . 7.81 -7.23 -0.78
C3 BCL KB . 8.60 -7.52 -1.83
C4 BCL KB . 8.17 -7.14 -3.22
C5 BCL KB . 9.91 -8.24 -1.63
C6 BCL KB . 9.81 -9.64 -2.20
C7 BCL KB . 8.61 -10.39 -1.61
C8 BCL KB . 8.74 -11.92 -1.67
C9 BCL KB . 10.15 -12.37 -2.03
C10 BCL KB . 7.72 -12.44 -2.66
C11 BCL KB . 6.36 -12.63 -2.01
C12 BCL KB . 6.20 -14.02 -1.40
C13 BCL KB . 4.75 -14.47 -1.48
C14 BCL KB . 4.37 -15.38 -0.31
C15 BCL KB . 4.49 -15.17 -2.81
C16 BCL KB . 5.18 -16.54 -2.84
C17 BCL KB . 4.68 -17.39 -4.00
C18 BCL KB . 4.63 -16.60 -5.30
C19 BCL KB . 3.30 -16.80 -6.00
C20 BCL KB . 5.77 -16.98 -6.22
P PGV LB . 27.43 -18.40 -13.96
C01 PGV LB . 25.80 -16.05 -10.92
C02 PGV LB . 24.69 -16.90 -11.54
C03 PGV LB . 25.28 -17.92 -12.51
C04 PGV LB . 26.18 -16.89 -15.76
C05 PGV LB . 26.28 -16.61 -17.25
C06 PGV LB . 27.69 -16.11 -17.57
O01 PGV LB . 23.79 -16.06 -12.23
O02 PGV LB . 22.20 -17.10 -10.93
O03 PGV LB . 25.25 -15.40 -9.77
O04 PGV LB . 27.12 -14.10 -9.37
O05 PGV LB . 25.33 -15.61 -17.62
O06 PGV LB . 28.63 -17.11 -17.17
O11 PGV LB . 26.61 -17.54 -12.87
O12 PGV LB . 27.38 -17.51 -15.30
O13 PGV LB . 28.86 -18.50 -13.49
O14 PGV LB . 26.66 -19.68 -14.19
C1 PGV LB . 22.43 -16.22 -11.74
C2 PGV LB . 21.32 -15.31 -12.21
C3 PGV LB . 20.10 -15.52 -11.34
C4 PGV LB . 19.07 -14.42 -11.57
C19 PGV LB . 26.06 -14.54 -8.94
C20 PGV LB . 25.60 -14.22 -7.53
C21 PGV LB . 24.27 -13.48 -7.57
C22 PGV LB . 23.09 -14.43 -7.71
C23 PGV LB . 21.78 -13.72 -7.40
C24 PGV LB . 21.58 -12.51 -8.29
C25 PGV LB . 20.52 -11.56 -7.74
C26 PGV LB . 19.13 -12.17 -7.78
C27 PGV LB . 18.05 -11.09 -7.71
C28 PGV LB . 18.06 -10.36 -6.38
C29 PGV LB . 17.40 -8.99 -6.50
C30 PGV LB . 15.88 -9.07 -6.58
C31 PGV LB . 15.24 -9.21 -5.21
C32 PGV LB . 15.62 -8.03 -4.30
C33 PGV LB . 14.57 -7.79 -3.22
C34 PGV LB . 14.26 -9.05 -2.46
P PGV MB . 10.34 38.91 5.12
C01 PGV MB . 6.93 39.80 7.28
C02 PGV MB . 7.70 38.53 7.62
C03 PGV MB . 8.23 37.85 6.37
C04 PGV MB . 11.41 38.60 7.51
C05 PGV MB . 12.31 37.65 8.29
C06 PGV MB . 12.51 38.19 9.69
O01 PGV MB . 6.89 37.64 8.39
O02 PGV MB . 8.85 37.07 9.48
O03 PGV MB . 6.20 39.69 6.07
O04 PGV MB . 4.97 41.59 6.53
O05 PGV MB . 13.58 37.57 7.63
O06 PGV MB . 13.59 37.49 10.33
O11 PGV MB . 8.77 38.83 5.49
O12 PGV MB . 11.07 38.01 6.25
O13 PGV MB . 10.55 38.23 3.79
O14 PGV MB . 10.81 40.32 5.32
C1 PGV MB . 7.63 37.12 9.54
C2 PGV MB . 6.90 36.64 10.78
C3 PGV MB . 5.91 35.54 10.42
C4 PGV MB . 5.12 35.06 11.63
C5 PGV MB . 3.98 34.15 11.19
C6 PGV MB . 3.16 33.66 12.37
C19 PGV MB . 5.35 40.81 5.66
C20 PGV MB . 4.95 41.02 4.23
C21 PGV MB . 4.02 39.90 3.78
C22 PGV MB . 2.63 40.07 4.36
C23 PGV MB . 2.05 38.72 4.79
C24 PGV MB . 2.38 37.62 3.79
C25 PGV MB . 1.35 37.53 2.68
C26 PGV MB . 0.04 36.95 3.19
C27 PGV MB . -0.88 36.57 2.04
C28 PGV MB . -2.24 36.09 2.55
P PGV NB . -14.77 14.91 26.40
C01 PGV NB . -12.50 17.54 23.46
C02 PGV NB . -12.18 17.49 24.94
C03 PGV NB . -13.42 17.06 25.73
C04 PGV NB . -16.53 15.73 24.60
C05 PGV NB . -17.71 15.21 23.78
C06 PGV NB . -17.21 14.30 22.67
O01 PGV NB . -11.76 18.75 25.48
O02 PGV NB . -11.60 20.47 23.96
O03 PGV NB . -11.34 17.19 22.70
O04 PGV NB . -12.55 16.93 20.77
O05 PGV NB . -18.40 16.32 23.19
O06 PGV NB . -17.13 15.04 21.44
O11 PGV NB . -13.58 15.65 25.60
O12 PGV NB . -15.90 14.65 25.28
O13 PGV NB . -14.26 13.57 26.86
O14 PGV NB . -15.33 15.89 27.42
C1 PGV NB . -11.00 19.60 24.57
C2 PGV NB . -9.51 19.45 24.42
C3 PGV NB . -9.04 20.46 23.38
C4 PGV NB . -7.52 20.47 23.25
C5 PGV NB . -7.05 21.73 22.51
C6 PGV NB . -5.58 22.02 22.84
C7 PGV NB . -5.10 23.30 22.17
C8 PGV NB . -4.65 23.05 20.74
C9 PGV NB . -4.11 24.32 20.11
C19 PGV NB . -11.44 16.90 21.29
C20 PGV NB . -10.22 16.57 20.47
C21 PGV NB . -9.11 17.57 20.76
C22 PGV NB . -7.78 17.10 20.16
C23 PGV NB . -6.61 17.83 20.80
C24 PGV NB . -5.90 18.76 19.83
C25 PGV NB . -5.24 17.99 18.69
C26 PGV NB . -4.34 18.89 17.86
C1B LMT OB . -15.90 -18.59 -19.28
C2B LMT OB . -17.37 -18.67 -19.67
C3B LMT OB . -18.03 -17.31 -19.55
C4B LMT OB . -17.79 -16.75 -18.16
C5B LMT OB . -16.29 -16.71 -17.88
C6B LMT OB . -16.03 -16.15 -16.48
O1B LMT OB . -15.18 -17.79 -20.22
O2B LMT OB . -17.47 -19.14 -21.02
O3B LMT OB . -19.44 -17.44 -19.79
O4' LMT OB . -18.34 -15.42 -18.06
O5B LMT OB . -15.76 -18.02 -17.98
O6B LMT OB . -16.46 -14.79 -16.44
C1' LMT OB . -11.79 -18.18 -22.48
C2' LMT OB . -12.77 -19.32 -22.63
C3' LMT OB . -14.11 -18.91 -22.05
C4' LMT OB . -13.96 -18.40 -20.61
C5' LMT OB . -12.83 -17.37 -20.53
C6' LMT OB . -12.55 -17.02 -19.07
O1' LMT OB . -10.52 -18.54 -23.02
O2' LMT OB . -12.92 -19.68 -24.01
O3' LMT OB . -15.01 -20.02 -22.07
O5' LMT OB . -11.64 -17.89 -21.10
O6' LMT OB . -13.31 -15.86 -18.70
C1 LMT OB . -9.58 -17.50 -22.82
C2 LMT OB . -8.29 -17.83 -23.55
C3 LMT OB . -7.46 -18.85 -22.80
C4 LMT OB . -6.20 -18.20 -22.25
C5 LMT OB . -5.11 -19.23 -22.02
C6 LMT OB . -4.64 -19.82 -23.35
C7 LMT OB . -3.78 -18.81 -24.09
C8 LMT OB . -2.39 -18.72 -23.47
C9 LMT OB . -1.54 -19.93 -23.85
C10 LMT OB . -1.05 -19.83 -25.29
C11 LMT OB . -0.23 -21.05 -25.67
C12 LMT OB . 0.39 -20.91 -27.04
FE FE PB . 18.64 9.12 -1.26
MG BCL QB . -7.35 9.99 4.44
CHA BCL QB . -6.05 8.73 7.32
CHB BCL QB . -6.05 13.00 5.19
CHC BCL QB . -8.16 11.01 1.30
CHD BCL QB . -8.46 6.78 3.54
NA BCL QB . -6.36 10.78 6.00
C1A BCL QB . -5.89 10.17 7.03
C2A BCL QB . -5.11 11.04 7.97
C3A BCL QB . -5.52 12.41 7.49
C4A BCL QB . -6.04 12.07 6.14
CMA BCL QB . -6.63 12.99 8.36
CAA BCL QB . -3.60 10.82 7.86
CBA BCL QB . -3.11 10.71 6.41
CGA BCL QB . -1.61 10.83 6.30
O1A BCL QB . -0.92 11.08 7.28
O2A BCL QB . -0.96 10.63 5.02
NB BCL QB . -7.12 11.73 3.39
C1B BCL QB . -6.59 12.88 3.83
C2B BCL QB . -6.55 14.02 2.88
C3B BCL QB . -7.20 13.41 1.70
C4B BCL QB . -7.50 12.02 2.13
CMB BCL QB . -5.99 15.39 3.15
CAB BCL QB . -7.50 13.97 0.34
OBB BCL QB . -7.69 13.22 -0.60
CBB BCL QB . -7.57 15.45 0.17
NC BCL QB . -8.14 9.14 2.81
C1C BCL QB . -8.45 9.77 1.66
C2C BCL QB . -9.13 8.91 0.64
C3C BCL QB . -8.90 7.56 1.23
C4C BCL QB . -8.46 7.90 2.61
CMC BCL QB . -10.61 9.23 0.57
CAC BCL QB . -7.82 6.77 0.48
CBC BCL QB . -6.44 7.38 0.60
ND BCL QB . -7.29 8.09 5.16
C1D BCL QB . -7.76 6.88 4.82
C2D BCL QB . -7.45 5.81 5.81
C3D BCL QB . -6.76 6.61 6.82
C4D BCL QB . -6.73 7.87 6.38
CMD BCL QB . -7.69 4.34 5.96
CAD BCL QB . -6.08 6.55 8.14
OBD BCL QB . -5.93 5.49 8.85
CBD BCL QB . -5.60 7.92 8.49
CGD BCL QB . -6.27 8.42 9.74
O1D BCL QB . -5.64 8.56 10.77
O2D BCL QB . -7.67 8.76 9.74
CED BCL QB . -8.33 9.05 10.98
C1 BCL QB . 0.44 10.85 4.84
C2 BCL QB . 0.66 12.32 4.61
C3 BCL QB . 1.35 13.05 5.50
C4 BCL QB . 1.94 12.39 6.72
C5 BCL QB . 1.55 14.53 5.27
C6 BCL QB . 0.74 15.28 6.31
C7 BCL QB . -0.72 14.84 6.33
C8 BCL QB . -1.58 15.78 7.17
C9 BCL QB . -1.73 15.21 8.58
C10 BCL QB . -2.92 15.98 6.50
C11 BCL QB . -3.98 16.41 7.51
C12 BCL QB . -5.28 16.79 6.81
C13 BCL QB . -6.14 17.67 7.71
C14 BCL QB . -6.34 17.03 9.08
C15 BCL QB . -7.49 17.93 7.04
C16 BCL QB . -7.36 18.90 5.86
C17 BCL QB . -6.51 20.11 6.23
C18 BCL QB . -7.32 21.14 7.01
C19 BCL QB . -8.64 21.45 6.31
C20 BCL QB . -6.51 22.41 7.23
MG BCL RB . -5.25 -2.28 7.37
CHA BCL RB . -2.57 -3.71 8.89
CHB BCL RB . -3.19 -0.25 5.67
CHC BCL RB . -7.96 -1.02 5.78
CHD BCL RB . -7.26 -4.95 8.47
NA BCL RB . -3.28 -1.88 7.44
C1A BCL RB . -2.37 -2.46 8.13
C2A BCL RB . -0.99 -1.88 7.97
C3A BCL RB . -1.22 -0.78 6.97
C4A BCL RB . -2.67 -0.96 6.67
CMA BCL RB . -0.87 0.60 7.51
CAA BCL RB . -0.04 -2.85 7.29
CBA BCL RB . 1.42 -2.46 7.47
CGA BCL RB . 2.27 -3.31 6.56
O1A BCL RB . 2.94 -2.81 5.67
O2A BCL RB . 2.31 -4.76 6.72
NB BCL RB . -5.54 -0.87 5.91
C1B BCL RB . -4.60 -0.10 5.33
C2B BCL RB . -5.06 0.88 4.32
C3B BCL RB . -6.53 0.63 4.36
C4B BCL RB . -6.68 -0.44 5.37
CMB BCL RB . -4.19 1.81 3.52
CAB BCL RB . -7.63 1.28 3.58
OBB BCL RB . -8.75 0.80 3.61
CBB BCL RB . -7.37 2.49 2.74
NC BCL RB . -7.18 -2.78 7.22
C1C BCL RB . -8.13 -2.07 6.58
C2C BCL RB . -9.52 -2.58 6.78
C3C BCL RB . -9.25 -3.91 7.41
C4C BCL RB . -7.79 -3.82 7.69
CMC BCL RB . -10.26 -1.68 7.76
CAC BCL RB . -9.51 -5.07 6.46
CBC BCL RB . -10.96 -5.16 6.03
ND BCL RB . -5.08 -4.02 8.41
C1D BCL RB . -5.88 -5.01 8.85
C2D BCL RB . -5.16 -6.05 9.67
C3D BCL RB . -3.82 -5.46 9.66
C4D BCL RB . -3.87 -4.33 8.95
CMD BCL RB . -5.46 -7.33 10.39
CAD BCL RB . -2.44 -5.68 10.13
OBD BCL RB . -2.03 -6.66 10.84
CBD BCL RB . -1.60 -4.54 9.67
CGD BCL RB . -1.31 -3.71 10.88
O1D BCL RB . -0.17 -3.48 11.22
O2D BCL RB . -2.42 -3.17 11.65
CED BCL RB . -2.23 -2.43 12.84
C1 BCL RB . 3.01 -5.57 5.79
C2 BCL RB . 4.31 -6.06 6.40
C3 BCL RB . 4.35 -7.18 7.13
C4 BCL RB . 3.11 -7.97 7.39
C5 BCL RB . 5.67 -7.64 7.71
C6 BCL RB . 6.37 -8.60 6.77
C7 BCL RB . 7.81 -8.82 7.25
C8 BCL RB . 8.20 -10.29 7.24
C9 BCL RB . 9.62 -10.45 7.76
C10 BCL RB . 8.05 -10.85 5.83
C11 BCL RB . 8.92 -12.08 5.59
C12 BCL RB . 8.64 -12.69 4.23
C13 BCL RB . 9.25 -14.08 4.09
C14 BCL RB . 10.77 -14.04 4.16
C15 BCL RB . 8.78 -14.72 2.78
C16 BCL RB . 7.84 -15.88 3.09
C17 BCL RB . 7.33 -16.53 1.81
C18 BCL RB . 6.76 -17.91 2.11
C19 BCL RB . 6.34 -18.62 0.83
C20 BCL RB . 5.59 -17.81 3.10
O1D BPH SB . 16.83 -8.67 3.16
CGD BPH SB . 16.03 -7.80 3.33
O2D BPH SB . 15.71 -6.90 2.41
CED BPH SB . 16.43 -6.99 1.16
CBD BPH SB . 15.25 -7.60 4.59
CHA BPH SB . 13.74 -7.57 4.37
C4D BPH SB . 13.28 -6.29 4.85
C3D BPH SB . 14.32 -5.48 5.32
CAD BPH SB . 15.58 -6.22 5.18
OBD BPH SB . 16.70 -5.86 5.48
C2D BPH SB . 13.74 -4.27 5.75
CMD BPH SB . 14.46 -3.09 6.33
C1D BPH SB . 12.36 -4.38 5.53
ND BPH SB . 12.11 -5.61 4.99
CHD BPH SB . 11.37 -3.45 5.79
C4C BPH SB . 9.99 -3.60 5.53
C3C BPH SB . 8.93 -2.56 5.86
CAC BPH SB . 8.89 -2.10 7.32
CBC BPH SB . 9.97 -1.09 7.67
C2C BPH SB . 7.62 -3.26 5.44
CMC BPH SB . 6.75 -2.48 4.48
C1C BPH SB . 8.11 -4.56 4.85
NC BPH SB . 9.47 -4.70 4.92
CHC BPH SB . 7.25 -5.53 4.31
C4B BPH SB . 7.55 -6.79 3.66
C3B BPH SB . 6.62 -7.70 3.10
CAB BPH SB . 5.16 -7.58 3.03
CBB BPH SB . 4.54 -6.26 2.73
OBB BPH SB . 4.43 -8.55 3.21
C2B BPH SB . 7.34 -8.78 2.58
CMB BPH SB . 6.82 -9.99 1.89
C1B BPH SB . 8.71 -8.53 2.84
NB BPH SB . 8.80 -7.32 3.49
CHB BPH SB . 9.76 -9.35 2.49
C4A BPH SB . 11.12 -9.24 2.82
C3A BPH SB . 12.21 -10.13 2.24
CMA BPH SB . 12.43 -9.81 0.77
C2A BPH SB . 13.39 -9.82 3.16
C1A BPH SB . 12.95 -8.51 3.78
NA BPH SB . 11.61 -8.30 3.68
CAA BPH SB . 13.65 -10.89 4.20
CBA BPH SB . 14.14 -12.17 3.52
CGA BPH SB . 14.21 -13.35 4.43
O1A BPH SB . 13.79 -13.41 5.55
O2A BPH SB . 14.88 -14.36 3.84
C1 BPH SB . 14.80 -15.64 4.48
C2 BPH SB . 13.47 -16.26 4.25
C3 BPH SB . 13.24 -17.38 3.57
C4 BPH SB . 11.86 -17.91 3.32
C5 BPH SB . 14.35 -18.23 3.01
C6 BPH SB . 14.25 -18.42 1.53
C7 BPH SB . 14.91 -19.70 1.06
C8 BPH SB . 14.98 -19.88 -0.46
C9 BPH SB . 13.64 -19.61 -1.12
C10 BPH SB . 15.50 -21.27 -0.84
C11 BPH SB . 15.73 -21.51 -2.31
C12 BPH SB . 16.07 -22.93 -2.68
C13 BPH SB . 17.31 -23.52 -2.01
C14 BPH SB . 18.56 -22.74 -2.38
C15 BPH SB . 17.47 -25.00 -2.32
C16 BPH SB . 18.39 -25.79 -1.43
C17 BPH SB . 17.92 -25.89 0.00
C18 BPH SB . 18.40 -27.12 0.75
C19 BPH SB . 17.92 -27.11 2.20
C20 BPH SB . 17.94 -28.41 0.07
C5 MQ9 TB . 13.28 16.17 0.40
C5M MQ9 TB . 12.07 15.42 -0.07
C4 MQ9 TB . 14.60 15.74 -0.13
O4 MQ9 TB . 14.68 14.75 -0.85
C3 MQ9 TB . 15.82 16.51 0.23
C2 MQ9 TB . 15.72 17.61 1.08
C1 MQ9 TB . 14.40 18.01 1.63
O1 MQ9 TB . 14.30 18.99 2.36
C6 MQ9 TB . 13.19 17.21 1.30
C3A MQ9 TB . 17.05 16.14 -0.29
C3B MQ9 TB . 18.18 16.87 0.04
C3C MQ9 TB . 18.08 17.96 0.89
C3D MQ9 TB . 16.86 18.33 1.40
C7 MQ9 TB . 11.87 17.58 1.92
C8 MQ9 TB . 11.49 16.73 3.09
C9 MQ9 TB . 11.37 17.09 4.36
C10 MQ9 TB . 11.64 18.49 4.83
C11 MQ9 TB . 10.96 16.13 5.42
C12 MQ9 TB . 9.61 16.46 6.04
C13 MQ9 TB . 8.47 16.25 5.09
C14 MQ9 TB . 7.39 15.51 5.27
C15 MQ9 TB . 7.03 14.87 6.57
C16 MQ9 TB . 6.44 15.24 4.14
C17 MQ9 TB . 5.03 15.78 4.38
C18 MQ9 TB . 5.00 17.26 4.49
C19 MQ9 TB . 4.44 18.01 5.43
C20 MQ9 TB . 3.69 17.46 6.60
C21 MQ9 TB . 4.51 19.51 5.38
C22 MQ9 TB . 3.18 20.17 5.11
C23 MQ9 TB . 3.28 21.66 5.01
C24 MQ9 TB . 2.95 22.44 3.98
C25 MQ9 TB . 2.38 21.92 2.69
C26 MQ9 TB . 3.13 23.93 4.03
C27 MQ9 TB . 1.84 24.71 3.85
C28 MQ9 TB . 2.04 26.19 3.92
C29 MQ9 TB . 1.48 27.05 4.77
C30 MQ9 TB . 1.76 28.53 4.76
C31 MQ9 TB . 0.53 26.60 5.84
C32 MQ9 TB . 1.01 26.89 7.24
C1 I7D UB . 4.95 -24.71 17.25
O1 I7D UB . 3.61 -24.74 16.69
C2 I7D UB . 4.82 -24.50 18.75
C3 I7D UB . 5.50 -26.10 16.94
C4 I7D UB . 5.83 -23.63 16.61
C5 I7D UB . 5.61 -22.21 17.07
C6 I7D UB . 6.78 -21.31 16.77
C7 I7D UB . 6.72 -20.09 15.93
C8 I7D UB . 7.90 -19.20 15.99
C10 I7D UB . 5.43 -18.63 14.43
C11 I7D UB . 4.46 -18.40 13.48
C12 I7D UB . 4.25 -17.25 12.70
C13 I7D UB . 4.98 -16.01 13.08
C14 I7D UB . 3.39 -17.20 11.61
C15 I7D UB . 3.08 -16.12 10.79
C16 I7D UB . 2.41 -16.15 9.59
C17 I7D UB . 2.05 -15.07 8.76
C18 I7D UB . 2.11 -13.70 9.33
C19 I7D UB . 1.65 -15.23 7.43
C1M I7D UB . 2.63 -23.81 17.10
C20 I7D UB . 1.21 -14.27 6.53
C21 I7D UB . 1.10 -14.42 5.16
C22 I7D UB . 1.52 -15.53 4.45
C23 I7D UB . 1.47 -15.79 3.08
C24 I7D UB . 0.88 -14.79 2.17
C25 I7D UB . 1.98 -16.98 2.56
C26 I7D UB . 1.97 -17.46 1.26
C27 I7D UB . 2.58 -18.65 0.93
C28 I7D UB . 2.65 -19.30 -0.31
C29 I7D UB . 1.88 -18.77 -1.45
C2M I7D UB . 9.65 -28.38 -5.20
C30 I7D UB . 3.44 -20.44 -0.50
C31 I7D UB . 3.65 -21.20 -1.63
C32 I7D UB . 4.59 -22.29 -1.69
C33 I7D UB . 4.94 -23.04 -2.73
C34 I7D UB . 4.35 -22.94 -4.10
C35 I7D UB . 6.02 -24.08 -2.54
C36 I7D UB . 6.40 -24.79 -3.79
C37 I7D UB . 7.48 -25.83 -3.53
C38 I7D UB . 8.03 -26.59 -4.74
C39 I7D UB . 8.73 -25.65 -5.71
C40 I7D UB . 6.92 -27.38 -5.43
C9 I7D UB . 5.65 -19.78 15.17
O2 I7D UB . 9.00 -27.54 -4.26
O6 I7D UB . 7.86 -21.61 17.28
C1 CDL VB . 16.64 7.91 -23.61
O1 CDL VB . 16.25 6.68 -22.99
CA2 CDL VB . 16.43 9.03 -22.61
OA2 CDL VB . 15.10 9.01 -22.10
PA1 CDL VB . 14.58 10.18 -21.12
OA3 CDL VB . 14.91 9.79 -19.70
OA4 CDL VB . 15.05 11.50 -21.65
OA5 CDL VB . 13.00 10.08 -21.33
CA3 CDL VB . 12.23 11.27 -21.40
CA4 CDL VB . 10.75 10.94 -21.46
OA6 CDL VB . 10.26 10.68 -20.14
CA5 CDL VB . 8.82 10.65 -20.07
OA7 CDL VB . 8.15 11.09 -20.99
C11 CDL VB . 8.12 10.08 -18.85
C12 CDL VB . 8.65 8.68 -18.55
CA6 CDL VB . 10.57 9.68 -22.31
OA8 CDL VB . 10.52 8.55 -21.46
CA7 CDL VB . 9.89 7.33 -21.94
OA9 CDL VB . 9.56 7.25 -23.11
C31 CDL VB . 9.63 6.19 -20.99
C32 CDL VB . 8.48 5.33 -21.53
CB2 CDL VB . 15.79 8.14 -24.85
OB2 CDL VB . 14.60 7.37 -24.78
PB2 CDL VB . 13.66 7.24 -26.08
OB3 CDL VB . 13.01 8.57 -26.33
OB4 CDL VB . 14.48 6.59 -27.17
OB5 CDL VB . 12.53 6.19 -25.61
CB3 CDL VB . 11.51 5.78 -26.50
CB4 CDL VB . 10.56 4.81 -25.80
OB6 CDL VB . 11.24 3.58 -25.57
CB5 CDL VB . 10.86 2.97 -24.30
OB7 CDL VB . 9.98 3.47 -23.63
C51 CDL VB . 11.58 1.74 -23.81
CB6 CDL VB . 9.34 4.58 -26.67
OB8 CDL VB . 8.33 3.91 -25.92
C1 CDL WB . 27.05 5.35 14.91
O1 CDL WB . 28.40 5.78 14.69
CA2 CDL WB . 26.88 3.93 14.38
OA2 CDL WB . 25.78 3.35 15.06
PA1 CDL WB . 25.47 1.77 15.02
OA3 CDL WB . 25.65 1.25 13.62
OA4 CDL WB . 26.18 1.10 16.16
OA5 CDL WB . 23.90 1.81 15.35
CA3 CDL WB . 22.91 1.80 14.34
CA4 CDL WB . 21.80 2.73 14.82
OA6 CDL WB . 21.83 2.82 16.26
CA5 CDL WB . 21.39 1.65 17.03
OA7 CDL WB . 21.38 0.54 16.55
C11 CDL WB . 20.97 1.84 18.46
C12 CDL WB . 20.48 0.51 19.01
C13 CDL WB . 19.00 0.32 18.72
C14 CDL WB . 18.51 -1.03 19.21
C15 CDL WB . 17.00 -1.13 19.01
C16 CDL WB . 16.25 -0.33 20.07
C17 CDL WB . 16.05 -1.18 21.32
C18 CDL WB . 15.03 -2.29 21.05
C19 CDL WB . 13.66 -1.70 20.75
CA6 CDL WB . 20.42 2.32 14.32
OA8 CDL WB . 19.50 3.30 14.83
CA7 CDL WB . 18.15 2.92 15.20
OA9 CDL WB . 17.70 1.87 14.78
C31 CDL WB . 17.33 3.84 16.08
C32 CDL WB . 15.94 3.25 16.28
C33 CDL WB . 15.92 2.16 17.33
C34 CDL WB . 14.52 1.55 17.45
C35 CDL WB . 14.23 0.58 16.31
C36 CDL WB . 12.98 -0.23 16.60
C37 CDL WB . 12.84 -1.43 15.68
C38 CDL WB . 11.78 -2.38 16.19
C39 CDL WB . 12.17 -2.98 17.54
C40 CDL WB . 11.03 -3.77 18.15
CB2 CDL WB . 26.09 6.29 14.21
OB2 CDL WB . 24.80 6.21 14.79
PB2 CDL WB . 23.62 7.21 14.35
OB3 CDL WB . 23.14 6.85 12.98
OB4 CDL WB . 24.05 8.63 14.64
OB5 CDL WB . 22.45 6.84 15.39
CB3 CDL WB . 21.10 6.96 14.98
CB4 CDL WB . 20.18 6.95 16.19
OB6 CDL WB . 19.75 8.29 16.45
CB5 CDL WB . 18.62 8.39 17.35
OB7 CDL WB . 18.78 8.20 18.55
C51 CDL WB . 17.24 8.68 16.83
C52 CDL WB . 16.49 9.39 17.95
C53 CDL WB . 15.00 9.46 17.64
C54 CDL WB . 14.21 8.54 18.57
C55 CDL WB . 14.16 9.10 19.97
C56 CDL WB . 13.62 10.53 19.98
C57 CDL WB . 13.44 11.04 21.40
C58 CDL WB . 12.21 10.44 22.05
C59 CDL WB . 12.02 10.97 23.46
C60 CDL WB . 10.64 10.62 24.01
C61 CDL WB . 10.44 11.22 25.40
CB6 CDL WB . 20.91 6.36 17.38
OB8 CDL WB . 19.95 5.66 18.14
CB7 CDL WB . 20.22 5.20 19.50
OB9 CDL WB . 21.33 5.34 19.96
C71 CDL WB . 19.10 4.56 20.29
C72 CDL WB . 17.83 5.40 20.09
C73 CDL WB . 16.59 4.53 20.21
C74 CDL WB . 15.33 5.37 20.03
C75 CDL WB . 14.07 4.52 20.06
C76 CDL WB . 13.96 3.74 21.36
C77 CDL WB . 12.69 2.92 21.40
C25 PEE XB . 10.31 -8.17 19.30
C24 PEE XB . 11.21 -8.69 18.23
C23 PEE XB . 11.46 -7.73 17.09
C22 PEE XB . 12.41 -8.24 16.04
C21 PEE XB . 13.76 -8.64 16.59
C20 PEE XB . 14.76 -9.08 15.55
C19 PEE XB . 16.07 -9.52 16.16
C18 PEE XB . 16.69 -8.48 17.05
C17 PEE XB . 17.62 -9.03 18.10
C16 PEE XB . 18.22 -7.97 19.00
C15 PEE XB . 19.01 -8.51 20.15
C14 PEE XB . 20.16 -9.41 19.76
C13 PEE XB . 21.16 -8.78 18.83
C12 PEE XB . 21.82 -7.52 19.36
C11 PEE XB . 22.90 -7.03 18.45
C10 PEE XB . 23.96 -8.06 18.19
O4 PEE XB . 24.74 -8.42 19.03
O2 PEE XB . 23.87 -8.55 16.93
C2 PEE XB . 24.60 -9.75 16.57
C1 PEE XB . 26.10 -9.53 16.62
O3P PEE XB . 26.74 -10.77 16.18
P PEE XB . 28.13 -11.20 16.83
O2P PEE XB . 28.71 -12.33 16.02
O1P PEE XB . 27.92 -11.39 18.30
O4P PEE XB . 29.06 -9.91 16.62
C4 PEE XB . 30.36 -9.87 17.26
C5 PEE XB . 31.03 -8.55 16.96
N PEE XB . 32.36 -8.46 17.62
C3 PEE XB . 24.15 -10.93 17.40
O3 PEE XB . 22.83 -11.33 17.01
C30 PEE XB . 22.33 -12.40 17.62
O5 PEE XB . 22.81 -12.86 18.62
C31 PEE XB . 21.12 -12.93 16.91
C32 PEE XB . 19.90 -13.01 17.78
C33 PEE XB . 18.79 -13.81 17.12
C34 PEE XB . 19.21 -15.19 16.70
C35 PEE XB . 18.09 -16.09 16.22
C36 PEE XB . 18.54 -17.51 15.94
C37 PEE XB . 17.42 -18.47 15.62
C38 PEE XB . 17.87 -19.90 15.52
C39 PEE XB . 16.76 -20.88 15.23
C40 PEE XB . 17.21 -22.31 15.08
C41 PEE XB . 17.76 -22.93 16.34
C42 PEE XB . 16.74 -23.15 17.43
P PGV YB . -2.25 -23.10 29.68
C01 PGV YB . -0.09 -20.14 29.67
C02 PGV YB . 0.59 -20.94 28.56
C03 PGV YB . -0.03 -22.33 28.47
C04 PGV YB . -2.99 -23.54 27.18
C05 PGV YB . -3.28 -24.71 26.24
C06 PGV YB . -3.33 -26.00 27.05
O01 PGV YB . 1.99 -21.01 28.82
O02 PGV YB . 2.21 -20.99 26.52
O03 PGV YB . -1.34 -19.69 29.16
O04 PGV YB . -1.94 -18.58 31.10
O05 PGV YB . -2.24 -24.79 25.26
O06 PGV YB . -4.06 -25.77 28.26
O11 PGV YB . -0.70 -22.64 29.68
O12 PGV YB . -2.41 -24.04 28.39
O13 PGV YB . -2.48 -23.95 30.91
O14 PGV YB . -3.11 -21.87 29.46
C1 PGV YB . 2.72 -20.72 27.60
C2 PGV YB . 4.08 -20.09 27.67
C3 PGV YB . 3.96 -18.68 28.23
C4 PGV YB . 4.48 -17.67 27.22
C5 PGV YB . 5.95 -17.85 26.93
C6 PGV YB . 6.38 -16.93 25.80
C7 PGV YB . 7.88 -16.69 25.79
C8 PGV YB . 8.64 -17.95 25.42
C9 PGV YB . 8.46 -18.31 23.96
C10 PGV YB . 9.36 -19.48 23.59
C11 PGV YB . 9.07 -19.94 22.18
C12 PGV YB . 10.04 -20.44 21.43
C13 PGV YB . 9.73 -20.89 20.02
C14 PGV YB . 10.92 -20.57 19.12
C15 PGV YB . 11.10 -19.07 18.93
C16 PGV YB . 12.30 -18.79 18.03
C17 PGV YB . 12.20 -19.62 16.75
C18 PGV YB . 13.46 -19.45 15.92
C19 PGV YB . -2.20 -18.81 29.93
C20 PGV YB . -3.39 -18.19 29.25
C21 PGV YB . -2.96 -17.58 27.92
C22 PGV YB . -2.26 -16.24 28.14
C23 PGV YB . -0.74 -16.37 28.19
C24 PGV YB . -0.14 -15.10 28.77
C25 PGV YB . 1.38 -15.06 28.64
C26 PGV YB . 1.90 -13.75 29.22
C27 PGV YB . 3.32 -13.45 28.74
C28 PGV YB . 3.39 -13.50 27.21
C29 PGV YB . 4.70 -12.90 26.71
C30 PGV YB . 4.97 -13.30 25.27
C31 PGV YB . 6.26 -12.65 24.77
C32 PGV YB . 6.74 -13.27 23.47
C33 PGV YB . 8.04 -12.61 23.03
C34 PGV YB . 8.58 -13.22 21.76
P PGV ZB . 30.46 -21.89 -4.14
C01 PGV ZB . 27.21 -24.12 -2.86
C02 PGV ZB . 27.12 -24.00 -4.38
C03 PGV ZB . 28.44 -23.43 -4.90
C04 PGV ZB . 30.69 -21.50 -6.75
C05 PGV ZB . 30.09 -20.56 -7.80
C06 PGV ZB . 28.58 -20.78 -7.87
O01 PGV ZB . 26.03 -23.16 -4.72
O02 PGV ZB . 25.90 -24.45 -6.63
O03 PGV ZB . 27.99 -25.27 -2.54
O04 PGV ZB . 28.77 -24.41 -0.55
O05 PGV ZB . 30.67 -20.82 -9.08
O06 PGV ZB . 28.01 -19.90 -8.84
O11 PGV ZB . 28.95 -22.45 -4.00
O12 PGV ZB . 30.41 -20.97 -5.46
O13 PGV ZB . 30.72 -20.99 -2.95
O14 PGV ZB . 31.40 -23.04 -4.39
C1 PGV ZB . 25.33 -23.67 -5.90
C2 PGV ZB . 23.91 -23.22 -6.20
C3 PGV ZB . 22.95 -24.00 -5.31
C4 PGV ZB . 21.61 -24.18 -6.01
C5 PGV ZB . 20.87 -25.40 -5.46
C6 PGV ZB . 19.65 -25.73 -6.32
C19 PGV ZB . 28.53 -25.41 -1.20
C20 PGV ZB . 28.74 -26.78 -0.61
C21 PGV ZB . 27.58 -27.10 0.33
C22 PGV ZB . 26.26 -26.69 -0.29
C23 PGV ZB . 25.56 -25.60 0.53
C24 PGV ZB . 24.50 -24.90 -0.32
C25 PGV ZB . 23.37 -24.33 0.54
C26 PGV ZB . 22.10 -25.15 0.45
C27 PGV ZB . 22.19 -26.45 1.25
C28 PGV ZB . 22.40 -27.65 0.33
P PGV AC . 21.71 11.48 19.32
C01 PGV AC . 18.69 10.22 21.81
C02 PGV AC . 18.25 11.52 21.15
C03 PGV AC . 19.47 12.17 20.52
C04 PGV AC . 23.71 9.96 18.59
C05 PGV AC . 24.66 8.90 19.12
C06 PGV AC . 25.61 8.50 17.99
O01 PGV AC . 17.67 12.40 22.12
O02 PGV AC . 16.15 12.90 20.45
O03 PGV AC . 17.54 9.45 22.17
O04 PGV AC . 18.84 7.63 22.75
O05 PGV AC . 23.91 7.75 19.53
O06 PGV AC . 25.99 9.66 17.25
O11 PGV AC . 20.48 11.19 20.31
O12 PGV AC . 22.70 10.24 19.56
O13 PGV AC . 22.39 12.74 19.80
O14 PGV AC . 21.20 11.39 17.90
C1 PGV AC . 16.54 13.15 21.58
C2 PGV AC . 15.87 14.22 22.41
C3 PGV AC . 14.54 14.61 21.76
C4 PGV AC . 14.00 15.91 22.32
C5 PGV AC . 13.53 15.76 23.77
C6 PGV AC . 12.18 15.07 23.86
C7 PGV AC . 11.04 16.06 23.64
C8 PGV AC . 9.77 15.56 24.32
C9 PGV AC . 8.65 16.60 24.22
C10 PGV AC . 7.51 16.27 25.17
C11 PGV AC . 6.45 17.34 25.08
C12 PGV AC . 5.17 17.01 24.93
C19 PGV AC . 17.71 8.10 22.68
C20 PGV AC . 16.52 7.29 23.11
C21 PGV AC . 15.72 8.08 24.14
C22 PGV AC . 14.68 7.22 24.85
C23 PGV AC . 13.70 6.60 23.86
C24 PGV AC . 12.36 6.31 24.53
C25 PGV AC . 12.52 5.35 25.70
P PGV BC . -9.34 10.52 24.32
C01 PGV BC . -6.33 11.11 21.69
C02 PGV BC . -7.46 10.13 21.43
C03 PGV BC . -7.71 9.28 22.68
C04 PGV BC . -10.67 12.82 24.10
C05 PGV BC . -10.85 13.90 23.05
C06 PGV BC . -11.67 13.38 21.89
O01 PGV BC . -7.15 9.30 20.33
O02 PGV BC . -8.84 10.44 19.30
O03 PGV BC . -5.84 11.61 20.46
O04 PGV BC . -5.16 13.62 21.38
O05 PGV BC . -9.56 14.29 22.57
O06 PGV BC . -12.99 13.06 22.33
O11 PGV BC . -9.04 9.52 23.10
O12 PGV BC . -9.92 11.76 23.49
O13 PGV BC . -8.02 10.91 24.92
O14 PGV BC . -10.41 9.93 25.18
C1 PGV BC . -8.05 9.53 19.22
C2 PGV BC . -7.99 8.66 17.99
C3 PGV BC . -7.54 9.52 16.81
C4 PGV BC . -6.09 9.23 16.45
C5 PGV BC . -5.61 10.24 15.41
C6 PGV BC . -4.48 9.69 14.55
C7 PGV BC . -3.96 10.80 13.65
C8 PGV BC . -3.20 10.23 12.45
C9 PGV BC . -2.57 11.35 11.63
C10 PGV BC . -3.58 12.45 11.34
C19 PGV BC . -5.11 12.87 20.43
C20 PGV BC . -4.31 13.23 19.20
C21 PGV BC . -3.87 14.68 19.30
C22 PGV BC . -3.09 15.09 18.06
C23 PGV BC . -1.74 14.40 18.03
C24 PGV BC . -0.79 15.09 17.06
C25 PGV BC . -1.32 15.03 15.63
C26 PGV BC . -0.57 16.02 14.75
C27 PGV BC . -0.73 17.44 15.28
C1 CDL CC . 13.03 31.58 11.77
O1 CDL CC . 12.04 31.59 12.81
CA2 CDL CC . 12.77 32.74 10.83
OA2 CDL CC . 11.57 32.46 10.13
PA1 CDL CC . 10.76 33.61 9.33
OA3 CDL CC . 10.44 34.73 10.27
OA4 CDL CC . 11.52 33.88 8.05
OA5 CDL CC . 9.40 32.83 8.99
CA3 CDL CC . 8.29 33.47 8.38
CA4 CDL CC . 7.26 32.41 7.97
OA6 CDL CC . 6.62 32.74 6.74
CA5 CDL CC . 5.53 33.70 6.80
OA7 CDL CC . 5.66 34.77 7.38
C11 CDL CC . 4.21 33.36 6.15
C12 CDL CC . 3.37 34.61 5.98
C13 CDL CC . 1.98 34.29 5.45
C14 CDL CC . 1.98 34.02 3.94
C15 CDL CC . 2.00 32.54 3.61
C16 CDL CC . 1.33 32.26 2.28
C17 CDL CC . 1.97 33.04 1.14
C18 CDL CC . 1.90 32.23 -0.14
C19 CDL CC . 2.66 30.92 0.02
C20 CDL CC . 2.28 29.92 -1.06
C21 CDL CC . 0.97 29.22 -0.70
C22 CDL CC . 1.05 28.59 0.69
CA6 CDL CC . 6.26 32.18 9.11
OA8 CDL CC . 6.65 31.02 9.84
CA7 CDL CC . 6.46 30.98 11.29
OA9 CDL CC . 6.40 32.04 11.90
C31 CDL CC . 6.36 29.66 12.02
C32 CDL CC . 4.93 29.17 11.94
C33 CDL CC . 4.73 27.90 12.78
C34 CDL CC . 3.30 27.41 12.66
CB2 CDL CC . 12.95 30.28 10.99
OB2 CDL CC . 12.46 29.24 11.82
PB2 CDL CC . 12.72 27.70 11.44
OB3 CDL CC . 13.36 27.64 10.07
OB4 CDL CC . 13.40 27.01 12.60
OB5 CDL CC . 11.22 27.11 11.35
CB3 CDL CC . 10.98 25.81 10.85
CB4 CDL CC . 9.48 25.54 10.92
OB6 CDL CC . 9.19 24.37 10.16
CB5 CDL CC . 8.40 23.40 10.91
OB7 CDL CC . 8.03 23.68 12.03
C51 CDL CC . 8.05 22.08 10.28
C52 CDL CC . 7.72 21.06 11.37
C53 CDL CC . 6.52 20.20 11.00
C54 CDL CC . 6.92 18.74 10.89
C55 CDL CC . 5.72 17.88 10.47
C56 CDL CC . 6.17 16.47 10.16
C57 CDL CC . 5.02 15.63 9.60
C58 CDL CC . 4.28 14.90 10.70
C59 CDL CC . 3.16 14.04 10.12
C60 CDL CC . 2.57 13.14 11.20
C61 CDL CC . 1.53 12.19 10.64
C62 CDL CC . 1.18 11.10 11.65
C63 CDL CC . 0.77 11.71 12.98
CB6 CDL CC . 8.72 26.71 10.33
OB8 CDL CC . 8.38 26.41 8.99
CB7 CDL CC . 7.47 27.28 8.26
OB9 CDL CC . 7.67 28.48 8.25
C71 CDL CC . 6.29 26.68 7.55
C72 CDL CC . 5.51 25.82 8.55
C73 CDL CC . 4.54 24.89 7.85
C74 CDL CC . 3.67 24.17 8.88
C75 CDL CC . 3.53 22.69 8.54
C76 CDL CC . 2.63 22.01 9.55
C77 CDL CC . 2.41 20.54 9.23
C78 CDL CC . 1.48 19.93 10.27
C79 CDL CC . 1.39 18.41 10.14
C80 CDL CC . 0.69 17.82 11.36
C81 CDL CC . 0.60 16.31 11.27
C1 CDL DC . 15.10 35.07 18.83
O1 CDL DC . 16.36 35.20 19.48
CA2 CDL DC . 15.24 34.23 17.57
OA2 CDL DC . 14.08 33.44 17.40
PA1 CDL DC . 13.88 32.52 16.11
OA3 CDL DC . 15.19 31.79 15.89
OA4 CDL DC . 13.30 33.35 14.99
OA5 CDL DC . 12.77 31.48 16.61
CA3 CDL DC . 11.52 31.36 15.94
CA4 CDL DC . 10.80 30.12 16.48
OA6 CDL DC . 9.59 29.89 15.75
CA5 CDL DC . 9.49 28.50 15.35
OA7 CDL DC . 10.50 27.87 15.15
C11 CDL DC . 8.13 27.85 15.18
C12 CDL DC . 8.30 26.43 14.65
C13 CDL DC . 8.39 25.40 15.77
C14 CDL DC . 8.45 23.99 15.19
C15 CDL DC . 8.16 22.90 16.24
C16 CDL DC . 8.13 21.53 15.57
C17 CDL DC . 8.09 20.40 16.58
C18 CDL DC . 6.69 20.22 17.18
CA6 CDL DC . 10.49 30.31 17.96
OA8 CDL DC . 9.58 29.30 18.38
CA7 CDL DC . 9.56 28.86 19.76
OA9 CDL DC . 10.37 29.33 20.55
C31 CDL DC . 8.56 27.82 20.22
CB2 CDL DC . 14.57 36.45 18.44
OB2 CDL DC . 13.20 36.35 18.05
PB2 CDL DC . 12.33 37.67 17.74
OB3 CDL DC . 12.75 38.22 16.40
OB4 CDL DC . 12.36 38.55 18.96
OB5 CDL DC . 10.86 37.04 17.59
CB3 CDL DC . 9.71 37.86 17.62
CB4 CDL DC . 8.49 37.00 17.29
OB6 CDL DC . 7.78 36.69 18.48
CB5 CDL DC . 6.34 36.67 18.21
OB7 CDL DC . 5.94 37.18 17.19
C51 CDL DC . 5.40 36.00 19.17
C52 CDL DC . 3.97 36.13 18.65
C53 CDL DC . 3.20 34.83 18.86
C54 CDL DC . 1.75 34.97 18.40
C55 CDL DC . 1.07 33.60 18.38
C56 CDL DC . 1.21 32.90 19.73
C57 CDL DC . 0.92 31.41 19.59
C58 CDL DC . -0.46 31.16 18.99
CB6 CDL DC . 8.93 35.72 16.61
OB8 CDL DC . 7.78 34.97 16.24
CB7 CDL DC . 7.90 33.80 15.38
OB9 CDL DC . 9.01 33.50 14.96
C71 CDL DC . 6.69 33.00 15.00
C72 CDL DC . 6.07 32.34 16.23
C73 CDL DC . 4.97 31.39 15.82
C74 CDL DC . 4.43 30.57 16.98
C75 CDL DC . 3.62 29.39 16.47
C76 CDL DC . 2.98 28.61 17.62
C77 CDL DC . 2.47 27.26 17.13
C78 CDL DC . 1.54 27.43 15.95
C79 CDL DC . 1.15 26.09 15.35
MG BCL EC . -18.02 41.41 14.76
CHA BCL EC . -15.23 42.38 16.43
CHB BCL EC . -16.55 41.92 11.82
CHC BCL EC . -20.70 39.93 13.28
CHD BCL EC . -19.64 40.82 17.84
NA BCL EC . -16.22 42.06 14.19
C1A BCL EC . -15.23 42.39 14.95
C2A BCL EC . -14.02 42.86 14.18
C3A BCL EC . -14.53 42.92 12.77
C4A BCL EC . -15.86 42.25 12.92
CMA BCL EC . -14.70 44.34 12.26
CAA BCL EC . -12.86 41.88 14.29
CBA BCL EC . -11.52 42.62 14.20
CGA BCL EC . -10.44 41.70 13.71
O1A BCL EC . -10.70 40.57 13.35
O2A BCL EC . -9.05 42.14 13.64
NB BCL EC . -18.56 40.96 12.83
C1B BCL EC . -17.85 41.26 11.73
C2B BCL EC . -18.44 40.86 10.42
C3B BCL EC . -19.71 40.25 10.88
C4B BCL EC . -19.67 40.39 12.35
CMB BCL EC . -17.82 41.07 9.06
CAB BCL EC . -20.82 39.64 10.08
OBB BCL EC . -21.89 39.42 10.60
CBB BCL EC . -20.61 39.29 8.62
NC BCL EC . -19.83 40.77 15.36
C1C BCL EC . -20.80 40.25 14.57
C2C BCL EC . -22.09 40.01 15.27
C3C BCL EC . -21.82 40.67 16.59
C4C BCL EC . -20.33 40.77 16.55
CMC BCL EC . -23.26 40.67 14.55
CAC BCL EC . -22.31 39.85 17.77
CBC BCL EC . -21.95 38.38 17.68
ND BCL EC . -17.64 41.51 16.76
C1D BCL EC . -18.28 41.30 17.92
C2D BCL EC . -17.44 41.59 19.13
C3D BCL EC . -16.21 42.03 18.45
C4D BCL EC . -16.42 41.97 17.14
CMD BCL EC . -17.56 41.55 20.63
CAD BCL EC . -14.85 42.51 18.74
OBD BCL EC . -14.33 42.69 19.89
CBD BCL EC . -14.17 42.76 17.42
CGD BCL EC . -13.74 44.19 17.32
O1D BCL EC . -14.52 45.06 17.00
O2D BCL EC . -12.37 44.55 17.65
CED BCL EC . -11.92 45.89 17.44
C1 BCL EC . -8.04 41.28 13.14
C2 BCL EC . -7.05 42.04 12.28
C3 BCL EC . -6.08 42.77 12.85
C4 BCL EC . -5.99 42.84 14.34
C5 BCL EC . -5.08 43.53 12.02
C6 BCL EC . -4.59 44.73 12.81
C7 BCL EC . -3.17 45.15 12.41
C8 BCL EC . -2.17 44.02 12.64
C9 BCL EC . -1.98 43.76 14.13
C10 BCL EC . -0.86 44.36 11.95
C11 BCL EC . -0.85 43.83 10.53
C12 BCL EC . -0.50 42.34 10.50
C13 BCL EC . -0.34 41.83 9.07
C14 BCL EC . 0.32 42.87 8.18
C15 BCL EC . -1.71 41.42 8.53
C16 BCL EC . -2.23 40.18 9.25
C17 BCL EC . -3.70 40.31 9.63
C18 BCL EC . -4.54 40.78 8.45
C19 BCL EC . -5.76 41.57 8.93
C20 BCL EC . -4.97 39.60 7.58
C1 I7D FC . -17.49 36.08 10.22
O1 I7D FC . -16.68 35.24 11.06
C2 I7D FC . -16.97 35.95 8.80
C3 I7D FC . -18.92 35.54 10.31
C4 I7D FC . -17.43 37.52 10.71
C5 I7D FC . -16.18 38.32 10.33
C6 I7D FC . -14.99 38.05 11.20
C7 I7D FC . -13.71 38.81 11.07
C8 I7D FC . -12.56 38.30 11.86
C10 I7D FC . -12.51 40.72 10.11
C11 I7D FC . -12.41 41.80 9.26
C12 I7D FC . -11.33 42.67 9.03
C13 I7D FC . -10.12 42.55 9.89
C14 I7D FC . -11.34 43.65 8.04
C15 I7D FC . -10.33 44.50 7.63
C16 I7D FC . -10.40 45.35 6.54
C17 I7D FC . -9.42 46.20 6.00
C18 I7D FC . -8.16 46.39 6.75
C19 I7D FC . -9.58 46.85 4.76
C1M I7D FC . -16.67 33.84 10.82
C20 I7D FC . -8.66 47.63 4.09
C21 I7D FC . -8.70 48.18 2.82
C22 I7D FC . -7.72 48.90 2.16
C23 I7D FC . -7.66 49.28 0.81
C24 I7D FC . -8.84 49.03 -0.05
C25 I7D FC . -6.52 49.86 0.25
C26 I7D FC . -6.25 50.14 -1.08
C27 I7D FC . -5.07 50.66 -1.57
C28 I7D FC . -4.72 50.93 -2.91
C29 I7D FC . -5.73 50.70 -3.96
C2M I7D FC . 4.86 54.67 -7.67
C30 I7D FC . -3.45 51.40 -3.29
C31 I7D FC . -2.96 51.63 -4.56
C32 I7D FC . -1.61 52.00 -4.91
C33 I7D FC . -1.14 52.16 -6.14
C34 I7D FC . -1.98 52.15 -7.38
C35 I7D FC . 0.34 52.35 -6.38
C36 I7D FC . 0.66 53.59 -7.14
C37 I7D FC . 2.13 53.67 -7.53
C38 I7D FC . 2.52 54.86 -8.41
C39 I7D FC . 2.35 56.18 -7.68
C40 I7D FC . 1.76 54.86 -9.73
C9 I7D FC . -13.60 39.89 10.28
O2 I7D FC . 3.93 54.73 -8.74
O6 I7D FC . -15.07 37.16 12.04
MG BCL GC . -14.90 38.60 23.42
CHA BCL GC . -13.09 39.47 20.64
CHB BCL GC . -12.15 38.98 25.31
CHC BCL GC . -16.59 37.22 26.03
CHD BCL GC . -17.57 37.63 21.35
NA BCL GC . -13.02 39.24 23.09
C1A BCL GC . -12.49 39.62 21.98
C2A BCL GC . -11.09 40.17 22.11
C3A BCL GC . -10.75 39.79 23.51
C4A BCL GC . -12.07 39.31 24.02
CMA BCL GC . -9.72 38.67 23.57
CAA BCL GC . -11.04 41.68 21.91
CBA BCL GC . -9.58 42.13 21.71
CGA BCL GC . -9.08 42.79 22.98
O1A BCL GC . -9.79 43.59 23.58
O2A BCL GC . -7.77 42.51 23.50
NB BCL GC . -14.44 38.14 25.36
C1B BCL GC . -13.29 38.37 26.00
C2B BCL GC . -13.20 37.98 27.42
C3B BCL GC . -14.55 37.44 27.64
C4B BCL GC . -15.22 37.61 26.32
CMB BCL GC . -11.99 38.12 28.31
CAB BCL GC . -15.20 36.85 28.87
OBB BCL GC . -16.40 36.67 28.90
CBB BCL GC . -14.34 36.49 30.05
NC BCL GC . -16.71 37.75 23.68
C1C BCL GC . -17.20 37.31 24.85
C2C BCL GC . -18.62 36.84 24.79
C3C BCL GC . -18.89 36.93 23.32
C4C BCL GC . -17.61 37.50 22.80
CMC BCL GC . -18.72 35.40 25.27
CAC BCL GC . -20.03 37.87 22.99
CBC BCL GC . -21.29 37.11 22.67
ND BCL GC . -15.35 38.49 21.43
C1D BCL GC . -16.39 38.14 20.68
C2D BCL GC . -16.16 38.32 19.21
C3D BCL GC . -14.79 38.86 19.25
C4D BCL GC . -14.43 38.93 20.52
CMD BCL GC . -16.92 38.09 17.95
CAD BCL GC . -13.70 39.34 18.38
OBD BCL GC . -13.73 39.41 17.10
CBD BCL GC . -12.56 39.76 19.26
CGD BCL GC . -11.30 39.06 18.90
O1D BCL GC . -11.18 37.85 19.02
O2D BCL GC . -10.18 39.82 18.37
CED BCL GC . -8.90 39.23 18.30
C1 BCL GC . -7.58 42.38 24.92
C2 BCL GC . -6.62 41.25 25.20
C3 BCL GC . -5.54 41.44 25.96
C4 BCL GC . -5.27 42.80 26.54
C5 BCL GC . -4.58 40.31 26.23
C6 BCL GC . -4.87 39.68 27.60
C7 BCL GC . -3.79 38.68 27.99
C8 BCL GC . -2.43 39.35 28.21
C9 BCL GC . -1.41 38.83 27.19
C10 BCL GC . -1.96 39.09 29.63
C11 BCL GC . -1.07 40.22 30.14
C12 BCL GC . 0.41 39.82 30.14
C13 BCL GC . 1.27 40.82 30.91
C14 BCL GC . 0.66 41.14 32.26
C15 BCL GC . 1.42 42.09 30.07
C16 BCL GC . 2.41 41.88 28.95
C17 BCL GC . 2.51 43.12 28.07
C18 BCL GC . 3.97 43.51 27.80
C19 BCL GC . 4.74 43.62 29.11
C20 BCL GC . 4.06 44.80 27.00
C1 I7D HC . -12.20 30.66 23.34
O1 I7D HC . -13.17 29.69 23.79
C2 I7D HC . -11.14 29.88 22.58
C3 I7D HC . -12.93 31.63 22.42
C4 I7D HC . -11.65 31.37 24.57
C5 I7D HC . -10.45 32.28 24.35
C6 I7D HC . -9.14 31.62 24.70
C7 I7D HC . -7.84 32.34 24.73
C8 I7D HC . -6.67 31.55 25.16
C10 I7D HC . -6.65 34.45 24.37
C11 I7D HC . -6.63 35.76 23.95
C12 I7D HC . -5.55 36.64 23.88
C13 I7D HC . -4.24 36.21 24.42
C14 I7D HC . -5.64 37.91 23.29
C15 I7D HC . -4.66 38.84 23.06
C16 I7D HC . -4.83 40.04 22.39
C17 I7D HC . -3.88 41.02 22.07
C18 I7D HC . -2.51 40.87 22.64
C19 I7D HC . -4.16 42.11 21.26
C1M I7D HC . -13.74 28.81 22.84
C20 I7D HC . -3.30 43.10 20.84
C21 I7D HC . -3.44 44.10 19.89
C22 I7D HC . -2.51 45.02 19.48
C23 I7D HC . -2.55 45.87 18.36
C24 I7D HC . -3.77 45.90 17.53
C25 I7D HC . -1.46 46.68 18.00
C26 I7D HC . -1.23 47.37 16.83
C27 I7D HC . -0.07 48.07 16.58
C28 I7D HC . 0.34 48.74 15.42
C29 I7D HC . -0.55 48.73 14.24
C2M I7D HC . 10.38 50.81 13.43
C30 I7D HC . 1.56 49.42 15.35
C31 I7D HC . 2.14 50.06 14.28
C32 I7D HC . 3.34 50.85 14.35
C33 I7D HC . 3.93 51.52 13.36
C34 I7D HC . 3.61 51.31 11.90
C35 I7D HC . 5.00 52.54 13.64
C36 I7D HC . 6.33 52.18 13.07
C37 I7D HC . 7.44 53.12 13.51
C38 I7D HC . 8.85 52.71 13.11
C39 I7D HC . 9.89 53.67 13.69
C40 I7D HC . 8.99 52.58 11.61
C9 I7D HC . -7.76 33.63 24.39
O2 I7D HC . 9.11 51.40 13.68
O6 I7D HC . -9.16 30.43 24.98
MG BCL IC . -11.37 33.98 29.67
CHA BCL IC . -8.38 34.29 31.24
CHB BCL IC . -10.14 35.39 26.91
CHC BCL IC . -14.31 33.25 28.11
CHD BCL IC . -12.70 32.36 32.51
NA BCL IC . -9.61 34.77 29.16
C1A BCL IC . -8.53 34.82 29.87
C2A BCL IC . -7.39 35.50 29.18
C3A BCL IC . -8.01 36.01 27.92
C4A BCL IC . -9.35 35.35 27.98
CMA BCL IC . -8.16 37.52 27.91
CAA BCL IC . -6.26 34.52 28.83
CBA BCL IC . -5.15 35.27 28.12
CGA BCL IC . -3.97 34.36 27.87
O1A BCL IC . -4.12 33.28 27.36
O2A BCL IC . -2.64 34.79 28.27
NB BCL IC . -12.13 34.25 27.79
C1B BCL IC . -11.51 34.87 26.76
C2B BCL IC . -12.26 34.98 25.49
C3B BCL IC . -13.52 34.32 25.86
C4B BCL IC . -13.33 33.93 27.28
CMB BCL IC . -11.76 35.60 24.21
CAB BCL IC . -14.77 34.07 25.04
OBB BCL IC . -15.65 33.36 25.49
CBB BCL IC . -14.95 34.73 23.71
NC BCL IC . -13.15 33.22 30.22
C1C BCL IC . -14.23 33.08 29.43
C2C BCL IC . -15.46 32.65 30.14
C3C BCL IC . -14.99 32.67 31.57
C4C BCL IC . -13.52 32.79 31.37
CMC BCL IC . -16.61 33.63 29.92
CAC BCL IC . -15.38 31.41 32.32
CBC BCL IC . -15.02 30.14 31.58
ND BCL IC . -10.80 33.36 31.52
C1D BCL IC . -11.31 32.78 32.61
C2D BCL IC . -10.34 32.63 33.74
C3D BCL IC . -9.18 33.26 33.12
C4D BCL IC . -9.52 33.66 31.91
CMD BCL IC . -10.31 32.06 35.14
CAD BCL IC . -7.77 33.62 33.40
OBD BCL IC . -7.13 33.37 34.48
CBD BCL IC . -7.22 34.30 32.18
CGD BCL IC . -6.80 35.69 32.53
O1D BCL IC . -7.62 36.55 32.77
O2D BCL IC . -5.39 36.02 32.60
CED BCL IC . -5.02 37.40 32.71
C1 BCL IC . -1.51 33.95 27.97
C2 BCL IC . -0.48 34.71 27.16
C3 BCL IC . 0.41 35.51 27.78
C4 BCL IC . 0.38 35.67 29.26
C5 BCL IC . 1.44 36.26 26.96
C6 BCL IC . 2.36 37.05 27.88
C7 BCL IC . 3.44 37.81 27.11
C8 BCL IC . 4.64 36.91 26.78
C9 BCL IC . 4.93 35.93 27.90
C10 BCL IC . 5.86 37.79 26.53
C11 BCL IC . 6.02 38.12 25.05
C12 BCL IC . 6.06 36.84 24.21
C13 BCL IC . 5.25 37.03 22.94
C14 BCL IC . 5.86 38.13 22.07
C15 BCL IC . 3.81 37.35 23.29
C16 BCL IC . 2.85 36.21 22.95
C17 BCL IC . 1.43 36.57 23.35
C18 BCL IC . 0.40 36.12 22.32
C19 BCL IC . -0.77 37.08 22.29
C20 BCL IC . -0.07 34.70 22.60
P PGV JC . 23.44 22.36 22.56
C01 PGV JC . 19.95 22.92 23.96
C02 PGV JC . 20.21 24.26 23.29
C03 PGV JC . 21.57 24.24 22.59
C04 PGV JC . 24.28 23.75 20.46
C05 PGV JC . 25.50 24.50 19.95
C06 PGV JC . 26.68 23.55 19.87
O01 PGV JC . 20.11 25.29 24.27
O02 PGV JC . 19.59 27.09 22.94
O03 PGV JC . 19.21 22.09 23.06
O04 PGV JC . 18.08 21.15 24.84
O05 PGV JC . 25.81 25.57 20.85
O06 PGV JC . 26.68 22.69 21.01
O11 PGV JC . 22.45 23.38 23.31
O12 PGV JC . 24.51 23.30 21.79
O13 PGV JC . 24.20 21.59 23.62
O14 PGV JC . 22.65 21.58 21.53
C1 PGV JC . 19.22 26.35 23.83
C2 PGV JC . 17.86 26.50 24.47
C3 PGV JC . 16.98 27.39 23.60
C4 PGV JC . 15.55 26.85 23.51
C5 PGV JC . 14.85 26.89 24.86
C6 PGV JC . 13.46 26.30 24.78
C19 PGV JC . 18.24 21.17 23.62
C20 PGV JC . 17.44 20.26 22.72
C21 PGV JC . 16.12 19.94 23.41
C22 PGV JC . 15.24 21.17 23.48
C23 PGV JC . 14.31 21.26 22.29
C24 PGV JC . 12.86 21.38 22.75
C25 PGV JC . 12.54 20.34 23.82
C26 PGV JC . 11.04 20.11 23.92
C27 PGV JC . 10.30 21.41 24.22
C28 PGV JC . 8.80 21.15 24.33
C1 I7D KC . -6.02 20.92 33.21
O1 I7D KC . -5.39 19.64 33.41
C2 I7D KC . -5.76 21.32 31.76
C3 I7D KC . -7.51 20.70 33.44
C4 I7D KC . -5.46 21.96 34.18
C5 I7D KC . -4.07 22.49 33.88
C6 I7D KC . -2.96 21.61 34.41
C7 I7D KC . -1.54 22.05 34.55
C8 I7D KC . -0.55 20.98 34.77
C10 I7D KC . 0.06 23.93 34.66
C11 I7D KC . 0.31 25.28 34.63
C12 I7D KC . 1.54 25.97 34.76
C13 I7D KC . 2.78 25.19 35.00
C14 I7D KC . 1.62 27.36 34.66
C15 I7D KC . 2.73 28.19 34.66
C16 I7D KC . 2.66 29.54 34.41
C17 I7D KC . 3.69 30.49 34.31
C18 I7D KC . 5.07 30.08 34.67
C19 I7D KC . 3.47 31.83 33.90
C1M I7D KC . -5.79 18.54 32.60
C20 I7D KC . 4.37 32.87 33.76
C21 I7D KC . 4.19 34.14 33.24
C22 I7D KC . 5.10 35.18 33.09
C23 I7D KC . 4.95 36.38 32.39
C24 I7D KC . 3.63 36.71 31.81
C25 I7D KC . 6.02 37.27 32.18
C26 I7D KC . 6.13 38.32 31.29
C27 I7D KC . 7.24 39.13 31.14
C28 I7D KC . 7.52 40.10 30.15
C29 I7D KC . 6.54 40.29 29.06
C2M I7D KC . 17.57 43.15 28.84
C30 I7D KC . 8.70 40.87 30.14
C31 I7D KC . 9.22 41.64 29.12
C32 I7D KC . 10.34 42.55 29.22
C33 I7D KC . 10.97 43.14 28.21
C34 I7D KC . 10.80 42.76 26.77
C35 I7D KC . 11.96 44.26 28.49
C36 I7D KC . 13.36 43.91 28.13
C37 I7D KC . 14.34 45.03 28.44
C38 I7D KC . 15.83 44.73 28.15
C39 I7D KC . 16.71 45.91 28.53
C40 I7D KC . 16.03 44.34 26.70
C9 I7D KC . -1.19 23.35 34.49
O2 I7D KC . 16.24 43.61 28.95
O6 I7D KC . -3.24 20.46 34.71
MG BCL LC . -7.58 28.45 36.34
CHA BCL LC . -5.99 30.07 33.78
CHB BCL LC . -4.61 28.01 37.86
CHC BCL LC . -9.14 26.47 38.60
CHD BCL LC . -10.49 28.29 34.38
NA BCL LC . -5.70 29.08 36.01
C1A BCL LC . -5.26 29.77 35.02
C2A BCL LC . -3.84 30.23 35.16
C3A BCL LC . -3.38 29.45 36.36
C4A BCL LC . -4.65 28.80 36.80
CMA BCL LC . -2.37 28.38 35.97
CAA BCL LC . -3.76 31.73 35.37
CBA BCL LC . -2.38 32.23 35.02
CGA BCL LC . -1.62 32.42 36.30
O1A BCL LC . -2.21 32.74 37.31
O2A BCL LC . -0.18 32.22 36.37
NB BCL LC . -6.97 27.37 37.96
C1B BCL LC . -5.72 27.31 38.49
C2B BCL LC . -5.54 26.48 39.70
C3B BCL LC . -6.93 26.01 39.92
C4B BCL LC . -7.70 26.64 38.82
CMB BCL LC . -4.25 26.24 40.43
CAB BCL LC . -7.50 25.13 40.99
OBB BCL LC . -8.70 25.15 41.21
CBB BCL LC . -6.60 24.23 41.77
NC BCL LC . -9.43 27.68 36.56
C1C BCL LC . -9.86 26.97 37.60
C2C BCL LC . -11.31 26.67 37.59
C3C BCL LC . -11.70 27.15 36.23
C4C BCL LC . -10.43 27.75 35.74
CMC BCL LC . -11.55 25.18 37.71
CAC BCL LC . -12.80 28.19 36.28
CBC BCL LC . -14.18 27.55 36.26
ND BCL LC . -8.22 28.98 34.48
C1D BCL LC . -9.36 28.94 33.77
C2D BCL LC . -9.24 29.56 32.42
C3D BCL LC . -7.84 30.01 32.46
C4D BCL LC . -7.36 29.66 33.65
CMD BCL LC . -10.13 29.76 31.23
CAD BCL LC . -6.80 30.69 31.68
OBD BCL LC . -6.93 31.16 30.50
CBD BCL LC . -5.56 30.77 32.52
CGD BCL LC . -4.38 30.15 31.85
O1D BCL LC . -4.38 28.99 31.48
O2D BCL LC . -3.19 30.97 31.61
CED BCL LC . -1.93 30.33 31.45
C1 BCL LC . 0.33 31.81 37.63
C2 BCL LC . 1.26 30.63 37.46
C3 BCL LC . 2.09 30.32 38.46
C4 BCL LC . 2.08 31.12 39.72
C5 BCL LC . 3.03 29.14 38.32
C6 BCL LC . 2.22 27.86 38.29
C7 BCL LC . 2.87 26.73 39.07
C8 BCL LC . 4.38 26.77 39.05
C9 BCL LC . 4.94 26.11 37.80
C10 BCL LC . 4.91 26.09 40.31
C11 BCL LC . 6.09 26.85 40.91
C12 BCL LC . 7.40 26.13 40.62
C13 BCL LC . 8.52 26.66 41.50
C14 BCL LC . 8.05 26.93 42.92
C15 BCL LC . 9.09 27.94 40.88
C16 BCL LC . 9.96 27.61 39.67
C17 BCL LC . 9.93 28.75 38.66
C18 BCL LC . 11.33 29.26 38.35
C19 BCL LC . 12.01 29.75 39.62
C20 BCL LC . 11.32 30.34 37.28
MG BCL MC . -3.78 21.76 40.18
CHA BCL MC . -0.58 21.40 41.25
CHB BCL MC . -2.89 23.99 37.89
CHC BCL MC . -7.03 21.79 39.10
CHD BCL MC . -4.83 19.33 42.52
NA BCL MC . -2.03 22.59 39.65
C1A BCL MC . -0.87 22.38 40.17
C2A BCL MC . 0.19 23.32 39.63
C3A BCL MC . -0.56 24.11 38.59
C4A BCL MC . -1.93 23.53 38.70
CMA BCL MC . -0.60 25.59 38.93
CAA BCL MC . 1.47 22.69 39.07
CBA BCL MC . 1.25 21.96 37.75
CGA BCL MC . 2.50 22.03 36.89
O1A BCL MC . 2.42 21.89 35.68
O2A BCL MC . 3.81 22.25 37.47
NB BCL MC . -4.83 22.73 38.71
C1B BCL MC . -4.32 23.64 37.85
C2B BCL MC . -5.25 24.23 36.86
C3B BCL MC . -6.51 23.56 37.24
C4B BCL MC . -6.12 22.68 38.38
CMB BCL MC . -4.93 25.25 35.81
CAB BCL MC . -7.89 23.68 36.66
OBB BCL MC . -8.84 23.18 37.25
CBB BCL MC . -8.12 24.40 35.37
NC BCL MC . -5.53 20.97 40.79
C1C BCL MC . -6.74 21.16 40.22
C2C BCL MC . -7.87 20.55 40.98
C3C BCL MC . -7.18 20.14 42.24
C4C BCL MC . -5.76 20.19 41.79
CMC BCL MC . -8.99 21.55 41.25
CAC BCL MC . -7.59 18.75 42.72
CBC BCL MC . -7.68 17.73 41.61
ND BCL MC . -3.00 20.54 41.62
C1D BCL MC . -3.42 19.63 42.52
C2D BCL MC . -2.31 19.07 43.35
C3D BCL MC . -1.18 19.82 42.80
C4D BCL MC . -1.66 20.64 41.84
CMD BCL MC . -2.14 18.06 44.45
CAD BCL MC . 0.27 19.99 42.92
OBD BCL MC . 1.03 19.37 43.74
CBD BCL MC . 0.71 21.02 41.92
CGD BCL MC . 1.37 22.16 42.62
O1D BCL MC . 0.73 22.95 43.28
O2D BCL MC . 2.81 22.32 42.56
CED BCL MC . 3.41 23.50 43.05
C1 BCL MC . 4.96 21.65 36.86
C2 BCL MC . 5.78 22.66 36.07
C3 BCL MC . 6.81 23.30 36.64
C4 BCL MC . 7.17 23.04 38.07
C5 BCL MC . 7.65 24.28 35.86
C6 BCL MC . 9.08 23.76 35.81
C7 BCL MC . 10.11 24.87 36.06
C8 BCL MC . 11.42 24.55 35.37
C9 BCL MC . 12.31 23.68 36.25
C10 BCL MC . 12.13 25.83 34.96
C11 BCL MC . 11.75 26.26 33.55
C12 BCL MC . 11.97 25.12 32.56
C13 BCL MC . 11.70 25.58 31.12
C14 BCL MC . 12.61 26.73 30.74
C15 BCL MC . 10.22 25.97 30.97
C16 BCL MC . 9.28 24.83 31.34
C17 BCL MC . 9.13 23.80 30.21
C18 BCL MC . 7.91 24.08 29.33
C19 BCL MC . 6.80 24.82 30.07
C20 BCL MC . 7.37 22.78 28.74
P PGV NC . -14.96 15.75 31.80
C01 PGV NC . -11.24 12.67 30.49
C02 PGV NC . -11.89 14.01 30.21
C03 PGV NC . -13.36 13.98 30.63
C04 PGV NC . -16.72 13.79 31.48
C05 PGV NC . -17.78 13.04 32.28
O01 PGV NC . -11.81 14.23 28.80
O02 PGV NC . -10.63 16.18 29.19
O03 PGV NC . -9.91 12.74 29.99
O04 PGV NC . -9.74 10.46 29.73
O05 PGV NC . -18.89 13.91 32.53
O11 PGV NC . -13.56 14.95 31.67
O12 PGV NC . -16.01 14.65 32.36
O13 PGV NC . -14.77 16.81 32.86
O14 PGV NC . -15.42 16.16 30.43
C1 PGV NC . -10.84 15.25 28.43
C2 PGV NC . -10.14 15.14 27.10
C3 PGV NC . -9.06 16.22 26.94
C4 PGV NC . -8.07 15.82 25.85
C5 PGV NC . -6.94 16.84 25.72
C6 PGV NC . -5.90 16.35 24.71
C7 PGV NC . -4.98 17.48 24.26
C8 PGV NC . -3.76 17.61 25.18
C9 PGV NC . -2.93 18.83 24.79
C10 PGV NC . -1.70 18.97 25.67
C11 PGV NC . -1.14 20.38 25.57
C12 PGV NC . -1.01 21.09 26.68
C13 PGV NC . -0.46 22.50 26.62
C19 PGV NC . -9.17 11.53 29.71
C20 PGV NC . -7.69 11.62 29.39
C21 PGV NC . -7.53 12.31 28.04
C22 PGV NC . -6.29 13.20 28.01
C23 PGV NC . -5.02 12.41 28.31
C24 PGV NC . -3.81 13.32 28.14
C25 PGV NC . -2.53 12.71 28.70
C26 PGV NC . -1.48 13.79 28.88
C27 PGV NC . -0.15 13.20 29.33
C28 PGV NC . 0.54 12.49 28.18
C29 PGV NC . 0.83 13.48 27.06
MG BCL OC . 0.18 14.08 43.91
CHA BCL OC . 1.55 16.39 41.77
CHB BCL OC . 3.29 13.05 44.74
CHC BCL OC . -1.21 11.43 45.50
CHD BCL OC . -2.98 14.79 42.59
NA BCL OC . 2.06 14.68 43.48
C1A BCL OC . 2.42 15.64 42.70
C2A BCL OC . 3.89 15.93 42.72
C3A BCL OC . 4.44 14.75 43.47
C4A BCL OC . 3.18 14.10 43.94
CMA BCL OC . 5.20 13.81 42.56
CAA BCL OC . 4.14 17.24 43.44
CBA BCL OC . 5.45 17.86 42.95
CGA BCL OC . 6.49 17.68 44.02
O1A BCL OC . 6.20 17.84 45.19
O2A BCL OC . 7.85 17.32 43.68
NB BCL OC . 0.91 12.47 44.94
C1B BCL OC . 2.21 12.18 45.21
C2B BCL OC . 2.48 10.96 46.00
C3B BCL OC . 1.10 10.47 46.22
C4B BCL OC . 0.25 11.48 45.55
CMB BCL OC . 3.82 10.44 46.40
CAB BCL OC . 0.62 9.27 46.97
OBB BCL OC . -0.52 9.25 47.39
CBB BCL OC . 1.53 8.11 47.20
NC BCL OC . -1.68 13.38 44.17
C1C BCL OC . -2.01 12.33 44.92
C2C BCL OC . -3.49 12.14 45.08
C3C BCL OC . -4.03 13.16 44.14
C4C BCL OC . -2.78 13.80 43.65
CMC BCL OC . -3.88 10.74 44.63
CAC BCL OC . -4.91 14.19 44.82
CBC BCL OC . -6.37 13.85 44.64
ND BCL OC . -0.66 15.26 42.48
C1D BCL OC . -1.88 15.54 42.03
C2D BCL OC . -1.91 16.58 40.95
C3D BCL OC . -0.48 16.90 40.89
C4D BCL OC . 0.13 16.14 41.79
CMD BCL OC . -2.95 17.23 40.09
CAD BCL OC . 0.50 17.75 40.19
OBD BCL OC . 0.24 18.60 39.27
CBD BCL OC . 1.86 17.46 40.76
CGD BCL OC . 2.86 17.11 39.71
O1D BCL OC . 2.73 16.13 39.00
O2D BCL OC . 4.01 17.98 39.52
CED BCL OC . 5.04 17.62 38.62
C1 BCL OC . 8.63 16.72 44.71
C2 BCL OC . 8.64 15.23 44.51
C3 BCL OC . 9.37 14.44 45.30
C4 BCL OC . 10.19 15.05 46.40
C5 BCL OC . 9.38 12.95 45.09
C6 BCL OC . 10.22 12.65 43.86
C7 BCL OC . 11.28 11.60 44.18
C8 BCL OC . 12.58 11.90 43.43
C9 BCL OC . 12.30 11.95 41.93
C10 BCL OC . 13.64 10.87 43.80
C11 BCL OC . 14.13 10.10 42.57
C12 BCL OC . 15.64 9.95 42.53
C13 BCL OC . 16.37 11.28 42.44
C14 BCL OC . 15.84 12.16 41.32
C15 BCL OC . 17.86 11.02 42.24
C16 BCL OC . 18.42 10.18 43.36
C17 BCL OC . 19.27 11.03 44.29
C18 BCL OC . 19.05 10.66 45.75
C19 BCL OC . 17.59 10.37 46.03
C20 BCL OC . 19.58 11.75 46.67
C1 I7D PC . 0.50 7.95 38.68
O1 I7D PC . 0.84 6.78 37.91
C2 I7D PC . -0.87 8.40 38.19
C3 I7D PC . 0.45 7.49 40.12
C4 I7D PC . 1.55 9.05 38.48
C5 I7D PC . 2.77 8.98 39.38
C6 I7D PC . 3.87 8.07 38.85
C7 I7D PC . 5.30 8.47 38.78
C8 I7D PC . 6.22 7.48 38.20
C10 I7D PC . 6.99 10.19 39.27
C11 I7D PC . 7.35 11.43 39.77
C12 I7D PC . 8.61 12.05 39.82
C13 I7D PC . 9.80 11.30 39.35
C14 I7D PC . 8.79 13.36 40.28
C15 I7D PC . 9.95 14.12 40.38
C16 I7D PC . 10.02 15.45 40.73
C17 I7D PC . 11.13 16.30 40.78
C18 I7D PC . 12.48 15.71 40.63
C19 I7D PC . 11.03 17.70 40.94
C1M I7D PC . 0.77 6.86 36.50
C20 I7D PC . 12.02 18.65 40.87
C21 I7D PC . 11.99 20.03 40.85
C22 I7D PC . 13.03 20.92 40.69
C23 I7D PC . 12.99 22.31 40.50
C24 I7D PC . 11.69 23.01 40.55
C25 I7D PC . 14.15 23.07 40.26
C26 I7D PC . 14.30 24.38 39.87
C27 I7D PC . 15.52 24.99 39.70
C28 I7D PC . 15.85 26.28 39.26
C29 I7D PC . 14.76 27.18 38.80
C2M I7D PC . 24.68 27.48 36.30
C30 I7D PC . 17.17 26.75 39.22
C31 I7D PC . 17.68 27.96 38.83
C32 I7D PC . 19.08 28.32 38.90
C33 I7D PC . 19.68 29.46 38.54
C34 I7D PC . 18.96 30.60 37.88
C35 I7D PC . 21.15 29.66 38.78
C36 I7D PC . 21.96 29.72 37.53
C37 I7D PC . 23.46 29.82 37.79
C38 I7D PC . 24.37 29.91 36.57
C39 I7D PC . 25.83 30.01 36.97
C40 I7D PC . 23.97 31.06 35.67
C9 I7D PC . 5.71 9.67 39.23
O2 I7D PC . 24.23 28.72 35.76
O6 I7D PC . 3.54 6.95 38.47
MG BCL QC . 3.77 6.13 44.23
CHA BCL QC . 7.08 5.36 44.63
CHB BCL QC . 4.61 9.12 42.96
CHC BCL QC . 0.48 6.81 43.92
CHD BCL QC . 2.90 3.30 46.12
NA BCL QC . 5.50 7.03 43.73
C1A BCL QC . 6.70 6.57 43.87
C2A BCL QC . 7.76 7.44 43.28
C3A BCL QC . 7.00 8.69 42.96
C4A BCL QC . 5.59 8.26 43.22
CMA BCL QC . 7.38 9.86 43.86
CAA BCL QC . 8.38 6.86 42.02
CBA BCL QC . 9.46 7.81 41.56
CGA BCL QC . 10.04 7.36 40.24
O1A BCL QC . 9.38 7.39 39.22
O2A BCL QC . 11.41 6.90 40.18
NB BCL QC . 2.69 7.74 43.58
C1B BCL QC . 3.17 8.89 43.05
C2B BCL QC . 2.17 9.90 42.61
C3B BCL QC . 0.91 9.20 42.92
C4B BCL QC . 1.36 7.88 43.47
CMB BCL QC . 2.46 11.26 42.02
CAB BCL QC . -0.52 9.60 42.71
OBB BCL QC . -1.41 8.92 43.15
CBB BCL QC . -0.83 10.85 41.94
NC BCL QC . 2.08 5.33 44.93
C1C BCL QC . 0.84 5.80 44.68
C2C BCL QC . -0.25 5.03 45.38
C3C BCL QC . 0.56 4.17 46.30
C4C BCL QC . 1.93 4.32 45.71
CMC BCL QC . -1.16 5.95 46.18
CAC BCL QC . 0.09 2.72 46.27
CBC BCL QC . -0.05 2.19 44.87
ND BCL QC . 4.67 4.61 45.24
C1D BCL QC . 4.32 3.51 45.94
C2D BCL QC . 5.48 2.70 46.42
C3D BCL QC . 6.57 3.50 45.86
C4D BCL QC . 6.04 4.53 45.21
CMD BCL QC . 5.73 1.46 47.23
CAD BCL QC . 8.05 3.57 45.77
OBD BCL QC . 8.87 2.72 46.29
CBD BCL QC . 8.41 4.77 44.96
CGD BCL QC . 9.32 5.65 45.76
O1D BCL QC . 8.93 6.26 46.73
O2D BCL QC . 10.71 5.78 45.36
CED BCL QC . 11.54 6.77 45.97
C1 BCL QC . 12.05 6.85 38.91
C2 BCL QC . 12.76 8.16 38.64
C3 BCL QC . 13.93 8.42 39.23
C4 BCL QC . 14.55 7.41 40.15
C5 BCL QC . 14.64 9.72 38.96
C6 BCL QC . 15.86 9.46 38.10
C7 BCL QC . 17.15 9.60 38.92
C8 BCL QC . 18.36 9.20 38.08
C9 BCL QC . 18.78 7.77 38.37
C10 BCL QC . 19.51 10.17 38.34
C11 BCL QC . 19.91 10.91 37.07
C12 BCL QC . 18.74 11.70 36.50
C13 BCL QC . 18.93 11.99 35.02
C14 BCL QC . 20.27 12.69 34.77
C15 BCL QC . 17.76 12.82 34.48
C16 BCL QC . 16.66 11.95 33.89
C17 BCL QC . 15.63 11.53 34.94
C18 BCL QC . 14.21 11.62 34.40
C19 BCL QC . 13.19 11.48 35.53
C20 BCL QC . 13.97 10.58 33.31
C1B LMT RC . -6.13 -6.20 33.52
C2B LMT RC . -7.52 -5.58 33.54
C3B LMT RC . -8.47 -6.47 34.35
C4B LMT RC . -7.98 -6.63 35.79
C5B LMT RC . -6.46 -6.69 35.86
C6B LMT RC . -6.03 -7.65 36.94
O1B LMT RC . -5.12 -5.19 33.54
O2B LMT RC . -7.49 -4.25 34.09
O3B LMT RC . -8.54 -7.75 33.74
O4' LMT RC . -8.47 -5.54 36.60
O5B LMT RC . -5.93 -7.12 34.60
O6B LMT RC . -6.92 -7.52 38.05
C1' LMT RC . -3.15 -2.88 32.20
C2' LMT RC . -4.40 -3.40 31.50
C3' LMT RC . -4.30 -4.90 31.32
C4' LMT RC . -4.03 -5.53 32.68
C5' LMT RC . -2.73 -4.99 33.24
C6' LMT RC . -1.70 -6.10 33.34
O1' LMT RC . -2.59 -1.87 31.37
O2' LMT RC . -5.54 -3.11 32.31
O3' LMT RC . -3.20 -5.21 30.44
O5' LMT RC . -2.23 -3.95 32.39
O6' LMT RC . -0.94 -5.95 34.53
C1 LMT RC . -1.31 -1.43 31.79
C2 LMT RC . -0.83 -0.39 30.79
C3 LMT RC . 0.69 -0.28 30.78
C4 LMT RC . 1.14 0.68 29.69
C5 LMT RC . 0.45 2.03 29.86
C6 LMT RC . 1.45 3.16 29.63
C7 LMT RC . 2.68 2.95 30.51
C8 LMT RC . 3.81 3.87 30.08
C9 LMT RC . 5.15 3.21 30.37
C10 LMT RC . 5.27 1.89 29.62
MG BCL SC . 7.62 -2.29 44.48
CHA BCL SC . 8.92 0.51 43.02
CHB BCL SC . 10.65 -3.74 44.38
CHC BCL SC . 6.15 -5.22 45.38
CHD BCL SC . 4.38 -1.00 44.04
NA BCL SC . 9.46 -1.71 43.94
C1A BCL SC . 9.82 -0.56 43.46
C2A BCL SC . 11.31 -0.40 43.29
C3A BCL SC . 11.78 -1.81 43.46
C4A BCL SC . 10.56 -2.48 43.97
CMA BCL SC . 12.21 -2.44 42.15
CAA BCL SC . 11.92 0.53 44.32
CBA BCL SC . 13.35 0.89 43.92
CGA BCL SC . 14.33 0.01 44.66
O1A BCL SC . 14.17 -0.25 45.84
O2A BCL SC . 15.48 -0.56 43.97
NB BCL SC . 8.29 -4.21 44.81
C1B BCL SC . 9.56 -4.64 44.75
C2B BCL SC . 9.80 -6.07 45.06
C3B BCL SC . 8.42 -6.51 45.35
C4B BCL SC . 7.59 -5.29 45.18
CMB BCL SC . 11.12 -6.78 45.04
CAB BCL SC . 7.91 -7.86 45.76
OBB BCL SC . 6.82 -7.95 46.29
CBB BCL SC . 8.74 -9.08 45.51
NC BCL SC . 5.75 -2.93 44.84
C1C BCL SC . 5.40 -4.14 45.28
C2C BCL SC . 3.96 -4.27 45.67
C3C BCL SC . 3.40 -2.97 45.15
C4C BCL SC . 4.63 -2.28 44.68
CMC BCL SC . 3.32 -5.44 44.96
CAC BCL SC . 2.72 -2.15 46.23
CBC BCL SC . 1.30 -2.62 46.46
ND BCL SC . 6.71 -0.65 43.70
C1D BCL SC . 5.48 -0.17 43.57
C2D BCL SC . 5.41 1.17 42.93
C3D BCL SC . 6.84 1.42 42.72
C4D BCL SC . 7.49 0.35 43.19
CMD BCL SC . 4.34 2.14 42.53
CAD BCL SC . 7.80 2.40 42.18
OBD BCL SC . 7.50 3.52 41.66
CBD BCL SC . 9.19 1.84 42.36
CGD BCL SC . 9.89 1.73 41.05
O1D BCL SC . 9.42 1.10 40.13
O2D BCL SC . 11.17 2.38 40.87
CED BCL SC . 11.95 2.08 39.72
C1 BCL SC . 16.06 -1.77 44.46
C2 BCL SC . 16.07 -2.80 43.35
C3 BCL SC . 17.22 -3.12 42.73
C4 BCL SC . 18.49 -2.45 43.14
C5 BCL SC . 17.24 -4.14 41.62
C6 BCL SC . 17.68 -5.51 42.13
C7 BCL SC . 18.35 -6.31 41.02
C8 BCL SC . 19.83 -6.00 40.95
C9 BCL SC . 20.17 -5.18 39.71
C10 BCL SC . 20.61 -7.31 40.97
C11 BCL SC . 21.70 -7.31 42.03
C12 BCL SC . 22.99 -6.73 41.47
C13 BCL SC . 24.11 -7.76 41.52
C14 BCL SC . 24.74 -7.81 42.91
C15 BCL SC . 25.15 -7.41 40.45
C16 BCL SC . 25.84 -6.08 40.74
C17 BCL SC . 25.97 -5.26 39.46
C18 BCL SC . 26.57 -3.88 39.70
C19 BCL SC . 26.22 -3.35 41.08
C20 BCL SC . 26.13 -2.90 38.62
C1 I7D TC . 6.41 -6.27 37.18
O1 I7D TC . 6.54 -7.40 36.29
C2 I7D TC . 6.66 -5.00 36.39
C3 I7D TC . 5.00 -6.31 37.72
C4 I7D TC . 7.43 -6.44 38.32
C5 I7D TC . 8.81 -5.85 38.09
C6 I7D TC . 9.69 -6.63 37.15
C7 I7D TC . 11.14 -6.35 36.98
C8 I7D TC . 11.88 -7.21 36.02
C10 I7D TC . 13.05 -4.98 37.70
C11 I7D TC . 13.54 -3.94 38.45
C12 I7D TC . 14.86 -3.47 38.55
C13 I7D TC . 15.94 -4.22 37.88
C14 I7D TC . 15.19 -2.32 39.29
C15 I7D TC . 16.41 -1.71 39.45
C16 I7D TC . 16.63 -0.56 40.18
C17 I7D TC . 17.83 0.13 40.40
C18 I7D TC . 19.10 -0.51 40.01
C19 I7D TC . 17.88 1.41 40.97
C1M I7D TC . 5.66 -7.49 35.19
C20 I7D TC . 18.97 2.23 41.15
C21 I7D TC . 19.08 3.57 41.51
C22 I7D TC . 20.20 4.35 41.58
C23 I7D TC . 20.32 5.74 41.76
C24 I7D TC . 19.10 6.53 42.04
C25 I7D TC . 21.55 6.41 41.66
C26 I7D TC . 21.82 7.76 41.62
C27 I7D TC . 23.09 8.26 41.46
C28 I7D TC . 23.54 9.59 41.37
C29 I7D TC . 22.54 10.68 41.32
C2M I7D TC . 32.00 15.81 39.17
C30 I7D TC . 24.91 9.92 41.32
C31 I7D TC . 25.50 11.15 41.12
C32 I7D TC . 26.91 11.44 41.24
C33 I7D TC . 27.51 12.58 40.93
C34 I7D TC . 26.82 13.72 40.24
C35 I7D TC . 28.98 12.79 41.24
C36 I7D TC . 29.81 13.04 40.03
C37 I7D TC . 31.28 13.19 40.34
C38 I7D TC . 32.22 13.37 39.14
C39 I7D TC . 32.03 12.25 38.13
C40 I7D TC . 33.67 13.49 39.57
C9 I7D TC . 11.73 -5.37 37.69
O2 I7D TC . 31.87 14.59 38.45
O6 I7D TC . 9.18 -7.55 36.49
MG BCL UC . 10.34 -10.05 41.82
CHA BCL UC . 13.48 -11.17 41.26
CHB BCL UC . 11.27 -6.91 41.34
CHC BCL UC . 7.07 -9.16 42.19
CHD BCL UC . 9.35 -13.32 42.73
NA BCL UC . 12.05 -9.16 41.30
C1A BCL UC . 13.18 -9.73 41.06
C2A BCL UC . 14.25 -8.77 40.63
C3A BCL UC . 13.60 -7.44 40.89
C4A BCL UC . 12.20 -7.84 41.20
CMA BCL UC . 14.22 -6.72 42.08
CAA BCL UC . 14.64 -8.92 39.16
CBA BCL UC . 16.09 -8.52 39.01
CGA BCL UC . 16.41 -8.15 37.58
O1A BCL UC . 15.55 -8.13 36.73
O2A BCL UC . 17.78 -7.81 37.20
NB BCL UC . 9.29 -8.30 41.79
C1B BCL UC . 9.82 -7.08 41.56
C2B BCL UC . 8.87 -5.93 41.58
C3B BCL UC . 7.60 -6.63 41.82
C4B BCL UC . 7.99 -8.05 41.94
CMB BCL UC . 9.20 -4.47 41.36
CAB BCL UC . 6.21 -6.09 41.97
OBB BCL UC . 5.38 -6.73 42.57
CBB BCL UC . 5.85 -4.77 41.35
NC BCL UC . 8.65 -10.94 42.47
C1C BCL UC . 7.44 -10.37 42.57
C2C BCL UC . 6.39 -11.23 43.19
C3C BCL UC . 7.22 -12.39 43.65
C4C BCL UC . 8.49 -12.15 42.89
CMC BCL UC . 5.72 -10.55 44.37
CAC BCL UC . 6.60 -13.73 43.27
CBC BCL UC . 6.08 -13.77 41.85
ND BCL UC . 11.12 -11.93 42.01
C1D BCL UC . 10.72 -13.17 42.36
C2D BCL UC . 11.82 -14.18 42.27
C3D BCL UC . 12.92 -13.31 41.83
C4D BCL UC . 12.44 -12.08 41.70
CMD BCL UC . 12.03 -15.65 42.52
CAD BCL UC . 14.35 -13.33 41.47
OBD BCL UC . 15.12 -14.35 41.48
CBD BCL UC . 14.75 -11.94 41.08
CGD BCL UC . 15.91 -11.47 41.92
O1D BCL UC . 15.77 -11.21 43.10
O2D BCL UC . 17.22 -11.36 41.31
CED BCL UC . 18.28 -10.74 42.01
C1 BCL UC . 18.12 -7.63 35.84
C2 BCL UC . 19.13 -6.52 35.68
C3 BCL UC . 20.42 -6.72 36.01
C4 BCL UC . 20.85 -8.05 36.54
C5 BCL UC . 21.43 -5.61 35.85
C6 BCL UC . 22.68 -5.95 36.66
C7 BCL UC . 23.89 -5.12 36.25
C8 BCL UC . 24.32 -5.41 34.82
C9 BCL UC . 24.59 -6.90 34.61
C10 BCL UC . 25.56 -4.58 34.49
C11 BCL UC . 25.35 -3.72 33.25
C12 BCL UC . 24.07 -2.92 33.33
C13 BCL UC . 23.58 -2.53 31.93
C14 BCL UC . 24.61 -1.68 31.21
C15 BCL UC . 22.25 -1.79 32.05
C16 BCL UC . 21.14 -2.69 32.59
C17 BCL UC . 19.95 -1.86 33.04
C18 BCL UC . 18.63 -2.55 32.73
C19 BCL UC . 18.30 -3.61 33.76
C20 BCL UC . 18.62 -3.13 31.31
P PGV VC . -3.69 -9.95 34.68
C01 PGV VC . -2.35 -11.86 31.38
C02 PGV VC . -1.41 -10.69 31.64
C03 PGV VC . -2.13 -9.72 32.58
C04 PGV VC . -4.37 -12.49 34.42
C05 PGV VC . -4.94 -13.65 35.22
C06 PGV VC . -6.45 -13.48 35.38
O01 PGV VC . -1.14 -10.03 30.40
O02 PGV VC . 1.11 -10.52 30.67
O03 PGV VC . -3.52 -11.35 30.75
O04 PGV VC . -4.87 -13.13 31.33
O05 PGV VC . -4.34 -13.69 36.52
O06 PGV VC . -7.07 -13.59 34.09
O11 PGV VC . -2.36 -10.31 33.84
O12 PGV VC . -4.21 -11.35 35.27
O13 PGV VC . -3.27 -9.09 35.85
O14 PGV VC . -4.72 -9.42 33.72
C1 PGV VC . 0.27 -9.81 30.13
C2 PGV VC . 0.70 -8.73 29.17
C3 PGV VC . 2.14 -8.93 28.74
C4 PGV VC . 2.46 -8.03 27.55
C5 PGV VC . 3.85 -8.30 26.99
C6 PGV VC . 3.97 -7.77 25.56
C7 PGV VC . 5.39 -7.94 25.03
C8 PGV VC . 5.50 -7.40 23.60
C19 PGV VC . -4.80 -12.01 30.85
C20 PGV VC . -6.04 -11.28 30.37
C21 PGV VC . -5.71 -9.81 30.22
C22 PGV VC . -5.10 -9.50 28.85
C23 PGV VC . -4.19 -8.29 28.91
C24 PGV VC . -3.21 -8.31 27.75
C25 PGV VC . -2.28 -7.11 27.76
C26 PGV VC . -1.54 -7.00 26.43
C27 PGV VC . -0.58 -5.83 26.40
C28 PGV VC . -0.06 -5.58 24.99
C29 PGV VC . 1.00 -4.48 24.97
C30 PGV VC . 1.35 -4.09 23.55
C31 PGV VC . 2.61 -3.23 23.50
C32 PGV VC . 2.44 -1.95 24.31
C1 I7D WC . 10.40 -19.94 30.49
O1 I7D WC . 10.46 -20.56 29.18
C2 I7D WC . 10.65 -18.45 30.32
C3 I7D WC . 8.98 -20.19 31.00
C4 I7D WC . 11.43 -20.58 31.43
C5 I7D WC . 12.86 -20.08 31.31
C6 I7D WC . 13.61 -20.64 30.13
C7 I7D WC . 15.06 -20.42 29.88
C8 I7D WC . 15.62 -21.04 28.66
C10 I7D WC . 17.18 -19.43 30.65
C11 I7D WC . 17.90 -18.69 31.57
C12 I7D WC . 19.27 -18.37 31.57
C13 I7D WC . 20.14 -18.96 30.53
C14 I7D WC . 19.83 -17.51 32.52
C15 I7D WC . 21.15 -17.08 32.63
C16 I7D WC . 21.59 -16.17 33.57
C17 I7D WC . 22.88 -15.65 33.75
C18 I7D WC . 23.99 -16.19 32.92
C19 I7D WC . 23.17 -14.62 34.66
C1M I7D WC . 9.51 -20.19 28.20
C20 I7D WC . 24.36 -13.96 34.88
C21 I7D WC . 24.65 -12.85 35.65
C22 I7D WC . 25.86 -12.20 35.82
C23 I7D WC . 26.13 -10.95 36.41
C24 I7D WC . 25.02 -10.24 37.10
C25 I7D WC . 27.40 -10.34 36.35
C26 I7D WC . 27.75 -9.03 36.56
C27 I7D WC . 29.04 -8.53 36.50
C28 I7D WC . 29.48 -7.20 36.53
C29 I7D WC . 28.48 -6.12 36.42
C2M I7D WC . 39.28 -3.97 33.22
C30 I7D WC . 30.84 -6.83 36.59
C31 I7D WC . 31.42 -5.60 36.34
C32 I7D WC . 32.76 -5.12 36.61
C33 I7D WC . 33.22 -3.96 36.20
C34 I7D WC . 32.66 -3.23 35.00
C35 I7D WC . 34.34 -3.26 36.91
C36 I7D WC . 35.68 -3.87 36.71
C37 I7D WC . 36.14 -3.86 35.25
C38 I7D WC . 37.65 -3.71 35.02
C39 I7D WC . 38.45 -4.65 35.90
C40 I7D WC . 38.08 -2.27 35.22
C9 I7D WC . 15.82 -19.68 30.72
O2 I7D WC . 37.94 -4.04 33.65
O6 I7D WC . 12.98 -21.33 29.33
MG BCL XC . 13.02 -18.49 38.71
CHA BCL XC . 14.34 -15.43 37.95
CHB BCL XC . 15.86 -19.94 37.63
CHC BCL XC . 11.46 -21.50 38.92
CHD BCL XC . 9.90 -16.96 39.26
NA BCL XC . 14.79 -17.84 38.06
C1A BCL XC . 15.19 -16.62 37.90
C2A BCL XC . 16.64 -16.46 37.55
C3A BCL XC . 17.03 -17.88 37.25
C4A BCL XC . 15.82 -18.63 37.67
CMA BCL XC . 17.28 -18.08 35.76
CAA BCL XC . 17.41 -15.88 38.72
CBA BCL XC . 18.77 -15.37 38.26
CGA BCL XC . 19.80 -16.36 38.70
O1A BCL XC . 19.64 -17.01 39.72
O2A BCL XC . 21.01 -16.58 37.92
NB BCL XC . 13.55 -20.43 38.31
C1B BCL XC . 14.75 -20.88 37.90
C2B BCL XC . 14.91 -22.34 37.71
C3B BCL XC . 13.57 -22.81 38.10
C4B BCL XC . 12.84 -21.56 38.47
CMB BCL XC . 16.14 -23.05 37.24
CAB BCL XC . 13.01 -24.19 38.17
OBB BCL XC . 12.05 -24.42 38.87
CBB BCL XC . 13.63 -25.30 37.36
NC BCL XC . 11.16 -19.12 39.15
C1C BCL XC . 10.76 -20.41 39.24
C2C BCL XC . 9.37 -20.59 39.73
C3C BCL XC . 8.88 -19.17 39.78
C4C BCL XC . 10.11 -18.42 39.38
CMC BCL XC . 8.56 -21.40 38.74
CAC BCL XC . 8.44 -18.75 41.16
CBC BCL XC . 6.93 -18.89 41.31
ND BCL XC . 12.17 -16.65 38.62
C1D BCL XC . 10.98 -16.09 38.87
C2D BCL XC . 10.94 -14.60 38.68
C3D BCL XC . 12.35 -14.38 38.30
C4D BCL XC . 12.95 -15.57 38.31
CMD BCL XC . 9.94 -13.50 38.78
CAD BCL XC . 13.31 -13.33 37.91
OBD BCL XC . 13.06 -12.08 37.82
CBD BCL XC . 14.65 -13.97 37.70
CGD BCL XC . 15.24 -13.67 36.35
O1D BCL XC . 14.75 -14.09 35.33
O2D BCL XC . 16.42 -12.84 36.28
CED BCL XC . 17.14 -12.74 35.06
C1 BCL XC . 21.61 -17.86 38.03
C2 BCL XC . 21.25 -18.64 36.79
C3 BCL XC . 22.12 -19.49 36.23
C4 BCL XC . 23.48 -19.66 36.83
C5 BCL XC . 21.73 -20.26 35.00
C6 BCL XC . 22.99 -20.57 34.21
C7 BCL XC . 22.67 -20.98 32.78
C8 BCL XC . 23.96 -21.27 32.03
C9 BCL XC . 24.23 -20.18 31.02
C10 BCL XC . 23.87 -22.65 31.39
C11 BCL XC . 24.72 -23.65 32.16
C12 BCL XC . 26.15 -23.14 32.31
C13 BCL XC . 27.16 -24.26 32.10
C14 BCL XC . 27.13 -25.26 33.24
C15 BCL XC . 28.56 -23.65 31.97
C16 BCL XC . 28.74 -22.86 30.68
C17 BCL XC . 28.80 -21.36 30.95
C18 BCL XC . 30.10 -20.74 30.45
C19 BCL XC . 31.30 -21.63 30.79
C20 BCL XC . 30.30 -19.34 31.00
MG BCL YC . 14.38 -25.17 33.51
CHA BCL YC . 17.32 -26.37 32.28
CHB BCL YC . 15.65 -22.09 33.69
CHC BCL YC . 11.40 -24.12 34.76
CHD BCL YC . 13.16 -28.49 33.74
NA BCL YC . 16.14 -24.34 33.02
C1A BCL YC . 17.16 -24.91 32.50
C2A BCL YC . 18.29 -23.98 32.20
C3A BCL YC . 17.86 -22.72 32.90
C4A BCL YC . 16.44 -23.06 33.24
CMA BCL YC . 18.67 -22.47 34.16
CAA BCL YC . 18.47 -23.72 30.71
CBA BCL YC . 19.91 -23.34 30.47
CGA BCL YC . 20.07 -22.72 29.11
O1A BCL YC . 19.11 -22.30 28.50
O2A BCL YC . 21.40 -22.59 28.52
NB BCL YC . 13.62 -23.38 34.17
C1B BCL YC . 14.26 -22.20 34.16
C2B BCL YC . 13.50 -21.01 34.66
C3B BCL YC . 12.20 -21.65 34.97
C4B BCL YC . 12.40 -23.08 34.62
CMB BCL YC . 14.00 -19.60 34.76
CAB BCL YC . 10.93 -21.05 35.52
OBB BCL YC . 10.02 -21.79 35.84
CBB BCL YC . 10.78 -19.57 35.65
NC BCL YC . 12.67 -26.06 34.10
C1C BCL YC . 11.59 -25.42 34.60
C2C BCL YC . 10.46 -26.31 35.00
C3C BCL YC . 10.99 -27.65 34.61
C4C BCL YC . 12.36 -27.31 34.12
CMC BCL YC . 10.20 -26.25 36.50
CAC BCL YC . 10.14 -28.24 33.48
CBC BCL YC . 9.93 -29.73 33.67
ND BCL YC . 14.99 -27.09 33.17
C1D BCL YC . 14.51 -28.34 33.23
C2D BCL YC . 15.48 -29.39 32.77
C3D BCL YC . 16.60 -28.53 32.40
C4D BCL YC . 16.24 -27.27 32.63
CMD BCL YC . 15.55 -30.89 32.61
CAD BCL YC . 17.96 -28.57 31.85
OBD BCL YC . 18.60 -29.63 31.52
CBD BCL YC . 18.48 -27.17 31.76
CGD BCL YC . 19.72 -27.04 32.59
O1D BCL YC . 19.69 -27.20 33.79
O2D BCL YC . 20.99 -26.73 31.95
CED BCL YC . 22.07 -26.24 32.74
C1 BCL YC . 21.57 -22.00 27.24
C2 BCL YC . 22.60 -20.90 27.32
C3 BCL YC . 23.91 -21.20 27.40
C4 BCL YC . 24.35 -22.63 27.44
C5 BCL YC . 24.94 -20.10 27.48
C6 BCL YC . 26.28 -20.70 27.91
C7 BCL YC . 27.42 -19.70 27.77
C8 BCL YC . 27.95 -19.65 26.34
C9 BCL YC . 28.04 -21.04 25.72
C10 BCL YC . 29.32 -18.97 26.35
C11 BCL YC . 29.34 -17.70 25.52
C12 BCL YC . 27.98 -17.02 25.46
C13 BCL YC . 27.89 -16.10 24.25
C14 BCL YC . 28.29 -14.67 24.61
C15 BCL YC . 26.47 -16.15 23.68
C16 BCL YC . 25.45 -15.65 24.68
C17 BCL YC . 24.02 -15.80 24.13
C18 BCL YC . 22.99 -15.69 25.26
C19 BCL YC . 23.34 -16.62 26.41
C20 BCL YC . 21.58 -15.96 24.74
MG BCL ZC . 15.62 -32.57 27.80
CHA BCL ZC . 17.28 -29.57 27.83
CHB BCL ZC . 18.02 -33.85 25.82
CHC BCL ZC . 13.69 -35.32 27.41
CHD BCL ZC . 12.86 -31.00 29.30
NA BCL ZC . 17.38 -31.92 27.10
C1A BCL ZC . 17.93 -30.76 27.26
C2A BCL ZC . 19.33 -30.65 26.75
C3A BCL ZC . 19.47 -31.92 25.95
C4A BCL ZC . 18.21 -32.63 26.31
CMA BCL ZC . 19.53 -31.65 24.45
CAA BCL ZC . 20.32 -30.58 27.89
CBA BCL ZC . 21.65 -30.02 27.41
CGA BCL ZC . 22.64 -31.15 27.35
O1A BCL ZC . 22.61 -32.04 28.17
O2A BCL ZC . 23.65 -31.20 26.31
NB BCL ZC . 15.80 -34.31 26.75
C1B BCL ZC . 16.86 -34.71 26.01
C2B BCL ZC . 16.75 -36.04 25.37
C3B BCL ZC . 15.43 -36.48 25.85
C4B BCL ZC . 14.97 -35.36 26.70
CMB BCL ZC . 17.78 -36.69 24.48
CAB BCL ZC . 14.68 -37.77 25.62
OBB BCL ZC . 13.78 -38.08 26.37
CBB BCL ZC . 15.05 -38.63 24.45
NC BCL ZC . 13.77 -33.13 28.35
C1C BCL ZC . 13.22 -34.33 28.15
C2C BCL ZC . 11.90 -34.53 28.82
C3C BCL ZC . 11.61 -33.15 29.30
C4C BCL ZC . 12.87 -32.43 28.95
CMC BCL ZC . 10.84 -34.97 27.81
CAC BCL ZC . 11.39 -33.08 30.81
CBC BCL ZC . 9.96 -33.40 31.17
ND BCL ZC . 15.06 -30.72 28.44
C1D BCL ZC . 14.00 -30.16 29.05
C2D BCL ZC . 14.15 -28.71 29.33
C3D BCL ZC . 15.52 -28.51 28.81
C4D BCL ZC . 15.95 -29.68 28.36
CMD BCL ZC . 13.32 -27.63 29.94
CAD BCL ZC . 16.57 -27.49 28.62
OBD BCL ZC . 16.50 -26.25 28.96
CBD BCL ZC . 17.75 -28.15 28.00
CGD BCL ZC . 18.17 -27.47 26.73
O1D BCL ZC . 17.41 -27.35 25.79
O2D BCL ZC . 19.51 -26.92 26.63
CED BCL ZC . 19.99 -26.48 25.37
C1 BCL ZC . 24.10 -32.48 25.90
C2 BCL ZC . 23.48 -32.81 24.57
C3 BCL ZC . 24.14 -33.57 23.69
C4 BCL ZC . 25.49 -34.11 24.05
C5 BCL ZC . 23.52 -33.90 22.35
C6 BCL ZC . 24.62 -33.80 21.30
C7 BCL ZC . 24.05 -34.05 19.91
C8 BCL ZC . 25.17 -34.01 18.88
C9 BCL ZC . 25.20 -32.67 18.16
C10 BCL ZC . 25.00 -35.17 17.89
C11 BCL ZC . 26.14 -36.16 18.03
C12 BCL ZC . 27.46 -35.49 17.70
C13 BCL ZC . 28.41 -36.41 16.95
C14 BCL ZC . 28.55 -37.75 17.66
C15 BCL ZC . 29.75 -35.71 16.81
C16 BCL ZC . 29.57 -34.37 16.12
C17 BCL ZC . 30.90 -33.66 15.87
C18 BCL ZC . 31.09 -32.46 16.81
C19 BCL ZC . 31.66 -31.27 16.05
C20 BCL ZC . 31.98 -32.83 17.98
C1 I7D AD . 12.21 -30.90 20.19
O1 I7D AD . 12.07 -30.96 18.76
C2 I7D AD . 12.65 -29.49 20.56
C3 I7D AD . 10.84 -31.21 20.78
C4 I7D AD . 13.25 -31.94 20.66
C5 I7D AD . 14.70 -31.54 20.49
C6 I7D AD . 15.24 -31.75 19.10
C7 I7D AD . 16.68 -31.57 18.75
C8 I7D AD . 17.03 -31.76 17.32
C10 I7D AD . 18.96 -31.08 19.49
C11 I7D AD . 19.89 -30.73 20.43
C12 I7D AD . 21.27 -30.52 20.28
C13 I7D AD . 21.88 -30.72 18.95
C14 I7D AD . 22.10 -30.13 21.34
C15 I7D AD . 23.44 -29.84 21.34
C16 I7D AD . 24.16 -29.38 22.43
C17 I7D AD . 25.51 -28.99 22.51
C18 I7D AD . 26.39 -29.22 21.33
C19 I7D AD . 26.05 -28.38 23.64
C1M I7D AD . 11.09 -30.17 18.14
C20 I7D AD . 27.33 -27.91 23.83
C21 I7D AD . 27.86 -27.14 24.86
C22 I7D AD . 29.14 -26.66 25.01
C23 I7D AD . 29.61 -25.67 25.89
C24 I7D AD . 28.67 -25.10 26.89
C25 I7D AD . 30.92 -25.16 25.82
C26 I7D AD . 31.46 -24.05 26.41
C27 I7D AD . 32.78 -23.67 26.25
C28 I7D AD . 33.45 -22.52 26.68
C29 I7D AD . 32.67 -21.47 27.39
C2M I7D AD . 41.56 -18.33 21.65
C30 I7D AD . 34.81 -22.33 26.47
C31 I7D AD . 35.61 -21.24 26.77
C32 I7D AD . 37.03 -21.15 26.53
C33 I7D AD . 37.83 -20.12 26.77
C34 I7D AD . 37.34 -18.80 27.27
C35 I7D AD . 39.31 -20.24 26.54
C36 I7D AD . 39.81 -19.33 25.47
C37 I7D AD . 41.30 -19.47 25.21
C38 I7D AD . 41.87 -18.61 24.08
C39 I7D AD . 43.36 -18.87 23.88
C40 I7D AD . 41.59 -17.14 24.30
C9 I7D AD . 17.61 -31.26 19.66
O2 I7D AD . 41.19 -18.98 22.85
O6 I7D AD . 14.45 -32.08 18.22
MG BCL BD . 15.45 -37.38 20.70
CHA BCL BD . 17.89 -38.11 18.46
CHB BCL BD . 17.00 -34.60 21.64
CHC BCL BD . 12.70 -36.61 22.56
CHD BCL BD . 13.70 -40.28 19.71
NA BCL BD . 17.16 -36.51 20.19
C1A BCL BD . 18.02 -36.89 19.30
C2A BCL BD . 19.23 -36.01 19.20
C3A BCL BD . 19.01 -35.04 20.33
C4A BCL BD . 17.63 -35.39 20.76
CMA BCL BD . 20.00 -35.26 21.47
CAA BCL BD . 19.30 -35.28 17.87
CBA BCL BD . 20.63 -34.52 17.79
CGA BCL BD . 20.75 -33.81 16.48
O1A BCL BD . 19.93 -32.97 16.13
O2A BCL BD . 21.88 -34.09 15.59
NB BCL BD . 14.89 -35.83 21.91
C1B BCL BD . 15.66 -34.76 22.21
C2B BCL BD . 15.06 -33.75 23.13
C3B BCL BD . 13.76 -34.38 23.41
C4B BCL BD . 13.79 -35.63 22.62
CMB BCL BD . 15.71 -32.48 23.60
CAB BCL BD . 12.61 -33.91 24.26
OBB BCL BD . 11.66 -34.64 24.45
CBB BCL BD . 12.63 -32.54 24.88
NC BCL BD . 13.73 -38.31 21.22
C1C BCL BD . 12.78 -37.82 22.04
C2C BCL BD . 11.69 -38.79 22.36
C3C BCL BD . 12.21 -40.02 21.71
C4C BCL BD . 13.31 -39.46 20.85
CMC BCL BD . 11.51 -38.97 23.85
CAC BCL BD . 11.15 -40.73 20.88
CBC BCL BD . 10.39 -39.79 19.96
ND BCL BD . 15.61 -38.93 19.39
C1D BCL BD . 14.95 -40.04 19.03
C2D BCL BD . 15.63 -40.83 17.96
C3D BCL BD . 16.81 -40.00 17.77
C4D BCL BD . 16.74 -38.97 18.61
CMD BCL BD . 15.39 -42.10 17.17
CAD BCL BD . 18.06 -39.90 16.98
OBD BCL BD . 18.44 -40.74 16.09
CBD BCL BD . 18.79 -38.68 17.40
CGD BCL BD . 20.14 -39.06 17.92
O1D BCL BD . 20.26 -39.73 18.93
O2D BCL BD . 21.33 -38.66 17.20
CED BCL BD . 22.62 -38.89 17.76
C1 BCL BD . 22.03 -33.37 14.38
C2 BCL BD . 22.97 -32.21 14.59
C3 BCL BD . 24.29 -32.40 14.61
C4 BCL BD . 24.85 -33.78 14.43
C5 BCL BD . 25.23 -31.24 14.82
C6 BCL BD . 25.99 -30.99 13.53
C7 BCL BD . 27.45 -31.43 13.63
C8 BCL BD . 28.27 -30.85 12.48
C9 BCL BD . 28.51 -31.91 11.42
C10 BCL BD . 29.58 -30.29 13.01
C11 BCL BD . 29.71 -28.80 12.71
C12 BCL BD . 28.48 -28.02 13.18
C13 BCL BD . 28.35 -26.70 12.41
C14 BCL BD . 29.69 -25.98 12.35
C15 BCL BD . 27.29 -25.83 13.06
C16 BCL BD . 25.88 -26.16 12.59
C17 BCL BD . 25.10 -26.94 13.64
C18 BCL BD . 23.97 -26.10 14.24
C19 BCL BD . 23.38 -26.77 15.47
C20 BCL BD . 22.90 -25.79 13.19
C1 I7D CD . 10.27 -37.45 6.84
O1 I7D CD . 9.83 -37.14 5.50
C2 I7D CD . 10.90 -36.19 7.42
C3 I7D CD . 9.03 -37.86 7.61
C4 I7D CD . 11.29 -38.60 6.81
C5 I7D CD . 12.72 -38.24 6.47
C6 I7D CD . 12.99 -38.10 4.99
C7 I7D CD . 14.35 -37.93 4.41
C8 I7D CD . 14.41 -37.59 2.97
C10 I7D CD . 16.79 -37.97 4.75
C11 I7D CD . 17.91 -38.12 5.55
C12 I7D CD . 19.27 -38.01 5.23
C13 I7D CD . 19.65 -37.74 3.83
C14 I7D CD . 20.29 -38.13 6.19
C15 I7D CD . 21.65 -37.97 6.05
C16 I7D CD . 22.57 -38.00 7.09
C17 I7D CD . 23.96 -37.76 7.07
C18 I7D CD . 24.62 -37.58 5.76
C19 I7D CD . 24.73 -37.68 8.23
C1M I7D CD . 8.81 -36.18 5.33
C20 I7D CD . 26.07 -37.35 8.35
C21 I7D CD . 26.86 -37.05 9.45
C22 I7D CD . 28.18 -36.68 9.48
C23 I7D CD . 28.94 -36.14 10.54
C24 I7D CD . 28.30 -36.03 11.88
C25 I7D CD . 30.25 -35.68 10.38
C26 I7D CD . 31.07 -34.97 11.23
C27 I7D CD . 32.33 -34.53 10.89
C28 I7D CD . 33.27 -33.80 11.62
C29 I7D CD . 32.93 -33.35 12.98
C2M I7D CD . 44.24 -30.58 9.21
C30 I7D CD . 34.54 -33.49 11.09
C31 I7D CD . 35.60 -32.81 11.66
C32 I7D CD . 36.88 -32.64 11.01
C33 I7D CD . 37.99 -32.07 11.44
C34 I7D CD . 38.10 -31.30 12.73
C35 I7D CD . 39.24 -32.14 10.60
C36 I7D CD . 40.37 -31.30 11.11
C37 I7D CD . 41.62 -31.37 10.24
C38 I7D CD . 41.80 -30.27 9.19
C39 I7D CD . 41.93 -28.91 9.85
C40 I7D CD . 40.71 -30.28 8.14
C9 I7D CD . 15.47 -38.06 5.15
O2 I7D CD . 43.03 -30.53 8.48
O6 I7D CD . 12.02 -38.12 4.24
MG BCL DD . 14.62 -42.07 12.52
CHA BCL DD . 16.73 -39.46 13.23
CHB BCL DD . 16.48 -42.81 9.81
CHC BCL DD . 12.23 -44.30 11.60
CHD BCL DD . 12.41 -40.91 14.98
NA BCL DD . 16.34 -41.38 11.74
C1A BCL DD . 17.09 -40.42 12.17
C2A BCL DD . 18.37 -40.25 11.42
C3A BCL DD . 18.17 -41.15 10.24
C4A BCL DD . 16.91 -41.85 10.61
CMA BCL DD . 17.98 -40.38 8.95
CAA BCL DD . 19.56 -40.66 12.27
CBA BCL DD . 20.80 -39.94 11.76
CGA BCL DD . 21.72 -40.96 11.16
O1A BCL DD . 21.82 -42.07 11.64
O2A BCL DD . 22.52 -40.64 9.98
NB BCL DD . 14.38 -43.34 10.93
C1B BCL DD . 15.22 -43.55 9.91
C2B BCL DD . 14.83 -44.55 8.90
C3B BCL DD . 13.53 -45.00 9.44
C4B BCL DD . 13.38 -44.20 10.69
CMB BCL DD . 15.60 -44.92 7.66
CAB BCL DD . 12.56 -46.01 8.92
OBB BCL DD . 11.70 -46.44 9.66
CBB BCL DD . 12.66 -46.52 7.52
NC BCL DD . 12.81 -42.62 13.21
C1C BCL DD . 12.06 -43.62 12.72
C2C BCL DD . 10.85 -43.93 13.54
C3C BCL DD . 10.86 -42.78 14.51
C4C BCL DD . 12.14 -42.10 14.17
CMC BCL DD . 9.60 -43.88 12.68
CAC BCL DD . 10.87 -43.22 15.96
CBC BCL DD . 9.48 -43.60 16.43
ND BCL DD . 14.46 -40.54 13.84
C1D BCL DD . 13.62 -40.14 14.80
C2D BCL DD . 14.05 -38.91 15.52
C3D BCL DD . 15.33 -38.68 14.86
C4D BCL DD . 15.49 -39.63 13.95
CMD BCL DD . 13.51 -38.05 16.62
CAD BCL DD . 16.49 -37.75 14.82
OBD BCL DD . 16.67 -36.74 15.57
CBD BCL DD . 17.45 -38.25 13.78
CGD BCL DD . 17.83 -37.21 12.77
O1D BCL DD . 17.02 -36.74 12.01
O2D BCL DD . 19.21 -36.76 12.72
CED BCL DD . 19.68 -36.04 11.59
C1 BCL DD . 22.85 -41.73 9.13
C2 BCL DD . 22.06 -41.60 7.85
C3 BCL DD . 22.14 -42.56 6.94
C4 BCL DD . 23.00 -43.77 7.18
C5 BCL DD . 21.36 -42.45 5.65
C6 BCL DD . 22.03 -41.37 4.82
C7 BCL DD . 21.52 -41.42 3.38
C8 BCL DD . 22.71 -41.35 2.43
C9 BCL DD . 23.24 -39.92 2.30
C10 BCL DD . 22.30 -41.90 1.07
C11 BCL DD . 23.00 -43.22 0.79
C12 BCL DD . 24.49 -42.98 0.55
C13 BCL DD . 24.95 -43.66 -0.73
C14 BCL DD . 24.92 -45.18 -0.58
C15 BCL DD . 26.35 -43.19 -1.07
C16 BCL DD . 26.45 -41.67 -1.08
C17 BCL DD . 27.64 -41.21 -0.25
C18 BCL DD . 28.14 -39.84 -0.71
C19 BCL DD . 29.64 -39.71 -0.46
C20 BCL DD . 27.38 -38.72 -0.01
MG BCL ED . 12.70 -44.01 4.48
CHA BCL ED . 14.70 -44.25 1.77
CHB BCL ED . 14.82 -41.93 5.97
CHC BCL ED . 10.37 -43.58 6.92
CHD BCL ED . 10.41 -46.24 2.99
NA BCL ED . 14.46 -43.21 3.98
C1A BCL ED . 15.12 -43.37 2.89
C2A BCL ED . 16.41 -42.62 2.83
C3A BCL ED . 16.52 -42.06 4.23
C4A BCL ED . 15.18 -42.41 4.79
CMA BCL ED . 17.62 -42.74 5.02
CAA BCL ED . 16.37 -41.48 1.82
CBA BCL ED . 17.77 -40.93 1.64
CGA BCL ED . 17.73 -39.63 0.88
O1A BCL ED . 17.02 -38.71 1.25
O2A BCL ED . 18.54 -39.46 -0.31
NB BCL ED . 12.58 -42.91 6.20
C1B BCL ED . 13.55 -42.11 6.69
C2B BCL ED . 13.27 -41.42 7.97
C3B BCL ED . 11.91 -41.92 8.26
C4B BCL ED . 11.61 -42.83 7.12
CMB BCL ED . 14.19 -40.47 8.69
CAB BCL ED . 10.99 -41.64 9.42
OBB BCL ED . 9.88 -42.14 9.43
CBB BCL ED . 11.44 -40.78 10.55
NC BCL ED . 10.96 -44.87 4.99
C1C BCL ED . 10.22 -44.59 6.08
C2C BCL ED . 9.08 -45.55 6.30
C3C BCL ED . 9.37 -46.57 5.24
C4C BCL ED . 10.34 -45.82 4.38
CMC BCL ED . 9.09 -46.15 7.69
CAC BCL ED . 8.11 -46.97 4.47
CBC BCL ED . 7.25 -45.80 4.09
ND BCL ED . 12.45 -45.08 2.77
C1D BCL ED . 11.59 -45.95 2.21
C2D BCL ED . 12.01 -46.44 0.86
C3D BCL ED . 13.28 -45.72 0.73
C4D BCL ED . 13.46 -44.99 1.84
CMD BCL ED . 11.51 -47.35 -0.22
CAD BCL ED . 14.41 -45.51 -0.19
OBD BCL ED . 14.56 -46.06 -1.33
CBD BCL ED . 15.37 -44.56 0.46
CGD BCL ED . 16.69 -45.24 0.64
O1D BCL ED . 16.78 -46.27 1.26
O2D BCL ED . 17.89 -44.66 0.04
CED BCL ED . 19.14 -45.32 0.20
C1 BCL ED . 18.77 -38.15 -0.83
C2 BCL ED . 20.12 -37.64 -0.38
C3 BCL ED . 21.26 -38.15 -0.86
C4 BCL ED . 21.23 -39.27 -1.86
C5 BCL ED . 22.58 -37.62 -0.40
C6 BCL ED . 23.18 -36.79 -1.52
C7 BCL ED . 24.52 -37.36 -1.97
C8 BCL ED . 25.16 -36.49 -3.05
C9 BCL ED . 24.84 -37.05 -4.43
C10 BCL ED . 26.67 -36.42 -2.84
C11 BCL ED . 27.13 -34.98 -2.68
C12 BCL ED . 26.46 -34.30 -1.49
C13 BCL ED . 26.42 -32.79 -1.67
C14 BCL ED . 27.81 -32.25 -2.00
C15 BCL ED . 25.88 -32.12 -0.42
C16 BCL ED . 24.37 -31.83 -0.51
C17 BCL ED . 23.54 -32.98 0.04
C18 BCL ED . 22.49 -32.48 1.03
C19 BCL ED . 21.84 -33.64 1.77
C20 BCL ED . 21.45 -31.61 0.33
C1 I7D FD . 6.05 -39.44 -7.49
O1 I7D FD . 5.40 -38.47 -8.34
C2 I7D FD . 5.17 -39.57 -6.26
C3 I7D FD . 6.08 -40.74 -8.26
C4 I7D FD . 7.46 -38.95 -7.14
C5 I7D FD . 8.62 -39.48 -7.98
C6 I7D FD . 8.66 -38.95 -9.39
C7 I7D FD . 9.88 -39.00 -10.24
C8 I7D FD . 9.75 -38.39 -11.58
C10 I7D FD . 12.27 -39.50 -10.48
C11 I7D FD . 13.46 -39.98 -9.98
C12 I7D FD . 14.76 -39.86 -10.50
C13 I7D FD . 14.94 -39.20 -11.82
C14 I7D FD . 15.89 -40.33 -9.82
C15 I7D FD . 17.23 -40.20 -10.15
C16 I7D FD . 18.26 -40.61 -9.32
C17 I7D FD . 19.65 -40.48 -9.50
C18 I7D FD . 20.15 -39.95 -10.78
C19 I7D FD . 20.57 -40.82 -8.50
C1M I7D FD . 5.18 -37.17 -7.83
C20 I7D FD . 21.95 -40.71 -8.51
C21 I7D FD . 22.88 -40.84 -7.50
C22 I7D FD . 24.26 -40.70 -7.53
C23 I7D FD . 25.16 -40.59 -6.46
C24 I7D FD . 24.64 -40.71 -5.08
C25 I7D FD . 26.53 -40.33 -6.65
C26 I7D FD . 27.48 -39.91 -5.75
C27 I7D FD . 28.82 -39.74 -6.07
C28 I7D FD . 29.87 -39.19 -5.31
C29 I7D FD . 29.55 -38.52 -4.03
C2M I7D FD . 38.35 -34.64 -10.01
C30 I7D FD . 31.21 -39.20 -5.75
C31 I7D FD . 32.27 -38.41 -5.35
C32 I7D FD . 33.63 -38.51 -5.79
C33 I7D FD . 34.56 -37.57 -5.61
C34 I7D FD . 34.25 -36.18 -5.12
C35 I7D FD . 36.00 -37.85 -5.93
C36 I7D FD . 36.62 -36.81 -6.80
C37 I7D FD . 38.05 -37.12 -7.22
C38 I7D FD . 38.77 -36.04 -8.03
C39 I7D FD . 40.08 -36.55 -8.60
C40 I7D FD . 38.99 -34.79 -7.19
C9 I7D FD . 11.04 -39.53 -9.84
O2 I7D FD . 37.92 -35.67 -9.13
O6 I7D FD . 7.65 -38.45 -9.85
MG BCL GD . 10.25 -45.64 -4.46
CHA BCL GD . 12.75 -43.60 -3.28
CHB BCL GD . 11.65 -45.54 -7.53
CHC BCL GD . 7.50 -47.23 -5.67
CHD BCL GD . 8.50 -45.16 -1.47
NA BCL GD . 11.96 -44.89 -5.23
C1A BCL GD . 12.86 -44.19 -4.64
C2A BCL GD . 14.08 -43.92 -5.46
C3A BCL GD . 13.65 -44.39 -6.82
C4A BCL GD . 12.32 -45.00 -6.52
CMA BCL GD . 13.49 -43.23 -7.80
CAA BCL GD . 15.29 -44.66 -4.94
CBA BCL GD . 16.56 -44.02 -5.51
CGA BCL GD . 17.08 -44.92 -6.60
O1A BCL GD . 16.90 -46.12 -6.52
O2A BCL GD . 17.78 -44.38 -7.75
NB BCL GD . 9.65 -46.27 -6.31
C1B BCL GD . 10.33 -46.18 -7.47
C2B BCL GD . 9.68 -46.74 -8.68
C3B BCL GD . 8.42 -47.24 -8.10
C4B BCL GD . 8.53 -46.92 -6.66
CMB BCL GD . 10.23 -46.74 -10.08
CAB BCL GD . 7.28 -47.95 -8.75
OBB BCL GD . 6.56 -48.68 -8.09
CBB BCL GD . 7.03 -47.78 -10.22
NC BCL GD . 8.49 -46.23 -3.72
C1C BCL GD . 7.55 -46.93 -4.37
C2C BCL GD . 6.41 -47.39 -3.53
C3C BCL GD . 6.70 -46.68 -2.25
C4C BCL GD . 7.99 -46.01 -2.54
CMC BCL GD . 5.08 -46.94 -4.12
CAC BCL GD . 6.88 -47.63 -1.06
CBC BCL GD . 5.57 -47.84 -0.34
ND BCL GD . 10.45 -44.61 -2.72
C1D BCL GD . 9.77 -44.48 -1.58
C2D BCL GD . 10.43 -43.60 -0.56
C3D BCL GD . 11.66 -43.26 -1.32
C4D BCL GD . 11.59 -43.89 -2.49
CMD BCL GD . 10.14 -43.08 0.81
CAD BCL GD . 12.91 -42.49 -1.24
OBD BCL GD . 13.30 -41.79 -0.24
CBD BCL GD . 13.68 -42.71 -2.51
CGD BCL GD . 14.07 -41.42 -3.18
O1D BCL GD . 13.24 -40.70 -3.70
O2D BCL GD . 15.46 -41.04 -3.19
CED BCL GD . 15.90 -39.97 -4.03
C1 BCL GD . 17.82 -45.18 -8.93
C2 BCL GD . 16.87 -44.61 -9.95
C3 BCL GD . 17.02 -44.86 -11.25
C4 BCL GD . 18.14 -45.75 -11.73
C5 BCL GD . 16.05 -44.27 -12.25
C6 BCL GD . 16.46 -42.83 -12.55
C7 BCL GD . 17.40 -42.78 -13.75
C8 BCL GD . 16.75 -42.11 -14.95
C9 BCL GD . 15.65 -42.98 -15.56
C10 BCL GD . 17.84 -41.75 -15.96
C11 BCL GD . 17.70 -42.52 -17.26
C12 BCL GD . 19.01 -42.53 -18.05
C13 BCL GD . 18.87 -43.37 -19.32
C14 BCL GD . 18.41 -44.78 -18.99
C15 BCL GD . 20.18 -43.39 -20.09
C16 BCL GD . 21.29 -44.06 -19.27
C17 BCL GD . 22.62 -44.00 -20.00
C18 BCL GD . 23.06 -45.38 -20.48
C19 BCL GD . 24.57 -45.46 -20.63
C20 BCL GD . 22.37 -45.76 -21.80
C1 CDL HD . -3.78 -57.00 -11.47
O1 CDL HD . -4.04 -56.18 -12.61
CA2 CDL HD . -2.84 -56.27 -10.52
OA2 CDL HD . -2.57 -57.09 -9.38
PA1 CDL HD . -1.54 -56.60 -8.24
OA3 CDL HD . -0.51 -55.70 -8.88
OA4 CDL HD . -2.33 -56.11 -7.04
OA5 CDL HD . -0.81 -57.97 -7.85
CA3 CDL HD . 0.41 -57.96 -7.11
CA4 CDL HD . 1.39 -58.89 -7.84
OA6 CDL HD . 2.24 -59.53 -6.90
CA5 CDL HD . 3.28 -60.32 -7.56
OA7 CDL HD . 2.97 -61.04 -8.48
C11 CDL HD . 4.72 -60.22 -7.09
C12 CDL HD . 4.88 -60.86 -5.73
C13 CDL HD . 5.91 -60.10 -4.90
C14 CDL HD . 7.26 -60.05 -5.61
C15 CDL HD . 8.15 -58.98 -5.01
C16 CDL HD . 7.71 -57.59 -5.43
C17 CDL HD . 8.56 -56.52 -4.77
C18 CDL HD . 8.47 -55.19 -5.51
C19 CDL HD . 9.59 -54.25 -5.09
CA6 CDL HD . 2.22 -58.02 -8.79
OA8 CDL HD . 3.25 -57.38 -8.04
CA7 CDL HD . 4.17 -56.45 -8.68
OA9 CDL HD . 3.81 -55.83 -9.66
C31 CDL HD . 5.55 -56.25 -8.09
C32 CDL HD . 6.15 -54.93 -8.58
C33 CDL HD . 5.44 -53.74 -7.96
C34 CDL HD . 6.33 -52.50 -7.97
C35 CDL HD . 6.57 -52.01 -9.39
C36 CDL HD . 8.06 -51.93 -9.70
C37 CDL HD . 8.80 -51.09 -8.66
C38 CDL HD . 9.83 -51.94 -7.92
C39 CDL HD . 10.65 -51.10 -6.95
C40 CDL HD . 11.55 -50.13 -7.69
C41 CDL HD . 12.59 -49.56 -6.74
C42 CDL HD . 13.71 -48.85 -7.49
C43 CDL HD . 14.80 -48.44 -6.51
CB2 CDL HD . -3.15 -58.32 -11.93
OB2 CDL HD . -1.97 -58.06 -12.67
PB2 CDL HD . -1.02 -59.27 -13.14
OB3 CDL HD . -1.63 -59.92 -14.36
OB4 CDL HD . -0.69 -60.11 -11.92
OB5 CDL HD . 0.31 -58.48 -13.59
CB3 CDL HD . 1.60 -59.07 -13.50
CB4 CDL HD . 2.54 -57.97 -13.01
OB6 CDL HD . 2.33 -56.79 -13.79
CB5 CDL HD . 2.07 -55.63 -12.96
OB7 CDL HD . 1.96 -55.77 -11.75
C51 CDL HD . 1.92 -54.26 -13.58
C52 CDL HD . 1.95 -53.23 -12.47
C53 CDL HD . 3.33 -52.59 -12.37
C54 CDL HD . 3.33 -51.23 -13.05
C55 CDL HD . 4.73 -50.63 -13.07
C56 CDL HD . 4.77 -49.42 -13.98
C57 CDL HD . 6.17 -49.26 -14.57
C58 CDL HD . 7.06 -48.39 -13.69
C59 CDL HD . 8.50 -48.45 -14.16
C60 CDL HD . 9.33 -47.33 -13.56
C61 CDL HD . 10.78 -47.43 -14.00
CB6 CDL HD . 4.00 -58.39 -13.11
OB8 CDL HD . 4.77 -57.45 -12.35
CB7 CDL HD . 6.20 -57.31 -12.58
OB9 CDL HD . 6.73 -57.91 -13.49
C71 CDL HD . 7.00 -56.41 -11.67
C72 CDL HD . 8.42 -56.25 -12.20
C73 CDL HD . 8.46 -55.22 -13.33
C74 CDL HD . 8.61 -53.80 -12.79
C75 CDL HD . 10.08 -53.46 -12.57
C76 CDL HD . 10.28 -51.96 -12.53
C77 CDL HD . 11.76 -51.60 -12.40
MG BCL ID . 6.99 -44.46 -12.10
CHA BCL ID . 8.52 -43.74 -15.05
CHB BCL ID . 9.58 -43.21 -10.40
CHC BCL ID . 5.13 -44.76 -9.26
CHD BCL ID . 4.15 -45.58 -13.85
NA BCL ID . 8.77 -43.69 -12.60
C1A BCL ID . 9.23 -43.47 -13.78
C2A BCL ID . 10.63 -42.93 -13.79
C3A BCL ID . 11.02 -43.00 -12.34
C4A BCL ID . 9.71 -43.33 -11.72
CMA BCL ID . 12.03 -44.11 -12.08
CAA BCL ID . 10.70 -41.48 -14.27
CBA BCL ID . 12.09 -41.18 -14.82
CGA BCL ID . 12.35 -39.70 -14.83
O1A BCL ID . 11.61 -38.93 -14.24
O2A BCL ID . 13.50 -39.15 -15.54
NB BCL ID . 7.28 -44.03 -10.12
C1B BCL ID . 8.41 -43.55 -9.57
C2B BCL ID . 8.41 -43.34 -8.10
C3B BCL ID . 7.06 -43.82 -7.76
C4B BCL ID . 6.48 -44.21 -9.07
CMB BCL ID . 9.55 -42.80 -7.27
CAB BCL ID . 6.36 -43.91 -6.43
OBB BCL ID . 5.32 -44.53 -6.34
CBB BCL ID . 6.94 -43.21 -5.23
NC BCL ID . 5.20 -45.23 -11.62
C1C BCL ID . 4.69 -45.32 -10.38
C2C BCL ID . 3.45 -46.16 -10.30
C3C BCL ID . 3.36 -46.67 -11.71
C4C BCL ID . 4.34 -45.77 -12.40
CMC BCL ID . 3.62 -47.32 -9.33
CAC BCL ID . 1.96 -46.54 -12.30
CBC BCL ID . 1.35 -45.18 -12.05
ND BCL ID . 6.33 -44.64 -14.02
C1D BCL ID . 5.25 -45.12 -14.66
C2D BCL ID . 5.36 -45.03 -16.16
C3D BCL ID . 6.72 -44.47 -16.25
C4D BCL ID . 7.19 -44.30 -15.01
CMD BCL ID . 4.54 -45.35 -17.37
CAD BCL ID . 7.74 -44.03 -17.23
OBD BCL ID . 7.61 -44.05 -18.50
CBD BCL ID . 8.93 -43.54 -16.48
CGD BCL ID . 10.13 -44.35 -16.87
O1D BCL ID . 10.17 -45.55 -16.64
O2D BCL ID . 11.24 -43.73 -17.57
CED BCL ID . 12.38 -44.52 -17.90
C1 BCL ID . 13.79 -37.76 -15.44
C2 BCL ID . 15.27 -37.57 -15.20
C3 BCL ID . 16.13 -37.68 -16.23
C4 BCL ID . 15.63 -37.99 -17.60
C5 BCL ID . 17.62 -37.49 -16.02
C6 BCL ID . 18.13 -36.57 -17.11
C7 BCL ID . 19.57 -36.88 -17.49
C8 BCL ID . 20.19 -35.68 -18.21
C9 BCL ID . 19.73 -35.63 -19.66
C10 BCL ID . 21.71 -35.75 -18.11
C11 BCL ID . 22.28 -34.51 -17.40
C12 BCL ID . 21.64 -34.31 -16.04
C13 BCL ID . 21.73 -32.84 -15.62
C14 BCL ID . 23.17 -32.36 -15.58
C15 BCL ID . 21.06 -32.64 -14.26
C16 BCL ID . 19.60 -32.24 -14.38
C17 BCL ID . 18.66 -33.44 -14.30
C18 BCL ID . 18.11 -33.65 -12.89
C19 BCL ID . 17.49 -35.04 -12.75
C20 BCL ID . 17.12 -32.56 -12.50
C1 I7D JD . 0.05 -34.47 -19.84
O1 I7D JD . -0.58 -33.27 -20.32
C2 I7D JD . -0.93 -35.60 -20.09
C3 I7D JD . 0.28 -34.27 -18.34
C4 I7D JD . 1.37 -34.71 -20.57
C5 I7D JD . 1.31 -34.71 -22.08
C6 I7D JD . 1.63 -33.37 -22.68
C7 I7D JD . 2.86 -33.08 -23.45
C8 I7D JD . 2.91 -31.76 -24.12
C10 I7D JD . 5.09 -33.82 -24.18
C11 I7D JD . 6.14 -34.71 -24.17
C12 I7D JD . 7.40 -34.62 -24.77
C13 I7D JD . 7.67 -33.47 -25.67
C14 I7D JD . 8.42 -35.55 -24.55
C15 I7D JD . 9.73 -35.54 -25.00
C16 I7D JD . 10.72 -36.42 -24.59
C17 I7D JD . 12.08 -36.46 -24.94
C18 I7D JD . 12.55 -35.59 -26.04
C19 I7D JD . 13.01 -37.29 -24.30
C1M I7D JD . -1.83 -32.90 -19.77
C20 I7D JD . 14.37 -37.37 -24.48
C21 I7D JD . 15.34 -38.05 -23.76
C22 I7D JD . 16.71 -38.08 -23.96
C23 I7D JD . 17.72 -38.59 -23.13
C24 I7D JD . 17.33 -39.33 -21.90
C25 I7D JD . 19.08 -38.40 -23.41
C26 I7D JD . 20.19 -38.69 -22.63
C27 I7D JD . 21.47 -38.28 -22.97
C28 I7D JD . 22.68 -38.46 -22.27
C29 I7D JD . 22.69 -39.33 -21.07
C2M I7D JD . 31.88 -35.50 -26.95
C30 I7D JD . 23.88 -37.86 -22.68
C31 I7D JD . 25.16 -38.04 -22.21
C32 I7D JD . 26.26 -37.16 -22.52
C33 I7D JD . 27.55 -37.33 -22.26
C34 I7D JD . 28.19 -38.64 -21.91
C35 I7D JD . 28.49 -36.15 -22.34
C36 I7D JD . 29.56 -36.31 -23.37
C37 I7D JD . 30.38 -35.04 -23.53
C38 I7D JD . 31.52 -35.10 -24.55
C39 I7D JD . 32.51 -36.20 -24.20
C40 I7D JD . 32.22 -33.75 -24.68
C9 I7D JD . 3.88 -33.96 -23.54
O2 I7D JD . 30.98 -35.42 -25.86
O6 I7D JD . 0.81 -32.46 -22.52
MG BCL KD . 3.16 -42.02 -20.46
CHA BCL KD . 6.10 -40.98 -19.04
CHB BCL KD . 4.24 -40.92 -23.45
CHC BCL KD . 0.01 -42.48 -21.67
CHD BCL KD . 1.85 -42.58 -17.26
NA BCL KD . 4.87 -41.24 -21.16
C1A BCL KD . 5.95 -40.98 -20.50
C2A BCL KD . 7.12 -40.55 -21.35
C3A BCL KD . 6.45 -40.33 -22.68
C4A BCL KD . 5.09 -40.87 -22.43
CMA BCL KD . 6.38 -38.85 -23.02
CAA BCL KD . 8.18 -41.63 -21.40
CBA BCL KD . 9.49 -41.06 -21.91
CGA BCL KD . 9.69 -41.55 -23.33
O1A BCL KD . 9.36 -42.69 -23.64
O2A BCL KD . 10.29 -40.71 -24.34
NB BCL KD . 2.25 -41.72 -22.27
C1B BCL KD . 2.82 -41.29 -23.42
C2B BCL KD . 1.95 -41.19 -24.61
C3B BCL KD . 0.67 -41.66 -24.06
C4B BCL KD . 0.98 -41.97 -22.64
CMB BCL KD . 2.35 -40.71 -25.97
CAB BCL KD . -0.68 -41.83 -24.71
OBB BCL KD . -1.51 -42.54 -24.19
CBB BCL KD . -0.98 -41.13 -26.00
NC BCL KD . 1.38 -42.58 -19.70
C1C BCL KD . 0.24 -42.77 -20.40
C2C BCL KD . -0.88 -43.33 -19.60
C3C BCL KD . -0.31 -43.29 -18.22
C4C BCL KD . 1.07 -42.79 -18.47
CMC BCL KD . -2.10 -42.43 -19.71
CAC BCL KD . -0.27 -44.64 -17.54
CBC BCL KD . -1.49 -44.87 -16.69
ND BCL KD . 3.72 -41.83 -18.52
C1D BCL KD . 3.20 -42.09 -17.31
C2D BCL KD . 4.13 -41.79 -16.18
C3D BCL KD . 5.30 -41.34 -16.94
C4D BCL KD . 4.99 -41.41 -18.23
CMD BCL KD . 4.07 -41.86 -14.69
CAD BCL KD . 6.68 -40.83 -16.79
OBD BCL KD . 7.30 -40.65 -15.67
CBD BCL KD . 7.25 -40.60 -18.15
CGD BCL KD . 7.77 -39.22 -18.34
O1D BCL KD . 7.04 -38.24 -18.24
O2D BCL KD . 9.18 -39.02 -18.64
CED BCL KD . 9.67 -37.74 -19.00
C1 BCL KD . 9.73 -40.78 -25.65
C2 BCL KD . 9.53 -39.38 -26.19
C3 BCL KD . 9.67 -39.16 -27.50
C4 BCL KD . 10.02 -40.29 -28.41
C5 BCL KD . 9.48 -37.77 -28.05
C6 BCL KD . 8.00 -37.43 -28.11
C7 BCL KD . 7.64 -36.72 -29.41
C8 BCL KD . 8.73 -35.75 -29.85
C9 BCL KD . 8.20 -34.32 -29.78
C10 BCL KD . 9.19 -36.11 -31.26
C11 BCL KD . 9.71 -34.90 -32.04
C12 BCL KD . 10.78 -35.36 -33.04
C13 BCL KD . 11.27 -34.21 -33.91
C14 BCL KD . 10.37 -34.02 -35.11
C15 BCL KD . 12.70 -34.47 -34.33
C16 BCL KD . 13.63 -34.46 -33.12
C17 BCL KD . 15.07 -34.73 -33.52
C18 BCL KD . 16.04 -34.38 -32.38
C19 BCL KD . 15.92 -35.37 -31.23
C20 BCL KD . 15.83 -32.95 -31.90
MG BCL LD . -0.65 -37.40 -26.61
CHA BCL LD . 0.63 -35.92 -29.38
CHB BCL LD . 2.31 -37.27 -25.09
CHC BCL LD . -2.19 -38.43 -23.76
CHD BCL LD . -3.84 -37.44 -28.12
NA BCL LD . 1.17 -36.77 -27.14
C1A BCL LD . 1.53 -36.21 -28.25
C2A BCL LD . 2.99 -35.89 -28.32
C3A BCL LD . 3.52 -36.52 -27.06
C4A BCL LD . 2.26 -36.89 -26.37
CMA BCL LD . 4.36 -37.75 -27.36
CAA BCL LD . 3.24 -34.38 -28.29
CBA BCL LD . 4.62 -34.08 -28.83
CGA BCL LD . 4.99 -32.64 -28.57
O1A BCL LD . 4.53 -32.04 -27.62
O2A BCL LD . 5.92 -31.95 -29.45
NB BCL LD . -0.05 -37.78 -24.69
C1B BCL LD . 1.21 -37.70 -24.23
C2B BCL LD . 1.42 -38.05 -22.79
C3B BCL LD . 0.05 -38.41 -22.40
C4B BCL LD . -0.74 -38.21 -23.63
CMB BCL LD . 2.74 -38.01 -22.05
CAB BCL LD . -0.49 -38.86 -21.07
OBB BCL LD . -1.68 -39.07 -20.93
CBB BCL LD . 0.44 -39.06 -19.91
NC BCL LD . -2.50 -38.02 -26.10
C1C BCL LD . -2.86 -38.47 -24.89
C2C BCL LD . -4.24 -39.06 -24.85
C3C BCL LD . -4.65 -38.94 -26.29
C4C BCL LD . -3.55 -38.08 -26.84
CMC BCL LD . -4.20 -40.52 -24.41
CAC BCL LD . -6.02 -38.29 -26.45
CBC BCL LD . -6.15 -36.97 -25.70
ND BCL LD . -1.57 -36.82 -28.34
C1D BCL LD . -2.78 -36.87 -28.92
C2D BCL LD . -2.81 -36.29 -30.30
C3D BCL LD . -1.39 -35.92 -30.44
C4D BCL LD . -0.77 -36.28 -29.31
CMD BCL LD . -3.81 -36.04 -31.41
CAD BCL LD . -0.44 -35.32 -31.38
OBD BCL LD . -0.71 -34.89 -32.55
CBD BCL LD . 0.91 -35.30 -30.73
CGD BCL LD . 1.89 -36.07 -31.55
O1D BCL LD . 1.73 -37.27 -31.74
O2D BCL LD . 3.04 -35.39 -32.12
CED BCL LD . 4.07 -36.14 -32.75
C1 BCL LD . 6.47 -30.69 -29.09
C2 BCL LD . 7.94 -30.85 -28.82
C3 BCL LD . 8.82 -30.94 -29.82
C4 BCL LD . 8.36 -30.90 -31.25
C5 BCL LD . 10.30 -31.09 -29.53
C6 BCL LD . 11.01 -29.83 -30.01
C7 BCL LD . 12.10 -30.18 -31.02
C8 BCL LD . 12.81 -28.90 -31.46
C9 BCL LD . 12.17 -28.35 -32.73
C10 BCL LD . 14.30 -29.19 -31.68
C11 BCL LD . 15.17 -28.35 -30.77
C12 BCL LD . 14.88 -28.62 -29.29
C13 BCL LD . 15.43 -27.51 -28.40
C14 BCL LD . 16.90 -27.24 -28.73
C15 BCL LD . 15.26 -27.88 -26.94
C16 BCL LD . 14.08 -27.14 -26.31
C17 BCL LD . 12.77 -27.91 -26.50
C18 BCL LD . 11.97 -27.95 -25.20
C19 BCL LD . 10.97 -29.10 -25.21
C20 BCL LD . 11.28 -26.62 -24.94
C1 I7D MD . -6.94 -24.73 -29.47
O1 I7D MD . -7.50 -23.41 -29.66
C2 I7D MD . -5.96 -24.65 -28.32
C3 I7D MD . -8.12 -25.63 -29.12
C4 I7D MD . -6.27 -25.20 -30.77
C5 I7D MD . -4.95 -24.53 -31.10
C6 I7D MD . -5.09 -23.32 -32.01
C7 I7D MD . -4.10 -22.95 -33.05
C8 I7D MD . -4.32 -21.65 -33.73
C10 I7D MD . -1.98 -23.47 -34.21
C11 I7D MD . -0.94 -24.34 -34.51
C12 I7D MD . 0.18 -24.13 -35.31
C13 I7D MD . 0.36 -22.80 -35.96
C14 I7D MD . 1.16 -25.12 -35.52
C15 I7D MD . 2.37 -25.04 -36.19
C16 I7D MD . 3.30 -26.07 -36.23
C17 I7D MD . 4.58 -26.09 -36.80
C18 I7D MD . 5.02 -24.93 -37.61
C19 I7D MD . 5.48 -27.17 -36.61
C1M I7D MD . -8.21 -22.82 -28.60
C20 I7D MD . 6.76 -27.32 -37.10
C21 I7D MD . 7.74 -28.27 -36.82
C22 I7D MD . 9.02 -28.41 -37.32
C23 I7D MD . 10.07 -29.21 -36.86
C24 I7D MD . 9.81 -30.13 -35.73
C25 I7D MD . 11.38 -29.15 -37.39
C26 I7D MD . 12.57 -29.64 -36.87
C27 I7D MD . 13.82 -29.54 -37.44
C28 I7D MD . 15.08 -29.80 -36.86
C29 I7D MD . 15.12 -30.20 -35.44
C2M I7D MD . 23.84 -27.47 -41.75
C30 I7D MD . 16.30 -29.67 -37.56
C31 I7D MD . 17.58 -29.57 -37.05
C32 I7D MD . 18.83 -29.47 -37.77
C33 I7D MD . 20.02 -29.15 -37.27
C34 I7D MD . 20.21 -28.65 -35.86
C35 I7D MD . 21.27 -29.24 -38.10
C36 I7D MD . 21.88 -27.90 -38.41
C37 I7D MD . 23.31 -28.01 -38.92
C38 I7D MD . 23.96 -26.72 -39.42
C39 I7D MD . 25.49 -26.83 -39.45
C40 I7D MD . 23.52 -25.51 -38.60
C9 I7D MD . -3.04 -23.72 -33.34
O2 I7D MD . 23.51 -26.49 -40.78
O6 I7D MD . -6.08 -22.61 -31.86
MG BCL ND . -4.85 -31.76 -32.90
CHA BCL ND . -1.62 -31.63 -31.78
CHB BCL ND . -4.00 -29.88 -35.55
CHC BCL ND . -8.15 -31.46 -33.64
CHD BCL ND . -5.82 -33.21 -29.87
NA BCL ND . -3.14 -31.01 -33.62
C1A BCL ND . -1.95 -31.11 -33.12
C2A BCL ND . -0.86 -30.56 -33.98
C3A BCL ND . -1.65 -29.78 -35.01
C4A BCL ND . -3.04 -30.25 -34.73
CMA BCL ND . -1.54 -28.28 -34.82
CAA BCL ND . -0.02 -31.65 -34.62
CBA BCL ND . 1.26 -31.07 -35.19
CGA BCL ND . 1.14 -30.93 -36.69
O1A BCL ND . 0.75 -31.86 -37.37
O2A BCL ND . 1.50 -29.68 -37.36
NB BCL ND . -5.92 -30.79 -34.36
C1B BCL ND . -5.43 -30.08 -35.39
C2B BCL ND . -6.41 -29.50 -36.34
C3B BCL ND . -7.68 -29.98 -35.75
C4B BCL ND . -7.25 -30.77 -34.57
CMB BCL ND . -6.10 -28.66 -37.54
CAB BCL ND . -9.09 -29.78 -36.20
OBB BCL ND . -9.97 -30.51 -35.81
CBB BCL ND . -9.41 -28.66 -37.15
NC BCL ND . -6.58 -32.37 -32.08
C1C BCL ND . -7.81 -32.20 -32.61
C2C BCL ND . -8.89 -32.92 -31.87
C3C BCL ND . -8.14 -33.46 -30.70
C4C BCL ND . -6.76 -32.98 -30.96
CMC BCL ND . -9.96 -31.95 -31.40
CAC BCL ND . -8.18 -34.99 -30.63
CBC BCL ND . -9.24 -35.46 -29.68
ND BCL ND . -4.02 -32.32 -31.13
C1D BCL ND . -4.42 -32.91 -29.99
C2D BCL ND . -3.32 -33.12 -29.00
C3D BCL ND . -2.20 -32.58 -29.78
C4D BCL ND . -2.67 -32.17 -30.96
CMD BCL ND . -3.18 -33.68 -27.62
CAD BCL ND . -0.74 -32.33 -29.72
OBD BCL ND . 0.03 -32.61 -28.74
CBD BCL ND . -0.32 -31.72 -31.04
CGD BCL ND . 0.39 -30.42 -30.83
O1D BCL ND . -0.18 -29.43 -30.43
O2D BCL ND . 1.82 -30.35 -31.10
CED BCL ND . 2.45 -29.08 -31.18
C1 BCL ND . 0.65 -29.19 -38.39
C2 BCL ND . 0.79 -27.70 -38.54
C3 BCL ND . 1.02 -27.18 -39.76
C4 BCL ND . 1.11 -28.09 -40.94
C5 BCL ND . 1.16 -25.69 -39.95
C6 BCL ND . -0.18 -25.01 -39.69
C7 BCL ND . -0.39 -23.76 -40.54
C8 BCL ND . 0.87 -22.92 -40.72
C9 BCL ND . 1.23 -22.17 -39.44
C10 BCL ND . 0.65 -21.94 -41.87
C11 BCL ND . 1.46 -22.31 -43.10
C12 BCL ND . 1.53 -21.12 -44.06
C13 BCL ND . 1.81 -21.57 -45.49
C14 BCL ND . 0.77 -22.57 -45.95
C15 BCL ND . 3.22 -22.14 -45.59
C16 BCL ND . 4.31 -21.08 -45.49
C17 BCL ND . 5.02 -21.11 -44.13
C18 BCL ND . 6.51 -21.35 -44.29
C19 BCL ND . 6.78 -22.59 -45.13
C20 BCL ND . 7.20 -21.46 -42.94
MG BCL OD . -8.43 -25.07 -36.61
CHA BCL OD . -7.22 -22.96 -38.96
CHB BCL OD . -5.34 -25.80 -35.57
CHC BCL OD . -9.82 -26.79 -34.01
CHD BCL OD . -11.72 -24.27 -37.60
NA BCL OD . -6.59 -24.53 -37.18
C1A BCL OD . -6.26 -23.69 -38.09
C2A BCL OD . -4.79 -23.53 -38.28
C3A BCL OD . -4.23 -24.59 -37.36
C4A BCL OD . -5.46 -25.02 -36.64
CMA BCL OD . -3.62 -25.75 -38.12
CAA BCL OD . -4.28 -22.17 -37.84
CBA BCL OD . -2.85 -21.98 -38.33
CGA BCL OD . -2.29 -20.66 -37.86
O1A BCL OD . -2.80 -20.08 -36.93
O2A BCL OD . -1.12 -20.09 -38.51
NB BCL OD . -7.71 -26.14 -35.00
C1B BCL OD . -6.42 -26.35 -34.73
C2B BCL OD . -6.12 -27.17 -33.53
C3B BCL OD . -7.48 -27.48 -33.05
C4B BCL OD . -8.36 -26.79 -34.04
CMB BCL OD . -4.73 -27.53 -33.02
CAB BCL OD . -7.95 -28.28 -31.86
OBB BCL OD . -9.13 -28.45 -31.66
CBB BCL OD . -6.96 -28.88 -30.91
NC BCL OD . -10.29 -25.60 -36.04
C1C BCL OD . -10.60 -26.37 -34.98
C2C BCL OD . -12.05 -26.74 -34.90
C3C BCL OD . -12.58 -26.12 -36.15
C4C BCL OD . -11.41 -25.31 -36.61
CMC BCL OD . -12.24 -28.25 -34.91
CAC BCL OD . -13.81 -25.27 -35.89
CBC BCL OD . -13.59 -24.25 -34.79
ND BCL OD . -9.41 -23.88 -37.94
C1D BCL OD . -10.66 -23.61 -38.33
C2D BCL OD . -10.75 -22.62 -39.45
C3D BCL OD . -9.31 -22.40 -39.67
C4D BCL OD . -8.64 -23.14 -38.80
CMD BCL OD . -11.80 -21.94 -40.27
CAD BCL OD . -8.36 -21.63 -40.51
OBD BCL OD . -8.68 -20.82 -41.45
CBD BCL OD . -6.97 -21.97 -40.07
CGD BCL OD . -6.20 -22.54 -41.22
O1D BCL OD . -6.60 -23.52 -41.82
O2D BCL OD . -4.99 -21.88 -41.66
CED BCL OD . -4.12 -22.54 -42.58
C1 BCL OD . -0.76 -18.73 -38.26
C2 BCL OD . 0.73 -18.61 -37.99
C3 BCL OD . 1.60 -18.54 -39.01
C4 BCL OD . 1.10 -18.57 -40.42
C5 BCL OD . 3.08 -18.39 -38.70
C6 BCL OD . 3.97 -19.25 -39.59
C7 BCL OD . 4.53 -18.50 -40.80
C8 BCL OD . 5.21 -17.19 -40.44
C9 BCL OD . 4.45 -16.01 -41.05
C10 BCL OD . 6.65 -17.20 -40.95
C11 BCL OD . 7.61 -16.69 -39.88
C12 BCL OD . 7.56 -17.54 -38.62
C13 BCL OD . 8.03 -16.72 -37.42
C14 BCL OD . 9.47 -16.26 -37.61
C15 BCL OD . 7.90 -17.56 -36.15
C16 BCL OD . 7.63 -16.68 -34.94
C17 BCL OD . 6.14 -16.39 -34.80
C18 BCL OD . 5.38 -17.64 -34.35
C19 BCL OD . 4.13 -17.87 -35.18
C20 BCL OD . 5.03 -17.56 -32.86
MG BCL PD . -12.44 -17.26 -40.32
CHA BCL PD . -9.13 -17.81 -39.64
CHB BCL PD . -11.60 -14.65 -42.29
CHC BCL PD . -15.74 -16.48 -40.55
CHD BCL PD . -13.29 -19.49 -37.75
NA BCL PD . -10.72 -16.48 -40.99
C1A BCL PD . -9.51 -16.86 -40.72
C2A BCL PD . -8.45 -16.16 -41.50
C3A BCL PD . -9.23 -15.07 -42.18
C4A BCL PD . -10.62 -15.42 -41.81
CMA BCL PD . -8.86 -13.70 -41.65
CAA BCL PD . -7.77 -17.10 -42.50
CBA BCL PD . -6.47 -16.48 -43.00
CGA BCL PD . -6.71 -15.91 -44.38
O1A BCL PD . -7.19 -16.60 -45.25
O2A BCL PD . -6.37 -14.52 -44.68
NB BCL PD . -13.51 -15.77 -41.25
C1B BCL PD . -13.04 -14.80 -42.04
C2B BCL PD . -14.04 -13.86 -42.62
C3B BCL PD . -15.29 -14.43 -42.08
C4B BCL PD . -14.84 -15.60 -41.28
CMB BCL PD . -13.76 -12.68 -43.51
CAB BCL PD . -16.71 -14.00 -42.27
OBB BCL PD . -17.61 -14.81 -42.13
CBB BCL PD . -17.01 -12.58 -42.64
NC BCL PD . -14.14 -17.95 -39.51
C1C BCL PD . -15.38 -17.53 -39.81
C2C BCL PD . -16.47 -18.37 -39.22
C3C BCL PD . -15.69 -19.27 -38.33
C4C BCL PD . -14.29 -18.84 -38.60
CMC BCL PD . -17.41 -17.50 -38.39
CAC BCL PD . -15.87 -20.74 -38.69
CBC BCL PD . -16.87 -21.40 -37.75
ND BCL PD . -11.52 -18.42 -38.92
C1D BCL PD . -11.88 -19.29 -37.98
C2D BCL PD . -10.74 -19.92 -37.26
C3D BCL PD . -9.63 -19.28 -37.98
C4D BCL PD . -10.15 -18.47 -38.90
CMD BCL PD . -10.54 -20.90 -36.14
CAD BCL PD . -8.16 -19.20 -38.04
OBD BCL PD . -7.33 -19.85 -37.31
CBD BCL PD . -7.78 -18.26 -39.15
CGD BCL PD . -6.88 -17.16 -38.65
O1D BCL PD . -7.21 -16.44 -37.73
O2D BCL PD . -5.58 -16.99 -39.25
CED BCL PD . -4.78 -15.86 -38.91
C1 BCL PD . -7.34 -13.71 -45.34
C2 BCL PD . -7.06 -12.25 -45.08
C3 BCL PD . -6.94 -11.41 -46.11
C4 BCL PD . -7.07 -11.93 -47.51
C5 BCL PD . -6.66 -9.95 -45.88
C6 BCL PD . -7.91 -9.25 -45.39
C7 BCL PD . -8.03 -7.81 -45.92
C8 BCL PD . -6.67 -7.19 -46.17
C9 BCL PD . -6.28 -6.27 -45.01
C10 BCL PD . -6.69 -6.44 -47.51
C11 BCL PD . -5.77 -5.22 -47.53
C12 BCL PD . -5.21 -5.01 -48.93
C13 BCL PD . -4.06 -4.00 -48.90
C14 BCL PD . -4.58 -2.58 -49.04
C15 BCL PD . -3.07 -4.32 -50.03
C16 BCL PD . -3.75 -4.31 -51.39
C17 BCL PD . -2.97 -5.15 -52.40
C18 BCL PD . -2.03 -4.29 -53.23
C19 BCL PD . -2.73 -3.05 -53.76
C20 BCL PD . -1.44 -5.11 -54.37
C1 I7D QD . -13.25 -11.53 -34.33
O1 I7D QD . -13.64 -10.18 -34.01
C2 I7D QD . -11.98 -11.85 -33.56
C3 I7D QD . -14.39 -12.42 -33.88
C4 I7D QD . -13.02 -11.66 -35.85
C5 I7D QD . -11.67 -11.20 -36.39
C6 I7D QD . -11.57 -9.71 -36.62
C7 I7D QD . -10.50 -9.07 -37.43
C8 I7D QD . -10.44 -7.60 -37.38
C10 I7D QD . -8.62 -9.37 -39.00
C11 I7D QD . -7.83 -10.18 -39.79
C12 I7D QD . -6.76 -9.84 -40.64
C13 I7D QD . -6.42 -8.41 -40.82
C14 I7D QD . -6.00 -10.80 -41.32
C15 I7D QD . -4.86 -10.66 -42.08
C16 I7D QD . -4.14 -11.70 -42.64
C17 I7D QD . -2.91 -11.68 -43.33
C18 I7D QD . -2.30 -10.36 -43.64
C19 I7D QD . -2.23 -12.84 -43.74
C1M I7D QD . -13.96 -9.88 -32.67
C20 I7D QD . -1.01 -12.96 -44.38
C21 I7D QD . -0.19 -14.05 -44.62
C22 I7D QD . 1.04 -14.10 -45.25
C23 I7D QD . 1.98 -15.15 -45.31
C24 I7D QD . 1.62 -16.47 -44.75
C25 I7D QD . 3.27 -14.97 -45.87
C26 I7D QD . 4.37 -15.81 -45.86
C27 I7D QD . 5.60 -15.48 -46.41
C28 I7D QD . 6.82 -16.18 -46.39
C29 I7D QD . 6.89 -17.48 -45.68
C2M I7D QD . 14.59 -11.27 -47.73
C30 I7D QD . 7.97 -15.68 -47.03
C31 I7D QD . 9.25 -16.22 -47.07
C32 I7D QD . 10.39 -15.65 -47.77
C33 I7D QD . 11.63 -16.10 -47.84
C34 I7D QD . 12.12 -17.34 -47.13
C35 I7D QD . 12.66 -15.38 -48.67
C36 I7D QD . 13.78 -14.80 -47.86
C37 I7D QD . 14.79 -14.06 -48.73
C38 I7D QD . 15.92 -13.33 -48.00
C39 I7D QD . 16.84 -12.62 -48.98
C40 I7D QD . 16.69 -14.27 -47.09
C9 I7D QD . -9.64 -9.80 -38.17
O2 I7D QD . 15.35 -12.31 -47.14
O6 I7D QD . -12.42 -9.00 -36.10
MG BCL RD . -15.32 -9.14 -40.84
CHA BCL RD . -14.00 -6.59 -42.67
CHB BCL RD . -12.32 -10.63 -40.67
CHC BCL RD . -16.78 -11.64 -39.07
CHD BCL RD . -18.55 -7.88 -41.48
NA BCL RD . -13.46 -8.65 -41.44
C1A BCL RD . -13.10 -7.60 -42.08
C2A BCL RD . -11.61 -7.53 -42.33
C3A BCL RD . -11.15 -8.88 -41.87
C4A BCL RD . -12.39 -9.44 -41.27
CMA BCL RD . -10.69 -9.75 -43.03
CAA BCL RD . -10.93 -6.42 -41.55
CBA BCL RD . -9.47 -6.37 -41.97
CGA BCL RD . -8.79 -5.13 -41.46
O1A BCL RD . -9.35 -4.41 -40.66
O2A BCL RD . -7.47 -4.76 -41.94
NB BCL RD . -14.67 -10.90 -40.01
C1B BCL RD . -13.40 -11.36 -40.00
C2B BCL RD . -13.17 -12.65 -39.30
C3B BCL RD . -14.53 -12.95 -38.82
C4B BCL RD . -15.34 -11.80 -39.31
CMB BCL RD . -11.87 -13.39 -39.16
CAB BCL RD . -15.05 -14.11 -38.02
OBB BCL RD . -16.23 -14.41 -38.09
CBB BCL RD . -14.11 -14.87 -37.12
NC BCL RD . -17.20 -9.71 -40.43
C1C BCL RD . -17.56 -10.78 -39.70
C2C BCL RD . -19.03 -10.99 -39.59
C3C BCL RD . -19.53 -10.01 -40.61
C4C BCL RD . -18.31 -9.18 -40.83
CMC BCL RD . -19.43 -12.40 -39.99
CAC BCL RD . -20.71 -9.18 -40.12
CBC BCL RD . -20.48 -8.55 -38.77
ND BCL RD . -16.23 -7.62 -41.86
C1D BCL RD . -17.46 -7.13 -42.06
C2D BCL RD . -17.50 -5.90 -42.91
C3D BCL RD . -16.06 -5.72 -43.12
C4D BCL RD . -15.43 -6.71 -42.50
CMD BCL RD . -18.51 -4.94 -43.47
CAD BCL RD . -15.09 -4.84 -43.78
OBD BCL RD . -15.38 -3.79 -44.47
CBD BCL RD . -13.72 -5.37 -43.51
CGD BCL RD . -12.99 -5.61 -44.80
O1D BCL RD . -13.21 -6.58 -45.49
O2D BCL RD . -12.02 -4.62 -45.24
CED BCL RD . -11.19 -4.87 -46.38
C1 BCL RD . -6.72 -3.75 -41.26
C2 BCL RD . -5.26 -4.12 -41.32
C3 BCL RD . -4.55 -3.82 -42.42
C4 BCL RD . -5.20 -3.13 -43.58
C5 BCL RD . -3.09 -4.16 -42.49
C6 BCL RD . -2.29 -2.87 -42.39
C7 BCL RD . -1.70 -2.47 -43.73
C8 BCL RD . -0.60 -1.44 -43.52
C9 BCL RD . -1.00 -0.08 -44.08
C10 BCL RD . 0.69 -1.96 -44.15
C11 BCL RD . 1.40 -2.88 -43.18
C12 BCL RD . 1.87 -2.12 -41.94
C13 BCL RD . 2.60 -3.02 -40.97
C14 BCL RD . 3.61 -3.91 -41.69
C15 BCL RD . 1.58 -3.87 -40.20
C16 BCL RD . 0.74 -2.99 -39.28
C17 BCL RD . -0.51 -3.69 -38.79
C18 BCL RD . -0.23 -5.11 -38.28
C19 BCL RD . -1.53 -5.92 -38.23
C20 BCL RD . 0.45 -5.07 -36.92
C1B LMT SD . -20.43 -11.53 -27.20
C2B LMT SD . -21.81 -11.56 -26.58
C3B LMT SD . -22.11 -12.95 -26.03
C4B LMT SD . -21.91 -13.99 -27.13
C5B LMT SD . -20.52 -13.84 -27.72
C6B LMT SD . -20.26 -14.85 -28.82
O1B LMT SD . -19.45 -11.83 -26.21
O2B LMT SD . -21.89 -10.59 -25.52
O3B LMT SD . -23.46 -12.99 -25.55
O4' LMT SD . -22.06 -15.30 -26.59
O5B LMT SD . -20.35 -12.52 -28.23
O6B LMT SD . -21.37 -14.86 -29.73
C1' LMT SD . -15.71 -10.55 -25.12
C2' LMT SD . -16.78 -9.48 -25.08
C3' LMT SD . -18.17 -10.11 -25.19
C4' LMT SD . -18.25 -11.08 -26.36
C5' LMT SD . -17.07 -12.04 -26.35
C6' LMT SD . -17.07 -12.95 -27.57
O1' LMT SD . -14.40 -9.97 -25.08
O2' LMT SD . -16.69 -8.75 -23.84
O3' LMT SD . -19.15 -9.08 -25.35
O5' LMT SD . -15.84 -11.30 -26.32
O6' LMT SD . -16.28 -14.10 -27.28
C1 LMT SD . -13.42 -10.99 -25.15
C2 LMT SD . -12.03 -10.44 -24.85
C3 LMT SD . -11.59 -9.42 -25.89
C4 LMT SD . -10.09 -9.54 -26.12
C5 LMT SD . -9.53 -8.25 -26.73
C6 LMT SD . -8.58 -8.57 -27.88
C7 LMT SD . -7.35 -9.34 -27.43
C8 LMT SD . -6.54 -9.79 -28.63
C9 LMT SD . -6.15 -8.60 -29.50
C10 LMT SD . -5.77 -9.04 -30.92
C11 LMT SD . -4.58 -9.97 -30.91
C12 LMT SD . -4.13 -10.30 -32.32
C1 CDL TD . -29.96 -14.79 -44.55
O1 CDL TD . -29.04 -13.71 -44.71
CA2 CDL TD . -29.19 -16.05 -44.16
OA2 CDL TD . -28.47 -16.52 -45.29
PA1 CDL TD . -27.26 -17.58 -45.09
OA3 CDL TD . -26.13 -16.85 -44.40
OA4 CDL TD . -27.84 -18.83 -44.46
OA5 CDL TD . -26.80 -17.92 -46.59
CA3 CDL TD . -25.80 -18.91 -46.82
CA4 CDL TD . -25.37 -18.90 -48.28
OA6 CDL TD . -25.49 -20.23 -48.81
CA5 CDL TD . -24.27 -20.89 -49.25
OA7 CDL TD . -23.76 -20.59 -50.33
C11 CDL TD . -23.64 -21.97 -48.40
C12 CDL TD . -22.15 -22.12 -48.68
C13 CDL TD . -21.35 -20.96 -48.08
C14 CDL TD . -19.87 -21.28 -48.01
C15 CDL TD . -19.13 -20.21 -47.21
C16 CDL TD . -17.77 -20.69 -46.74
C17 CDL TD . -16.75 -20.74 -47.87
C18 CDL TD . -16.62 -19.41 -48.60
C19 CDL TD . -15.53 -19.46 -49.66
CA6 CDL TD . -23.94 -18.37 -48.37
OA8 CDL TD . -23.56 -17.69 -47.17
CA7 CDL TD . -22.16 -17.43 -46.92
OA9 CDL TD . -21.36 -17.58 -47.83
C31 CDL TD . -21.70 -16.98 -45.56
C32 CDL TD . -20.19 -17.21 -45.38
C33 CDL TD . -19.39 -16.00 -45.86
C34 CDL TD . -17.96 -16.05 -45.33
C35 CDL TD . -17.27 -17.34 -45.77
C36 CDL TD . -15.83 -17.39 -45.28
C37 CDL TD . -15.05 -16.17 -45.75
C38 CDL TD . -13.64 -16.17 -45.18
C39 CDL TD . -12.82 -17.33 -45.73
C40 CDL TD . -11.38 -17.25 -45.25
C41 CDL TD . -10.73 -15.95 -45.72
C42 CDL TD . -10.67 -15.89 -47.24
C43 CDL TD . -10.04 -14.59 -47.72
CB2 CDL TD . -30.69 -15.01 -45.88
OB2 CDL TD . -30.24 -14.01 -46.79
PB2 CDL TD . -30.41 -14.22 -48.38
OB3 CDL TD . -31.67 -13.52 -48.82
OB4 CDL TD . -30.19 -15.67 -48.70
OB5 CDL TD . -29.14 -13.38 -48.90
CB3 CDL TD . -28.35 -13.85 -49.99
CB4 CDL TD . -26.92 -14.02 -49.50
OB6 CDL TD . -26.35 -12.77 -49.13
CB5 CDL TD . -25.72 -12.83 -47.82
OB7 CDL TD . -26.25 -13.47 -46.92
C51 CDL TD . -24.41 -12.12 -47.57
C52 CDL TD . -23.87 -12.47 -46.19
C53 CDL TD . -22.42 -12.05 -46.06
C54 CDL TD . -21.99 -11.90 -44.61
C55 CDL TD . -20.51 -11.53 -44.50
C56 CDL TD . -20.27 -10.11 -45.00
C57 CDL TD . -18.98 -10.02 -45.80
C58 CDL TD . -17.77 -9.85 -44.90
C59 CDL TD . -16.48 -9.96 -45.72
C60 CDL TD . -15.27 -9.56 -44.89
C61 CDL TD . -13.99 -9.72 -45.69
CB6 CDL TD . -26.06 -14.69 -50.57
OB8 CDL TD . -24.71 -14.74 -50.11
CB7 CDL TD . -23.82 -15.77 -50.58
OB9 CDL TD . -24.29 -16.73 -51.19
C71 CDL TD . -22.34 -15.67 -50.32
C72 CDL TD . -21.77 -14.49 -51.11
C73 CDL TD . -20.26 -14.43 -50.99
C74 CDL TD . -19.84 -14.19 -49.54
C75 CDL TD . -18.36 -13.80 -49.47
C76 CDL TD . -17.95 -13.49 -48.03
C77 CDL TD . -16.50 -13.05 -47.97
MG BCL UD . -18.43 -0.49 -41.45
CHA BCL UD . -15.19 -1.58 -41.28
CHB BCL UD . -17.38 2.43 -42.74
CHC BCL UD . -21.54 0.76 -40.92
CHD BCL UD . -19.46 -3.36 -39.70
NA BCL UD . -16.66 0.27 -42.00
C1A BCL UD . -15.49 -0.29 -41.94
C2A BCL UD . -14.38 0.52 -42.52
C3A BCL UD . -15.04 1.85 -42.71
C4A BCL UD . -16.47 1.51 -42.48
CMA BCL UD . -14.55 2.88 -41.70
CAA BCL UD . -13.86 -0.06 -43.83
CBA BCL UD . -12.55 0.60 -44.22
CGA BCL UD . -12.80 1.64 -45.28
O1A BCL UD . -13.58 1.42 -46.19
O2A BCL UD . -12.13 2.93 -45.23
NB BCL UD . -19.33 1.32 -41.75
C1B BCL UD . -18.78 2.42 -42.31
C2B BCL UD . -19.64 3.61 -42.44
C3B BCL UD . -20.91 3.10 -41.89
C4B BCL UD . -20.61 1.69 -41.52
CMB BCL UD . -19.24 4.94 -43.02
CAB BCL UD . -22.23 3.78 -41.73
OBB BCL UD . -23.25 3.12 -41.66
CBB BCL UD . -22.30 5.27 -41.64
NC BCL UD . -20.17 -1.18 -40.70
C1C BCL UD . -21.34 -0.53 -40.69
C2C BCL UD . -22.50 -1.37 -40.30
C3C BCL UD . -21.81 -2.58 -39.75
C4C BCL UD . -20.39 -2.31 -40.11
CMC BCL UD . -23.32 -0.69 -39.22
CAC BCL UD . -22.28 -3.88 -40.41
CBC BCL UD . -23.48 -4.44 -39.67
ND BCL UD . -17.62 -2.15 -40.60
C1D BCL UD . -18.04 -3.24 -39.95
C2D BCL UD . -16.94 -4.18 -39.58
C3D BCL UD . -15.80 -3.46 -40.14
C4D BCL UD . -16.27 -2.35 -40.70
CMD BCL UD . -16.82 -5.49 -38.87
CAD BCL UD . -14.33 -3.52 -40.32
OBD BCL UD . -13.56 -4.46 -39.90
CBD BCL UD . -13.89 -2.30 -41.07
CGD BCL UD . -12.89 -1.53 -40.29
O1D BCL UD . -13.14 -1.09 -39.18
O2D BCL UD . -11.57 -1.30 -40.85
CED BCL UD . -10.68 -0.38 -40.22
C1 BCL UD . -12.89 4.09 -45.61
C2 BCL UD . -12.36 5.30 -44.89
C3 BCL UD . -12.12 6.41 -45.59
C4 BCL UD . -12.39 6.42 -47.06
C5 BCL UD . -11.59 7.65 -44.91
C6 BCL UD . -12.42 7.94 -43.66
C7 BCL UD . -12.57 9.44 -43.38
C8 BCL UD . -11.34 10.25 -43.74
C9 BCL UD . -10.23 10.06 -42.71
C10 BCL UD . -11.74 11.72 -43.83
C11 BCL UD . -11.80 12.22 -45.26
C12 BCL UD . -10.41 12.61 -45.77
C13 BCL UD . -10.31 14.11 -46.01
C14 BCL UD . -11.40 14.57 -46.97
C15 BCL UD . -8.94 14.49 -46.54
C16 BCL UD . -7.81 13.65 -45.96
C17 BCL UD . -7.07 12.91 -47.08
C18 BCL UD . -5.77 12.29 -46.60
C19 BCL UD . -4.98 13.27 -45.73
C20 BCL UD . -4.93 11.81 -47.78
C1 I7D VD . -18.08 3.39 -34.08
O1 I7D VD . -18.10 4.51 -33.18
C2 I7D VD . -16.81 2.59 -33.81
C3 I7D VD . -19.32 2.57 -33.76
C4 I7D VD . -18.11 3.89 -35.53
C5 I7D VD . -16.79 4.34 -36.13
C6 I7D VD . -16.33 5.70 -35.67
C7 I7D VD . -15.17 6.42 -36.27
C8 I7D VD . -14.82 7.71 -35.65
C10 I7D VD . -13.46 6.44 -38.02
C11 I7D VD . -12.83 5.84 -39.09
C12 I7D VD . -11.77 6.30 -39.88
C13 I7D VD . -11.21 7.65 -39.60
C14 I7D VD . -11.21 5.54 -40.91
C15 I7D VD . -10.11 5.81 -41.71
C16 I7D VD . -9.58 4.91 -42.60
C17 I7D VD . -8.45 5.03 -43.43
C18 I7D VD . -7.78 6.35 -43.52
C19 I7D VD . -7.93 3.97 -44.18
C1M I7D VD . -18.11 4.27 -31.79
C20 I7D VD . -6.83 3.96 -45.00
C21 I7D VD . -6.15 2.91 -45.60
C22 I7D VD . -5.03 2.95 -46.40
C23 I7D VD . -4.18 1.91 -46.80
C24 I7D VD . -4.48 0.53 -46.33
C25 I7D VD . -3.05 2.13 -47.60
C26 I7D VD . -1.98 1.29 -47.85
C27 I7D VD . -0.90 1.65 -48.64
C28 I7D VD . 0.30 0.96 -48.88
C29 I7D VD . 0.52 -0.34 -48.20
C2M I7D VD . 10.26 4.92 -50.49
C30 I7D VD . 1.31 1.48 -49.70
C31 I7D VD . 2.62 1.05 -49.87
C32 I7D VD . 3.61 1.59 -50.77
C33 I7D VD . 4.89 1.24 -50.82
C34 I7D VD . 5.54 0.37 -49.78
C35 I7D VD . 5.78 1.71 -51.94
C36 I7D VD . 7.09 2.25 -51.45
C37 I7D VD . 7.96 2.82 -52.56
C38 I7D VD . 9.33 3.34 -52.14
C39 I7D VD . 10.03 4.06 -53.29
C40 I7D VD . 10.20 2.24 -51.57
C9 I7D VD . -14.50 5.90 -37.30
O2 I7D VD . 9.13 4.31 -51.08
O6 I7D VD . -16.96 6.24 -34.76
MG BCL WD . -20.34 7.65 -39.10
CHA BCL WD . -18.79 10.48 -40.18
CHB BCL WD . -17.60 5.86 -39.79
CHC BCL WD . -22.00 4.91 -38.00
CHD BCL WD . -23.41 9.38 -39.03
NA BCL WD . -18.48 8.09 -39.70
C1A BCL WD . -18.00 9.25 -40.00
C2A BCL WD . -16.53 9.24 -40.27
C3A BCL WD . -16.22 7.77 -40.34
C4A BCL WD . -17.52 7.18 -39.90
CMA BCL WD . -15.89 7.33 -41.75
CAA BCL WD . -15.71 9.92 -39.18
CBA BCL WD . -14.33 10.18 -39.76
CGA BCL WD . -13.36 10.60 -38.69
O1A BCL WD . -13.38 10.10 -37.58
O2A BCL WD . -12.37 11.63 -38.98
NB BCL WD . -19.89 5.66 -38.95
C1B BCL WD . -18.71 5.08 -39.24
C2B BCL WD . -18.62 3.61 -39.01
C3B BCL WD . -19.96 3.33 -38.46
C4B BCL WD . -20.63 4.66 -38.46
CMB BCL WD . -17.43 2.71 -39.27
CAB BCL WD . -20.58 2.05 -38.00
OBB BCL WD . -21.78 1.92 -38.02
CBB BCL WD . -19.70 0.95 -37.49
NC BCL WD . -22.26 7.17 -38.74
C1C BCL WD . -22.72 5.97 -38.33
C2C BCL WD . -24.21 5.88 -38.25
C3C BCL WD . -24.60 7.18 -38.88
C4C BCL WD . -23.31 7.92 -38.89
CMC BCL WD . -24.73 4.71 -39.05
CAC BCL WD . -25.68 7.90 -38.07
CBC BCL WD . -25.33 8.03 -36.61
ND BCL WD . -21.09 9.49 -39.52
C1D BCL WD . -22.26 10.15 -39.46
C2D BCL WD . -22.18 11.59 -39.86
C3D BCL WD . -20.74 11.67 -40.15
C4D BCL WD . -20.21 10.47 -39.91
CMD BCL WD . -23.09 12.78 -40.02
CAD BCL WD . -19.69 12.60 -40.59
OBD BCL WD . -19.87 13.84 -40.90
CBD BCL WD . -18.39 11.86 -40.62
CGD BCL WD . -17.78 11.96 -41.98
O1D BCL WD . -18.32 11.46 -42.95
O2D BCL WD . -16.55 12.72 -42.15
CED BCL WD . -16.01 12.89 -43.46
C1 BCL WD . -11.30 11.87 -38.08
C2 BCL WD . -9.98 11.52 -38.73
C3 BCL WD . -9.47 12.30 -39.70
C4 BCL WD . -10.18 13.53 -40.15
C5 BCL WD . -8.15 11.93 -40.34
C6 BCL WD . -7.16 13.04 -40.02
C7 BCL WD . -6.30 13.38 -41.24
C8 BCL WD . -5.03 14.11 -40.81
C9 BCL WD . -5.23 15.62 -40.91
C10 BCL WD . -3.86 13.64 -41.66
C11 BCL WD . -2.74 13.08 -40.81
C12 BCL WD . -3.22 11.97 -39.88
C13 BCL WD . -2.46 12.00 -38.55
C14 BCL WD . -0.97 12.24 -38.78
C15 BCL WD . -2.68 10.69 -37.79
C16 BCL WD . -4.11 10.56 -37.28
C17 BCL WD . -4.81 9.37 -37.90
C18 BCL WD . -5.94 8.84 -37.02
C19 BCL WD . -7.20 9.70 -37.20
C20 BCL WD . -5.52 8.77 -35.55
C1B LMT XD . -29.45 6.31 -19.78
C2B LMT XD . -30.53 5.68 -20.65
C3B LMT XD . -31.63 6.70 -20.94
C4B LMT XD . -32.18 7.22 -19.62
C5B LMT XD . -31.05 7.80 -18.76
C6B LMT XD . -31.58 8.24 -17.41
O1B LMT XD . -28.75 7.32 -20.52
O2B LMT XD . -29.97 5.22 -21.88
O3B LMT XD . -32.68 6.08 -21.70
O4' LMT XD . -33.15 8.25 -19.87
O5B LMT XD . -30.01 6.83 -18.57
O6B LMT XD . -32.08 7.10 -16.70
C1' LMT XD . -24.64 7.24 -21.45
C2' LMT XD . -25.44 5.96 -21.50
C3' LMT XD . -26.91 6.29 -21.73
C4' LMT XD . -27.34 7.08 -20.51
C5' LMT XD . -26.55 8.39 -20.48
C6' LMT XD . -26.92 9.23 -19.26
O1' LMT XD . -23.30 6.86 -21.13
O2' LMT XD . -24.94 5.06 -22.51
O3' LMT XD . -27.64 5.07 -21.92
O5' LMT XD . -25.14 8.12 -20.44
O6' LMT XD . -28.33 9.44 -19.23
C1 LMT XD . -22.34 7.37 -22.05
C2 LMT XD . -21.05 6.59 -21.85
C3 LMT XD . -20.62 6.61 -20.40
C4 LMT XD . -19.37 5.76 -20.17
C5 LMT XD . -18.09 6.56 -20.41
C6 LMT XD . -16.89 5.68 -20.06
C7 LMT XD . -15.60 6.25 -20.64
C8 LMT XD . -15.23 7.56 -19.98
C1 I7D YD . -21.20 17.22 -28.33
O1 I7D YD . -21.04 18.00 -27.13
C2 I7D YD . -20.02 16.27 -28.44
C3 I7D YD . -22.50 16.46 -28.15
C4 I7D YD . -21.28 18.15 -29.56
C5 I7D YD . -19.96 18.65 -30.11
C6 I7D YD . -19.35 19.79 -29.34
C7 I7D YD . -18.16 20.55 -29.79
C8 I7D YD . -17.62 21.56 -28.84
C10 I7D YD . -16.53 21.00 -31.56
C11 I7D YD . -16.01 20.74 -32.82
C12 I7D YD . -14.91 21.32 -33.47
C13 I7D YD . -14.17 22.42 -32.81
C14 I7D YD . -14.50 20.89 -34.74
C15 I7D YD . -13.43 21.33 -35.51
C16 I7D YD . -13.07 20.76 -36.72
C17 I7D YD . -12.02 21.09 -37.59
C18 I7D YD . -11.19 22.28 -37.27
C19 I7D YD . -11.71 20.35 -38.73
C1M I7D YD . -21.00 17.33 -25.88
C20 I7D YD . -10.68 20.54 -39.64
C21 I7D YD . -10.22 19.74 -40.67
C22 I7D YD . -9.17 19.95 -41.53
C23 I7D YD . -8.51 19.04 -42.39
C24 I7D YD . -9.07 17.68 -42.54
C25 I7D YD . -7.34 19.37 -43.08
C26 I7D YD . -6.45 18.55 -43.74
C27 I7D YD . -5.24 19.00 -44.28
C28 I7D YD . -4.21 18.29 -44.90
C29 I7D YD . -4.38 16.84 -45.11
C2M I7D YD . 6.02 21.34 -45.93
C30 I7D YD . -3.03 18.91 -45.35
C31 I7D YD . -1.94 18.37 -46.00
C32 I7D YD . -0.84 19.14 -46.56
C33 I7D YD . 0.15 18.69 -47.31
C34 I7D YD . 0.48 17.25 -47.51
C35 I7D YD . 1.03 19.66 -48.07
C36 I7D YD . 2.47 19.62 -47.65
C37 I7D YD . 3.32 20.61 -48.41
C38 I7D YD . 4.78 20.74 -47.96
C39 I7D YD . 5.51 21.79 -48.77
C40 I7D YD . 5.49 19.41 -48.00
C9 I7D YD . -17.60 20.35 -30.99
O2 I7D YD . 4.78 21.19 -46.58
O6 I7D YD . -19.87 20.09 -28.26
MG BCL ZD . -22.47 16.42 -36.64
CHA BCL ZD . -19.38 15.03 -37.14
CHB BCL ZD . -21.09 19.49 -36.82
CHC BCL ZD . -25.40 17.71 -35.53
CHD BCL ZD . -23.74 13.24 -35.87
NA BCL ZD . -20.65 17.15 -37.06
C1A BCL ZD . -19.57 16.49 -37.31
C2A BCL ZD . -18.43 17.32 -37.77
C3A BCL ZD . -18.91 18.72 -37.47
C4A BCL ZD . -20.32 18.45 -37.10
CMA BCL ZD . -18.15 19.31 -36.29
CAA BCL ZD . -18.20 17.11 -39.27
CBA BCL ZD . -16.74 17.34 -39.60
CGA BCL ZD . -16.55 18.79 -39.93
O1A BCL ZD . -17.40 19.41 -40.54
O2A BCL ZD . -15.35 19.51 -39.51
NB BCL ZD . -23.14 18.31 -36.21
C1B BCL ZD . -22.47 19.47 -36.35
C2B BCL ZD . -23.20 20.71 -35.99
C3B BCL ZD . -24.51 20.16 -35.60
C4B BCL ZD . -24.35 18.70 -35.80
CMB BCL ZD . -22.66 22.12 -36.03
CAB BCL ZD . -25.75 20.85 -35.14
OBB BCL ZD . -26.84 20.34 -35.33
CBB BCL ZD . -25.64 22.17 -34.44
NC BCL ZD . -24.23 15.68 -36.02
C1C BCL ZD . -25.31 16.41 -35.69
C2C BCL ZD . -26.54 15.60 -35.44
C3C BCL ZD . -25.99 14.20 -35.47
C4C BCL ZD . -24.56 14.44 -35.83
CMC BCL ZD . -27.11 15.92 -34.06
CAC BCL ZD . -26.67 13.34 -36.51
CBC BCL ZD . -27.49 12.25 -35.86
ND BCL ZD . -21.82 14.50 -36.47
C1D BCL ZD . -22.33 13.30 -36.21
C2D BCL ZD . -21.33 12.18 -36.28
C3D BCL ZD . -20.15 12.94 -36.66
C4D BCL ZD . -20.51 14.22 -36.78
CMD BCL ZD . -21.30 10.70 -36.07
CAD BCL ZD . -18.71 12.81 -36.98
OBD BCL ZD . -18.04 11.71 -36.98
CBD BCL ZD . -18.17 14.16 -37.32
CGD BCL ZD . -17.00 14.52 -36.47
O1D BCL ZD . -17.07 14.58 -35.25
O2D BCL ZD . -15.72 14.77 -37.11
CED BCL ZD . -14.63 15.28 -36.34
C1 BCL ZD . -15.23 20.86 -39.91
C2 BCL ZD . -15.73 21.76 -38.81
C3 BCL ZD . -16.35 22.91 -39.09
C4 BCL ZD . -16.54 23.32 -40.52
C5 BCL ZD . -16.84 23.79 -37.98
C6 BCL ZD . -15.80 23.85 -36.88
C7 BCL ZD . -15.90 25.14 -36.09
C8 BCL ZD . -14.55 25.54 -35.50
C9 BCL ZD . -14.68 25.82 -34.01
C10 BCL ZD . -14.02 26.74 -36.26
C11 BCL ZD . -12.99 27.52 -35.44
C12 BCL ZD . -12.33 28.61 -36.27
C13 BCL ZD . -12.85 30.00 -35.91
C14 BCL ZD . -14.24 30.26 -36.48
C15 BCL ZD . -11.85 31.06 -36.36
C16 BCL ZD . -12.25 31.73 -37.66
C17 BCL ZD . -11.74 30.98 -38.89
C18 BCL ZD . -10.54 31.68 -39.53
C19 BCL ZD . -10.73 33.19 -39.57
C20 BCL ZD . -10.29 31.13 -40.92
P PGV AE . 8.65 25.61 -21.14
C01 PGV AE . 5.46 24.16 -18.01
C02 PGV AE . 5.27 24.31 -19.52
C03 PGV AE . 6.62 24.22 -20.25
C04 PGV AE . 10.14 27.72 -21.68
O01 PGV AE . 4.59 25.53 -19.79
O02 PGV AE . 3.76 25.16 -21.90
O03 PGV AE . 5.91 22.84 -17.74
O04 PGV AE . 5.24 20.66 -17.47
O11 PGV AE . 7.29 25.47 -20.28
O12 PGV AE . 8.99 27.18 -21.02
O13 PGV AE . 8.32 25.30 -22.57
O14 PGV AE . 9.73 24.82 -20.44
C1 PGV AE . 3.50 25.35 -20.73
C2 PGV AE . 2.07 25.38 -20.25
C3 PGV AE . 1.86 26.51 -19.25
C4 PGV AE . 0.84 26.08 -18.20
C5 PGV AE . 0.09 27.26 -17.61
C6 PGV AE . -0.99 26.76 -16.66
C7 PGV AE . -2.10 27.77 -16.42
C8 PGV AE . -3.32 27.08 -15.82
C9 PGV AE . -4.42 28.06 -15.51
C10 PGV AE . -4.13 28.84 -14.23
C11 PGV AE . -5.34 28.80 -13.33
C12 PGV AE . -5.23 28.36 -12.08
C13 PGV AE . -6.45 28.32 -11.19
C14 PGV AE . -6.80 26.87 -10.89
C15 PGV AE . -8.30 26.68 -10.77
C19 PGV AE . 4.97 21.83 -17.28
C20 PGV AE . 3.68 22.22 -16.60
C21 PGV AE . 2.54 22.09 -17.61
C22 PGV AE . 1.18 22.14 -16.94
C23 PGV AE . 0.07 21.99 -17.99
C24 PGV AE . -1.31 21.87 -17.35
C25 PGV AE . -1.73 23.18 -16.68
C26 PGV AE . -3.21 23.16 -16.31
C27 PGV AE . -3.53 21.97 -15.43
MG BCL BE . -23.16 23.30 -31.41
CHA BCL BE . -21.39 26.19 -31.51
CHB BCL BE . -20.67 21.69 -32.96
CHC BCL BE . -24.99 20.47 -31.18
CHD BCL BE . -26.03 25.09 -30.47
NA BCL BE . -21.30 23.78 -31.96
C1A BCL BE . -20.72 24.92 -31.85
C2A BCL BE . -19.26 24.90 -32.20
C3A BCL BE . -19.10 23.54 -32.82
C4A BCL BE . -20.44 22.93 -32.56
CMA BCL BE . -18.84 23.62 -34.32
CAA BCL BE . -18.38 25.03 -30.97
CBA BCL BE . -17.19 25.92 -31.29
CGA BCL BE . -15.97 25.42 -30.56
O1A BCL BE . -15.95 24.34 -30.00
O2A BCL BE . -14.78 26.25 -30.53
NB BCL BE . -22.89 21.35 -32.01
C1B BCL BE . -21.81 20.84 -32.61
C2B BCL BE . -21.84 19.38 -32.91
C3B BCL BE . -23.16 19.02 -32.37
C4B BCL BE . -23.69 20.30 -31.85
CMB BCL BE . -20.76 18.58 -33.60
CAB BCL BE . -23.86 17.69 -32.32
OBB BCL BE . -25.07 17.65 -32.19
CBB BCL BE . -23.06 16.43 -32.43
NC BCL BE . -25.09 22.86 -31.07
C1C BCL BE . -25.63 21.62 -31.05
C2C BCL BE . -27.11 21.61 -30.87
C3C BCL BE . -27.42 23.07 -30.99
C4C BCL BE . -26.07 23.67 -30.85
CMC BCL BE . -27.80 20.83 -31.98
CAC BCL BE . -28.35 23.54 -29.88
CBC BCL BE . -27.92 23.06 -28.52
ND BCL BE . -23.74 25.21 -31.07
C1D BCL BE . -24.84 25.88 -30.67
C2D BCL BE . -24.62 27.36 -30.53
C3D BCL BE . -23.21 27.43 -30.88
C4D BCL BE . -22.79 26.19 -31.15
CMD BCL BE . -25.40 28.59 -30.16
CAD BCL BE . -22.08 28.37 -31.04
OBD BCL BE . -22.14 29.65 -30.86
CBD BCL BE . -20.87 27.61 -31.45
CGD BCL BE . -20.33 28.12 -32.75
O1D BCL BE . -21.01 28.11 -33.75
O2D BCL BE . -18.98 28.67 -32.80
CED BCL BE . -18.37 28.96 -34.06
C1 BCL BE . -13.65 25.91 -29.76
C2 BCL BE . -12.49 25.56 -30.65
C3 BCL BE . -11.86 26.49 -31.37
C4 BCL BE . -12.31 27.93 -31.32
C5 BCL BE . -10.71 26.11 -32.26
C6 BCL BE . -9.43 26.72 -31.71
C7 BCL BE . -9.00 27.94 -32.52
C8 BCL BE . -7.67 28.48 -32.04
C9 BCL BE . -7.87 29.69 -31.14
C10 BCL BE . -6.79 28.82 -33.24
C11 BCL BE . -5.52 27.99 -33.28
C12 BCL BE . -5.79 26.53 -32.94
C13 BCL BE . -4.49 25.77 -32.69
C14 BCL BE . -3.67 25.65 -33.97
C15 BCL BE . -4.79 24.40 -32.09
C16 BCL BE . -4.94 24.50 -30.57
C17 BCL BE . -6.38 24.27 -30.12
C18 BCL BE . -6.86 22.88 -30.48
C19 BCL BE . -8.38 22.84 -30.60
C20 BCL BE . -6.37 21.85 -29.48
P PGV CE . -30.59 13.26 -17.63
C01 PGV CE . -27.42 12.65 -21.61
C02 PGV CE . -27.59 12.83 -20.11
C03 PGV CE . -29.06 13.06 -19.77
C04 PGV CE . -31.49 14.53 -15.51
O01 PGV CE . -26.80 13.94 -19.69
O02 PGV CE . -26.20 12.57 -17.92
O03 PGV CE . -26.03 12.62 -21.88
O04 PGV CE . -26.32 11.58 -23.93
O11 PGV CE . -29.18 13.43 -18.40
O12 PGV CE . -30.37 14.16 -16.31
O13 PGV CE . -30.73 11.82 -17.20
O14 PGV CE . -31.67 13.91 -18.45
C1 PGV CE . -26.06 13.65 -18.45
C2 PGV CE . -25.14 14.69 -17.87
C3 PGV CE . -24.06 15.08 -18.87
C4 PGV CE . -22.84 14.17 -18.78
C5 PGV CE . -21.59 14.88 -19.29
C6 PGV CE . -20.44 14.73 -18.30
C7 PGV CE . -19.46 15.89 -18.39
C8 PGV CE . -18.45 15.68 -19.51
C9 PGV CE . -17.32 16.70 -19.43
C10 PGV CE . -17.84 18.12 -19.57
C11 PGV CE . -16.68 19.08 -19.71
C19 PGV CE . -25.53 12.04 -23.12
C20 PGV CE . -24.04 12.01 -23.39
C21 PGV CE . -23.34 11.41 -22.17
C22 PGV CE . -21.82 11.43 -22.34
C23 PGV CE . -21.38 10.46 -23.42
C24 PGV CE . -19.97 9.94 -23.14
C25 PGV CE . -19.53 8.92 -24.18
C26 PGV CE . -18.31 8.16 -23.67
C27 PGV CE . -17.67 7.30 -24.76
C28 PGV CE . -16.67 8.13 -25.57
C29 PGV CE . -15.34 7.40 -25.68
C30 PGV CE . -14.39 8.12 -26.63
C31 PGV CE . -14.15 9.56 -26.17
P PGV DE . -31.24 20.53 -12.91
C01 PGV DE . -27.59 22.74 -12.81
C02 PGV DE . -28.20 22.60 -14.19
C03 PGV DE . -29.70 22.31 -14.07
C04 PGV DE . -31.47 18.08 -11.93
C05 PGV DE . -30.56 16.89 -11.67
C06 PGV DE . -29.57 16.77 -12.82
O01 PGV DE . -27.50 21.62 -14.97
O02 PGV DE . -28.11 19.68 -13.79
O03 PGV DE . -26.17 22.77 -12.93
O04 PGV DE . -25.77 24.21 -11.18
O05 PGV DE . -31.34 15.69 -11.59
O06 PGV DE . -28.81 15.56 -12.69
O11 PGV DE . -29.92 21.44 -12.97
O12 PGV DE . -30.68 19.24 -12.10
O13 PGV DE . -31.57 20.09 -14.31
O14 PGV DE . -32.28 21.22 -12.07
C1 PGV DE . -27.21 20.33 -14.32
C2 PGV DE . -25.82 19.79 -14.34
C3 PGV DE . -25.46 19.40 -15.77
C4 PGV DE . -24.05 18.83 -15.84
C5 PGV DE . -23.68 18.46 -17.27
C6 PGV DE . -22.30 17.85 -17.34
C19 PGV DE . -25.33 23.31 -11.88
C20 PGV DE . -23.96 22.74 -11.64
C21 PGV DE . -23.31 22.37 -12.97
C22 PGV DE . -22.41 21.16 -12.78
C23 PGV DE . -21.53 20.90 -14.01
C24 PGV DE . -21.02 19.46 -13.98
C25 PGV DE . -19.92 19.23 -15.01
C26 PGV DE . -18.61 19.85 -14.56
C27 PGV DE . -17.46 18.87 -14.80
C28 PGV DE . -16.15 19.42 -14.21
C29 PGV DE . -15.05 18.37 -14.26
C30 PGV DE . -14.86 17.87 -15.69
C31 PGV DE . -13.67 16.90 -15.76
C32 PGV DE . -13.53 16.32 -17.16
C1 CDL EE . -39.46 24.78 -35.27
O1 CDL EE . -39.38 24.92 -33.85
CA2 CDL EE . -39.28 23.33 -35.67
OA2 CDL EE . -38.96 23.29 -37.07
PA1 CDL EE . -38.26 22.01 -37.74
OA3 CDL EE . -37.18 21.54 -36.79
OA4 CDL EE . -39.33 21.07 -38.21
OA5 CDL EE . -37.53 22.66 -39.03
CA3 CDL EE . -37.02 21.85 -40.09
CA4 CDL EE . -35.72 22.46 -40.61
OA6 CDL EE . -35.64 22.37 -42.04
CA5 CDL EE . -35.00 21.16 -42.54
OA7 CDL EE . -35.50 20.07 -42.33
C11 CDL EE . -33.71 21.26 -43.33
C12 CDL EE . -32.97 19.93 -43.32
C13 CDL EE . -31.46 20.14 -43.29
C14 CDL EE . -30.74 18.87 -42.85
C15 CDL EE . -29.41 19.16 -42.18
C16 CDL EE . -28.43 19.81 -43.15
C17 CDL EE . -27.01 19.83 -42.58
C18 CDL EE . -26.06 20.57 -43.51
C19 CDL EE . -26.46 22.04 -43.65
CA6 CDL EE . -34.55 21.76 -39.93
OA8 CDL EE . -33.55 22.69 -39.53
CA7 CDL EE . -32.15 22.35 -39.76
OA9 CDL EE . -31.77 22.19 -40.90
C31 CDL EE . -31.19 22.20 -38.61
C32 CDL EE . -29.79 21.93 -39.14
C33 CDL EE . -28.83 21.67 -37.98
C34 CDL EE . -27.40 22.02 -38.33
C35 CDL EE . -26.69 20.89 -39.08
C36 CDL EE . -25.19 21.17 -39.08
C37 CDL EE . -24.42 20.18 -39.95
C38 CDL EE . -22.93 20.52 -39.94
C39 CDL EE . -22.16 19.65 -40.89
C40 CDL EE . -20.66 19.96 -40.82
CB2 CDL EE . -38.34 25.59 -35.92
OB2 CDL EE . -38.73 26.94 -36.11
PB2 CDL EE . -38.64 27.58 -37.58
OB3 CDL EE . -39.43 28.86 -37.60
OB4 CDL EE . -38.93 26.49 -38.59
OB5 CDL EE . -37.07 27.94 -37.69
CB3 CDL EE . -36.47 28.21 -38.95
CB4 CDL EE . -35.15 27.44 -39.01
OB6 CDL EE . -34.37 27.78 -37.86
CB5 CDL EE . -34.13 26.64 -37.00
OB7 CDL EE . -34.92 25.70 -36.99
C51 CDL EE . -32.89 26.61 -36.13
C52 CDL EE . -32.61 25.20 -35.63
C53 CDL EE . -31.25 24.73 -36.13
C54 CDL EE . -30.11 25.61 -35.63
C55 CDL EE . -29.66 25.19 -34.24
C56 CDL EE . -28.32 25.81 -33.88
C57 CDL EE . -27.25 25.50 -34.92
C58 CDL EE . -25.88 25.91 -34.44
C59 CDL EE . -24.80 25.63 -35.47
C60 CDL EE . -23.42 25.99 -34.94
C61 CDL EE . -22.35 25.82 -36.00
CB6 CDL EE . -34.40 27.80 -40.29
OB8 CDL EE . -33.44 26.79 -40.56
CB7 CDL EE . -32.62 26.85 -41.76
OB9 CDL EE . -32.59 27.89 -42.41
C71 CDL EE . -31.86 25.64 -42.23
C72 CDL EE . -30.46 25.63 -41.64
C73 CDL EE . -30.47 25.75 -40.12
C74 CDL EE . -29.09 25.45 -39.55
C75 CDL EE . -28.01 26.21 -40.32
C76 CDL EE . -26.68 25.49 -40.22
C77 CDL EE . -26.18 25.42 -38.79
C1 I7D FE . -22.14 28.10 -18.26
O1 I7D FE . -22.68 27.41 -17.10
C2 I7D FE . -21.12 27.16 -18.89
C3 I7D FE . -23.31 28.35 -19.19
C4 I7D FE . -21.50 29.40 -17.78
C5 I7D FE . -20.66 30.16 -18.79
C6 I7D FE . -20.01 31.36 -18.15
C7 I7D FE . -19.01 32.26 -18.79
C8 I7D FE . -18.42 33.29 -17.91
C10 I7D FE . -17.61 32.96 -20.67
C11 I7D FE . -17.16 32.97 -21.97
C12 I7D FE . -16.10 33.72 -22.53
C13 I7D FE . -15.41 34.69 -21.66
C14 I7D FE . -15.68 33.58 -23.85
C15 I7D FE . -14.60 34.15 -24.50
C16 I7D FE . -14.22 33.92 -25.81
C17 I7D FE . -13.09 34.37 -26.52
C18 I7D FE . -12.14 35.26 -25.82
C19 I7D FE . -12.82 34.00 -27.85
C1M I7D FE . -23.61 28.09 -16.29
C20 I7D FE . -11.71 34.28 -28.62
C21 I7D FE . -11.35 33.86 -29.89
C22 I7D FE . -10.19 34.09 -30.62
C23 I7D FE . -9.79 33.54 -31.85
C24 I7D FE . -10.74 32.66 -32.58
C25 I7D FE . -8.53 33.77 -32.43
C26 I7D FE . -7.98 33.24 -33.57
C27 I7D FE . -6.71 33.49 -34.06
C28 I7D FE . -6.06 33.00 -35.21
C29 I7D FE . -6.80 32.06 -36.09
C2M I7D FE . 4.74 36.24 -39.23
C30 I7D FE . -4.75 33.37 -35.56
C31 I7D FE . -4.05 33.17 -36.75
C32 I7D FE . -2.66 33.51 -36.95
C33 I7D FE . -1.96 33.57 -38.07
C34 I7D FE . -2.55 33.39 -39.44
C35 I7D FE . -0.49 33.88 -38.02
C36 I7D FE . -0.16 35.28 -38.47
C37 I7D FE . 1.21 35.77 -38.03
C38 I7D FE . 2.35 35.63 -39.05
C39 I7D FE . 2.03 36.37 -40.34
C40 I7D FE . 2.72 34.19 -39.30
C9 I7D FE . -18.60 32.19 -20.07
O2 I7D FE . 3.54 36.25 -38.47
O6 I7D FE . -20.33 31.60 -17.00
MG BCL GE . -24.20 30.74 -25.84
CHA BCL GE . -21.28 29.40 -27.07
CHB BCL GE . -22.47 33.43 -24.82
CHC BCL GE . -27.04 31.87 -24.43
CHD BCL GE . -25.71 27.58 -26.12
NA BCL GE . -22.33 31.42 -26.10
C1A BCL GE . -21.34 30.83 -26.70
C2A BCL GE . -20.14 31.70 -26.91
C3A BCL GE . -20.47 32.91 -26.08
C4A BCL GE . -21.87 32.58 -25.64
CMA BCL GE . -19.57 33.02 -24.86
CAA BCL GE . -19.96 32.07 -28.37
CBA BCL GE . -18.55 32.56 -28.62
CGA BCL GE . -18.56 34.07 -28.76
O1A BCL GE . -19.34 34.62 -29.51
O2A BCL GE . -17.62 34.89 -28.00
NB BCL GE . -24.68 32.39 -24.75
C1B BCL GE . -23.89 33.44 -24.43
C2B BCL GE . -24.52 34.54 -23.65
C3B BCL GE . -25.90 34.05 -23.54
C4B BCL GE . -25.88 32.75 -24.27
CMB BCL GE . -23.85 35.79 -23.16
CAB BCL GE . -27.12 34.66 -22.89
OBB BCL GE . -28.22 34.25 -23.16
CBB BCL GE . -26.94 35.76 -21.89
NC BCL GE . -26.00 29.96 -25.42
C1C BCL GE . -27.03 30.63 -24.87
C2C BCL GE . -28.28 29.84 -24.73
C3C BCL GE . -27.84 28.49 -25.22
C4C BCL GE . -26.42 28.75 -25.60
CMC BCL GE . -28.71 29.75 -23.28
CAC BCL GE . -28.63 28.02 -26.43
CBC BCL GE . -29.87 27.26 -25.99
ND BCL GE . -23.72 28.83 -26.41
C1D BCL GE . -24.33 27.66 -26.54
C2D BCL GE . -23.46 26.57 -27.08
C3D BCL GE . -22.22 27.34 -27.28
C4D BCL GE . -22.46 28.59 -26.90
CMD BCL GE . -23.59 25.12 -27.40
CAD BCL GE . -20.83 27.21 -27.75
OBD BCL GE . -20.28 26.14 -28.20
CBD BCL GE . -20.18 28.56 -27.65
CGD BCL GE . -18.91 28.48 -26.86
O1D BCL GE . -18.88 28.01 -25.75
O2D BCL GE . -17.68 28.98 -27.46
CED BCL GE . -16.47 28.95 -26.70
C1 BCL GE . -17.89 36.27 -27.85
C2 BCL GE . -18.02 36.65 -26.39
C3 BCL GE . -17.41 37.74 -25.92
C4 BCL GE . -16.59 38.59 -26.84
C5 BCL GE . -17.54 38.11 -24.45
C6 BCL GE . -16.71 39.35 -24.15
C7 BCL GE . -17.05 39.93 -22.78
C8 BCL GE . -16.74 41.42 -22.75
C9 BCL GE . -17.54 42.17 -23.82
C10 BCL GE . -15.24 41.63 -22.93
C11 BCL GE . -14.88 42.88 -23.71
C12 BCL GE . -13.36 42.99 -23.87
C13 BCL GE . -12.91 44.45 -23.85
C14 BCL GE . -13.57 45.20 -22.71
C15 BCL GE . -13.20 45.10 -25.19
C16 BCL GE . -12.63 46.51 -25.25
C17 BCL GE . -12.92 47.18 -26.58
C18 BCL GE . -12.95 48.68 -26.43
C19 BCL GE . -13.75 49.33 -27.56
C20 BCL GE . -11.54 49.27 -26.36
C1 CDL HE . -40.41 37.01 -21.73
O1 CDL HE . -40.78 35.99 -20.79
CA2 CDL HE . -39.42 36.44 -22.73
OA2 CDL HE . -39.38 37.23 -23.91
PA1 CDL HE . -38.20 38.31 -24.09
OA3 CDL HE . -37.10 37.93 -23.13
OA4 CDL HE . -38.83 39.67 -24.02
OA5 CDL HE . -37.63 38.10 -25.58
CA3 CDL HE . -36.24 37.83 -25.71
CA4 CDL HE . -35.57 38.72 -26.74
OA6 CDL HE . -35.30 37.96 -27.91
CA5 CDL HE . -34.30 38.58 -28.78
OA7 CDL HE . -34.54 39.68 -29.26
C11 CDL HE . -32.98 37.90 -29.06
C12 CDL HE . -33.16 36.59 -29.82
C13 CDL HE . -31.92 35.73 -29.59
C14 CDL HE . -30.65 36.54 -29.83
C15 CDL HE . -29.41 35.78 -29.41
C16 CDL HE . -28.15 36.49 -29.89
CA6 CDL HE . -34.26 39.17 -26.10
OA8 CDL HE . -33.60 37.99 -25.63
CA7 CDL HE . -32.20 38.00 -25.25
OA9 CDL HE . -31.62 39.06 -25.11
C31 CDL HE . -31.47 36.69 -25.04
C32 CDL HE . -30.12 36.74 -25.72
C33 CDL HE . -29.04 37.24 -24.75
C34 CDL HE . -27.73 37.47 -25.48
C35 CDL HE . -27.31 36.26 -26.29
C36 CDL HE . -25.86 36.37 -26.73
C37 CDL HE . -25.51 35.27 -27.73
C38 CDL HE . -24.04 34.90 -27.63
C39 CDL HE . -23.16 36.05 -28.05
C40 CDL HE . -22.39 35.70 -29.31
CB2 CDL HE . -39.75 38.17 -21.00
OB2 CDL HE . -40.66 38.89 -20.18
PB2 CDL HE . -40.45 40.48 -19.99
OB3 CDL HE . -40.66 40.82 -18.55
OB4 CDL HE . -41.25 41.20 -21.06
OB5 CDL HE . -38.88 40.62 -20.34
CB3 CDL HE . -38.36 41.78 -20.97
CB4 CDL HE . -37.18 41.35 -21.84
OB6 CDL HE . -36.03 41.07 -21.04
CB5 CDL HE . -35.77 39.65 -20.94
OB7 CDL HE . -36.57 38.94 -20.38
C51 CDL HE . -34.54 39.05 -21.59
C52 CDL HE . -33.30 39.85 -21.25
C53 CDL HE . -32.62 39.28 -20.01
C54 CDL HE . -31.13 39.15 -20.26
C55 CDL HE . -30.36 39.13 -18.93
C56 CDL HE . -28.96 38.58 -19.12
C57 CDL HE . -28.17 39.36 -20.16
C58 CDL HE . -26.70 38.95 -20.13
C59 CDL HE . -25.92 39.54 -21.30
C60 CDL HE . -24.46 39.15 -21.22
C61 CDL HE . -23.63 39.88 -22.26
CB6 CDL HE . -36.83 42.43 -22.87
OB8 CDL HE . -35.70 41.99 -23.61
CB7 CDL HE . -34.86 42.93 -24.33
OB9 CDL HE . -35.28 44.07 -24.53
C71 CDL HE . -33.50 42.51 -24.81
C72 CDL HE . -32.83 43.65 -25.57
C73 CDL HE . -31.32 43.66 -25.34
C74 CDL HE . -30.71 42.28 -25.56
C1 U10 IE . 8.12 49.46 -5.59
C2 U10 IE . 9.18 50.32 -6.08
C3 U10 IE . 8.95 51.70 -6.26
C4 U10 IE . 7.72 52.25 -5.81
C5 U10 IE . 6.65 51.36 -5.53
C6 U10 IE . 6.90 49.98 -5.29
C1M U10 IE . 8.42 48.00 -5.43
C3M U10 IE . 9.74 53.57 -7.51
C4M U10 IE . 7.14 54.02 -4.36
C7 U10 IE . 5.78 49.11 -4.77
C8 U10 IE . 4.80 48.69 -5.82
C9 U10 IE . 3.49 48.88 -5.81
C10 U10 IE . 2.75 49.51 -4.67
C11 U10 IE . 2.64 48.50 -7.00
C12 U10 IE . 1.15 48.39 -6.75
C13 U10 IE . 0.72 47.09 -6.16
C14 U10 IE . 0.08 46.09 -6.77
C15 U10 IE . 0.03 45.94 -8.26
C16 U10 IE . -0.69 45.05 -5.99
C17 U10 IE . -1.40 44.03 -6.88
C18 U10 IE . -2.44 43.22 -6.17
C19 U10 IE . -3.29 42.35 -6.69
C20 U10 IE . -3.23 41.89 -8.11
C21 U10 IE . -4.44 41.79 -5.89
C22 U10 IE . -4.64 40.28 -5.96
C23 U10 IE . -5.87 39.89 -5.19
C24 U10 IE . -6.95 39.25 -5.62
C25 U10 IE . -8.32 39.52 -5.07
C26 U10 IE . -6.89 38.15 -6.63
C27 U10 IE . -7.52 36.86 -6.11
C28 U10 IE . -7.76 35.81 -7.15
C29 U10 IE . -7.25 34.60 -7.22
C30 U10 IE . -6.18 34.10 -6.30
C31 U10 IE . -7.73 33.59 -8.24
C32 U10 IE . -9.05 32.90 -7.93
C33 U10 IE . -10.26 33.68 -8.33
C34 U10 IE . -11.55 33.34 -8.20
C35 U10 IE . -12.67 34.16 -8.75
C36 U10 IE . -11.95 32.11 -7.44
C37 U10 IE . -13.45 31.82 -7.41
C38 U10 IE . -13.85 31.01 -6.21
C39 U10 IE . -14.26 29.74 -6.15
C40 U10 IE . -14.70 29.09 -4.87
C41 U10 IE . -14.30 28.86 -7.36
C42 U10 IE . -15.49 29.07 -8.27
C43 U10 IE . -16.23 27.80 -8.60
C44 U10 IE . -16.27 27.16 -9.77
C45 U10 IE . -15.39 27.50 -10.92
C46 U10 IE . -17.25 26.05 -10.01
C47 U10 IE . -18.33 25.90 -8.96
C48 U10 IE . -19.25 24.75 -9.26
C49 U10 IE . -19.63 23.77 -8.44
C50 U10 IE . -19.38 23.78 -6.97
C51 U10 IE . -20.34 22.56 -8.97
C52 U10 IE . -19.41 21.43 -9.41
C53 U10 IE . -18.86 20.63 -8.27
C54 U10 IE . -17.88 19.75 -8.29
C55 U10 IE . -17.54 18.88 -7.12
C56 U10 IE . -16.99 19.56 -9.49
O2 U10 IE . 10.29 49.88 -6.36
O3 U10 IE . 10.02 52.35 -6.82
O4 U10 IE . 7.46 53.58 -5.68
O5 U10 IE . 5.51 51.79 -5.46
MG BCL JE . -24.32 35.62 -19.06
CHA BCL JE . -22.24 38.15 -18.08
CHB BCL JE . -21.79 34.22 -20.76
CHC BCL JE . -26.29 32.91 -19.57
CHD BCL JE . -26.78 36.80 -16.86
NA BCL JE . -22.44 36.15 -19.51
C1A BCL JE . -21.77 37.17 -19.10
C2A BCL JE . -20.44 37.34 -19.75
C3A BCL JE . -20.44 36.24 -20.77
C4A BCL JE . -21.63 35.47 -20.34
CMA BCL JE . -20.58 36.79 -22.19
CAA BCL JE . -19.28 37.12 -18.79
CBA BCL JE . -18.02 37.71 -19.42
CGA BCL JE . -16.81 37.43 -18.57
O1A BCL JE . -16.90 36.78 -17.55
O2A BCL JE . -15.50 37.93 -18.97
NB BCL JE . -24.08 33.80 -20.00
C1B BCL JE . -22.99 33.39 -20.68
C2B BCL JE . -23.07 32.05 -21.30
C3B BCL JE . -24.45 31.65 -20.92
C4B BCL JE . -24.95 32.81 -20.15
CMB BCL JE . -21.99 31.34 -22.07
CAB BCL JE . -25.21 30.40 -21.22
OBB BCL JE . -26.19 30.11 -20.57
CBB BCL JE . -24.76 29.49 -22.34
NC BCL JE . -26.18 35.06 -18.55
C1C BCL JE . -26.80 33.95 -18.95
C2C BCL JE . -28.26 33.89 -18.58
C3C BCL JE . -28.43 35.21 -17.89
C4C BCL JE . -27.02 35.70 -17.80
CMC BCL JE . -29.14 33.81 -19.82
CAC BCL JE . -29.07 35.08 -16.52
CBC BCL JE . -28.33 34.12 -15.61
ND BCL JE . -24.57 37.11 -17.70
C1D BCL JE . -25.54 37.56 -16.88
C2D BCL JE . -25.15 38.79 -16.10
C3D BCL JE . -23.81 38.98 -16.63
C4D BCL JE . -23.57 38.02 -17.53
CMD BCL JE . -25.74 39.71 -15.07
CAD BCL JE . -22.62 39.86 -16.54
OBD BCL JE . -22.51 40.88 -15.77
CBD BCL JE . -21.58 39.35 -17.47
CGD BCL JE . -21.24 40.40 -18.47
O1D BCL JE . -22.04 40.76 -19.31
O2D BCL JE . -19.93 41.05 -18.43
CED BCL JE . -19.53 41.89 -19.50
C1 BCL JE . -14.35 37.59 -18.21
C2 BCL JE . -13.43 36.75 -19.07
C3 BCL JE . -12.37 37.31 -19.67
C4 BCL JE . -12.07 38.77 -19.50
C5 BCL JE . -11.47 36.44 -20.51
C6 BCL JE . -11.28 35.09 -19.84
C7 BCL JE . -9.89 34.54 -20.08
C8 BCL JE . -9.93 33.02 -20.17
C9 BCL JE . -9.14 32.36 -19.03
C10 BCL JE . -9.42 32.60 -21.56
C11 BCL JE . -8.07 31.91 -21.53
C12 BCL JE . -6.95 32.91 -21.79
C13 BCL JE . -5.79 32.27 -22.55
C14 BCL JE . -5.09 31.23 -21.68
C15 BCL JE . -4.84 33.38 -22.99
C16 BCL JE . -5.61 34.42 -23.80
C17 BCL JE . -4.72 35.59 -24.22
C18 BCL JE . -5.33 36.31 -25.42
C19 BCL JE . -4.43 37.43 -25.90
C20 BCL JE . -6.73 36.82 -25.11
C1 I7D KE . -20.96 35.71 -4.69
O1 I7D KE . -20.13 35.27 -3.59
C2 I7D KE . -20.64 34.81 -5.87
C3 I7D KE . -22.41 35.55 -4.25
C4 I7D KE . -20.65 37.18 -5.00
C5 I7D KE . -19.26 37.46 -5.53
C6 I7D KE . -18.32 37.98 -4.47
C7 I7D KE . -17.33 39.07 -4.68
C8 I7D KE . -16.49 39.43 -3.51
C10 I7D KE . -16.16 40.57 -6.23
C11 I7D KE . -15.98 41.20 -7.46
C12 I7D KE . -14.90 41.98 -7.90
C13 I7D KE . -13.79 42.25 -6.96
C14 I7D KE . -14.80 42.49 -9.20
C15 I7D KE . -13.71 43.09 -9.83
C16 I7D KE . -13.59 43.49 -11.15
C17 I7D KE . -12.42 43.87 -11.83
C18 I7D KE . -11.15 43.93 -11.08
C19 I7D KE . -12.38 44.15 -13.22
C1M I7D KE . -20.32 33.97 -3.10
C20 I7D KE . -11.28 44.19 -14.05
C21 I7D KE . -11.16 44.49 -15.42
C22 I7D KE . -10.13 44.26 -16.31
C23 I7D KE . -10.04 44.67 -17.65
C24 I7D KE . -11.02 45.67 -18.13
C25 I7D KE . -9.07 44.20 -18.57
C26 I7D KE . -8.74 44.77 -19.79
C27 I7D KE . -8.20 44.22 -20.94
C28 I7D KE . -7.76 44.91 -22.08
C29 I7D KE . -7.23 46.28 -21.89
C2M I7D KE . -3.92 48.22 -31.28
C30 I7D KE . -7.80 44.41 -23.39
C31 I7D KE . -7.81 45.14 -24.57
C32 I7D KE . -7.84 44.76 -25.96
C33 I7D KE . -8.12 45.62 -26.94
C34 I7D KE . -8.70 46.98 -26.68
C35 I7D KE . -7.89 45.27 -28.39
C36 I7D KE . -7.11 46.33 -29.10
C37 I7D KE . -6.94 46.09 -30.59
C38 I7D KE . -6.15 47.16 -31.36
C39 I7D KE . -5.95 46.77 -32.81
C40 I7D KE . -6.80 48.52 -31.23
C9 I7D KE . -17.15 39.68 -5.86
O2 I7D KE . -4.84 47.27 -30.75
O6 I7D KE . -18.39 37.47 -3.35
MG BCL LE . -23.89 40.48 -10.62
CHA BCL LE . -21.28 39.68 -12.70
CHB BCL LE . -21.92 42.70 -9.04
CHC BCL LE . -26.33 40.85 -8.30
CHD BCL LE . -25.67 37.72 -11.86
NA BCL LE . -22.03 41.19 -10.90
C1A BCL LE . -21.17 40.85 -11.81
C2A BCL LE . -19.95 41.70 -11.86
C3A BCL LE . -20.05 42.47 -10.56
C4A BCL LE . -21.43 42.11 -10.13
CMA BCL LE . -19.04 41.98 -9.54
CAA BCL LE . -19.97 42.65 -13.05
CBA BCL LE . -18.57 42.90 -13.56
CGA BCL LE . -18.13 44.32 -13.27
O1A BCL LE . -18.36 45.20 -14.07
O2A BCL LE . -17.44 44.64 -12.02
NB BCL LE . -24.09 41.58 -8.91
C1B BCL LE . -23.21 42.46 -8.40
C2B BCL LE . -23.61 43.17 -7.15
C3B BCL LE . -24.95 42.59 -6.94
C4B BCL LE . -25.13 41.66 -8.08
CMB BCL LE . -22.81 44.17 -6.38
CAB BCL LE . -25.96 42.84 -5.87
OBB BCL LE . -27.13 42.60 -6.08
CBB BCL LE . -25.52 43.38 -4.54
NC BCL LE . -25.67 39.63 -10.24
C1C BCL LE . -26.52 39.98 -9.28
C2C BCL LE . -27.84 39.27 -9.32
C3C BCL LE . -27.60 38.27 -10.41
C4C BCL LE . -26.22 38.62 -10.84
CMC BCL LE . -28.11 38.57 -8.00
CAC BCL LE . -28.57 38.42 -11.57
CBC BCL LE . -29.74 37.49 -11.40
ND BCL LE . -23.64 38.95 -11.95
C1D BCL LE . -24.36 37.92 -12.42
C2D BCL LE . -23.65 37.12 -13.46
C3D BCL LE . -22.40 37.88 -13.55
C4D BCL LE . -22.48 38.89 -12.68
CMD BCL LE . -23.94 35.91 -14.30
CAD BCL LE . -21.09 37.92 -14.24
OBD BCL LE . -20.70 37.10 -15.14
CBD BCL LE . -20.33 39.11 -13.73
CGD BCL LE . -18.97 38.72 -13.24
O1D BCL LE . -18.82 38.10 -12.21
O2D BCL LE . -17.81 39.06 -14.03
CED BCL LE . -16.49 38.78 -13.56
C1 BCL LE . -17.13 45.99 -11.71
C2 BCL LE . -17.72 46.37 -10.37
C3 BCL LE . -16.92 46.60 -9.32
C4 BCL LE . -15.44 46.50 -9.45
C5 BCL LE . -17.55 46.97 -7.99
C6 BCL LE . -16.52 46.88 -6.87
C7 BCL LE . -16.25 48.25 -6.25
C8 BCL LE . -14.93 48.25 -5.48
C9 BCL LE . -15.12 47.60 -4.11
C10 BCL LE . -14.39 49.67 -5.39
C11 BCL LE . -14.04 50.10 -3.96
C12 BCL LE . -13.14 51.34 -3.96
C13 BCL LE . -11.82 51.07 -4.69
C14 BCL LE . -10.82 50.37 -3.79
C15 BCL LE . -11.26 52.38 -5.21
C16 BCL LE . -11.11 53.41 -4.11
C17 BCL LE . -11.12 54.85 -4.65
C18 BCL LE . -9.72 55.38 -4.90
C19 BCL LE . -9.61 56.83 -4.47
C20 BCL LE . -9.34 55.23 -6.38
MG BCL ME . -22.62 42.09 -2.44
CHA BCL ME . -20.19 43.93 -0.91
CHB BCL ME . -20.67 41.62 -5.10
CHC BCL ME . -24.92 39.87 -3.59
CHD BCL ME . -24.65 42.41 0.42
NA BCL ME . -20.78 42.71 -2.96
C1A BCL ME . -19.95 43.42 -2.29
C2A BCL ME . -18.68 43.75 -3.02
C3A BCL ME . -18.94 43.17 -4.38
C4A BCL ME . -20.22 42.43 -4.15
CMA BCL ME . -19.12 44.25 -5.44
CAA BCL ME . -17.43 43.12 -2.42
CBA BCL ME . -16.19 43.81 -2.98
CGA BCL ME . -14.94 43.08 -2.57
O1A BCL ME . -14.99 41.95 -2.12
O2A BCL ME . -13.63 43.69 -2.72
NB BCL ME . -22.78 40.89 -4.09
C1B BCL ME . -21.90 40.83 -5.11
C2B BCL ME . -22.24 39.90 -6.22
C3B BCL ME . -23.54 39.37 -5.76
C4B BCL ME . -23.76 40.05 -4.46
CMB BCL ME . -21.41 39.64 -7.45
CAB BCL ME . -24.47 38.37 -6.39
OBB BCL ME . -25.48 38.04 -5.80
CBB BCL ME . -24.16 37.77 -7.73
NC BCL ME . -24.45 41.49 -1.88
C1C BCL ME . -25.24 40.63 -2.56
C2C BCL ME . -26.64 40.55 -2.02
C3C BCL ME . -26.59 41.59 -0.94
C4C BCL ME . -25.13 41.84 -0.84
CMC BCL ME . -27.67 40.90 -3.08
CAC BCL ME . -27.17 41.08 0.37
CBC BCL ME . -26.65 39.70 0.75
ND BCL ME . -22.56 42.92 -0.58
C1D BCL ME . -23.36 43.06 0.49
C2D BCL ME . -22.75 43.85 1.61
C3D BCL ME . -21.46 44.18 0.97
C4D BCL ME . -21.45 43.64 -0.24
CMD BCL ME . -23.10 44.32 2.99
CAD BCL ME . -20.20 44.90 1.23
OBD BCL ME . -19.90 45.53 2.30
CBD BCL ME . -19.33 44.75 0.01
CGD BCL ME . -18.98 46.10 -0.53
O1D BCL ME . -19.80 46.79 -1.10
O2D BCL ME . -17.62 46.60 -0.35
CED BCL ME . -17.24 47.83 -0.95
C1 BCL ME . -12.53 43.12 -2.03
C2 BCL ME . -11.31 42.99 -2.91
C3 BCL ME . -10.43 44.01 -3.01
C4 BCL ME . -10.66 45.27 -2.25
C5 BCL ME . -9.21 43.86 -3.89
C6 BCL ME . -8.29 45.07 -3.75
C7 BCL ME . -7.07 44.92 -4.67
C8 BCL ME . -6.02 46.01 -4.43
C9 BCL ME . -6.01 46.49 -2.99
C10 BCL ME . -6.27 47.16 -5.40
C11 BCL ME . -5.14 47.31 -6.41
C12 BCL ME . -5.69 47.70 -7.78
C13 BCL ME . -4.57 48.04 -8.77
C14 BCL ME . -3.28 47.29 -8.46
C15 BCL ME . -4.34 49.54 -8.77
C16 BCL ME . -5.14 50.20 -9.88
C17 BCL ME . -5.06 51.72 -9.81
C18 BCL ME . -5.17 52.35 -11.19
C19 BCL ME . -6.56 52.12 -11.79
C20 BCL ME . -4.08 51.84 -12.12
C1 CDL NE . -37.28 44.82 -2.41
O1 CDL NE . -35.87 44.57 -2.32
CA2 CDL NE . -37.58 45.40 -3.79
OA2 CDL NE . -36.45 46.14 -4.25
PA1 CDL NE . -36.63 47.35 -5.29
OA3 CDL NE . -36.90 48.61 -4.50
OA4 CDL NE . -37.61 46.92 -6.36
OA5 CDL NE . -35.18 47.50 -5.97
CA3 CDL NE . -35.10 48.10 -7.26
CA4 CDL NE . -33.65 48.31 -7.71
OA6 CDL NE . -33.69 48.75 -9.06
CA5 CDL NE . -32.39 48.78 -9.72
OA7 CDL NE . -31.44 49.31 -9.15
C11 CDL NE . -32.20 48.16 -11.08
C12 CDL NE . -31.62 46.76 -10.96
C13 CDL NE . -30.14 46.80 -10.62
C14 CDL NE . -29.33 47.29 -11.82
C15 CDL NE . -28.00 47.89 -11.38
CA6 CDL NE . -32.91 46.99 -7.65
OA8 CDL NE . -32.07 46.91 -6.50
CA7 CDL NE . -30.63 46.85 -6.70
OA9 CDL NE . -30.09 47.77 -7.27
C31 CDL NE . -29.83 45.67 -6.19
C32 CDL NE . -28.35 45.87 -6.50
C33 CDL NE . -28.01 45.54 -7.95
C34 CDL NE . -26.50 45.65 -8.17
C35 CDL NE . -26.11 45.46 -9.64
C36 CDL NE . -24.61 45.34 -9.77
C37 CDL NE . -24.12 45.71 -11.16
C38 CDL NE . -22.71 45.15 -11.39
C39 CDL NE . -21.95 45.98 -12.41
C40 CDL NE . -21.61 47.36 -11.86
CB2 CDL NE . -37.69 45.82 -1.34
OB2 CDL NE . -37.47 47.13 -1.84
PB2 CDL NE . -37.16 48.37 -0.86
OB3 CDL NE . -36.09 47.94 0.12
OB4 CDL NE . -38.48 48.92 -0.36
OB5 CDL NE . -36.54 49.42 -1.91
CB3 CDL NE . -35.45 50.28 -1.57
CB4 CDL NE . -34.25 49.79 -2.38
OB6 CDL NE . -33.48 48.88 -1.58
CB5 CDL NE . -33.28 47.61 -2.24
OB7 CDL NE . -34.17 47.15 -2.94
C51 CDL NE . -31.98 46.86 -2.07
C52 CDL NE . -31.71 46.66 -0.59
C53 CDL NE . -30.56 45.69 -0.36
C54 CDL NE . -29.32 46.07 -1.17
C55 CDL NE . -28.11 45.34 -0.61
C56 CDL NE . -27.04 45.10 -1.67
C57 CDL NE . -26.04 46.24 -1.74
C58 CDL NE . -24.64 45.68 -1.92
C59 CDL NE . -23.77 46.62 -2.75
C60 CDL NE . -22.39 45.99 -2.98
C61 CDL NE . -21.56 46.85 -3.92
CB6 CDL NE . -33.36 50.94 -2.82
OB8 CDL NE . -32.23 50.37 -3.48
CB7 CDL NE . -31.23 51.22 -4.13
OB9 CDL NE . -31.48 52.39 -4.32
C71 CDL NE . -29.91 50.62 -4.56
C72 CDL NE . -29.12 51.66 -5.34
C73 CDL NE . -27.66 51.26 -5.45
C74 CDL NE . -27.51 49.88 -6.08
C75 CDL NE . -26.05 49.42 -6.07
MG BCL OE . -20.70 43.05 6.81
CHA BCL OE . -18.48 42.98 4.20
CHB BCL OE . -18.34 44.45 8.75
CHC BCL OE . -22.74 42.57 9.49
CHD BCL OE . -22.93 41.08 4.95
NA BCL OE . -18.83 43.73 6.52
C1A BCL OE . -18.14 43.71 5.43
C2A BCL OE . -16.82 44.41 5.53
C3A BCL OE . -16.70 44.67 7.00
C4A BCL OE . -18.06 44.26 7.48
CMA BCL OE . -15.62 43.82 7.64
CAA BCL OE . -16.79 45.70 4.73
CBA BCL OE . -15.35 46.15 4.53
CGA BCL OE . -15.08 47.37 5.37
O1A BCL OE . -15.80 48.36 5.29
O2A BCL OE . -13.98 47.40 6.31
NB BCL OE . -20.56 43.42 8.82
C1B BCL OE . -19.55 44.01 9.47
C2B BCL OE . -19.69 44.20 10.93
C3B BCL OE . -21.03 43.62 11.15
C4B BCL OE . -21.46 43.21 9.78
CMB BCL OE . -18.68 44.81 11.86
CAB BCL OE . -21.84 43.47 12.40
OBB BCL OE . -23.04 43.31 12.34
CBB BCL OE . -21.16 43.53 13.74
NC BCL OE . -22.49 42.20 7.13
C1C BCL OE . -23.17 42.19 8.29
C2C BCL OE . -24.55 41.64 8.19
C3C BCL OE . -24.57 41.10 6.80
C4C BCL OE . -23.23 41.53 6.29
CMC BCL OE . -24.73 40.50 9.19
CAC BCL OE . -25.66 41.71 5.94
CBC BCL OE . -26.92 40.86 5.97
ND BCL OE . -20.79 42.13 4.99
C1D BCL OE . -21.68 41.42 4.30
C2D BCL OE . -21.21 41.04 2.93
C3D BCL OE . -19.90 41.70 2.93
C4D BCL OE . -19.76 42.31 4.11
CMD BCL OE . -21.75 40.25 1.78
CAD BCL OE . -18.69 41.94 2.11
OBD BCL OE . -18.48 41.52 0.91
CBD BCL OE . -17.75 42.80 2.90
CGD BCL OE . -16.37 42.19 3.01
O1D BCL OE . -16.17 41.16 3.63
O2D BCL OE . -15.27 42.86 2.33
CED BCL OE . -13.93 42.50 2.62
C1 BCL OE . -14.16 48.03 7.58
C2 BCL OE . -13.56 47.16 8.66
C3 BCL OE . -12.60 47.65 9.45
C4 BCL OE . -12.12 49.06 9.27
C5 BCL OE . -11.99 46.79 10.54
C6 BCL OE . -10.57 47.27 10.82
C7 BCL OE . -9.80 46.28 11.69
C8 BCL OE . -8.42 46.85 12.01
C9 BCL OE . -7.38 46.31 11.05
C10 BCL OE . -8.07 46.53 13.47
C11 BCL OE . -7.55 47.78 14.17
C12 BCL OE . -6.04 47.72 14.34
C13 BCL OE . -5.49 49.09 14.76
C14 BCL OE . -6.28 49.67 15.92
C15 BCL OE . -5.52 50.04 13.57
C16 BCL OE . -4.13 50.25 12.98
C17 BCL OE . -3.69 49.09 12.09
C18 BCL OE . -2.81 49.56 10.94
C19 BCL OE . -3.47 50.71 10.18
C20 BCL OE . -2.46 48.40 10.01
#